data_9C47
#
_entry.id   9C47
#
_cell.length_a   1.00
_cell.length_b   1.00
_cell.length_c   1.00
_cell.angle_alpha   90.00
_cell.angle_beta   90.00
_cell.angle_gamma   90.00
#
_symmetry.space_group_name_H-M   'P 1'
#
loop_
_entity.id
_entity.type
_entity.pdbx_description
1 polymer 'Transformation/transcription domain-associated protein'
2 polymer 'E1A-binding protein p400'
#
loop_
_entity_poly.entity_id
_entity_poly.type
_entity_poly.pdbx_seq_one_letter_code
_entity_poly.pdbx_strand_id
1 'polypeptide(L)'
;MAFVATQGATVVDQTTLMKKYLQFVAALTDVNTPDETKLKMMQEVSENFENVTSSPQYSTFLEHIIPRFLTFLQDGEVQF
LQEKPAQQLRKLVLEIIHRIPTNEHLRPHTKNVLSVMFRFLETENEENVLICLRIIIELHKQFRPPITQEIHHFLDFVKQ
IYKELPKVVNRYFENPQVIPENTVPPPEMVGMITTIAVKVNPEREDSETRTHSIIPRGSLSLKVLAELPIIVVLMYQLYK
LNIHNVVAEFVPLIMNTIAIQVSAQARQHKLYNKELYADFIAAQIKTLSFLAYIIRIYQELVTKYSQQMVKGMLQLLSNC
PAETAHLRKELLIAAKHILTTELRNQFIPCMDKLFDESILIGSGYTARETLRPLAYSTLADLVHHVRQHLPLSDLSLAVQ
LFAKNIDDESLPSSIQTMSCKLLLNLVDCIRSKSEQESGNGRDVLMRMLEVFVLKFHTIARYQLSAIFKKCKPQSELGAV
EAALPGVPTAPAAPGPAPSPAPVPAPPPPPPPPPPATPVTPAPVPPFEKQGEKDKEDKQTFQVTDCRSLVKTLVCGVKTI
TWGITSCKAPGEAQFIPNKQLQPKETQIYIKLVKYAMQALDIYQVQIAGNGQTYIRVANCQTVRMKEEKEVLEHFAGVFT
MMNPLTFKEIFQTTVPYMVERISKNYALQIVANSFLANPTTSALFATILVEYLLDRLPEMGSNVELSNLYLKLFKLVFGS
VSLFAAENEQMLKPHLHKIVNSSMELAQTAKEPYNYFLLLRALFRSIGGGSHDLLYQEFLPLLPNLLQGLNMLQSGLHKQ
HMKDLFVELCLTVPVRLSSLLPYLPMLMDPLVSALNGSQTLVSQGLRTLELCVDNLQPDFLYDHIQPVRAELMQALWRTL
RNPADSISHVAYRVLGKFGGSNRKMLKESQKLHYVVTEVQGPSITVEFSDCKASLQLPMEKAIETALDCLKSANTEPYYR
RQAWEVIKCFLVAMMSLEDNKHALYQLLAHPNFTEKTIPNVIISHRYKAQDTPARKTFEQALTGAFMSAVIKDLRPSALP
FVASLIRHYTMVAVAQQCGPFLLPCYQVGSQPSTAMFHSEENGSKGMDPLVLIDAIAICMAYEEKELCKIGEVALAVIFD
VASIILGSKERACQLPLFSYIVERLCACCYEQAWYAKLGGVVSIKFLMERLPLTWVLQNQQTFLKALLFVMMDLTGEVSN
GAVAMAKTTLEQLLMRCATPLKDEERAEEIVAAQEKSFHHVTHDLVREVTSPNSTVRKQAMHSLQVLAQVTGKSVTVIME
PHKEVLQDMVPPKKHLLRHQPANAQIGLMEGNTFCTTLQPRLFTMDLNVVEHKVFYTELLNLCEAEDSALTKLPCYKSLP
SLVPLRIAALNALAACNYLPQSREKIIAALFKALNSTNSELQEAGEACMRKFLEGATIEVDQIHTHMRPLLMMLGDYRSL
TLNVVNRLTSVTRLFPNSFNDKFCDQMMQHLRKWMEVVVITHKGGQRSDGNESISECGRCPLSPFCQFEEMKICSAIINL
FHLIPAAPQTLVKPLLEVVMKTERAMLIEAGSPFREPLIKFLTRHPSQTVELFMMEATLNDPQWSRMFMSFLKHKDARPL
RDVLAANPNRFITLLLPGGAQTAVRPGSPSTSTMRLDLQFQAIKIISIIVKNDDSWLASQHSLVSQLRRVWVSENFQERH
RKENMAATNWKEPKLLAYCLLNYCKRNYGDIELLFQLLRAFTGRFLCNMTFLKEYMEEEIPKNYSIAQKRALFFRFVDFN
DPNFGDELKAKVLQHILNPAFLYSFEKGEGEQLLGPPNPEGDNPESITSVFITKVLDPEKQADMLDSLRIYLLQYATLLV
EHAPHHIHDNNKNRNSKLRRLMTFAWPCLLSKACVDPACKYSGHLLLAHIIAKFAIHKKIVLQVFHSLLKAHAMEARAIV
RQAMAILTPAVPARMEDGHQMLTHWTRKIIVEEGHTVPQLVHILHLIVQHFKVYYPVRHHLVQHMVSAMQRLGFTPSVTI
EQRRLAVDLSEVVIKWELQRIKDQQPDSDMDPNSSGEGVNSVSSSIKRGLSVDSAQEVKRFRTATGAISAVFGRSQSLPG
ADSLLAKPIDKQHTDTVVNFLIRVACQVNDNTNTAGSPGEVLSRRCVNLLKTALRPDMWPKSELKLQWFDKLLMTVEQPN
QVNYGNICTGLEVLSFLLTVLQSPAILSSFKPLQRGIAACMTCGNTKVLRAVHSLLSRLMSIFPTEPSTSSVASKYEELE
CLYAAVGKVIYEGLTNYEKATNANPSQLFGTLMILKSACSNNPSYIDRLISVFMRSLQKMVREHLNPQAASGSTEATSGT
SELVMLSLELVKTRLAVMSMEMRKNFIQAILTSLIEKSPDAKILRAVVKIVEEWVKNNSPMAANQTPTLREKSILLVKMM
TYIEKRFPEDLELNAQFLDLVNYVYRDETLSGSELTAKLEPAFLSGLRCAQPLIRAKFFEVFDNSMKRRVYERLLYVTCS
QNWEAMGNHFWIKQCIELLLAVCEKSTPIGTSCQGAMLPSITNVINLADSHDRAAFAMVTHVKQEPRERENSESKEEDVE
IDIELAPGDQTSTPKTKELSEKDIGNQLHMLTNRHDKFLDTLREVKTGALLSAFVQLCHISTTLAEKTWVQLFPRLWKIL
SDRQQHALAGEISPFLCSGSHQVQRDCQPSALNCFVEAMSQCVPPIPIRPCVLKYLGKTHNLWFRSTLMLEHQAFEKGLS
LQIKPKQTTEFYEQESITPPQQEILDSLAELYSLLQEEDMWAGLWQKRCKYSETATAIAYEQHGFFEQAQESYEKAMDKA
KKEHERSNASPAIFPEYQLWEDHWIRCSKELNQWEALTEYGQSKGHINPYLVLECAWRVSNWTAMKEALVQVEVSCPKEM
AWKVNMYRGYLAICHPEEQQLSFIERLVEMASSLAIREWRRLPHVVSHVHTPLLQAAQQIIELQEAAQINAGLQPTNLGR
NNSLHDMKTVVKTWRNRLPIVSDDLSHWSSIFMWRQHHYQGKPTWSGMHSSSIVTAYENSSQHDPSSNNAMLGVHASASA
IIQYGKIARKQGLVNVALDILSRIHTIPTVPIVDCFQKIRQQVKCYLQLAGVMGKNECMQGLEVIESTNLKYFTKEMTAE
FYALKGMFLAQINKSEEANKAFSAAVQMHDVLVKAWAMWGDYLENIFVKERQLHLGVSAITCYLHACRHQNESKSRKYLA
KVLWLLSFDDDKNTLADAVDKYCIGVPPIQWLAWIPQLLTCLVGSEGKLLLNLISQVGRVYPQAVYFPIRTLYLTLKIEQ
RERYKSDPGPIRATAPMWRCSRIMHMQRELHPTLLSSLEGIVDQMVWFRENWHEEVLRQLQQGLAKCYSVAFEKSGAVSD
AKITPHTLNFVKKLVSTFGVGLENVSNVSTMFSSAASESLARRAQATAQDPVFQKLKGQFTTDFDFSVPGSMKLHNLISK
LKKWIKILEAKTKQLPKFFLIEEKCRFLSNFSAQTAEVEIPGEFLMPKPTHYYIKIARFMPRVEIVQKHNTAARRLYIRG
HNGKIYPYLVMNDACLTESRREERVLQLLRLLNPCLEKRKETTKRHLFFTVPRVVAVSPQMRLVEDNPSSLSLVEIYKQR
CAKKGIEHDNPISRYYDRLATVQARGTQASHQVLRDILKEVQSNMVPRSMLKEWALHTFPNATDYWTFRKMFTIQLALIG
FAEFVLHLNRLNPEMLQIAQDTGKLNVAYFRFDINDATGDLDANRPVPFRLTPNISEFLTTIGVSGPLTASMIAVARCFA
QPNFKVDGILKTVLRDEIIAWHKKTQEDTSSPLSAAGQPENMDSQQLVSLVQKAVTAIMTRLHNLAQFEGGESKVNTLVA
AANSLDNLCRMDPAWHPWL
;
C
2 'polypeptide(L)'
;MHHGTGPQNVQHQLQRSRACPGSEGEEQPAHPNPPPSPAAPFAPSASPSAPQSPSYQIQQLMNRSPATGQNVNITLQSVG
PVVGGNQQITLAPLPLPSPTSPGFQFSAQPRRFEHGSPSYIQVTSPLSQQVQTQSPTQPSPGPGQALQNVRAGAPGPGLG
LCSSSPTGGFVDASVLVRQISLSPSSGGHFVFQDGSGLTQIAQGAQVQLQHPGTPITVRERRPSQPHTQSGGTIHHLGPQ
SPAAAGGAGLQPLASPSHITTANLPPQISSIIQGQLVQQQQVLQGPPLPRPLGFERTPGVLLPGAGGAAGFGMTSPPPPT
SPSRTAVPPGLSSLPLTSVGNTGMKKVPKKLEEIPPASPEMAQMRKQCLDYHYQEMQALKEVFKEYLIELFFLQHFQGNM
MDFLAFKKKHYAPLQAYLRQNDLDIEEEEEEEEEEEEKSEVINDEVKVVTGKDGQTGTPVAIATQLPPKVSAAFSSQQQP
FQQALAGSLVAGAGSTVETDLFKRQQAMPSTGMAEQSKRPRLEVGHQGVVFQHPGADAGVPLQQLMPTAQGGMPPTPQAA
QLAGQRQSQQQYDPSTGPPVQNAASLHTPLPQLPGRLPPAGVPTAALSSALQFAQQPQVVEAQTQLQIPVKTQQPNVPIP
APPSSQLPIPPSQPAQLALHVPTPGKVQVQASQLSSLPQMVASTRLPVDPAPPCPRPLPTSSTSSLAPVSGSGPGPSPAR
SSPVNRPSSATNKALSPVTSRTPGVVASAPTKPQSPAQNATSSQDSSQDTLTEQITLENQVHQRIAELRKAGLWSQRRLP
KLQEAPRPKSHWDYLLEEMQWMATDFAQERRWKVAAAKKLVRTVVRHHEEKQLREERGKKEEQSRLRRIAASTAREIECF
WSNIEQVVEIKLRVELEEKRKKALNLQKVSRRGKELRPKGFDALQESSLDSGMSGRKRKASISLTDDEVDDEEETIEEEE
ANEGVVDHQTELSNLAKEAELPLLDLMKLYEGAFLPSSQWPRPKPDGEDTSGEEDADDCPGDRESRKDLVLIDSLFIMDQ
FKAAERMNIGKPNAKDIADVTAVAEAILPKGSARVTTSVKFNAPSLLYGALRDYQKIGLDWLAKLYRKNLNGILADEAGL
GKTVQIIAFFAHLACNEGNWGPHLVVVRSCNILKWELELKRWCPGLKILSYIGSHRELKAKRQEWAEPNSFHVCITSYTQ
FFRGLTAFTRVRWKCLVIDEMQRVKGMTERHWEAVFTLQSQQRLLLIDSPLHNTFLELWTMVHFLVPGISRPYLSSPLRA
PSEESQDYYHKVVIRLHRVTQPFILRRTKRDVEKQLTKKYEHVLKCRLSNRQKALYEDVILQPGTQEALKSGHFVNVLSI
LVRLQRICNHPGLVEPRHPGSSYVAGPLEYPSASLILKALERDFWKEADLSMFDLIGLENKITRHEAELLSKKKIPRKLM
EEISTSAAPAARPAAAKLKASRLFQPVQYGQKPEGRTVAFPSTHPPRTAAPTTASAAPQGPLRGRPPIATFSANPEAKAA
AAPFQTSQASASAPRHQPASASSTAASPAHPAKLRAQTTAQASTPGQPPPQPQAPSHAAGQSALPQRLVLPSQAQARLPS
GEVVKIAQLASITGPQSRVAQPETPVTLQFQGSKFTLSHSQLRQLTAGQPLQLQGSVLQIVSAPGQPYLRAPGPVVMQTV
SQAGAVHGALGSKPPAGGPSPAPLTPQVGVPGRVAVNALAVGEPGTASKPASPIGGPTQEEKTRLLKERLDQIYLVNERR
CSQAPVYGRDLLRICALPSHGRVQWRGSLDGRRGKEAGPAHSYTSSSESPSELMLTLCRCGESLQDVIDRVAFVIPPVVA
APPSLRVPRPPPLYSHRMRILRQGLREHAAPYFQQLRQTTAPRLLQFPELRLVQFDSGKLEALAILLQKLKSEGRRVLIL
SQMILMLDILEMFLNFHYLTYVRIDENASSEQRQELMRSFNRDRRIFCAILSTHSRTTGINLVEADTVVFYDNDLNPVMD
AKAQEWCDRIGRCKDIHIYRLVSGNSIEEKLLKNGTKDLIREVAAQGNDYSMAFLTQRTIQELFEVYSPMDDAGFPVKAE
EFVVLSQEPSVTETIAPKIARPFIEALKSIEYLEEDAQKSAQEGVLGPHTDALSSDSENMPCDEEPSQLEELADFMEQLT
PIEKYALNYLELFHTSIEQEKERNSEDAVMTAVRAWEFWNLKTLQEREARLRLEQEEAELLTYTREDAYSMEYVYEDVDG
QTEVMPLWTPPTPPQDDSDIYLDSVMCLMYEATPIPEAKLPPVYVRKERKRHKTDPSAAGRKKKQRHGEAVVPPRSLFDR
ATPGLLKIRREGKEQKKNILLKQQVPFAKPLPTFAKPTAEPGQDNPEWLISEDWALLQAVKQLLELPLNLTIVSPAHTPN
WDLVSDVVNSCSRIYRSSKQCRNRYENVIIPREEGKSKNNRPLRTSQIYAQDENATHTQLYTSHFDLMKMTAGKRSPPIK
PLLGMNPFQKNPKHASVLAESGINYDKPLPPIQVASLRAERIAKEKKALADQQKAQQPAVAQPPPPQPQPPPPPQQPPPP
LPQPQAAGSQPPAGPPAVQPQPQPQPQTQPQPVQAPAKAQPAITTGGSAAVLAGTIKTSVTGTSMPTGAVSGNVIVNTIA
GVPAATFQSINKRLASPVAPGALTTPGGSAPAQVVHTQPPPRAVGSPATATPDLVSMATTQGVRAVTSVTASAVVTTNLT
PVQTPARSLVPQVSQATGVQLPGKTITPAHFQLLRQQQQQQQQQQQQQQQQQQQQQQQQQQQQQTTTTSQVQVPQIQGQA
QSPAQIKAVGKLTPEHLIKMQKQKLQMPPQPPPPQAQSAPPQPTAQVQVQTSQPPQQQSPQLTTVTAPRPGALLTGTTVA
NLQVARLTRVPTSQLQAQGQMQTQAPQPAQVALAKPPVVSVPAAVVSSPGVTTLPMNVAGISVAIGQPQKAAGQTVVAQP
VHMQQLLKLKQQAVQQQKAIQPQAAQGPAAVQQKITAQQITTPGAQQKVAYAAQPALKTQFLTTPISQAQKLAGAQQVQT
QIQVAKLPQVVQQQTPVASIQQVASASQQASPQTVALTQATAAGQQVQMIPAVTATAQVVQQKLIQQQVVTTASAPLQTP
GAPNPAQVPASSDSPSQQPKLQMRVPAVRLKTPTKPPCQ
;
G
#
# COMPACT_ATOMS: atom_id res chain seq x y z
N ASN A 242 -76.70 51.14 10.79
CA ASN A 242 -76.34 49.89 11.45
C ASN A 242 -75.10 50.07 12.32
N ILE A 243 -74.25 51.02 11.95
CA ILE A 243 -73.05 51.30 12.72
C ILE A 243 -73.40 51.80 14.11
N HIS A 244 -74.62 52.28 14.32
CA HIS A 244 -75.03 52.71 15.65
C HIS A 244 -74.94 51.58 16.67
N ASN A 245 -74.94 50.33 16.22
CA ASN A 245 -74.76 49.21 17.15
C ASN A 245 -73.39 49.28 17.82
N VAL A 246 -72.36 49.63 17.06
CA VAL A 246 -71.00 49.65 17.61
C VAL A 246 -70.92 50.63 18.79
N VAL A 247 -71.43 51.85 18.60
CA VAL A 247 -71.48 52.80 19.70
C VAL A 247 -72.47 52.32 20.76
N ALA A 248 -73.55 51.69 20.33
CA ALA A 248 -74.49 51.11 21.29
C ALA A 248 -73.83 50.02 22.12
N GLU A 249 -73.00 49.18 21.47
CA GLU A 249 -72.31 48.12 22.18
C GLU A 249 -71.08 48.61 22.93
N PHE A 250 -70.61 49.83 22.63
CA PHE A 250 -69.47 50.38 23.36
C PHE A 250 -69.85 50.75 24.79
N VAL A 251 -71.10 51.16 25.02
CA VAL A 251 -71.51 51.57 26.36
C VAL A 251 -71.39 50.42 27.35
N PRO A 252 -71.97 49.24 27.12
CA PRO A 252 -71.85 48.16 28.11
C PRO A 252 -70.42 47.72 28.38
N LEU A 253 -69.55 47.77 27.38
CA LEU A 253 -68.22 47.20 27.54
C LEU A 253 -67.44 47.90 28.66
N ILE A 254 -67.50 49.24 28.69
CA ILE A 254 -66.80 49.97 29.75
C ILE A 254 -67.38 49.61 31.11
N MET A 255 -68.69 49.51 31.20
CA MET A 255 -69.36 49.20 32.46
C MET A 255 -69.42 47.67 32.62
N ASN A 256 -70.26 47.18 33.54
CA ASN A 256 -70.38 45.75 33.83
C ASN A 256 -69.15 45.22 34.55
N THR A 257 -68.71 45.96 35.56
CA THR A 257 -67.65 45.50 36.44
C THR A 257 -68.19 44.51 37.47
N ILE A 258 -67.28 43.78 38.10
CA ILE A 258 -67.64 42.80 39.13
C ILE A 258 -67.60 43.53 40.46
N ALA A 259 -68.73 44.12 40.83
CA ALA A 259 -68.84 44.86 42.09
C ALA A 259 -69.02 43.90 43.26
N TYR A 277 -76.43 34.82 42.79
CA TYR A 277 -76.26 35.66 41.62
C TYR A 277 -75.05 35.23 40.80
N ALA A 278 -74.59 34.00 41.02
CA ALA A 278 -73.42 33.51 40.31
C ALA A 278 -73.72 33.32 38.82
N ASP A 279 -74.83 32.67 38.51
CA ASP A 279 -75.17 32.42 37.10
C ASP A 279 -75.44 33.73 36.36
N PHE A 280 -76.16 34.66 37.00
CA PHE A 280 -76.53 35.90 36.33
C PHE A 280 -75.30 36.69 35.90
N ILE A 281 -74.35 36.88 36.82
CA ILE A 281 -73.15 37.64 36.48
C ILE A 281 -72.31 36.88 35.46
N ALA A 282 -72.21 35.56 35.60
CA ALA A 282 -71.47 34.78 34.62
C ALA A 282 -72.11 34.89 33.24
N ALA A 283 -73.44 34.80 33.17
CA ALA A 283 -74.11 34.95 31.89
C ALA A 283 -73.92 36.37 31.35
N GLN A 284 -73.97 37.37 32.23
CA GLN A 284 -73.81 38.75 31.79
C GLN A 284 -72.45 38.98 31.14
N ILE A 285 -71.39 38.46 31.76
CA ILE A 285 -70.05 38.64 31.20
C ILE A 285 -69.92 37.88 29.88
N LYS A 286 -70.51 36.69 29.80
CA LYS A 286 -70.42 35.92 28.56
C LYS A 286 -71.06 36.67 27.40
N THR A 287 -72.20 37.31 27.63
CA THR A 287 -72.88 38.03 26.57
C THR A 287 -72.00 39.15 26.02
N LEU A 288 -71.33 39.90 26.91
CA LEU A 288 -70.46 40.97 26.45
C LEU A 288 -69.30 40.43 25.62
N SER A 289 -68.84 39.21 25.93
CA SER A 289 -67.77 38.62 25.13
C SER A 289 -68.21 38.40 23.69
N PHE A 290 -69.45 37.92 23.50
CA PHE A 290 -69.93 37.63 22.16
C PHE A 290 -69.97 38.89 21.29
N LEU A 291 -70.60 39.95 21.81
CA LEU A 291 -70.74 41.17 21.02
C LEU A 291 -69.39 41.85 20.78
N ALA A 292 -68.48 41.78 21.76
CA ALA A 292 -67.18 42.43 21.60
C ALA A 292 -66.37 41.84 20.47
N TYR A 293 -66.71 40.64 19.99
CA TYR A 293 -65.94 40.02 18.93
C TYR A 293 -66.06 40.78 17.61
N ILE A 294 -67.20 41.41 17.35
CA ILE A 294 -67.45 42.04 16.06
C ILE A 294 -66.75 43.39 16.02
N ILE A 295 -65.52 43.40 15.50
CA ILE A 295 -64.74 44.63 15.36
C ILE A 295 -64.44 44.85 13.88
N ARG A 296 -65.34 44.40 13.01
CA ARG A 296 -65.13 44.53 11.58
C ARG A 296 -65.11 45.99 11.14
N ILE A 297 -65.68 46.91 11.94
CA ILE A 297 -65.71 48.30 11.54
C ILE A 297 -64.30 48.86 11.42
N TYR A 298 -63.43 48.56 12.39
CA TYR A 298 -62.07 49.08 12.37
C TYR A 298 -61.15 48.13 11.61
N SER A 306 -60.82 57.58 22.76
CA SER A 306 -61.95 56.79 23.24
C SER A 306 -61.48 55.70 24.20
N GLN A 307 -61.21 54.52 23.66
CA GLN A 307 -60.66 53.38 24.41
C GLN A 307 -61.49 53.05 25.65
N GLN A 308 -62.72 53.56 25.74
CA GLN A 308 -63.55 53.26 26.90
C GLN A 308 -63.93 51.78 26.95
N MET A 309 -64.27 51.20 25.80
CA MET A 309 -64.60 49.78 25.75
C MET A 309 -63.43 48.92 26.19
N VAL A 310 -62.22 49.29 25.76
CA VAL A 310 -61.04 48.53 26.15
C VAL A 310 -60.82 48.61 27.65
N LYS A 311 -61.11 49.77 28.25
CA LYS A 311 -60.90 49.95 29.68
C LYS A 311 -61.74 48.96 30.48
N GLY A 312 -63.01 48.80 30.11
CA GLY A 312 -63.84 47.80 30.76
C GLY A 312 -63.41 46.39 30.45
N MET A 313 -63.02 46.13 29.20
CA MET A 313 -62.61 44.78 28.82
C MET A 313 -61.44 44.31 29.66
N LEU A 314 -60.40 45.14 29.78
CA LEU A 314 -59.28 44.78 30.65
C LEU A 314 -59.69 44.75 32.11
N GLN A 315 -60.72 45.52 32.47
CA GLN A 315 -61.21 45.49 33.85
C GLN A 315 -61.87 44.16 34.16
N LEU A 316 -62.78 43.70 33.28
CA LEU A 316 -63.43 42.41 33.49
C LEU A 316 -62.54 41.25 33.11
N LEU A 317 -61.51 41.47 32.29
CA LEU A 317 -60.59 40.39 31.96
C LEU A 317 -59.89 39.85 33.21
N SER A 318 -59.46 40.75 34.10
CA SER A 318 -58.84 40.33 35.34
C SER A 318 -59.86 39.85 36.36
N ASN A 319 -61.10 40.35 36.28
CA ASN A 319 -62.13 40.06 37.27
C ASN A 319 -62.98 38.84 36.91
N CYS A 320 -62.66 38.14 35.83
CA CYS A 320 -63.46 36.99 35.43
C CYS A 320 -63.36 35.91 36.51
N PRO A 321 -64.48 35.39 37.02
CA PRO A 321 -64.39 34.30 37.99
C PRO A 321 -63.67 33.09 37.42
N ALA A 322 -62.89 32.42 38.27
CA ALA A 322 -62.06 31.31 37.81
C ALA A 322 -62.89 30.08 37.49
N GLU A 323 -63.87 29.76 38.34
CA GLU A 323 -64.64 28.53 38.16
C GLU A 323 -65.38 28.49 36.83
N THR A 324 -65.65 29.66 36.24
CA THR A 324 -66.38 29.75 34.97
C THR A 324 -65.42 29.35 33.84
N ALA A 325 -65.24 28.03 33.70
CA ALA A 325 -64.29 27.52 32.70
C ALA A 325 -64.73 27.90 31.29
N HIS A 326 -65.98 27.60 30.94
CA HIS A 326 -66.47 27.91 29.61
C HIS A 326 -66.46 29.42 29.36
N LEU A 327 -66.83 30.21 30.37
CA LEU A 327 -66.79 31.65 30.23
C LEU A 327 -65.39 32.14 29.94
N ARG A 328 -64.40 31.62 30.67
CA ARG A 328 -63.01 31.98 30.39
C ARG A 328 -62.58 31.49 29.02
N LYS A 329 -63.03 30.29 28.63
CA LYS A 329 -62.71 29.78 27.30
C LYS A 329 -63.15 30.76 26.22
N GLU A 330 -64.40 31.20 26.28
CA GLU A 330 -64.89 32.19 25.32
C GLU A 330 -64.15 33.51 25.49
N LEU A 331 -63.91 33.93 26.72
CA LEU A 331 -63.24 35.20 26.97
C LEU A 331 -61.84 35.21 26.37
N LEU A 332 -61.08 34.13 26.58
CA LEU A 332 -59.73 34.07 26.04
C LEU A 332 -59.73 34.12 24.52
N ILE A 333 -60.65 33.37 23.90
CA ILE A 333 -60.78 33.45 22.44
C ILE A 333 -61.18 34.86 22.02
N ALA A 334 -62.14 35.45 22.74
CA ALA A 334 -62.52 36.83 22.46
C ALA A 334 -61.34 37.77 22.68
N ALA A 335 -60.58 37.55 23.76
CA ALA A 335 -59.39 38.37 24.00
C ALA A 335 -58.41 38.27 22.84
N LYS A 336 -58.29 37.09 22.25
CA LYS A 336 -57.41 36.93 21.09
C LYS A 336 -57.90 37.79 19.92
N HIS A 337 -59.21 37.78 19.67
CA HIS A 337 -59.73 38.49 18.51
C HIS A 337 -59.62 40.01 18.69
N ILE A 338 -59.97 40.52 19.86
CA ILE A 338 -59.97 41.97 20.06
C ILE A 338 -58.56 42.54 19.95
N LEU A 339 -57.57 41.79 20.41
CA LEU A 339 -56.19 42.28 20.35
C LEU A 339 -55.64 42.33 18.93
N THR A 340 -56.37 41.79 17.95
CA THR A 340 -55.92 41.82 16.55
C THR A 340 -56.23 43.14 15.87
N THR A 341 -56.85 44.10 16.57
CA THR A 341 -57.16 45.38 15.95
C THR A 341 -55.93 46.04 15.35
N GLU A 342 -54.78 45.90 16.02
CA GLU A 342 -53.49 46.45 15.61
C GLU A 342 -53.44 47.96 15.75
N LEU A 343 -54.52 48.61 16.18
CA LEU A 343 -54.53 50.06 16.40
C LEU A 343 -54.73 50.39 17.88
N ARG A 344 -55.79 49.90 18.50
CA ARG A 344 -56.02 50.08 19.92
C ARG A 344 -55.44 48.94 20.76
N ASN A 345 -55.09 47.82 20.14
CA ASN A 345 -54.49 46.72 20.89
C ASN A 345 -53.16 47.11 21.51
N GLN A 346 -52.53 48.18 21.02
CA GLN A 346 -51.29 48.68 21.61
C GLN A 346 -51.53 49.41 22.93
N PHE A 347 -52.75 49.89 23.17
CA PHE A 347 -53.03 50.65 24.38
C PHE A 347 -53.40 49.75 25.56
N ILE A 348 -54.11 48.65 25.30
CA ILE A 348 -54.52 47.76 26.38
C ILE A 348 -53.34 47.25 27.20
N PRO A 349 -52.21 46.84 26.60
CA PRO A 349 -51.11 46.35 27.46
C PRO A 349 -50.59 47.40 28.42
N CYS A 350 -50.21 48.58 27.92
CA CYS A 350 -49.68 49.62 28.81
C CYS A 350 -50.74 50.08 29.81
N MET A 351 -51.98 50.24 29.35
CA MET A 351 -53.02 50.77 30.23
C MET A 351 -53.33 49.82 31.37
N ASP A 352 -53.44 48.52 31.08
CA ASP A 352 -53.77 47.56 32.13
C ASP A 352 -52.57 47.24 33.02
N LYS A 353 -51.46 47.95 32.89
CA LYS A 353 -50.27 47.74 33.71
C LYS A 353 -49.75 46.32 33.61
N LEU A 354 -50.08 45.62 32.53
CA LEU A 354 -49.68 44.23 32.35
C LEU A 354 -50.20 43.35 33.48
N PHE A 355 -51.39 43.66 34.00
CA PHE A 355 -52.01 42.82 35.01
C PHE A 355 -52.15 41.38 34.51
N ASP A 356 -52.28 41.19 33.20
CA ASP A 356 -52.35 39.85 32.64
C ASP A 356 -51.14 39.02 33.05
N GLU A 357 -50.00 39.67 33.28
CA GLU A 357 -48.81 38.97 33.74
C GLU A 357 -48.97 38.42 35.16
N SER A 358 -50.02 38.83 35.88
CA SER A 358 -50.23 38.40 37.25
C SER A 358 -50.79 36.98 37.26
N ILE A 359 -51.16 36.51 38.46
CA ILE A 359 -51.70 35.16 38.61
C ILE A 359 -53.04 34.97 37.92
N LEU A 360 -53.71 36.07 37.55
CA LEU A 360 -55.02 35.97 36.91
C LEU A 360 -55.00 35.19 35.61
N ILE A 361 -53.84 34.82 35.11
CA ILE A 361 -53.74 34.06 33.86
C ILE A 361 -54.60 32.80 33.96
N GLY A 362 -55.60 32.71 33.09
CA GLY A 362 -56.45 31.54 32.99
C GLY A 362 -56.77 30.87 34.31
N SER A 363 -57.23 31.64 35.28
CA SER A 363 -57.53 31.08 36.59
C SER A 363 -58.63 30.04 36.49
N GLY A 364 -58.46 28.95 37.25
CA GLY A 364 -59.38 27.82 37.20
C GLY A 364 -58.66 26.53 36.90
N TYR A 365 -59.04 25.44 37.57
CA TYR A 365 -58.32 24.19 37.43
C TYR A 365 -58.25 23.74 35.97
N THR A 366 -59.41 23.43 35.39
CA THR A 366 -59.42 22.91 34.02
C THR A 366 -58.86 23.94 33.04
N ALA A 367 -59.07 25.23 33.31
CA ALA A 367 -58.49 26.26 32.45
C ALA A 367 -56.96 26.16 32.45
N ARG A 368 -56.37 25.94 33.61
CA ARG A 368 -54.91 25.82 33.68
C ARG A 368 -54.41 24.66 32.82
N GLU A 369 -55.01 23.48 33.00
CA GLU A 369 -54.53 22.28 32.32
C GLU A 369 -55.05 22.14 30.90
N THR A 370 -55.92 23.04 30.45
CA THR A 370 -56.44 23.00 29.08
C THR A 370 -56.05 24.21 28.27
N LEU A 371 -56.33 25.43 28.75
CA LEU A 371 -56.20 26.63 27.95
C LEU A 371 -54.93 27.42 28.25
N ARG A 372 -54.02 26.87 29.04
CA ARG A 372 -52.72 27.54 29.23
C ARG A 372 -52.03 27.85 27.92
N PRO A 373 -51.95 26.92 26.95
CA PRO A 373 -51.32 27.28 25.68
C PRO A 373 -51.97 28.47 24.99
N LEU A 374 -53.30 28.55 25.04
CA LEU A 374 -53.98 29.69 24.42
C LEU A 374 -53.68 30.97 25.16
N ALA A 375 -53.67 30.94 26.50
CA ALA A 375 -53.41 32.14 27.27
C ALA A 375 -52.01 32.68 26.97
N TYR A 376 -51.00 31.83 27.07
CA TYR A 376 -49.64 32.27 26.80
C TYR A 376 -49.46 32.68 25.35
N SER A 377 -50.01 31.90 24.42
CA SER A 377 -49.84 32.19 23.00
C SER A 377 -50.45 33.54 22.64
N THR A 378 -51.66 33.82 23.14
CA THR A 378 -52.30 35.09 22.85
C THR A 378 -51.46 36.24 23.39
N LEU A 379 -50.95 36.11 24.62
CA LEU A 379 -50.06 37.13 25.16
C LEU A 379 -48.76 37.20 24.36
N ALA A 380 -48.28 36.05 23.89
CA ALA A 380 -47.03 36.01 23.13
C ALA A 380 -47.11 36.93 21.92
N ASP A 381 -48.19 36.82 21.14
CA ASP A 381 -48.36 37.71 20.00
C ASP A 381 -48.47 39.15 20.44
N LEU A 382 -49.17 39.41 21.55
CA LEU A 382 -49.31 40.78 22.04
C LEU A 382 -47.95 41.39 22.34
N VAL A 383 -47.12 40.68 23.11
CA VAL A 383 -45.76 41.15 23.38
C VAL A 383 -44.91 41.13 22.11
N HIS A 384 -45.29 40.30 21.13
CA HIS A 384 -44.52 40.25 19.88
C HIS A 384 -44.51 41.62 19.21
N HIS A 385 -45.66 42.29 19.15
CA HIS A 385 -45.75 43.62 18.56
C HIS A 385 -45.45 44.72 19.56
N VAL A 386 -45.85 44.54 20.82
CA VAL A 386 -45.53 45.52 21.86
C VAL A 386 -44.05 45.60 22.15
N ARG A 387 -43.26 44.62 21.67
CA ARG A 387 -41.83 44.60 21.90
C ARG A 387 -41.19 45.98 21.79
N GLN A 388 -41.34 46.62 20.62
CA GLN A 388 -40.78 47.95 20.42
C GLN A 388 -41.47 49.02 21.25
N HIS A 389 -42.64 48.71 21.84
CA HIS A 389 -43.42 49.64 22.63
C HIS A 389 -43.47 49.22 24.09
N LEU A 390 -42.32 48.80 24.64
CA LEU A 390 -42.26 48.32 26.01
C LEU A 390 -40.90 48.66 26.61
N PRO A 391 -40.84 49.01 27.90
CA PRO A 391 -39.55 49.33 28.52
C PRO A 391 -38.89 48.10 29.14
N LEU A 392 -37.66 48.31 29.60
CA LEU A 392 -36.88 47.21 30.15
C LEU A 392 -37.53 46.63 31.40
N SER A 393 -38.01 47.49 32.31
CA SER A 393 -38.57 47.00 33.56
C SER A 393 -39.75 46.07 33.30
N ASP A 394 -40.64 46.45 32.38
CA ASP A 394 -41.77 45.58 32.05
C ASP A 394 -41.29 44.27 31.43
N LEU A 395 -40.27 44.34 30.56
CA LEU A 395 -39.77 43.12 29.92
C LEU A 395 -39.24 42.14 30.96
N SER A 396 -38.52 42.64 31.96
CA SER A 396 -38.04 41.76 33.03
C SER A 396 -39.20 41.00 33.65
N LEU A 397 -40.32 41.68 33.90
CA LEU A 397 -41.52 40.98 34.37
C LEU A 397 -42.01 40.00 33.32
N ALA A 398 -42.01 40.41 32.05
CA ALA A 398 -42.54 39.57 30.99
C ALA A 398 -41.76 38.26 30.89
N VAL A 399 -40.46 38.35 30.59
CA VAL A 399 -39.66 37.16 30.33
C VAL A 399 -39.80 36.13 31.44
N GLN A 400 -40.12 36.58 32.66
CA GLN A 400 -40.25 35.65 33.77
C GLN A 400 -41.27 34.56 33.47
N LEU A 401 -42.44 34.96 32.95
CA LEU A 401 -43.48 33.97 32.64
C LEU A 401 -43.05 33.08 31.48
N PHE A 402 -42.42 33.65 30.45
CA PHE A 402 -41.98 32.82 29.33
C PHE A 402 -40.83 31.92 29.73
N ALA A 403 -39.96 32.37 30.64
CA ALA A 403 -38.88 31.51 31.11
C ALA A 403 -39.44 30.25 31.76
N LYS A 404 -40.50 30.39 32.55
CA LYS A 404 -41.14 29.21 33.14
C LYS A 404 -41.71 28.31 32.07
N ASN A 405 -42.28 28.89 31.01
CA ASN A 405 -42.96 28.09 29.99
C ASN A 405 -42.00 27.11 29.33
N ILE A 406 -40.80 27.58 28.95
CA ILE A 406 -39.87 26.73 28.21
C ILE A 406 -39.45 25.53 29.04
N ASP A 407 -39.25 25.73 30.34
CA ASP A 407 -38.77 24.65 31.20
C ASP A 407 -39.89 23.84 31.82
N ASP A 408 -41.05 24.44 32.05
CA ASP A 408 -42.16 23.73 32.66
C ASP A 408 -42.55 22.53 31.81
N GLU A 409 -42.69 21.37 32.46
CA GLU A 409 -42.96 20.11 31.76
C GLU A 409 -44.44 19.75 31.72
N SER A 410 -45.31 20.60 32.26
CA SER A 410 -46.74 20.35 32.28
C SER A 410 -47.47 20.99 31.10
N LEU A 411 -46.74 21.58 30.17
CA LEU A 411 -47.33 22.28 29.03
C LEU A 411 -46.96 21.59 27.73
N PRO A 412 -47.75 21.78 26.67
CA PRO A 412 -47.38 21.20 25.37
C PRO A 412 -46.02 21.70 24.90
N SER A 413 -45.25 20.80 24.29
CA SER A 413 -43.94 21.18 23.78
C SER A 413 -44.07 22.23 22.68
N SER A 414 -45.22 22.29 22.01
CA SER A 414 -45.39 23.24 20.91
C SER A 414 -45.18 24.66 21.39
N ILE A 415 -45.80 25.03 22.52
CA ILE A 415 -45.63 26.39 23.02
C ILE A 415 -44.22 26.59 23.57
N GLN A 416 -43.62 25.53 24.12
CA GLN A 416 -42.23 25.65 24.58
C GLN A 416 -41.33 26.17 23.46
N THR A 417 -41.58 25.72 22.23
CA THR A 417 -40.78 26.18 21.10
C THR A 417 -40.95 27.67 20.86
N MET A 418 -42.19 28.13 20.76
CA MET A 418 -42.43 29.54 20.44
C MET A 418 -42.18 30.45 21.63
N SER A 419 -42.24 29.93 22.86
CA SER A 419 -41.86 30.73 24.01
C SER A 419 -40.46 31.29 23.84
N CYS A 420 -39.56 30.54 23.22
CA CYS A 420 -38.23 31.05 22.90
C CYS A 420 -38.28 32.00 21.71
N LYS A 421 -39.12 31.70 20.71
CA LYS A 421 -39.17 32.50 19.50
C LYS A 421 -39.35 33.97 19.81
N LEU A 422 -40.30 34.29 20.70
CA LEU A 422 -40.44 35.67 21.16
C LEU A 422 -39.22 36.11 21.96
N LEU A 423 -38.71 35.24 22.83
CA LEU A 423 -37.54 35.59 23.63
C LEU A 423 -36.37 36.00 22.75
N LEU A 424 -36.23 35.36 21.58
CA LEU A 424 -35.21 35.77 20.63
C LEU A 424 -35.32 37.26 20.34
N ASN A 425 -36.54 37.74 20.09
CA ASN A 425 -36.75 39.16 19.82
C ASN A 425 -36.78 39.99 21.10
N LEU A 426 -37.23 39.40 22.21
CA LEU A 426 -37.30 40.16 23.46
C LEU A 426 -35.91 40.61 23.90
N VAL A 427 -34.91 39.74 23.79
CA VAL A 427 -33.58 40.08 24.27
C VAL A 427 -33.03 41.28 23.51
N ASP A 428 -33.34 41.37 22.22
CA ASP A 428 -32.97 42.57 21.48
C ASP A 428 -33.62 43.80 22.08
N CYS A 429 -34.90 43.70 22.45
CA CYS A 429 -35.54 44.81 23.15
C CYS A 429 -34.88 45.06 24.49
N ILE A 430 -34.55 44.00 25.24
CA ILE A 430 -33.79 44.17 26.47
C ILE A 430 -32.48 44.87 26.17
N ARG A 431 -31.79 44.44 25.10
CA ARG A 431 -30.59 45.13 24.66
C ARG A 431 -30.90 46.56 24.25
N SER A 432 -32.00 46.76 23.52
CA SER A 432 -32.34 48.10 23.05
C SER A 432 -32.56 49.05 24.23
N LYS A 433 -33.40 48.64 25.19
CA LYS A 433 -33.66 49.49 26.34
C LYS A 433 -32.39 49.72 27.15
N SER A 434 -31.58 48.67 27.32
CA SER A 434 -30.30 48.84 28.00
C SER A 434 -29.41 49.82 27.24
N GLU A 435 -29.44 49.76 25.91
CA GLU A 435 -28.73 50.76 25.13
C GLU A 435 -29.33 52.14 25.30
N GLN A 436 -30.67 52.24 25.28
CA GLN A 436 -31.32 53.54 25.34
C GLN A 436 -31.08 54.23 26.68
N GLU A 437 -31.17 53.47 27.78
CA GLU A 437 -31.10 54.06 29.12
C GLU A 437 -30.27 53.12 30.00
N SER A 438 -30.26 53.40 31.31
CA SER A 438 -29.42 52.69 32.26
C SER A 438 -29.97 51.32 32.66
N GLY A 439 -30.92 50.78 31.91
CA GLY A 439 -31.51 49.50 32.24
C GLY A 439 -30.48 48.39 32.38
N ASN A 440 -30.54 47.66 33.49
CA ASN A 440 -29.59 46.58 33.77
C ASN A 440 -29.95 45.33 32.97
N GLY A 441 -29.92 45.49 31.64
CA GLY A 441 -30.34 44.41 30.77
C GLY A 441 -29.41 43.21 30.82
N ARG A 442 -28.10 43.45 30.81
CA ARG A 442 -27.15 42.35 30.68
C ARG A 442 -27.36 41.31 31.77
N ASP A 443 -27.45 41.75 33.02
CA ASP A 443 -27.70 40.81 34.11
C ASP A 443 -28.98 40.02 33.85
N VAL A 444 -30.00 40.68 33.31
CA VAL A 444 -31.22 39.97 32.92
C VAL A 444 -30.93 39.05 31.74
N LEU A 445 -30.17 39.52 30.76
CA LEU A 445 -30.00 38.76 29.52
C LEU A 445 -29.56 37.33 29.79
N MET A 446 -28.69 37.13 30.78
CA MET A 446 -28.25 35.78 31.08
C MET A 446 -29.29 34.98 31.83
N ARG A 447 -30.00 35.59 32.78
CA ARG A 447 -30.88 34.83 33.67
C ARG A 447 -31.67 33.77 32.91
N MET A 448 -32.16 34.09 31.71
CA MET A 448 -32.79 33.07 30.90
C MET A 448 -31.76 32.14 30.25
N LEU A 449 -30.52 32.59 30.06
CA LEU A 449 -29.50 31.71 29.51
C LEU A 449 -29.28 30.49 30.40
N GLU A 450 -29.24 30.69 31.72
CA GLU A 450 -29.25 29.55 32.63
C GLU A 450 -30.43 28.65 32.35
N VAL A 451 -31.61 29.22 32.12
CA VAL A 451 -32.76 28.42 31.76
C VAL A 451 -32.53 27.73 30.42
N PHE A 452 -31.94 28.44 29.46
CA PHE A 452 -31.66 27.84 28.16
C PHE A 452 -30.76 26.63 28.30
N VAL A 453 -29.62 26.78 29.00
CA VAL A 453 -28.75 25.64 29.22
C VAL A 453 -29.44 24.60 30.09
N LEU A 454 -30.20 25.05 31.09
CA LEU A 454 -30.97 24.13 31.91
C LEU A 454 -31.86 23.25 31.03
N LYS A 455 -32.43 23.83 29.98
CA LYS A 455 -33.22 23.03 29.05
C LYS A 455 -32.39 21.94 28.41
N PHE A 456 -31.17 22.29 27.99
CA PHE A 456 -30.31 21.30 27.33
C PHE A 456 -29.98 20.14 28.26
N HIS A 457 -29.48 20.44 29.46
CA HIS A 457 -29.21 19.37 30.41
C HIS A 457 -30.45 18.53 30.66
N THR A 458 -31.62 19.18 30.68
CA THR A 458 -32.86 18.45 30.88
C THR A 458 -33.26 17.68 29.62
N ILE A 459 -33.09 18.30 28.45
CA ILE A 459 -33.50 17.64 27.21
C ILE A 459 -32.65 16.40 26.96
N ALA A 460 -31.36 16.44 27.35
CA ALA A 460 -30.51 15.27 27.18
C ALA A 460 -31.08 14.08 27.95
N ARG A 461 -31.61 14.32 29.14
CA ARG A 461 -32.21 13.25 29.92
C ARG A 461 -33.51 12.75 29.29
N TYR A 462 -34.26 13.65 28.65
CA TYR A 462 -35.55 13.29 28.07
C TYR A 462 -35.44 12.73 26.65
N GLN A 463 -34.27 12.81 26.02
CA GLN A 463 -34.07 12.13 24.74
C GLN A 463 -34.17 10.62 24.89
N LEU A 464 -34.00 10.10 26.11
CA LEU A 464 -34.04 8.65 26.31
C LEU A 464 -35.33 8.05 25.81
N SER A 465 -36.44 8.79 25.86
CA SER A 465 -37.70 8.29 25.34
C SER A 465 -37.57 7.92 23.87
N ALA A 466 -36.76 8.68 23.11
CA ALA A 466 -36.54 8.36 21.71
C ALA A 466 -35.86 7.01 21.53
N ILE A 467 -35.21 6.49 22.57
CA ILE A 467 -34.55 5.19 22.52
C ILE A 467 -35.01 4.34 23.69
N PHE A 541 -43.32 11.10 15.62
CA PHE A 541 -43.72 12.50 15.75
C PHE A 541 -42.87 13.21 16.79
N GLN A 542 -42.44 12.47 17.82
CA GLN A 542 -41.64 13.05 18.87
C GLN A 542 -40.33 13.60 18.33
N VAL A 543 -39.74 12.91 17.34
CA VAL A 543 -38.49 13.37 16.75
C VAL A 543 -38.68 14.77 16.16
N THR A 544 -39.78 14.99 15.45
CA THR A 544 -40.05 16.31 14.89
C THR A 544 -40.15 17.35 16.00
N ASP A 545 -40.82 17.01 17.10
CA ASP A 545 -40.89 17.90 18.24
C ASP A 545 -39.50 18.19 18.80
N CYS A 546 -38.71 17.13 19.03
CA CYS A 546 -37.38 17.31 19.60
C CYS A 546 -36.48 18.08 18.64
N ARG A 547 -36.50 17.72 17.36
CA ARG A 547 -35.71 18.46 16.38
C ARG A 547 -36.16 19.91 16.29
N SER A 548 -37.48 20.13 16.29
CA SER A 548 -38.00 21.49 16.27
C SER A 548 -37.62 22.24 17.54
N LEU A 549 -37.68 21.57 18.68
CA LEU A 549 -37.42 22.24 19.96
C LEU A 549 -35.99 22.77 20.02
N VAL A 550 -35.01 21.89 19.75
CA VAL A 550 -33.61 22.31 19.83
C VAL A 550 -33.31 23.37 18.79
N LYS A 551 -33.86 23.21 17.58
CA LYS A 551 -33.63 24.20 16.54
C LYS A 551 -34.00 25.60 17.00
N THR A 552 -35.04 25.72 17.83
CA THR A 552 -35.38 27.02 18.39
C THR A 552 -34.35 27.47 19.42
N LEU A 553 -33.87 26.55 20.24
CA LEU A 553 -32.98 26.93 21.34
C LEU A 553 -31.69 27.54 20.82
N VAL A 554 -31.10 26.95 19.78
CA VAL A 554 -29.79 27.40 19.31
C VAL A 554 -29.84 28.87 18.92
N CYS A 555 -30.88 29.26 18.17
CA CYS A 555 -31.01 30.67 17.80
C CYS A 555 -31.20 31.54 19.02
N GLY A 556 -32.00 31.08 19.99
CA GLY A 556 -32.21 31.86 21.19
C GLY A 556 -30.94 32.12 21.95
N VAL A 557 -30.15 31.07 22.17
CA VAL A 557 -28.88 31.25 22.86
C VAL A 557 -27.89 32.01 21.98
N LYS A 558 -27.93 31.77 20.66
CA LYS A 558 -27.02 32.46 19.77
C LYS A 558 -27.24 33.96 19.79
N THR A 559 -28.51 34.39 19.75
CA THR A 559 -28.78 35.82 19.61
C THR A 559 -28.48 36.58 20.90
N ILE A 560 -28.73 35.97 22.06
CA ILE A 560 -28.50 36.67 23.31
C ILE A 560 -27.03 37.01 23.46
N THR A 561 -26.14 36.12 22.99
CA THR A 561 -24.71 36.41 23.04
C THR A 561 -24.41 37.72 22.33
N TRP A 562 -25.11 38.00 21.24
CA TRP A 562 -24.94 39.27 20.54
C TRP A 562 -25.15 40.44 21.50
N GLY A 563 -26.27 40.44 22.21
CA GLY A 563 -26.52 41.49 23.18
C GLY A 563 -25.58 41.43 24.37
N ILE A 564 -25.23 40.21 24.80
CA ILE A 564 -24.40 40.05 25.99
C ILE A 564 -23.06 40.74 25.79
N THR A 565 -22.43 40.53 24.63
CA THR A 565 -21.16 41.18 24.33
C THR A 565 -21.33 42.64 23.95
N SER A 566 -22.56 43.10 23.72
CA SER A 566 -22.81 44.48 23.35
C SER A 566 -23.74 45.14 24.36
N ASN A 578 -17.41 41.48 21.28
CA ASN A 578 -15.96 41.61 21.25
C ASN A 578 -15.40 41.78 22.67
N LYS A 579 -16.18 42.45 23.52
CA LYS A 579 -15.75 42.71 24.87
C LYS A 579 -15.60 41.42 25.66
N GLN A 580 -14.62 41.39 26.54
CA GLN A 580 -14.32 40.19 27.32
C GLN A 580 -15.48 39.85 28.24
N LEU A 581 -15.65 38.55 28.50
CA LEU A 581 -16.77 38.03 29.28
C LEU A 581 -16.27 37.59 30.66
N GLN A 582 -17.07 37.89 31.69
CA GLN A 582 -16.67 37.64 33.06
C GLN A 582 -16.53 36.14 33.32
N PRO A 583 -15.65 35.75 34.25
CA PRO A 583 -15.43 34.31 34.49
C PRO A 583 -16.69 33.55 34.86
N LYS A 584 -17.35 33.93 35.96
CA LYS A 584 -18.56 33.22 36.35
C LYS A 584 -19.63 33.31 35.26
N GLU A 585 -19.64 34.41 34.51
CA GLU A 585 -20.52 34.49 33.35
C GLU A 585 -20.16 33.45 32.30
N THR A 586 -18.85 33.23 32.09
CA THR A 586 -18.42 32.24 31.10
C THR A 586 -18.80 30.83 31.51
N GLN A 587 -18.76 30.54 32.81
CA GLN A 587 -19.01 29.17 33.27
C GLN A 587 -20.35 28.65 32.78
N ILE A 588 -21.32 29.53 32.57
CA ILE A 588 -22.61 29.11 32.02
C ILE A 588 -22.40 28.51 30.63
N TYR A 589 -21.60 29.17 29.80
CA TYR A 589 -21.35 28.64 28.47
C TYR A 589 -20.62 27.31 28.53
N ILE A 590 -19.68 27.16 29.47
CA ILE A 590 -19.01 25.88 29.62
C ILE A 590 -20.03 24.77 29.89
N LYS A 591 -21.03 25.07 30.72
CA LYS A 591 -22.14 24.13 30.88
C LYS A 591 -22.91 23.98 29.58
N LEU A 592 -23.08 25.07 28.84
CA LEU A 592 -23.85 25.02 27.60
C LEU A 592 -23.27 23.99 26.64
N VAL A 593 -21.97 24.09 26.35
CA VAL A 593 -21.36 23.19 25.38
C VAL A 593 -21.44 21.75 25.85
N LYS A 594 -21.15 21.51 27.14
CA LYS A 594 -21.18 20.14 27.64
C LYS A 594 -22.56 19.53 27.49
N TYR A 595 -23.60 20.28 27.83
CA TYR A 595 -24.96 19.78 27.67
C TYR A 595 -25.41 19.82 26.21
N ALA A 596 -25.01 20.86 25.48
CA ALA A 596 -25.50 21.04 24.11
C ALA A 596 -25.12 19.85 23.23
N MET A 597 -23.83 19.48 23.24
CA MET A 597 -23.40 18.37 22.40
C MET A 597 -24.16 17.11 22.73
N GLN A 598 -24.60 16.95 23.97
CA GLN A 598 -25.41 15.80 24.34
C GLN A 598 -26.73 15.80 23.58
N ALA A 599 -27.36 16.97 23.45
CA ALA A 599 -28.68 17.03 22.83
C ALA A 599 -28.64 16.62 21.36
N LEU A 600 -27.61 17.07 20.63
CA LEU A 600 -27.55 16.86 19.18
C LEU A 600 -27.07 15.45 18.86
N ASP A 601 -27.80 14.46 19.39
CA ASP A 601 -27.41 13.06 19.28
C ASP A 601 -28.42 12.21 18.51
N ILE A 602 -29.70 12.26 18.89
CA ILE A 602 -30.69 11.33 18.35
C ILE A 602 -30.93 11.52 16.85
N TYR A 603 -30.36 12.55 16.25
CA TYR A 603 -30.61 12.89 14.85
C TYR A 603 -29.64 12.21 13.89
N GLN A 604 -29.09 11.05 14.29
CA GLN A 604 -28.27 10.24 13.39
C GLN A 604 -28.62 8.76 13.44
N VAL A 605 -29.43 8.31 14.38
CA VAL A 605 -29.84 6.92 14.48
C VAL A 605 -31.32 6.75 14.13
N GLN A 606 -31.91 7.72 13.45
CA GLN A 606 -33.30 7.63 13.02
C GLN A 606 -33.41 6.82 11.75
N MET A 625 -29.73 16.08 5.90
CA MET A 625 -28.64 16.60 6.72
C MET A 625 -28.56 18.12 6.61
N LYS A 626 -29.42 18.70 5.77
CA LYS A 626 -29.45 20.15 5.61
C LYS A 626 -29.69 20.84 6.94
N GLU A 627 -30.72 20.40 7.67
CA GLU A 627 -31.02 21.01 8.95
C GLU A 627 -29.88 20.79 9.94
N GLU A 628 -29.28 19.60 9.94
CA GLU A 628 -28.18 19.31 10.85
C GLU A 628 -27.04 20.33 10.67
N LYS A 629 -26.60 20.53 9.42
CA LYS A 629 -25.58 21.53 9.17
C LYS A 629 -26.10 22.92 9.52
N GLU A 630 -27.36 23.20 9.22
CA GLU A 630 -27.93 24.52 9.48
C GLU A 630 -27.86 24.85 10.96
N VAL A 631 -28.36 23.95 11.82
CA VAL A 631 -28.38 24.24 13.25
C VAL A 631 -26.97 24.32 13.81
N LEU A 632 -26.11 23.36 13.45
CA LEU A 632 -24.77 23.32 14.01
C LEU A 632 -23.98 24.56 13.60
N GLU A 633 -24.07 24.97 12.33
CA GLU A 633 -23.39 26.18 11.91
C GLU A 633 -23.91 27.39 12.68
N HIS A 634 -25.22 27.42 12.93
CA HIS A 634 -25.76 28.41 13.87
C HIS A 634 -25.18 28.19 15.26
N PHE A 635 -25.09 26.93 15.69
CA PHE A 635 -24.54 26.62 17.00
C PHE A 635 -23.07 27.05 17.10
N ALA A 636 -22.27 26.69 16.10
CA ALA A 636 -20.86 27.01 16.14
C ALA A 636 -20.64 28.51 16.27
N GLY A 637 -21.59 29.32 15.81
CA GLY A 637 -21.47 30.76 15.92
C GLY A 637 -21.63 31.29 17.32
N VAL A 638 -22.28 30.52 18.21
CA VAL A 638 -22.55 31.02 19.55
C VAL A 638 -21.25 31.36 20.27
N PHE A 639 -20.22 30.53 20.08
CA PHE A 639 -18.91 30.78 20.68
C PHE A 639 -17.99 31.59 19.77
N THR A 640 -18.47 32.02 18.60
CA THR A 640 -17.61 32.69 17.64
C THR A 640 -17.41 34.16 18.00
N MET A 641 -18.51 34.93 18.05
CA MET A 641 -18.38 36.39 18.17
C MET A 641 -17.75 36.81 19.49
N MET A 642 -17.87 35.99 20.53
CA MET A 642 -17.36 36.39 21.83
C MET A 642 -15.83 36.45 21.80
N ASN A 643 -15.28 37.07 22.83
CA ASN A 643 -13.85 37.36 22.86
C ASN A 643 -13.04 36.07 22.75
N PRO A 644 -12.03 36.02 21.87
CA PRO A 644 -11.24 34.78 21.77
C PRO A 644 -10.61 34.35 23.09
N LEU A 645 -10.17 35.31 23.90
CA LEU A 645 -9.52 34.96 25.17
C LEU A 645 -10.49 34.21 26.08
N THR A 646 -11.74 34.66 26.15
CA THR A 646 -12.75 33.90 26.89
C THR A 646 -13.11 32.61 26.18
N PHE A 647 -13.11 32.63 24.84
CA PHE A 647 -13.38 31.41 24.08
C PHE A 647 -12.33 30.34 24.36
N LYS A 648 -11.05 30.69 24.20
CA LYS A 648 -10.01 29.69 24.39
C LYS A 648 -10.12 29.05 25.77
N GLU A 649 -10.62 29.81 26.75
CA GLU A 649 -10.87 29.26 28.08
C GLU A 649 -11.93 28.17 28.04
N ILE A 650 -13.00 28.39 27.27
CA ILE A 650 -14.16 27.50 27.35
C ILE A 650 -13.79 26.09 26.87
N PHE A 651 -13.20 25.99 25.68
CA PHE A 651 -13.15 24.70 25.02
C PHE A 651 -12.09 23.78 25.60
N GLN A 652 -10.93 24.31 26.02
CA GLN A 652 -9.87 23.44 26.53
C GLN A 652 -10.41 22.55 27.65
N THR A 653 -11.27 23.12 28.51
CA THR A 653 -11.89 22.32 29.56
C THR A 653 -12.83 21.28 28.99
N THR A 654 -13.57 21.64 27.92
CA THR A 654 -14.59 20.79 27.36
C THR A 654 -14.16 20.05 26.10
N VAL A 655 -13.03 20.45 25.49
CA VAL A 655 -12.63 19.82 24.23
C VAL A 655 -12.41 18.32 24.39
N PRO A 656 -11.79 17.81 25.46
CA PRO A 656 -11.67 16.34 25.57
C PRO A 656 -13.03 15.67 25.59
N TYR A 657 -14.03 16.30 26.19
CA TYR A 657 -15.38 15.74 26.16
C TYR A 657 -15.98 15.80 24.76
N MET A 658 -15.89 16.96 24.11
CA MET A 658 -16.50 17.11 22.80
C MET A 658 -15.86 16.16 21.80
N VAL A 659 -14.54 16.04 21.83
CA VAL A 659 -13.88 15.04 20.99
C VAL A 659 -14.35 13.64 21.39
N GLU A 660 -14.51 13.41 22.70
CA GLU A 660 -15.08 12.16 23.16
C GLU A 660 -16.51 12.00 22.66
N ARG A 661 -17.30 13.07 22.72
CA ARG A 661 -18.68 12.99 22.25
C ARG A 661 -18.75 12.78 20.74
N ILE A 662 -17.86 13.45 19.99
CA ILE A 662 -17.89 13.32 18.53
C ILE A 662 -17.74 11.87 18.11
N SER A 663 -17.09 11.05 18.93
CA SER A 663 -16.90 9.65 18.58
C SER A 663 -18.22 8.93 18.38
N LYS A 664 -19.19 9.19 19.26
CA LYS A 664 -20.49 8.55 19.16
C LYS A 664 -21.40 9.21 18.13
N ASN A 665 -21.06 10.41 17.66
CA ASN A 665 -21.86 11.09 16.65
C ASN A 665 -20.92 11.99 15.84
N TYR A 666 -20.52 11.51 14.67
CA TYR A 666 -19.58 12.26 13.85
C TYR A 666 -20.14 13.63 13.44
N ALA A 667 -21.46 13.74 13.34
CA ALA A 667 -22.05 14.97 12.81
C ALA A 667 -21.59 16.19 13.59
N LEU A 668 -21.30 16.02 14.88
CA LEU A 668 -20.81 17.14 15.69
C LEU A 668 -19.52 17.72 15.13
N GLN A 669 -18.75 16.94 14.38
CA GLN A 669 -17.53 17.47 13.78
C GLN A 669 -17.83 18.67 12.89
N ILE A 670 -19.06 18.75 12.35
CA ILE A 670 -19.45 19.90 11.55
C ILE A 670 -19.27 21.18 12.36
N VAL A 671 -19.47 21.11 13.66
CA VAL A 671 -19.12 22.24 14.52
C VAL A 671 -17.62 22.48 14.46
N ALA A 672 -16.84 21.51 14.93
CA ALA A 672 -15.39 21.69 15.04
C ALA A 672 -14.77 22.10 13.72
N ASN A 673 -15.09 21.38 12.63
CA ASN A 673 -14.50 21.73 11.35
C ASN A 673 -14.91 23.13 10.91
N SER A 674 -16.20 23.44 11.02
CA SER A 674 -16.64 24.81 10.79
C SER A 674 -16.11 25.77 11.86
N PHE A 675 -15.76 25.23 13.02
CA PHE A 675 -15.30 26.05 14.13
C PHE A 675 -13.99 26.74 13.79
N LEU A 676 -13.06 26.01 13.16
CA LEU A 676 -11.75 26.55 12.78
C LEU A 676 -11.62 26.75 11.27
N ALA A 677 -12.72 26.84 10.55
CA ALA A 677 -12.70 26.92 9.09
C ALA A 677 -12.67 28.35 8.56
N ASN A 678 -12.61 29.37 9.43
CA ASN A 678 -12.63 30.73 8.91
C ASN A 678 -12.28 31.73 10.01
N PRO A 679 -13.14 31.93 11.01
CA PRO A 679 -12.98 33.10 11.89
C PRO A 679 -11.73 33.04 12.74
N THR A 680 -11.55 34.05 13.60
CA THR A 680 -10.44 34.06 14.54
C THR A 680 -10.38 32.76 15.36
N THR A 681 -11.49 32.02 15.41
CA THR A 681 -11.53 30.75 16.14
C THR A 681 -10.51 29.75 15.62
N SER A 682 -10.06 29.90 14.37
CA SER A 682 -9.19 28.90 13.76
C SER A 682 -7.91 28.71 14.58
N ALA A 683 -7.10 29.76 14.71
CA ALA A 683 -5.82 29.62 15.37
C ALA A 683 -5.99 29.16 16.82
N LEU A 684 -6.90 29.79 17.56
CA LEU A 684 -7.05 29.46 18.97
C LEU A 684 -7.55 28.04 19.17
N PHE A 685 -8.53 27.60 18.36
CA PHE A 685 -9.06 26.26 18.52
C PHE A 685 -8.04 25.21 18.10
N ALA A 686 -7.25 25.50 17.07
CA ALA A 686 -6.29 24.52 16.59
C ALA A 686 -5.29 24.15 17.68
N THR A 687 -4.81 25.15 18.42
CA THR A 687 -3.89 24.87 19.53
C THR A 687 -4.55 23.98 20.58
N ILE A 688 -5.81 24.28 20.91
CA ILE A 688 -6.52 23.47 21.90
C ILE A 688 -6.73 22.06 21.40
N LEU A 689 -6.93 21.89 20.09
CA LEU A 689 -7.25 20.58 19.56
C LEU A 689 -6.01 19.68 19.48
N VAL A 690 -4.99 20.11 18.74
CA VAL A 690 -3.80 19.28 18.56
C VAL A 690 -3.15 18.97 19.90
N GLU A 691 -3.09 19.97 20.79
CA GLU A 691 -2.49 19.74 22.10
C GLU A 691 -3.17 18.59 22.82
N TYR A 692 -4.50 18.50 22.71
CA TYR A 692 -5.21 17.37 23.30
C TYR A 692 -4.93 16.08 22.53
N LEU A 693 -4.96 16.15 21.20
CA LEU A 693 -4.71 14.96 20.39
C LEU A 693 -3.30 14.43 20.62
N LEU A 694 -2.32 15.33 20.72
CA LEU A 694 -0.93 14.89 20.88
C LEU A 694 -0.78 13.99 22.09
N ASP A 695 -1.37 14.37 23.22
CA ASP A 695 -1.35 13.51 24.40
C ASP A 695 -2.16 12.24 24.18
N ARG A 696 -3.12 12.26 23.26
CA ARG A 696 -3.87 11.07 22.89
C ARG A 696 -3.19 10.27 21.79
N LEU A 697 -2.07 10.74 21.26
CA LEU A 697 -1.42 10.09 20.14
C LEU A 697 -1.15 8.61 20.37
N PRO A 698 -0.65 8.17 21.53
CA PRO A 698 -0.44 6.73 21.73
C PRO A 698 -1.72 5.93 21.59
N GLU A 699 -2.87 6.49 21.97
CA GLU A 699 -4.12 5.76 21.88
C GLU A 699 -4.42 5.37 20.44
N MET A 700 -4.16 6.27 19.50
CA MET A 700 -4.31 5.92 18.09
C MET A 700 -3.41 4.75 17.75
N GLY A 701 -3.90 3.85 16.90
CA GLY A 701 -3.18 2.65 16.54
C GLY A 701 -3.46 1.45 17.41
N SER A 702 -4.19 1.62 18.52
CA SER A 702 -4.61 0.51 19.36
C SER A 702 -6.12 0.32 19.36
N ASN A 703 -6.87 1.37 19.66
CA ASN A 703 -8.33 1.35 19.57
C ASN A 703 -8.72 1.73 18.16
N VAL A 704 -9.12 0.74 17.37
CA VAL A 704 -9.40 0.99 15.94
C VAL A 704 -10.54 1.98 15.80
N GLU A 705 -11.60 1.84 16.61
CA GLU A 705 -12.73 2.75 16.50
C GLU A 705 -12.32 4.18 16.85
N LEU A 706 -11.49 4.34 17.89
CA LEU A 706 -11.06 5.68 18.28
C LEU A 706 -9.90 6.18 17.42
N SER A 707 -9.05 5.27 16.94
CA SER A 707 -7.91 5.68 16.13
C SER A 707 -8.36 6.51 14.93
N ASN A 708 -9.41 6.04 14.23
CA ASN A 708 -9.91 6.79 13.09
C ASN A 708 -10.30 8.21 13.48
N LEU A 709 -10.87 8.38 14.68
CA LEU A 709 -11.36 9.69 15.07
C LEU A 709 -10.22 10.70 15.16
N TYR A 710 -9.15 10.35 15.88
CA TYR A 710 -8.04 11.28 16.02
C TYR A 710 -7.44 11.62 14.66
N LEU A 711 -7.25 10.61 13.80
CA LEU A 711 -6.74 10.88 12.47
C LEU A 711 -7.67 11.81 11.70
N LYS A 712 -8.98 11.55 11.78
CA LYS A 712 -9.93 12.44 11.13
C LYS A 712 -9.84 13.85 11.70
N LEU A 713 -9.73 13.97 13.02
CA LEU A 713 -9.50 15.28 13.61
C LEU A 713 -8.18 15.88 13.14
N PHE A 714 -7.12 15.06 13.11
CA PHE A 714 -5.83 15.56 12.65
C PHE A 714 -5.90 16.01 11.20
N LYS A 715 -6.69 15.31 10.38
CA LYS A 715 -6.78 15.66 8.97
C LYS A 715 -7.37 17.05 8.78
N LEU A 716 -8.42 17.38 9.54
CA LEU A 716 -9.09 18.66 9.33
C LEU A 716 -8.26 19.82 9.89
N VAL A 717 -7.64 19.64 11.05
CA VAL A 717 -6.79 20.69 11.59
C VAL A 717 -5.63 20.97 10.64
N PHE A 718 -5.02 19.91 10.09
CA PHE A 718 -4.06 20.11 9.02
C PHE A 718 -4.72 20.74 7.80
N GLY A 719 -6.01 20.50 7.61
CA GLY A 719 -6.75 21.26 6.62
C GLY A 719 -6.76 22.75 6.93
N SER A 720 -6.79 23.10 8.21
CA SER A 720 -6.83 24.51 8.60
C SER A 720 -5.54 25.21 8.20
N VAL A 721 -4.38 24.62 8.52
CA VAL A 721 -3.11 25.29 8.23
C VAL A 721 -2.98 25.53 6.74
N SER A 722 -3.40 24.56 5.92
CA SER A 722 -3.41 24.77 4.47
C SER A 722 -4.38 25.89 4.10
N LEU A 723 -5.54 25.93 4.74
CA LEU A 723 -6.54 26.93 4.40
C LEU A 723 -6.01 28.34 4.65
N PHE A 724 -5.74 28.67 5.90
CA PHE A 724 -5.34 30.01 6.32
C PHE A 724 -3.97 29.90 6.97
N ALA A 725 -2.92 29.95 6.16
CA ALA A 725 -1.56 29.79 6.69
C ALA A 725 -1.16 30.95 7.58
N ALA A 726 -1.90 32.06 7.55
CA ALA A 726 -1.58 33.21 8.39
C ALA A 726 -1.81 32.84 9.85
N GLU A 727 -0.71 32.69 10.59
CA GLU A 727 -0.73 32.41 12.02
C GLU A 727 -1.14 30.97 12.33
N ASN A 728 -1.56 30.22 11.31
CA ASN A 728 -1.70 28.78 11.46
C ASN A 728 -0.38 28.08 11.19
N GLU A 729 0.34 28.52 10.16
CA GLU A 729 1.71 28.07 9.98
C GLU A 729 2.51 28.29 11.25
N GLN A 730 2.39 29.47 11.85
CA GLN A 730 3.03 29.73 13.13
C GLN A 730 2.45 28.87 14.23
N MET A 731 1.18 28.48 14.10
CA MET A 731 0.54 27.68 15.15
C MET A 731 1.06 26.24 15.12
N LEU A 732 1.22 25.67 13.92
CA LEU A 732 1.62 24.27 13.81
C LEU A 732 3.12 24.07 13.92
N LYS A 733 3.91 25.14 13.76
CA LYS A 733 5.36 25.02 13.92
C LYS A 733 5.74 24.43 15.27
N PRO A 734 5.22 24.89 16.39
CA PRO A 734 5.49 24.21 17.66
C PRO A 734 4.91 22.79 17.64
N HIS A 735 5.56 21.91 18.38
CA HIS A 735 5.18 20.50 18.47
C HIS A 735 4.85 19.91 17.10
N LEU A 736 5.53 20.39 16.05
CA LEU A 736 5.51 19.68 14.78
C LEU A 736 6.43 18.47 14.83
N HIS A 737 7.55 18.59 15.53
CA HIS A 737 8.45 17.46 15.71
C HIS A 737 7.77 16.34 16.49
N LYS A 738 7.01 16.70 17.53
CA LYS A 738 6.34 15.69 18.33
C LYS A 738 5.37 14.88 17.48
N ILE A 739 4.68 15.53 16.54
CA ILE A 739 3.75 14.79 15.67
C ILE A 739 4.50 13.75 14.86
N VAL A 740 5.65 14.11 14.29
CA VAL A 740 6.37 13.21 13.41
C VAL A 740 7.24 12.25 14.22
N ASN A 741 8.08 12.78 15.10
CA ASN A 741 8.97 11.93 15.89
C ASN A 741 8.17 10.88 16.66
N SER A 742 7.14 11.31 17.37
CA SER A 742 6.30 10.36 18.10
C SER A 742 5.59 9.41 17.15
N SER A 743 5.10 9.93 16.03
CA SER A 743 4.35 9.09 15.09
C SER A 743 5.20 7.92 14.62
N MET A 744 6.45 8.18 14.25
CA MET A 744 7.32 7.11 13.78
C MET A 744 7.58 6.09 14.89
N GLU A 745 8.02 6.56 16.06
CA GLU A 745 8.34 5.64 17.14
C GLU A 745 7.11 4.90 17.63
N LEU A 746 5.97 5.59 17.73
CA LEU A 746 4.75 4.92 18.15
C LEU A 746 4.30 3.88 17.13
N ALA A 747 4.47 4.20 15.84
CA ALA A 747 4.03 3.27 14.80
C ALA A 747 4.66 1.89 14.97
N GLN A 748 5.89 1.84 15.48
CA GLN A 748 6.54 0.55 15.67
C GLN A 748 5.78 -0.32 16.66
N THR A 749 5.50 0.22 17.85
CA THR A 749 4.89 -0.57 18.90
C THR A 749 3.38 -0.77 18.69
N ALA A 750 2.71 0.21 18.09
CA ALA A 750 1.25 0.18 18.04
C ALA A 750 0.75 -1.01 17.23
N LYS A 751 -0.41 -1.52 17.64
CA LYS A 751 -1.00 -2.67 16.96
C LYS A 751 -1.44 -2.32 15.54
N GLU A 752 -1.90 -1.10 15.31
CA GLU A 752 -2.44 -0.66 14.02
C GLU A 752 -1.67 0.57 13.57
N PRO A 753 -0.44 0.40 13.09
CA PRO A 753 0.36 1.57 12.68
C PRO A 753 -0.23 2.31 11.50
N TYR A 754 -1.15 1.71 10.75
CA TYR A 754 -1.63 2.33 9.52
C TYR A 754 -2.12 3.76 9.77
N ASN A 755 -2.79 3.99 10.90
CA ASN A 755 -3.26 5.33 11.20
C ASN A 755 -2.10 6.29 11.41
N TYR A 756 -1.04 5.83 12.07
CA TYR A 756 0.10 6.70 12.32
C TYR A 756 0.73 7.19 11.03
N PHE A 757 0.90 6.29 10.05
CA PHE A 757 1.49 6.69 8.78
C PHE A 757 0.50 7.47 7.92
N LEU A 758 -0.77 7.08 7.93
CA LEU A 758 -1.78 7.89 7.26
C LEU A 758 -1.78 9.33 7.80
N LEU A 759 -1.46 9.50 9.09
CA LEU A 759 -1.37 10.84 9.65
C LEU A 759 -0.29 11.64 8.96
N LEU A 760 0.88 11.05 8.74
CA LEU A 760 1.94 11.75 8.03
C LEU A 760 1.53 12.09 6.61
N ARG A 761 0.89 11.13 5.92
CA ARG A 761 0.44 11.39 4.55
C ARG A 761 -0.52 12.57 4.51
N ALA A 762 -1.44 12.64 5.49
CA ALA A 762 -2.29 13.82 5.60
C ALA A 762 -1.47 15.07 5.89
N LEU A 763 -0.47 14.95 6.76
CA LEU A 763 0.36 16.10 7.09
C LEU A 763 1.10 16.61 5.87
N PHE A 764 1.76 15.71 5.14
CA PHE A 764 2.57 16.15 4.00
C PHE A 764 1.72 16.85 2.95
N ARG A 765 0.53 16.30 2.66
CA ARG A 765 -0.35 16.95 1.69
C ARG A 765 -0.74 18.34 2.16
N SER A 766 -1.09 18.48 3.44
CA SER A 766 -1.51 19.78 3.95
C SER A 766 -0.36 20.78 3.94
N ILE A 767 0.78 20.40 4.50
CA ILE A 767 1.95 21.29 4.48
C ILE A 767 2.46 21.46 3.07
N GLY A 768 2.52 20.38 2.29
CA GLY A 768 3.05 20.44 0.95
C GLY A 768 2.28 21.36 0.03
N GLY A 769 2.86 22.51 -0.31
CA GLY A 769 2.26 23.45 -1.22
C GLY A 769 1.22 24.36 -0.63
N GLY A 770 0.93 24.24 0.67
CA GLY A 770 -0.07 25.08 1.31
C GLY A 770 0.51 26.00 2.36
N SER A 771 1.60 25.56 3.00
CA SER A 771 2.27 26.36 4.03
C SER A 771 3.75 26.03 3.94
N HIS A 772 4.50 26.89 3.24
CA HIS A 772 5.90 26.62 2.89
C HIS A 772 6.77 27.82 3.18
N ASP A 773 6.61 28.39 4.38
CA ASP A 773 7.45 29.49 4.84
C ASP A 773 8.25 29.12 6.08
N LEU A 774 7.60 28.62 7.12
CA LEU A 774 8.27 28.21 8.35
C LEU A 774 8.31 26.70 8.53
N LEU A 775 7.24 25.99 8.18
CA LEU A 775 7.23 24.55 8.37
C LEU A 775 8.35 23.88 7.57
N TYR A 776 8.54 24.30 6.32
CA TYR A 776 9.64 23.75 5.52
C TYR A 776 10.96 23.89 6.27
N GLN A 777 11.25 25.08 6.79
CA GLN A 777 12.44 25.25 7.61
C GLN A 777 12.34 24.39 8.86
N GLU A 778 11.18 24.38 9.52
CA GLU A 778 11.01 23.55 10.71
C GLU A 778 11.05 22.07 10.38
N PHE A 779 10.79 21.69 9.12
CA PHE A 779 10.84 20.30 8.73
C PHE A 779 12.27 19.79 8.53
N LEU A 780 13.20 20.69 8.16
CA LEU A 780 14.54 20.26 7.79
C LEU A 780 15.22 19.42 8.86
N PRO A 781 15.17 19.76 10.15
CA PRO A 781 15.83 18.90 11.14
C PRO A 781 15.26 17.48 11.17
N LEU A 782 14.00 17.30 10.77
CA LEU A 782 13.39 15.97 10.79
C LEU A 782 13.89 15.08 9.66
N LEU A 783 14.40 15.66 8.58
CA LEU A 783 14.69 14.89 7.37
C LEU A 783 15.58 13.68 7.61
N PRO A 784 16.71 13.79 8.32
CA PRO A 784 17.62 12.64 8.44
C PRO A 784 16.93 11.42 9.04
N ASN A 785 16.39 11.57 10.25
CA ASN A 785 15.72 10.45 10.90
C ASN A 785 14.47 10.05 10.14
N LEU A 786 13.68 11.02 9.68
CA LEU A 786 12.43 10.69 9.00
C LEU A 786 12.68 9.92 7.73
N LEU A 787 13.55 10.45 6.86
CA LEU A 787 13.85 9.75 5.61
C LEU A 787 14.54 8.42 5.88
N GLN A 788 15.47 8.40 6.83
CA GLN A 788 16.09 7.14 7.21
C GLN A 788 15.05 6.16 7.75
N GLY A 789 14.15 6.65 8.58
CA GLY A 789 13.04 5.83 9.05
C GLY A 789 12.23 5.30 7.88
N LEU A 790 11.56 6.20 7.16
CA LEU A 790 10.68 5.77 6.07
C LEU A 790 11.44 4.88 5.08
N ASN A 791 12.71 5.18 4.83
CA ASN A 791 13.49 4.34 3.94
C ASN A 791 13.60 2.92 4.51
N MET A 792 13.81 2.81 5.81
CA MET A 792 13.90 1.48 6.42
C MET A 792 12.59 0.71 6.25
N LEU A 793 11.45 1.38 6.44
CA LEU A 793 10.17 0.70 6.36
C LEU A 793 9.95 0.12 4.97
N GLN A 794 10.09 0.94 3.93
CA GLN A 794 9.86 0.45 2.58
C GLN A 794 10.85 -0.63 2.20
N SER A 795 12.09 -0.54 2.69
CA SER A 795 13.08 -1.58 2.41
C SER A 795 12.62 -2.91 2.97
N GLY A 796 12.07 -2.91 4.17
CA GLY A 796 11.47 -4.10 4.73
C GLY A 796 10.27 -4.54 3.92
N LEU A 797 9.58 -5.59 4.35
CA LEU A 797 8.44 -6.12 3.62
C LEU A 797 7.22 -6.11 4.53
N HIS A 798 6.18 -5.39 4.12
CA HIS A 798 4.92 -5.34 4.85
C HIS A 798 3.76 -5.67 3.92
N LYS A 799 2.53 -5.50 4.39
CA LYS A 799 1.38 -5.78 3.54
C LYS A 799 1.37 -4.85 2.35
N GLN A 800 0.79 -5.32 1.23
CA GLN A 800 0.84 -4.58 -0.02
C GLN A 800 0.33 -3.15 0.17
N HIS A 801 -0.83 -3.00 0.78
CA HIS A 801 -1.37 -1.67 1.01
C HIS A 801 -0.46 -0.86 1.92
N MET A 802 0.15 -1.53 2.91
CA MET A 802 1.12 -0.85 3.78
C MET A 802 2.34 -0.40 2.99
N LYS A 803 2.91 -1.30 2.18
CA LYS A 803 4.10 -0.94 1.42
C LYS A 803 3.80 0.20 0.46
N ASP A 804 2.64 0.14 -0.20
CA ASP A 804 2.29 1.20 -1.14
C ASP A 804 2.33 2.57 -0.46
N LEU A 805 1.82 2.64 0.77
CA LEU A 805 1.87 3.91 1.50
C LEU A 805 3.32 4.31 1.81
N PHE A 806 4.15 3.35 2.19
CA PHE A 806 5.51 3.68 2.62
C PHE A 806 6.29 4.34 1.50
N VAL A 807 6.29 3.73 0.31
CA VAL A 807 7.01 4.33 -0.81
C VAL A 807 6.43 5.69 -1.14
N GLU A 808 5.14 5.88 -0.88
CA GLU A 808 4.53 7.19 -1.12
C GLU A 808 5.05 8.23 -0.14
N LEU A 809 5.31 7.83 1.11
CA LEU A 809 5.76 8.78 2.11
C LEU A 809 7.23 9.16 1.89
N CYS A 810 8.06 8.20 1.50
CA CYS A 810 9.45 8.52 1.21
C CYS A 810 9.54 9.59 0.14
N LEU A 811 8.75 9.46 -0.92
CA LEU A 811 8.51 10.56 -1.84
C LEU A 811 7.47 11.50 -1.26
N THR A 812 7.24 12.61 -1.95
CA THR A 812 6.23 13.59 -1.58
C THR A 812 6.52 14.30 -0.27
N VAL A 813 7.73 14.15 0.27
CA VAL A 813 8.05 14.88 1.50
C VAL A 813 7.98 16.37 1.22
N PRO A 814 7.58 17.21 2.18
CA PRO A 814 7.39 18.65 1.92
C PRO A 814 8.70 19.44 1.92
N VAL A 815 9.71 18.92 1.22
CA VAL A 815 11.00 19.56 1.08
C VAL A 815 11.30 19.68 -0.40
N ARG A 816 11.66 20.89 -0.83
CA ARG A 816 11.87 21.15 -2.25
C ARG A 816 13.15 20.47 -2.73
N LEU A 817 13.48 20.68 -4.01
CA LEU A 817 14.63 20.02 -4.61
C LEU A 817 15.88 20.22 -3.75
N SER A 818 16.17 21.47 -3.39
CA SER A 818 17.30 21.73 -2.52
C SER A 818 16.99 21.27 -1.10
N SER A 819 18.06 21.10 -0.32
CA SER A 819 18.00 20.64 1.07
C SER A 819 17.59 19.17 1.17
N LEU A 820 17.35 18.48 0.05
CA LEU A 820 17.05 17.07 0.05
C LEU A 820 18.19 16.23 -0.54
N LEU A 821 19.14 16.86 -1.23
CA LEU A 821 20.22 16.11 -1.85
C LEU A 821 21.04 15.31 -0.85
N PRO A 822 21.43 15.85 0.32
CA PRO A 822 22.26 15.07 1.23
C PRO A 822 21.64 13.72 1.60
N TYR A 823 20.32 13.64 1.65
CA TYR A 823 19.61 12.41 1.93
C TYR A 823 19.05 11.76 0.67
N LEU A 824 19.45 12.25 -0.51
CA LEU A 824 18.94 11.68 -1.75
C LEU A 824 19.16 10.18 -1.85
N PRO A 825 20.33 9.62 -1.50
CA PRO A 825 20.50 8.16 -1.63
C PRO A 825 19.42 7.38 -0.91
N MET A 826 18.98 7.87 0.24
CA MET A 826 17.94 7.17 0.99
C MET A 826 16.62 7.20 0.24
N LEU A 827 16.38 8.25 -0.54
CA LEU A 827 15.14 8.36 -1.32
C LEU A 827 15.16 7.45 -2.55
N MET A 828 16.35 7.16 -3.09
CA MET A 828 16.41 6.43 -4.35
C MET A 828 15.80 5.04 -4.23
N ASP A 829 16.10 4.32 -3.16
CA ASP A 829 15.54 2.98 -3.00
C ASP A 829 14.02 2.98 -3.08
N PRO A 830 13.30 3.90 -2.44
CA PRO A 830 11.86 4.00 -2.73
C PRO A 830 11.56 4.22 -4.20
N LEU A 831 12.40 4.97 -4.90
CA LEU A 831 12.10 5.33 -6.29
C LEU A 831 11.98 4.09 -7.16
N VAL A 832 12.91 3.14 -7.01
CA VAL A 832 12.82 1.90 -7.77
C VAL A 832 11.57 1.12 -7.36
N SER A 833 11.23 1.15 -6.08
CA SER A 833 10.01 0.48 -5.62
C SER A 833 8.78 1.14 -6.24
N ALA A 834 8.78 2.47 -6.33
CA ALA A 834 7.62 3.17 -6.88
C ALA A 834 7.39 2.78 -8.34
N LEU A 835 8.46 2.69 -9.13
CA LEU A 835 8.32 2.32 -10.53
C LEU A 835 7.65 0.96 -10.69
N ASN A 836 7.70 0.11 -9.67
CA ASN A 836 6.92 -1.11 -9.63
C ASN A 836 5.70 -0.91 -8.75
N GLY A 837 4.67 -1.73 -8.98
CA GLY A 837 3.50 -1.71 -8.14
C GLY A 837 2.32 -0.95 -8.73
N SER A 838 1.61 -0.22 -7.87
CA SER A 838 0.36 0.41 -8.29
C SER A 838 0.62 1.50 -9.32
N GLN A 839 -0.38 1.72 -10.18
CA GLN A 839 -0.24 2.73 -11.23
C GLN A 839 -0.02 4.11 -10.64
N THR A 840 -0.82 4.48 -9.62
CA THR A 840 -0.63 5.78 -9.01
C THR A 840 0.76 5.91 -8.40
N LEU A 841 1.36 4.80 -7.98
CA LEU A 841 2.73 4.84 -7.49
C LEU A 841 3.71 4.99 -8.65
N VAL A 842 3.48 4.27 -9.75
CA VAL A 842 4.36 4.38 -10.90
C VAL A 842 4.39 5.82 -11.40
N SER A 843 3.21 6.45 -11.53
CA SER A 843 3.17 7.85 -11.91
C SER A 843 3.87 8.72 -10.86
N GLN A 844 3.65 8.41 -9.58
CA GLN A 844 4.35 9.14 -8.54
C GLN A 844 5.86 8.95 -8.63
N GLY A 845 6.30 7.72 -8.93
CA GLY A 845 7.72 7.49 -9.08
C GLY A 845 8.31 8.24 -10.26
N LEU A 846 7.61 8.22 -11.40
CA LEU A 846 8.07 8.97 -12.56
C LEU A 846 8.03 10.47 -12.28
N ARG A 847 6.98 10.93 -11.59
CA ARG A 847 6.86 12.36 -11.31
C ARG A 847 8.04 12.87 -10.51
N THR A 848 8.45 12.13 -9.48
CA THR A 848 9.62 12.53 -8.70
C THR A 848 10.90 12.35 -9.49
N LEU A 849 11.01 11.25 -10.24
CA LEU A 849 12.20 11.04 -11.06
C LEU A 849 12.30 12.10 -12.15
N GLU A 850 11.17 12.49 -12.74
CA GLU A 850 11.18 13.47 -13.81
C GLU A 850 11.80 14.78 -13.34
N LEU A 851 11.32 15.31 -12.22
CA LEU A 851 11.83 16.59 -11.72
C LEU A 851 13.30 16.45 -11.30
N CYS A 852 13.65 15.34 -10.63
CA CYS A 852 15.02 15.18 -10.19
C CYS A 852 15.99 15.12 -11.36
N VAL A 853 15.55 14.61 -12.50
CA VAL A 853 16.41 14.54 -13.68
C VAL A 853 16.82 15.93 -14.12
N ASP A 854 15.86 16.86 -14.13
CA ASP A 854 16.10 18.17 -14.74
C ASP A 854 16.95 19.07 -13.85
N ASN A 855 16.88 18.92 -12.54
CA ASN A 855 17.44 19.90 -11.61
C ASN A 855 18.75 19.46 -10.96
N LEU A 856 19.21 18.24 -11.19
CA LEU A 856 20.38 17.71 -10.48
C LEU A 856 21.62 17.56 -11.35
N GLN A 857 21.55 17.96 -12.63
CA GLN A 857 22.64 17.83 -13.59
C GLN A 857 23.06 16.37 -13.71
N PRO A 858 23.27 15.86 -14.94
CA PRO A 858 23.32 14.41 -15.12
C PRO A 858 24.39 13.71 -14.30
N ASP A 859 25.60 14.27 -14.24
CA ASP A 859 26.71 13.54 -13.61
C ASP A 859 26.43 13.27 -12.15
N PHE A 860 25.89 14.25 -11.42
CA PHE A 860 25.58 14.05 -10.01
C PHE A 860 24.47 13.01 -9.84
N LEU A 861 23.39 13.16 -10.62
CA LEU A 861 22.25 12.25 -10.47
C LEU A 861 22.65 10.82 -10.82
N TYR A 862 23.38 10.64 -11.93
CA TYR A 862 23.74 9.29 -12.34
C TYR A 862 24.57 8.60 -11.28
N ASP A 863 25.53 9.31 -10.68
CA ASP A 863 26.35 8.73 -9.62
C ASP A 863 25.45 8.18 -8.51
N HIS A 864 24.45 8.94 -8.10
CA HIS A 864 23.54 8.48 -7.06
C HIS A 864 22.62 7.37 -7.56
N ILE A 865 22.50 7.19 -8.87
CA ILE A 865 21.71 6.08 -9.40
C ILE A 865 22.53 4.81 -9.49
N GLN A 866 23.86 4.91 -9.42
CA GLN A 866 24.72 3.73 -9.57
C GLN A 866 24.35 2.59 -8.64
N PRO A 867 24.11 2.81 -7.34
CA PRO A 867 23.78 1.67 -6.48
C PRO A 867 22.51 0.94 -6.91
N VAL A 868 21.56 1.65 -7.52
CA VAL A 868 20.25 1.10 -7.85
C VAL A 868 20.03 1.00 -9.34
N ARG A 869 20.97 1.49 -10.17
CA ARG A 869 20.74 1.54 -11.60
C ARG A 869 20.38 0.18 -12.17
N ALA A 870 20.90 -0.90 -11.58
CA ALA A 870 20.66 -2.23 -12.13
C ALA A 870 19.16 -2.53 -12.19
N GLU A 871 18.43 -2.19 -11.13
CA GLU A 871 16.99 -2.43 -11.08
C GLU A 871 16.16 -1.21 -11.49
N LEU A 872 16.67 0.00 -11.29
CA LEU A 872 15.91 1.18 -11.69
C LEU A 872 15.70 1.21 -13.20
N MET A 873 16.78 1.06 -13.97
CA MET A 873 16.66 1.12 -15.42
C MET A 873 15.76 0.00 -15.93
N GLN A 874 15.92 -1.21 -15.41
CA GLN A 874 15.03 -2.30 -15.81
C GLN A 874 13.59 -1.97 -15.49
N ALA A 875 13.34 -1.18 -14.45
CA ALA A 875 12.00 -0.71 -14.18
C ALA A 875 11.57 0.35 -15.19
N LEU A 876 12.47 1.27 -15.52
CA LEU A 876 12.15 2.28 -16.53
C LEU A 876 11.86 1.62 -17.88
N TRP A 877 12.66 0.63 -18.26
CA TRP A 877 12.38 -0.10 -19.49
C TRP A 877 11.05 -0.81 -19.43
N ARG A 878 10.74 -1.45 -18.29
CA ARG A 878 9.51 -2.22 -18.18
C ARG A 878 8.29 -1.31 -18.26
N THR A 879 8.32 -0.14 -17.62
CA THR A 879 7.14 0.70 -17.56
C THR A 879 6.69 1.19 -18.93
N LEU A 880 7.57 1.16 -19.93
CA LEU A 880 7.15 1.49 -21.28
C LEU A 880 6.08 0.51 -21.76
N ARG A 881 6.26 -0.77 -21.47
CA ARG A 881 5.30 -1.79 -21.89
C ARG A 881 3.98 -1.70 -21.14
N ASN A 882 3.89 -0.91 -20.07
CA ASN A 882 2.67 -0.83 -19.30
C ASN A 882 1.55 -0.25 -20.17
N PRO A 883 0.30 -0.70 -19.97
CA PRO A 883 -0.76 -0.30 -20.91
C PRO A 883 -1.12 1.17 -20.82
N ALA A 884 -1.21 1.73 -19.62
CA ALA A 884 -1.59 3.13 -19.47
C ALA A 884 -0.67 4.02 -20.29
N ASP A 885 -1.25 4.71 -21.28
CA ASP A 885 -0.45 5.50 -22.21
C ASP A 885 0.29 6.61 -21.48
N SER A 886 -0.37 7.29 -20.54
CA SER A 886 0.27 8.37 -19.83
C SER A 886 1.53 7.90 -19.13
N ILE A 887 1.50 6.70 -18.55
CA ILE A 887 2.67 6.16 -17.87
C ILE A 887 3.79 5.93 -18.86
N SER A 888 3.47 5.31 -20.00
CA SER A 888 4.50 4.97 -20.98
C SER A 888 5.16 6.24 -21.54
N HIS A 889 4.35 7.20 -21.97
CA HIS A 889 4.90 8.41 -22.59
C HIS A 889 5.84 9.13 -21.62
N VAL A 890 5.41 9.28 -20.36
CA VAL A 890 6.27 9.90 -19.36
C VAL A 890 7.52 9.06 -19.16
N ALA A 891 7.36 7.74 -19.09
CA ALA A 891 8.51 6.86 -18.91
C ALA A 891 9.45 6.96 -20.11
N TYR A 892 8.90 7.00 -21.33
CA TYR A 892 9.74 7.14 -22.51
C TYR A 892 10.46 8.48 -22.50
N ARG A 893 9.77 9.54 -22.09
CA ARG A 893 10.38 10.87 -22.10
C ARG A 893 11.59 10.93 -21.19
N VAL A 894 11.47 10.39 -19.97
CA VAL A 894 12.59 10.43 -19.04
C VAL A 894 13.76 9.63 -19.58
N LEU A 895 13.48 8.46 -20.18
CA LEU A 895 14.55 7.69 -20.81
C LEU A 895 15.28 8.52 -21.84
N GLY A 896 14.54 9.32 -22.62
CA GLY A 896 15.18 10.23 -23.55
C GLY A 896 16.05 11.25 -22.84
N LYS A 897 15.56 11.79 -21.72
CA LYS A 897 16.36 12.73 -20.96
C LYS A 897 17.64 12.08 -20.46
N PHE A 898 17.59 10.78 -20.14
CA PHE A 898 18.78 10.00 -19.83
C PHE A 898 19.50 9.73 -21.14
N GLY A 899 20.26 10.74 -21.59
CA GLY A 899 20.87 10.71 -22.91
C GLY A 899 21.47 9.37 -23.29
N GLY A 900 22.54 8.98 -22.60
CA GLY A 900 23.19 7.72 -22.87
C GLY A 900 23.10 6.77 -21.69
N SER A 901 22.90 7.33 -20.50
CA SER A 901 22.78 6.50 -19.31
C SER A 901 21.61 5.53 -19.39
N ASN A 902 20.62 5.81 -20.25
CA ASN A 902 19.46 4.93 -20.33
C ASN A 902 19.80 3.59 -20.95
N ARG A 903 20.85 3.53 -21.78
CA ARG A 903 21.26 2.29 -22.43
C ARG A 903 22.63 1.83 -21.99
N LYS A 904 23.22 2.47 -20.97
CA LYS A 904 24.55 2.09 -20.53
C LYS A 904 24.55 0.65 -20.03
N MET A 905 25.67 -0.03 -20.24
CA MET A 905 25.78 -1.43 -19.84
C MET A 905 25.57 -1.56 -18.34
N LEU A 906 24.88 -2.62 -17.95
CA LEU A 906 24.56 -2.88 -16.56
C LEU A 906 25.52 -3.92 -15.98
N LYS A 907 26.11 -3.61 -14.83
CA LYS A 907 26.95 -4.59 -14.17
C LYS A 907 26.15 -5.83 -13.79
N GLU A 908 24.93 -5.63 -13.29
CA GLU A 908 24.02 -6.72 -12.96
C GLU A 908 23.07 -6.91 -14.14
N SER A 909 23.25 -7.99 -14.88
CA SER A 909 22.43 -8.25 -16.05
C SER A 909 21.00 -8.59 -15.62
N GLN A 910 20.08 -8.48 -16.57
CA GLN A 910 18.70 -8.86 -16.31
C GLN A 910 18.64 -10.31 -15.85
N LYS A 911 17.90 -10.55 -14.77
CA LYS A 911 17.76 -11.91 -14.25
C LYS A 911 16.88 -12.72 -15.19
N LEU A 912 17.30 -13.95 -15.46
CA LEU A 912 16.56 -14.85 -16.33
C LEU A 912 15.79 -15.88 -15.52
N HIS A 913 14.77 -16.45 -16.15
CA HIS A 913 13.90 -17.44 -15.52
C HIS A 913 14.34 -18.82 -15.99
N TYR A 914 14.80 -19.64 -15.05
CA TYR A 914 15.36 -20.94 -15.33
C TYR A 914 14.64 -22.00 -14.52
N VAL A 915 14.34 -23.13 -15.15
CA VAL A 915 13.72 -24.26 -14.46
C VAL A 915 14.84 -25.17 -13.96
N VAL A 916 14.89 -25.38 -12.65
CA VAL A 916 15.99 -26.13 -12.06
C VAL A 916 15.75 -27.64 -12.09
N THR A 917 14.51 -28.07 -11.93
CA THR A 917 14.18 -29.49 -11.84
C THR A 917 13.75 -29.99 -13.21
N GLU A 918 14.42 -31.03 -13.70
CA GLU A 918 14.10 -31.63 -14.99
C GLU A 918 13.24 -32.88 -14.79
N VAL A 919 12.05 -32.68 -14.25
CA VAL A 919 11.09 -33.75 -14.02
C VAL A 919 9.71 -33.27 -14.43
N GLN A 920 8.83 -34.22 -14.71
CA GLN A 920 7.45 -33.91 -15.03
C GLN A 920 6.68 -33.55 -13.77
N GLY A 921 6.02 -32.39 -13.79
CA GLY A 921 5.23 -31.97 -12.67
C GLY A 921 3.93 -32.75 -12.59
N PRO A 922 3.11 -32.41 -11.60
CA PRO A 922 1.82 -33.09 -11.46
C PRO A 922 0.99 -32.94 -12.72
N SER A 923 0.30 -34.01 -13.09
CA SER A 923 -0.51 -34.05 -14.30
C SER A 923 -1.77 -34.85 -14.04
N ILE A 924 -2.73 -34.72 -14.94
CA ILE A 924 -4.03 -35.36 -14.83
C ILE A 924 -4.28 -36.17 -16.09
N THR A 925 -4.62 -37.44 -15.94
CA THR A 925 -4.88 -38.29 -17.09
C THR A 925 -6.07 -37.76 -17.89
N VAL A 926 -5.89 -37.66 -19.20
CA VAL A 926 -6.93 -37.22 -20.11
C VAL A 926 -6.97 -38.20 -21.27
N GLU A 927 -8.16 -38.73 -21.56
CA GLU A 927 -8.34 -39.75 -22.60
C GLU A 927 -9.37 -39.28 -23.60
N PHE A 928 -9.03 -39.39 -24.89
CA PHE A 928 -9.94 -39.07 -25.97
C PHE A 928 -10.52 -40.36 -26.56
N SER A 929 -11.50 -40.19 -27.43
CA SER A 929 -12.03 -41.32 -28.19
C SER A 929 -11.12 -41.68 -29.36
N ASP A 930 -10.19 -40.81 -29.74
CA ASP A 930 -9.31 -41.06 -30.87
C ASP A 930 -8.38 -42.21 -30.53
N CYS A 931 -8.66 -43.38 -31.10
CA CYS A 931 -7.86 -44.59 -30.88
C CYS A 931 -7.61 -44.83 -29.39
N LYS A 932 -8.49 -44.30 -28.55
CA LYS A 932 -8.38 -44.44 -27.10
C LYS A 932 -6.97 -44.15 -26.60
N ALA A 933 -6.38 -43.09 -27.15
CA ALA A 933 -5.11 -42.59 -26.66
C ALA A 933 -5.35 -41.52 -25.60
N SER A 934 -4.36 -41.33 -24.73
CA SER A 934 -4.52 -40.46 -23.57
C SER A 934 -3.33 -39.52 -23.45
N LEU A 935 -3.56 -38.42 -22.74
CA LEU A 935 -2.54 -37.40 -22.49
C LEU A 935 -2.38 -37.22 -20.98
N GLN A 936 -1.49 -36.30 -20.61
CA GLN A 936 -1.30 -35.90 -19.21
C GLN A 936 -1.02 -34.40 -19.22
N LEU A 937 -2.06 -33.60 -19.13
CA LEU A 937 -1.90 -32.16 -19.17
C LEU A 937 -1.29 -31.67 -17.87
N PRO A 938 -0.15 -30.98 -17.88
CA PRO A 938 0.45 -30.55 -16.62
C PRO A 938 -0.45 -29.59 -15.86
N MET A 939 -0.40 -29.69 -14.54
CA MET A 939 -1.21 -28.86 -13.65
C MET A 939 -0.38 -27.87 -12.84
N GLU A 940 0.90 -27.72 -13.17
CA GLU A 940 1.75 -26.81 -12.39
C GLU A 940 1.21 -25.39 -12.42
N LYS A 941 0.85 -24.90 -13.61
CA LYS A 941 0.31 -23.55 -13.71
C LYS A 941 -1.11 -23.47 -13.17
N ALA A 942 -1.95 -24.45 -13.53
CA ALA A 942 -3.36 -24.37 -13.16
C ALA A 942 -3.53 -24.28 -11.65
N ILE A 943 -2.83 -25.15 -10.91
CA ILE A 943 -2.93 -25.11 -9.46
C ILE A 943 -2.39 -23.79 -8.92
N GLU A 944 -1.25 -23.34 -9.44
CA GLU A 944 -0.72 -22.04 -9.03
C GLU A 944 -1.66 -20.92 -9.47
N THR A 945 -2.18 -21.01 -10.70
CA THR A 945 -3.11 -19.99 -11.17
C THR A 945 -4.40 -19.99 -10.36
N ALA A 946 -4.93 -21.18 -10.07
CA ALA A 946 -6.13 -21.25 -9.24
C ALA A 946 -5.87 -20.66 -7.87
N LEU A 947 -4.72 -20.97 -7.27
CA LEU A 947 -4.38 -20.41 -5.97
C LEU A 947 -4.27 -18.90 -6.03
N ASP A 948 -3.63 -18.38 -7.08
CA ASP A 948 -3.50 -16.94 -7.22
C ASP A 948 -4.87 -16.26 -7.26
N CYS A 949 -5.86 -16.92 -7.87
CA CYS A 949 -7.20 -16.36 -7.89
C CYS A 949 -7.76 -16.24 -6.48
N LEU A 950 -7.56 -17.27 -5.67
CA LEU A 950 -8.03 -17.21 -4.29
C LEU A 950 -7.28 -16.14 -3.50
N LYS A 951 -5.97 -16.00 -3.73
CA LYS A 951 -5.22 -14.94 -3.08
C LYS A 951 -5.76 -13.57 -3.48
N SER A 952 -6.11 -13.40 -4.76
CA SER A 952 -6.56 -12.11 -5.24
C SER A 952 -7.78 -11.63 -4.46
N ALA A 953 -7.79 -10.34 -4.15
CA ALA A 953 -8.85 -9.73 -3.36
C ALA A 953 -10.00 -9.19 -4.19
N ASN A 954 -9.92 -9.29 -5.52
CA ASN A 954 -10.94 -8.72 -6.39
C ASN A 954 -11.39 -9.68 -7.50
N THR A 955 -11.02 -10.95 -7.42
CA THR A 955 -11.52 -11.91 -8.39
C THR A 955 -13.01 -12.12 -8.21
N GLU A 956 -13.73 -12.18 -9.33
CA GLU A 956 -15.18 -12.29 -9.26
C GLU A 956 -15.58 -13.66 -8.71
N PRO A 957 -16.75 -13.77 -8.09
CA PRO A 957 -17.12 -15.02 -7.41
C PRO A 957 -17.12 -16.23 -8.31
N TYR A 958 -17.50 -16.08 -9.59
CA TYR A 958 -17.57 -17.24 -10.46
C TYR A 958 -16.21 -17.92 -10.60
N TYR A 959 -15.16 -17.13 -10.83
CA TYR A 959 -13.84 -17.72 -11.01
C TYR A 959 -13.26 -18.20 -9.69
N ARG A 960 -13.67 -17.60 -8.57
CA ARG A 960 -13.31 -18.15 -7.27
C ARG A 960 -13.83 -19.58 -7.14
N ARG A 961 -15.08 -19.80 -7.52
CA ARG A 961 -15.64 -21.15 -7.48
C ARG A 961 -14.89 -22.08 -8.42
N GLN A 962 -14.58 -21.62 -9.63
CA GLN A 962 -13.82 -22.43 -10.57
C GLN A 962 -12.43 -22.72 -10.01
N ALA A 963 -11.78 -21.71 -9.42
CA ALA A 963 -10.48 -21.93 -8.81
C ALA A 963 -10.57 -23.00 -7.73
N TRP A 964 -11.62 -22.96 -6.92
CA TRP A 964 -11.83 -24.00 -5.92
C TRP A 964 -12.02 -25.36 -6.58
N GLU A 965 -12.78 -25.40 -7.68
CA GLU A 965 -13.02 -26.68 -8.35
C GLU A 965 -11.72 -27.26 -8.89
N VAL A 966 -10.87 -26.42 -9.48
CA VAL A 966 -9.60 -26.92 -10.01
C VAL A 966 -8.74 -27.48 -8.89
N ILE A 967 -8.65 -26.76 -7.77
CA ILE A 967 -7.86 -27.25 -6.64
C ILE A 967 -8.45 -28.54 -6.10
N LYS A 968 -9.76 -28.58 -5.90
CA LYS A 968 -10.40 -29.77 -5.36
C LYS A 968 -10.18 -30.96 -6.28
N CYS A 969 -10.47 -30.80 -7.57
CA CYS A 969 -10.35 -31.92 -8.49
C CYS A 969 -8.91 -32.44 -8.55
N PHE A 970 -7.93 -31.57 -8.30
CA PHE A 970 -6.54 -32.01 -8.32
C PHE A 970 -6.19 -32.83 -7.07
N LEU A 971 -6.67 -32.37 -5.91
CA LEU A 971 -6.33 -33.07 -4.67
C LEU A 971 -6.87 -34.49 -4.67
N VAL A 972 -8.09 -34.68 -5.17
CA VAL A 972 -8.71 -36.00 -5.20
C VAL A 972 -8.10 -36.82 -6.33
N ALA A 973 -7.18 -36.22 -7.08
CA ALA A 973 -6.42 -36.96 -8.09
C ALA A 973 -5.11 -37.47 -7.52
N MET A 974 -4.29 -36.59 -6.94
CA MET A 974 -3.05 -37.03 -6.31
C MET A 974 -3.34 -37.96 -5.14
N MET A 975 -4.33 -37.62 -4.32
CA MET A 975 -4.73 -38.49 -3.22
C MET A 975 -5.25 -39.82 -3.77
N SER A 976 -4.56 -40.91 -3.46
CA SER A 976 -4.96 -42.21 -3.96
C SER A 976 -6.01 -42.81 -3.05
N LEU A 977 -7.16 -43.16 -3.62
CA LEU A 977 -8.28 -43.75 -2.87
C LEU A 977 -8.20 -45.26 -3.09
N GLU A 978 -7.54 -45.94 -2.15
CA GLU A 978 -7.29 -47.38 -2.27
C GLU A 978 -7.59 -48.10 -0.97
N ASP A 979 -8.62 -47.66 -0.24
CA ASP A 979 -8.95 -48.27 1.04
C ASP A 979 -10.43 -48.00 1.33
N ASN A 980 -10.98 -48.81 2.23
CA ASN A 980 -12.39 -48.67 2.60
C ASN A 980 -12.75 -49.44 3.85
N LYS A 981 -13.38 -48.75 4.81
CA LYS A 981 -14.09 -49.37 5.91
C LYS A 981 -13.33 -50.56 6.52
N HIS A 982 -13.75 -51.78 6.18
CA HIS A 982 -13.18 -52.96 6.81
C HIS A 982 -11.66 -52.97 6.71
N ALA A 983 -11.14 -52.70 5.51
CA ALA A 983 -9.70 -52.66 5.33
C ALA A 983 -9.07 -51.57 6.19
N LEU A 984 -9.71 -50.40 6.24
CA LEU A 984 -9.16 -49.29 7.02
C LEU A 984 -9.35 -49.51 8.51
N TYR A 985 -10.53 -50.01 8.91
CA TYR A 985 -10.81 -50.15 10.34
C TYR A 985 -9.85 -51.13 11.01
N GLN A 986 -9.59 -52.27 10.37
CA GLN A 986 -8.73 -53.27 10.98
C GLN A 986 -7.34 -52.71 11.24
N LEU A 987 -6.81 -51.93 10.29
CA LEU A 987 -5.50 -51.32 10.49
C LEU A 987 -5.53 -50.38 11.68
N LEU A 988 -6.58 -49.58 11.81
CA LEU A 988 -6.68 -48.61 12.89
C LEU A 988 -7.32 -49.17 14.14
N ALA A 989 -7.86 -50.38 14.10
CA ALA A 989 -8.32 -51.09 15.28
C ALA A 989 -7.27 -52.06 15.80
N HIS A 990 -6.08 -52.06 15.21
CA HIS A 990 -5.05 -53.00 15.57
C HIS A 990 -4.60 -52.79 17.02
N PRO A 991 -4.19 -53.83 17.71
CA PRO A 991 -3.45 -53.63 18.97
C PRO A 991 -2.05 -53.11 18.67
N ASN A 992 -1.19 -53.07 19.67
CA ASN A 992 0.21 -52.71 19.47
C ASN A 992 0.36 -51.20 19.30
N PHE A 993 -0.13 -50.65 18.18
CA PHE A 993 0.04 -49.23 17.95
C PHE A 993 -0.81 -48.40 18.90
N THR A 994 -1.82 -49.01 19.52
CA THR A 994 -2.57 -48.36 20.59
C THR A 994 -2.01 -48.65 21.97
N GLU A 995 -1.05 -49.56 22.08
CA GLU A 995 -0.50 -49.96 23.37
C GLU A 995 1.03 -49.88 23.42
N LYS A 996 1.71 -50.24 22.34
CA LYS A 996 3.17 -50.21 22.34
C LYS A 996 3.68 -48.78 22.45
N THR A 997 4.87 -48.64 23.03
CA THR A 997 5.51 -47.34 23.10
C THR A 997 5.67 -46.76 21.71
N ILE A 998 5.21 -45.54 21.52
CA ILE A 998 5.31 -44.90 20.20
C ILE A 998 6.77 -44.64 19.88
N PRO A 999 7.25 -44.96 18.67
CA PRO A 999 8.68 -44.77 18.39
C PRO A 999 9.09 -43.32 18.58
N ASN A 1000 10.30 -43.13 19.10
CA ASN A 1000 10.82 -41.80 19.38
C ASN A 1000 11.73 -41.37 18.23
N VAL A 1001 11.09 -40.96 17.13
CA VAL A 1001 11.77 -40.45 15.95
C VAL A 1001 11.47 -38.97 15.83
N ILE A 1002 12.49 -38.18 15.52
CA ILE A 1002 12.37 -36.74 15.40
C ILE A 1002 12.39 -36.40 13.91
N ILE A 1003 11.33 -35.77 13.44
CA ILE A 1003 11.28 -35.25 12.08
C ILE A 1003 11.88 -33.84 12.09
N SER A 1004 12.34 -33.40 10.92
CA SER A 1004 12.85 -32.04 10.80
C SER A 1004 13.05 -31.73 9.32
N HIS A 1005 12.63 -30.53 8.92
CA HIS A 1005 12.86 -30.08 7.56
C HIS A 1005 14.30 -29.65 7.31
N ARG A 1006 15.15 -29.73 8.34
CA ARG A 1006 16.58 -29.54 8.12
C ARG A 1006 17.10 -30.47 7.04
N TYR A 1007 16.54 -31.67 6.95
CA TYR A 1007 17.00 -32.68 6.02
C TYR A 1007 16.14 -32.77 4.77
N LYS A 1008 15.15 -31.89 4.62
CA LYS A 1008 14.35 -31.86 3.41
C LYS A 1008 15.20 -31.36 2.26
N ALA A 1009 15.53 -32.25 1.31
CA ALA A 1009 16.46 -31.90 0.25
C ALA A 1009 15.99 -30.69 -0.52
N GLN A 1010 14.74 -30.73 -1.01
CA GLN A 1010 14.18 -29.62 -1.77
C GLN A 1010 12.72 -29.88 -2.10
N ASP A 1011 11.94 -28.82 -2.27
CA ASP A 1011 10.55 -28.95 -2.67
C ASP A 1011 10.49 -29.33 -4.15
N THR A 1012 10.38 -30.62 -4.42
CA THR A 1012 10.24 -31.06 -5.79
C THR A 1012 8.92 -30.55 -6.36
N PRO A 1013 8.81 -30.42 -7.68
CA PRO A 1013 7.63 -29.74 -8.24
C PRO A 1013 6.32 -30.32 -7.76
N ALA A 1014 6.24 -31.65 -7.60
CA ALA A 1014 5.03 -32.25 -7.06
C ALA A 1014 4.75 -31.75 -5.66
N ARG A 1015 5.75 -31.81 -4.77
CA ARG A 1015 5.55 -31.35 -3.40
C ARG A 1015 5.24 -29.86 -3.37
N LYS A 1016 5.96 -29.07 -4.17
CA LYS A 1016 5.67 -27.64 -4.23
C LYS A 1016 4.25 -27.39 -4.71
N THR A 1017 3.84 -28.07 -5.77
CA THR A 1017 2.46 -27.96 -6.23
C THR A 1017 1.49 -28.51 -5.19
N PHE A 1018 1.82 -29.65 -4.59
CA PHE A 1018 0.93 -30.25 -3.60
C PHE A 1018 0.75 -29.32 -2.41
N GLU A 1019 1.83 -28.71 -1.93
CA GLU A 1019 1.71 -27.72 -0.88
C GLU A 1019 0.89 -26.52 -1.34
N GLN A 1020 1.11 -26.07 -2.58
CA GLN A 1020 0.34 -24.96 -3.11
C GLN A 1020 -1.13 -25.34 -3.28
N ALA A 1021 -1.40 -26.58 -3.68
CA ALA A 1021 -2.78 -27.03 -3.82
C ALA A 1021 -3.50 -27.02 -2.47
N LEU A 1022 -2.82 -27.48 -1.42
CA LEU A 1022 -3.46 -27.56 -0.11
C LEU A 1022 -3.78 -26.17 0.44
N THR A 1023 -2.79 -25.27 0.41
CA THR A 1023 -3.05 -23.91 0.89
C THR A 1023 -4.19 -23.27 0.11
N GLY A 1024 -4.37 -23.64 -1.16
CA GLY A 1024 -5.55 -23.21 -1.88
C GLY A 1024 -6.82 -23.77 -1.28
N ALA A 1025 -6.80 -25.05 -0.91
CA ALA A 1025 -7.98 -25.64 -0.26
C ALA A 1025 -8.26 -24.96 1.08
N PHE A 1026 -7.23 -24.69 1.87
CA PHE A 1026 -7.43 -24.05 3.15
C PHE A 1026 -8.03 -22.66 2.97
N MET A 1027 -7.53 -21.89 2.01
CA MET A 1027 -8.05 -20.56 1.76
C MET A 1027 -9.48 -20.61 1.25
N SER A 1028 -9.78 -21.54 0.34
CA SER A 1028 -11.14 -21.66 -0.16
C SER A 1028 -12.12 -21.98 0.94
N ALA A 1029 -11.65 -22.52 2.06
CA ALA A 1029 -12.54 -22.80 3.18
C ALA A 1029 -12.92 -21.51 3.92
N VAL A 1030 -11.97 -20.59 4.08
CA VAL A 1030 -12.22 -19.42 4.91
C VAL A 1030 -13.20 -18.46 4.23
N ILE A 1031 -13.03 -18.25 2.92
CA ILE A 1031 -13.79 -17.21 2.23
C ILE A 1031 -15.25 -17.58 2.16
N LYS A 1032 -16.12 -16.61 2.42
CA LYS A 1032 -17.56 -16.82 2.33
C LYS A 1032 -17.94 -17.26 0.93
N ASP A 1033 -19.17 -17.77 0.80
CA ASP A 1033 -19.77 -18.31 -0.42
C ASP A 1033 -19.01 -19.52 -0.96
N LEU A 1034 -17.99 -19.99 -0.26
CA LEU A 1034 -17.27 -21.20 -0.62
C LEU A 1034 -17.04 -22.13 0.56
N ARG A 1035 -17.12 -21.63 1.79
CA ARG A 1035 -17.00 -22.47 2.97
C ARG A 1035 -17.98 -23.64 2.98
N PRO A 1036 -19.26 -23.47 2.61
CA PRO A 1036 -20.22 -24.58 2.76
C PRO A 1036 -19.78 -25.86 2.06
N SER A 1037 -19.19 -25.75 0.87
CA SER A 1037 -18.69 -26.91 0.15
C SER A 1037 -17.20 -27.13 0.33
N ALA A 1038 -16.51 -26.27 1.10
CA ALA A 1038 -15.07 -26.37 1.30
C ALA A 1038 -14.73 -26.86 2.70
N LEU A 1039 -15.24 -26.19 3.73
CA LEU A 1039 -14.91 -26.58 5.10
C LEU A 1039 -15.21 -28.04 5.36
N PRO A 1040 -16.36 -28.59 4.97
CA PRO A 1040 -16.56 -30.04 5.13
C PRO A 1040 -15.59 -30.87 4.31
N PHE A 1041 -14.97 -30.29 3.28
CA PHE A 1041 -13.98 -31.01 2.49
C PHE A 1041 -12.61 -30.95 3.15
N VAL A 1042 -12.10 -29.74 3.37
CA VAL A 1042 -10.78 -29.60 3.98
C VAL A 1042 -10.76 -30.25 5.35
N ALA A 1043 -11.85 -30.09 6.12
CA ALA A 1043 -11.91 -30.74 7.43
C ALA A 1043 -11.83 -32.25 7.30
N SER A 1044 -12.54 -32.82 6.32
CA SER A 1044 -12.47 -34.26 6.11
C SER A 1044 -11.16 -34.66 5.45
N LEU A 1045 -10.54 -33.76 4.70
CA LEU A 1045 -9.25 -34.08 4.09
C LEU A 1045 -8.13 -34.07 5.12
N ILE A 1046 -8.15 -33.12 6.05
CA ILE A 1046 -7.12 -33.06 7.07
C ILE A 1046 -7.12 -34.34 7.89
N ARG A 1047 -8.31 -34.84 8.23
CA ARG A 1047 -8.39 -36.11 8.93
C ARG A 1047 -7.76 -37.24 8.13
N HIS A 1048 -7.81 -37.15 6.81
CA HIS A 1048 -7.24 -38.21 5.97
C HIS A 1048 -5.72 -38.23 6.07
N TYR A 1049 -5.09 -37.05 5.94
CA TYR A 1049 -3.64 -37.00 5.91
C TYR A 1049 -3.05 -37.47 7.24
N THR A 1050 -3.64 -37.04 8.35
CA THR A 1050 -3.16 -37.49 9.65
C THR A 1050 -3.29 -39.01 9.77
N MET A 1051 -4.41 -39.57 9.32
CA MET A 1051 -4.54 -41.02 9.29
C MET A 1051 -3.46 -41.66 8.44
N VAL A 1052 -3.05 -40.98 7.36
CA VAL A 1052 -1.95 -41.49 6.55
C VAL A 1052 -0.64 -41.37 7.31
N ALA A 1053 -0.41 -40.22 7.95
CA ALA A 1053 0.83 -40.01 8.69
C ALA A 1053 0.95 -40.99 9.85
N VAL A 1054 -0.13 -41.17 10.60
CA VAL A 1054 -0.10 -42.11 11.73
C VAL A 1054 0.14 -43.52 11.21
N ALA A 1055 -0.64 -43.95 10.22
CA ALA A 1055 -0.46 -45.29 9.68
C ALA A 1055 0.93 -45.49 9.10
N GLN A 1056 1.63 -44.40 8.77
CA GLN A 1056 2.97 -44.49 8.21
C GLN A 1056 4.07 -44.42 9.25
N GLN A 1057 3.79 -43.92 10.45
CA GLN A 1057 4.82 -43.74 11.46
C GLN A 1057 4.33 -44.14 12.85
N CYS A 1058 3.44 -45.13 12.93
CA CYS A 1058 2.93 -45.62 14.20
C CYS A 1058 3.28 -47.10 14.36
N GLY A 1059 2.70 -47.72 15.38
CA GLY A 1059 3.06 -49.06 15.77
C GLY A 1059 2.91 -50.14 14.71
N PRO A 1060 1.78 -50.18 13.98
CA PRO A 1060 1.44 -51.42 13.27
C PRO A 1060 2.49 -51.85 12.26
N PHE A 1061 2.74 -51.02 11.24
CA PHE A 1061 3.72 -51.35 10.21
C PHE A 1061 4.81 -50.28 10.09
N LEU A 1062 4.43 -49.01 9.97
CA LEU A 1062 5.36 -47.89 9.79
C LEU A 1062 6.44 -48.14 8.73
N LEU A 1063 6.72 -47.11 7.93
CA LEU A 1063 7.76 -47.21 6.94
C LEU A 1063 9.13 -47.32 7.62
N PRO A 1064 10.11 -47.91 6.94
CA PRO A 1064 11.42 -48.09 7.58
C PRO A 1064 12.06 -46.78 8.04
N CYS A 1065 11.72 -45.66 7.41
CA CYS A 1065 12.30 -44.38 7.80
C CYS A 1065 11.87 -43.94 9.20
N TYR A 1066 10.85 -44.57 9.79
CA TYR A 1066 10.34 -44.19 11.09
C TYR A 1066 10.62 -45.24 12.17
N GLN A 1067 11.59 -46.12 11.93
CA GLN A 1067 11.84 -47.20 12.88
C GLN A 1067 12.35 -46.63 14.21
N VAL A 1068 12.55 -47.52 15.18
CA VAL A 1068 12.73 -47.09 16.56
C VAL A 1068 13.94 -46.19 16.70
N GLY A 1069 15.07 -46.57 16.12
CA GLY A 1069 16.30 -45.83 16.24
C GLY A 1069 16.69 -44.99 15.05
N SER A 1070 15.76 -44.74 14.12
CA SER A 1070 16.09 -44.01 12.91
C SER A 1070 16.53 -42.59 13.22
N GLN A 1071 17.05 -41.92 12.20
CA GLN A 1071 17.46 -40.52 12.26
C GLN A 1071 16.63 -39.72 11.27
N PRO A 1072 16.58 -38.40 11.43
CA PRO A 1072 15.72 -37.60 10.55
C PRO A 1072 16.22 -37.53 9.12
N SER A 1073 16.35 -38.70 8.47
CA SER A 1073 16.84 -38.74 7.12
C SER A 1073 15.86 -38.07 6.16
N THR A 1074 16.30 -37.90 4.91
CA THR A 1074 15.47 -37.32 3.88
C THR A 1074 14.39 -38.27 3.39
N ALA A 1075 14.44 -39.54 3.80
CA ALA A 1075 13.45 -40.50 3.32
C ALA A 1075 12.04 -40.16 3.75
N MET A 1076 11.87 -39.30 4.75
CA MET A 1076 10.55 -38.93 5.23
C MET A 1076 9.93 -37.77 4.47
N PHE A 1077 10.70 -37.13 3.59
CA PHE A 1077 10.19 -36.07 2.73
C PHE A 1077 10.24 -36.52 1.28
N HIS A 1078 9.27 -36.07 0.49
CA HIS A 1078 9.29 -36.35 -0.94
C HIS A 1078 10.58 -35.79 -1.54
N SER A 1079 11.21 -36.59 -2.40
CA SER A 1079 12.49 -36.21 -2.98
C SER A 1079 12.65 -36.94 -4.31
N GLU A 1080 13.61 -36.47 -5.10
CA GLU A 1080 13.82 -36.97 -6.45
C GLU A 1080 14.80 -38.12 -6.52
N GLU A 1081 15.48 -38.46 -5.43
CA GLU A 1081 16.43 -39.57 -5.43
C GLU A 1081 16.16 -40.59 -4.34
N ASN A 1082 15.79 -40.15 -3.14
CA ASN A 1082 15.50 -41.05 -2.02
C ASN A 1082 14.28 -40.55 -1.26
N GLY A 1083 13.23 -40.19 -1.99
CA GLY A 1083 12.01 -39.72 -1.37
C GLY A 1083 11.27 -40.82 -0.65
N SER A 1084 9.95 -40.67 -0.50
CA SER A 1084 9.12 -41.61 0.21
C SER A 1084 8.31 -42.51 -0.73
N LYS A 1085 8.75 -42.65 -1.97
CA LYS A 1085 8.03 -43.41 -3.00
C LYS A 1085 6.53 -43.16 -2.89
N GLY A 1086 6.18 -41.88 -2.98
CA GLY A 1086 4.82 -41.43 -2.74
C GLY A 1086 4.86 -40.18 -1.87
N MET A 1087 3.97 -39.23 -2.13
CA MET A 1087 4.01 -37.96 -1.42
C MET A 1087 3.89 -38.18 0.07
N ASP A 1088 4.74 -37.51 0.82
CA ASP A 1088 4.71 -37.63 2.27
C ASP A 1088 3.50 -36.87 2.83
N PRO A 1089 2.84 -37.40 3.86
CA PRO A 1089 1.72 -36.66 4.46
C PRO A 1089 2.14 -35.36 5.10
N LEU A 1090 3.43 -35.18 5.40
CA LEU A 1090 3.86 -33.99 6.11
C LEU A 1090 3.64 -32.72 5.31
N VAL A 1091 3.37 -32.83 4.00
CA VAL A 1091 3.07 -31.64 3.21
C VAL A 1091 1.89 -30.89 3.79
N LEU A 1092 1.01 -31.59 4.50
CA LEU A 1092 -0.11 -30.92 5.15
C LEU A 1092 0.38 -29.90 6.17
N ILE A 1093 1.38 -30.28 6.98
CA ILE A 1093 1.91 -29.35 7.97
C ILE A 1093 2.53 -28.14 7.28
N ASP A 1094 3.19 -28.36 6.14
CA ASP A 1094 3.71 -27.24 5.37
C ASP A 1094 2.58 -26.33 4.92
N ALA A 1095 1.47 -26.91 4.44
CA ALA A 1095 0.33 -26.09 4.05
C ALA A 1095 -0.24 -25.33 5.24
N ILE A 1096 -0.34 -25.99 6.39
CA ILE A 1096 -0.82 -25.31 7.59
C ILE A 1096 0.11 -24.17 7.97
N ALA A 1097 1.42 -24.43 7.94
CA ALA A 1097 2.38 -23.40 8.30
C ALA A 1097 2.28 -22.20 7.37
N ILE A 1098 2.18 -22.44 6.06
CA ILE A 1098 2.12 -21.35 5.11
C ILE A 1098 0.84 -20.54 5.30
N CYS A 1099 -0.25 -21.19 5.66
CA CYS A 1099 -1.48 -20.46 5.97
C CYS A 1099 -1.26 -19.54 7.17
N MET A 1100 -0.53 -20.03 8.18
CA MET A 1100 -0.23 -19.17 9.34
C MET A 1100 0.57 -17.95 8.91
N ALA A 1101 1.58 -18.14 8.09
CA ALA A 1101 2.45 -17.05 7.68
C ALA A 1101 1.83 -16.14 6.62
N TYR A 1102 0.69 -16.53 6.05
CA TYR A 1102 0.04 -15.67 5.06
C TYR A 1102 -0.29 -14.33 5.70
N GLU A 1103 -0.09 -13.25 4.93
CA GLU A 1103 -0.24 -11.91 5.48
C GLU A 1103 -1.65 -11.71 6.03
N GLU A 1104 -2.67 -12.16 5.30
CA GLU A 1104 -4.05 -12.04 5.76
C GLU A 1104 -4.23 -12.97 6.96
N LYS A 1105 -4.25 -12.38 8.15
CA LYS A 1105 -4.23 -13.17 9.38
C LYS A 1105 -5.50 -13.98 9.60
N GLU A 1106 -6.57 -13.72 8.84
CA GLU A 1106 -7.78 -14.52 8.99
C GLU A 1106 -7.52 -16.00 8.74
N LEU A 1107 -6.47 -16.33 7.98
CA LEU A 1107 -6.17 -17.73 7.68
C LEU A 1107 -5.68 -18.49 8.90
N CYS A 1108 -5.23 -17.78 9.95
CA CYS A 1108 -4.80 -18.48 11.15
C CYS A 1108 -5.94 -19.29 11.76
N LYS A 1109 -7.16 -18.77 11.70
CA LYS A 1109 -8.30 -19.46 12.29
C LYS A 1109 -8.54 -20.80 11.60
N ILE A 1110 -8.52 -20.81 10.27
CA ILE A 1110 -8.74 -22.06 9.55
C ILE A 1110 -7.55 -23.00 9.76
N GLY A 1111 -6.34 -22.45 9.82
CA GLY A 1111 -5.19 -23.28 10.15
C GLY A 1111 -5.25 -23.82 11.55
N GLU A 1112 -5.67 -22.98 12.51
CA GLU A 1112 -5.83 -23.46 13.88
C GLU A 1112 -6.84 -24.60 13.96
N VAL A 1113 -7.84 -24.58 13.08
CA VAL A 1113 -8.78 -25.69 13.03
C VAL A 1113 -8.05 -26.97 12.63
N ALA A 1114 -7.17 -26.88 11.64
CA ALA A 1114 -6.46 -28.06 11.16
C ALA A 1114 -5.60 -28.67 12.27
N LEU A 1115 -4.85 -27.83 12.98
CA LEU A 1115 -4.00 -28.35 14.05
C LEU A 1115 -4.82 -29.11 15.09
N ALA A 1116 -6.00 -28.59 15.42
CA ALA A 1116 -6.88 -29.30 16.34
C ALA A 1116 -7.36 -30.61 15.72
N VAL A 1117 -7.68 -30.58 14.43
CA VAL A 1117 -8.26 -31.77 13.78
C VAL A 1117 -7.24 -32.90 13.75
N ILE A 1118 -6.01 -32.61 13.32
CA ILE A 1118 -4.98 -33.65 13.29
C ILE A 1118 -4.70 -34.15 14.70
N PHE A 1119 -4.68 -33.24 15.67
CA PHE A 1119 -4.52 -33.65 17.06
C PHE A 1119 -5.69 -34.50 17.51
N ASP A 1120 -6.92 -34.12 17.12
CA ASP A 1120 -8.08 -34.89 17.51
C ASP A 1120 -8.06 -36.29 16.91
N VAL A 1121 -7.76 -36.38 15.61
CA VAL A 1121 -7.67 -37.68 14.97
C VAL A 1121 -6.53 -38.48 15.58
N ALA A 1122 -5.39 -37.83 15.81
CA ALA A 1122 -4.27 -38.53 16.43
C ALA A 1122 -4.63 -39.03 17.81
N SER A 1123 -5.32 -38.22 18.60
CA SER A 1123 -5.73 -38.66 19.93
C SER A 1123 -6.67 -39.84 19.85
N ILE A 1124 -7.65 -39.78 18.93
CA ILE A 1124 -8.61 -40.88 18.82
C ILE A 1124 -7.93 -42.13 18.30
N ILE A 1125 -7.11 -41.99 17.26
CA ILE A 1125 -6.51 -43.16 16.62
C ILE A 1125 -5.48 -43.80 17.54
N LEU A 1126 -4.70 -43.00 18.26
CA LEU A 1126 -3.70 -43.52 19.18
C LEU A 1126 -4.25 -43.77 20.57
N GLY A 1127 -5.50 -43.39 20.83
CA GLY A 1127 -6.17 -43.77 22.07
C GLY A 1127 -5.85 -42.94 23.29
N SER A 1128 -5.10 -41.85 23.14
CA SER A 1128 -4.79 -41.02 24.29
C SER A 1128 -4.13 -39.73 23.83
N LYS A 1129 -4.35 -38.66 24.59
CA LYS A 1129 -3.78 -37.36 24.25
C LYS A 1129 -2.26 -37.40 24.28
N GLU A 1130 -1.68 -37.65 25.46
CA GLU A 1130 -0.23 -37.57 25.59
C GLU A 1130 0.48 -38.55 24.67
N ARG A 1131 -0.17 -39.67 24.34
CA ARG A 1131 0.42 -40.60 23.37
C ARG A 1131 0.46 -39.99 21.98
N ALA A 1132 -0.66 -39.41 21.54
CA ALA A 1132 -0.71 -38.81 20.21
C ALA A 1132 0.30 -37.68 20.08
N CYS A 1133 0.63 -37.01 21.18
CA CYS A 1133 1.59 -35.92 21.13
C CYS A 1133 3.02 -36.44 21.02
N GLN A 1134 3.28 -37.66 21.50
CA GLN A 1134 4.58 -38.28 21.32
C GLN A 1134 4.82 -38.74 19.90
N LEU A 1135 3.82 -38.67 19.03
CA LEU A 1135 3.97 -39.11 17.67
C LEU A 1135 5.06 -38.30 16.96
N PRO A 1136 5.84 -38.92 16.07
CA PRO A 1136 6.88 -38.14 15.37
C PRO A 1136 6.33 -37.00 14.54
N LEU A 1137 5.06 -37.05 14.15
CA LEU A 1137 4.49 -35.98 13.32
C LEU A 1137 4.58 -34.64 14.03
N PHE A 1138 4.25 -34.61 15.32
CA PHE A 1138 4.24 -33.34 16.06
C PHE A 1138 5.65 -32.77 16.21
N SER A 1139 6.69 -33.59 16.14
CA SER A 1139 8.04 -33.05 16.14
C SER A 1139 8.26 -32.13 14.95
N TYR A 1140 7.62 -32.43 13.82
CA TYR A 1140 7.69 -31.54 12.66
C TYR A 1140 6.83 -30.31 12.86
N ILE A 1141 5.63 -30.48 13.46
CA ILE A 1141 4.72 -29.36 13.62
C ILE A 1141 5.36 -28.28 14.49
N VAL A 1142 5.98 -28.68 15.60
CA VAL A 1142 6.67 -27.71 16.45
C VAL A 1142 7.80 -27.05 15.68
N GLU A 1143 8.58 -27.85 14.95
CA GLU A 1143 9.71 -27.29 14.23
C GLU A 1143 9.25 -26.37 13.10
N ARG A 1144 8.32 -26.84 12.27
CA ARG A 1144 7.92 -26.06 11.12
C ARG A 1144 7.21 -24.78 11.53
N LEU A 1145 6.21 -24.88 12.40
CA LEU A 1145 5.48 -23.69 12.82
C LEU A 1145 6.41 -22.72 13.54
N CYS A 1146 7.29 -23.22 14.41
CA CYS A 1146 8.27 -22.35 15.04
C CYS A 1146 9.16 -21.66 14.02
N ALA A 1147 9.40 -22.32 12.87
CA ALA A 1147 10.22 -21.70 11.84
C ALA A 1147 9.60 -20.40 11.35
N CYS A 1148 8.27 -20.28 11.43
CA CYS A 1148 7.63 -19.04 11.01
C CYS A 1148 8.08 -17.85 11.83
N CYS A 1149 8.59 -18.08 13.04
CA CYS A 1149 9.12 -16.99 13.85
C CYS A 1149 10.48 -16.51 13.35
N TYR A 1150 11.10 -17.22 12.41
CA TYR A 1150 12.39 -16.85 11.87
C TYR A 1150 12.30 -16.25 10.48
N GLU A 1151 11.09 -15.98 9.99
CA GLU A 1151 10.93 -15.23 8.75
C GLU A 1151 11.00 -13.74 9.05
N GLN A 1152 11.41 -12.97 8.04
CA GLN A 1152 11.65 -11.55 8.26
C GLN A 1152 10.36 -10.73 8.26
N ALA A 1153 9.33 -11.18 7.54
CA ALA A 1153 8.06 -10.47 7.53
C ALA A 1153 7.38 -10.56 8.90
N TRP A 1154 6.81 -9.44 9.34
CA TRP A 1154 6.15 -9.44 10.64
C TRP A 1154 4.96 -10.39 10.67
N TYR A 1155 4.18 -10.43 9.59
CA TYR A 1155 3.01 -11.32 9.58
C TYR A 1155 3.44 -12.78 9.63
N ALA A 1156 4.52 -13.13 8.95
CA ALA A 1156 5.04 -14.49 9.05
C ALA A 1156 5.44 -14.81 10.48
N LYS A 1157 6.09 -13.86 11.16
CA LYS A 1157 6.43 -14.07 12.56
C LYS A 1157 5.19 -14.21 13.41
N LEU A 1158 4.23 -13.30 13.26
CA LEU A 1158 3.00 -13.38 14.04
C LEU A 1158 2.31 -14.72 13.86
N GLY A 1159 2.36 -15.27 12.64
CA GLY A 1159 1.82 -16.60 12.43
C GLY A 1159 2.49 -17.63 13.32
N GLY A 1160 3.80 -17.49 13.51
CA GLY A 1160 4.50 -18.39 14.41
C GLY A 1160 4.02 -18.25 15.84
N VAL A 1161 3.99 -17.01 16.34
CA VAL A 1161 3.63 -16.78 17.74
C VAL A 1161 2.24 -17.30 18.03
N VAL A 1162 1.29 -17.05 17.12
CA VAL A 1162 -0.06 -17.56 17.29
C VAL A 1162 -0.03 -19.08 17.37
N SER A 1163 0.80 -19.71 16.54
CA SER A 1163 0.91 -21.17 16.58
C SER A 1163 1.44 -21.64 17.93
N ILE A 1164 2.43 -20.92 18.49
CA ILE A 1164 2.93 -21.27 19.81
C ILE A 1164 1.82 -21.20 20.83
N LYS A 1165 1.01 -20.13 20.78
CA LYS A 1165 -0.07 -19.97 21.75
C LYS A 1165 -1.08 -21.10 21.64
N PHE A 1166 -1.47 -21.48 20.42
CA PHE A 1166 -2.47 -22.51 20.26
C PHE A 1166 -1.96 -23.85 20.78
N LEU A 1167 -0.78 -24.27 20.33
CA LEU A 1167 -0.25 -25.56 20.75
C LEU A 1167 -0.09 -25.61 22.27
N MET A 1168 0.38 -24.52 22.86
CA MET A 1168 0.57 -24.49 24.30
C MET A 1168 -0.73 -24.75 25.06
N GLU A 1169 -1.81 -24.11 24.62
CA GLU A 1169 -3.06 -24.13 25.38
C GLU A 1169 -3.95 -25.33 25.06
N ARG A 1170 -3.61 -26.12 24.05
CA ARG A 1170 -4.43 -27.25 23.65
C ARG A 1170 -3.72 -28.59 23.74
N LEU A 1171 -2.51 -28.64 24.28
CA LEU A 1171 -1.71 -29.84 24.31
C LEU A 1171 -1.34 -30.22 25.74
N PRO A 1172 -1.06 -31.49 26.02
CA PRO A 1172 -0.80 -31.90 27.40
C PRO A 1172 0.41 -31.20 27.97
N LEU A 1173 0.38 -30.99 29.30
CA LEU A 1173 1.43 -30.22 29.95
C LEU A 1173 2.80 -30.84 29.72
N THR A 1174 2.91 -32.16 29.89
CA THR A 1174 4.21 -32.80 29.78
C THR A 1174 4.81 -32.60 28.40
N TRP A 1175 4.01 -32.72 27.35
CA TRP A 1175 4.52 -32.50 26.00
C TRP A 1175 5.00 -31.08 25.83
N VAL A 1176 4.26 -30.10 26.35
CA VAL A 1176 4.69 -28.72 26.27
C VAL A 1176 6.05 -28.55 26.93
N LEU A 1177 6.27 -29.29 28.03
CA LEU A 1177 7.58 -29.26 28.67
C LEU A 1177 8.65 -29.79 27.74
N GLN A 1178 8.34 -30.82 26.96
CA GLN A 1178 9.32 -31.38 26.04
C GLN A 1178 9.77 -30.34 25.02
N ASN A 1179 8.83 -29.56 24.49
CA ASN A 1179 9.12 -28.48 23.55
C ASN A 1179 9.15 -27.12 24.23
N GLN A 1180 9.31 -27.10 25.55
CA GLN A 1180 9.26 -25.84 26.28
C GLN A 1180 10.33 -24.87 25.78
N GLN A 1181 11.58 -25.31 25.72
CA GLN A 1181 12.67 -24.40 25.35
C GLN A 1181 12.53 -23.93 23.92
N THR A 1182 12.13 -24.82 23.00
CA THR A 1182 12.03 -24.46 21.59
C THR A 1182 11.14 -23.25 21.41
N PHE A 1183 9.98 -23.24 22.07
CA PHE A 1183 9.10 -22.07 22.01
C PHE A 1183 9.76 -20.86 22.64
N LEU A 1184 10.43 -21.04 23.77
CA LEU A 1184 11.03 -19.91 24.46
C LEU A 1184 12.06 -19.21 23.58
N LYS A 1185 12.93 -19.99 22.94
CA LYS A 1185 13.92 -19.39 22.05
C LYS A 1185 13.26 -18.68 20.88
N ALA A 1186 12.24 -19.30 20.29
CA ALA A 1186 11.58 -18.68 19.14
C ALA A 1186 10.92 -17.37 19.53
N LEU A 1187 10.22 -17.35 20.67
CA LEU A 1187 9.55 -16.14 21.11
C LEU A 1187 10.56 -15.02 21.35
N LEU A 1188 11.67 -15.33 22.01
CA LEU A 1188 12.68 -14.30 22.26
C LEU A 1188 13.24 -13.77 20.96
N PHE A 1189 13.41 -14.63 19.96
CA PHE A 1189 13.93 -14.17 18.67
C PHE A 1189 12.98 -13.18 18.02
N VAL A 1190 11.67 -13.46 18.06
CA VAL A 1190 10.70 -12.56 17.45
C VAL A 1190 10.83 -11.17 18.08
N MET A 1191 10.89 -11.11 19.40
CA MET A 1191 11.07 -9.84 20.08
C MET A 1191 12.41 -9.21 19.75
N MET A 1192 13.47 -10.01 19.75
CA MET A 1192 14.79 -9.50 19.39
C MET A 1192 14.81 -9.01 17.95
N ASP A 1193 14.21 -9.79 17.05
CA ASP A 1193 14.29 -9.48 15.63
C ASP A 1193 13.54 -8.20 15.29
N LEU A 1194 12.45 -7.92 16.00
CA LEU A 1194 11.55 -6.82 15.64
C LEU A 1194 11.85 -5.54 16.41
N THR A 1195 13.11 -5.29 16.78
CA THR A 1195 13.45 -4.04 17.43
C THR A 1195 13.22 -2.85 16.52
N GLY A 1196 13.32 -3.05 15.21
CA GLY A 1196 12.94 -2.01 14.25
C GLY A 1196 11.45 -1.84 14.27
N GLU A 1197 10.85 -1.43 13.15
CA GLU A 1197 9.39 -1.46 13.08
C GLU A 1197 8.91 -2.81 13.56
N VAL A 1198 8.19 -2.82 14.67
CA VAL A 1198 7.95 -4.07 15.38
C VAL A 1198 6.95 -4.89 14.58
N SER A 1199 5.70 -4.40 14.50
CA SER A 1199 4.66 -5.20 13.87
C SER A 1199 3.33 -4.48 13.94
N ASN A 1200 2.30 -5.09 13.33
CA ASN A 1200 0.94 -4.76 13.70
C ASN A 1200 0.60 -5.52 14.98
N GLY A 1201 1.40 -5.34 16.02
CA GLY A 1201 1.19 -6.02 17.29
C GLY A 1201 1.69 -7.46 17.33
N ALA A 1202 3.00 -7.66 17.23
CA ALA A 1202 3.59 -8.98 17.33
C ALA A 1202 4.31 -9.20 18.66
N VAL A 1203 5.27 -8.34 18.99
CA VAL A 1203 5.98 -8.51 20.26
C VAL A 1203 5.00 -8.37 21.42
N ALA A 1204 4.11 -7.39 21.35
CA ALA A 1204 3.06 -7.29 22.37
C ALA A 1204 2.31 -8.60 22.50
N MET A 1205 2.10 -9.29 21.37
CA MET A 1205 1.54 -10.63 21.42
C MET A 1205 2.59 -11.64 21.88
N ALA A 1206 3.84 -11.49 21.45
CA ALA A 1206 4.88 -12.42 21.85
C ALA A 1206 5.11 -12.38 23.36
N LYS A 1207 5.16 -11.18 23.93
CA LYS A 1207 5.40 -11.07 25.37
C LYS A 1207 4.31 -11.77 26.17
N THR A 1208 3.05 -11.58 25.77
CA THR A 1208 1.95 -12.25 26.47
C THR A 1208 2.08 -13.76 26.35
N THR A 1209 2.36 -14.25 25.14
CA THR A 1209 2.50 -15.70 24.95
C THR A 1209 3.68 -16.24 25.75
N LEU A 1210 4.79 -15.52 25.76
CA LEU A 1210 5.93 -15.95 26.56
C LEU A 1210 5.57 -15.99 28.04
N GLU A 1211 4.85 -14.98 28.52
CA GLU A 1211 4.44 -14.97 29.92
C GLU A 1211 3.59 -16.19 30.24
N GLN A 1212 2.61 -16.48 29.38
CA GLN A 1212 1.76 -17.64 29.61
C GLN A 1212 2.56 -18.94 29.53
N LEU A 1213 3.55 -19.00 28.63
CA LEU A 1213 4.33 -20.22 28.48
C LEU A 1213 5.05 -20.58 29.77
N LEU A 1214 5.68 -19.60 30.41
CA LEU A 1214 6.31 -19.87 31.70
C LEU A 1214 5.26 -20.22 32.75
N MET A 1215 4.14 -19.49 32.77
CA MET A 1215 3.08 -19.79 33.73
C MET A 1215 2.50 -21.17 33.51
N ARG A 1216 2.29 -21.56 32.25
CA ARG A 1216 1.73 -22.87 31.96
C ARG A 1216 2.65 -23.99 32.44
N CYS A 1217 3.96 -23.83 32.23
CA CYS A 1217 4.93 -24.87 32.58
C CYS A 1217 5.37 -24.79 34.03
N ALA A 1218 5.69 -23.59 34.52
CA ALA A 1218 6.27 -23.44 35.85
C ALA A 1218 5.25 -23.61 36.97
N THR A 1219 3.96 -23.64 36.66
CA THR A 1219 2.96 -23.75 37.72
C THR A 1219 3.16 -25.05 38.48
N PRO A 1220 3.30 -25.00 39.81
CA PRO A 1220 3.53 -26.23 40.56
C PRO A 1220 2.34 -27.17 40.48
N LEU A 1221 2.63 -28.46 40.53
CA LEU A 1221 1.60 -29.48 40.43
C LEU A 1221 1.07 -29.88 41.82
N ARG A 1226 1.13 -34.56 39.03
CA ARG A 1226 2.01 -34.67 40.19
C ARG A 1226 2.85 -35.94 40.12
N ALA A 1227 2.75 -36.66 39.00
CA ALA A 1227 3.48 -37.91 38.85
C ALA A 1227 4.98 -37.64 38.71
N GLU A 1228 5.77 -38.69 38.96
CA GLU A 1228 7.23 -38.55 38.89
C GLU A 1228 7.67 -38.18 37.49
N GLU A 1229 7.07 -38.79 36.47
CA GLU A 1229 7.43 -38.49 35.09
C GLU A 1229 7.29 -37.00 34.81
N ILE A 1230 6.14 -36.42 35.16
CA ILE A 1230 5.93 -35.00 34.91
C ILE A 1230 6.87 -34.17 35.76
N VAL A 1231 7.06 -34.54 37.03
CA VAL A 1231 7.92 -33.77 37.90
C VAL A 1231 9.34 -33.72 37.34
N ALA A 1232 9.84 -34.85 36.84
CA ALA A 1232 11.17 -34.86 36.24
C ALA A 1232 11.24 -33.93 35.04
N ALA A 1233 10.21 -33.96 34.18
CA ALA A 1233 10.21 -33.10 33.00
C ALA A 1233 10.18 -31.62 33.40
N GLN A 1234 9.32 -31.27 34.37
CA GLN A 1234 9.24 -29.88 34.80
C GLN A 1234 10.56 -29.45 35.45
N GLU A 1235 11.15 -30.31 36.29
CA GLU A 1235 12.42 -29.95 36.90
C GLU A 1235 13.50 -29.77 35.84
N LYS A 1236 13.57 -30.67 34.87
CA LYS A 1236 14.53 -30.52 33.78
C LYS A 1236 14.17 -29.34 32.89
N SER A 1237 12.90 -29.26 32.46
CA SER A 1237 12.50 -28.16 31.59
C SER A 1237 12.67 -26.82 32.27
N PHE A 1238 12.29 -26.73 33.55
CA PHE A 1238 12.50 -25.49 34.30
C PHE A 1238 13.98 -25.16 34.39
N HIS A 1239 14.82 -26.18 34.56
CA HIS A 1239 16.26 -25.95 34.63
C HIS A 1239 16.79 -25.32 33.35
N HIS A 1240 16.35 -25.83 32.20
CA HIS A 1240 16.84 -25.30 30.92
C HIS A 1240 16.36 -23.88 30.69
N VAL A 1241 15.06 -23.63 30.93
CA VAL A 1241 14.51 -22.32 30.62
C VAL A 1241 15.21 -21.23 31.40
N THR A 1242 15.39 -21.45 32.71
CA THR A 1242 16.10 -20.46 33.52
C THR A 1242 17.52 -20.26 33.01
N HIS A 1243 18.14 -21.31 32.47
CA HIS A 1243 19.46 -21.15 31.89
C HIS A 1243 19.45 -20.15 30.75
N ASP A 1244 18.45 -20.25 29.88
CA ASP A 1244 18.35 -19.31 28.76
C ASP A 1244 18.01 -17.91 29.23
N LEU A 1245 17.07 -17.78 30.17
CA LEU A 1245 16.66 -16.47 30.64
C LEU A 1245 17.82 -15.73 31.31
N VAL A 1246 18.53 -16.42 32.20
CA VAL A 1246 19.68 -15.80 32.86
C VAL A 1246 20.71 -15.36 31.84
N ARG A 1247 20.95 -16.21 30.83
CA ARG A 1247 21.90 -15.85 29.78
C ARG A 1247 21.52 -14.55 29.11
N GLU A 1248 20.22 -14.26 28.99
CA GLU A 1248 19.74 -13.11 28.25
C GLU A 1248 19.59 -11.86 29.11
N VAL A 1249 19.98 -11.91 30.38
CA VAL A 1249 19.82 -10.74 31.24
C VAL A 1249 20.67 -9.58 30.74
N THR A 1250 21.91 -9.86 30.34
CA THR A 1250 22.84 -8.83 29.92
C THR A 1250 22.84 -8.60 28.40
N SER A 1251 21.96 -9.26 27.66
CA SER A 1251 22.01 -9.16 26.20
C SER A 1251 21.78 -7.72 25.77
N PRO A 1252 22.45 -7.26 24.71
CA PRO A 1252 22.31 -5.85 24.31
C PRO A 1252 20.89 -5.46 23.94
N ASN A 1253 20.12 -6.37 23.35
CA ASN A 1253 18.79 -6.03 22.88
C ASN A 1253 17.91 -5.63 24.06
N SER A 1254 17.45 -4.37 24.06
CA SER A 1254 16.64 -3.88 25.17
C SER A 1254 15.34 -4.65 25.29
N THR A 1255 14.66 -4.88 24.18
CA THR A 1255 13.34 -5.53 24.23
C THR A 1255 13.43 -6.89 24.89
N VAL A 1256 14.35 -7.74 24.41
CA VAL A 1256 14.48 -9.07 24.98
C VAL A 1256 15.07 -9.01 26.39
N ARG A 1257 16.01 -8.08 26.61
CA ARG A 1257 16.63 -7.99 27.93
C ARG A 1257 15.58 -7.70 29.00
N LYS A 1258 14.75 -6.68 28.79
CA LYS A 1258 13.76 -6.32 29.79
C LYS A 1258 12.80 -7.47 30.05
N GLN A 1259 12.36 -8.16 29.00
CA GLN A 1259 11.45 -9.28 29.19
C GLN A 1259 12.14 -10.44 29.90
N ALA A 1260 13.39 -10.73 29.54
CA ALA A 1260 14.15 -11.72 30.30
C ALA A 1260 14.23 -11.32 31.76
N MET A 1261 14.41 -10.02 32.03
CA MET A 1261 14.35 -9.52 33.40
C MET A 1261 12.98 -9.78 33.99
N HIS A 1262 11.92 -9.50 33.22
CA HIS A 1262 10.56 -9.66 33.69
C HIS A 1262 10.12 -11.13 33.71
N SER A 1263 10.62 -11.94 32.78
CA SER A 1263 10.21 -13.33 32.74
C SER A 1263 10.60 -14.07 34.01
N LEU A 1264 11.74 -13.70 34.61
CA LEU A 1264 12.10 -14.27 35.90
C LEU A 1264 11.12 -13.88 36.98
N GLN A 1265 10.63 -12.63 36.94
CA GLN A 1265 9.72 -12.17 37.98
C GLN A 1265 8.44 -13.00 38.01
N VAL A 1266 7.87 -13.28 36.83
CA VAL A 1266 6.67 -14.11 36.79
C VAL A 1266 6.97 -15.51 37.30
N LEU A 1267 8.16 -16.03 36.96
CA LEU A 1267 8.57 -17.32 37.51
C LEU A 1267 8.71 -17.25 39.02
N ALA A 1268 9.28 -16.15 39.53
CA ALA A 1268 9.41 -15.99 40.97
C ALA A 1268 8.05 -16.00 41.67
N GLN A 1269 7.00 -15.60 40.97
CA GLN A 1269 5.66 -15.61 41.53
C GLN A 1269 4.93 -16.92 41.28
N VAL A 1270 5.12 -17.51 40.10
CA VAL A 1270 4.44 -18.76 39.78
C VAL A 1270 4.83 -19.84 40.78
N THR A 1271 6.11 -19.96 41.07
CA THR A 1271 6.60 -20.81 42.13
C THR A 1271 7.01 -19.96 43.34
N GLY A 1272 7.16 -20.63 44.48
CA GLY A 1272 7.59 -19.94 45.68
C GLY A 1272 9.06 -19.61 45.73
N LYS A 1273 9.84 -20.10 44.78
CA LYS A 1273 11.28 -19.87 44.78
C LYS A 1273 11.58 -18.40 44.56
N SER A 1274 12.55 -17.88 45.30
CA SER A 1274 12.99 -16.51 45.13
C SER A 1274 13.77 -16.38 43.82
N VAL A 1275 13.88 -15.14 43.34
CA VAL A 1275 14.50 -14.90 42.04
C VAL A 1275 15.93 -15.43 42.03
N THR A 1276 16.70 -15.11 43.07
CA THR A 1276 18.08 -15.59 43.12
C THR A 1276 18.14 -17.11 43.23
N VAL A 1277 17.24 -17.70 44.02
CA VAL A 1277 17.17 -19.15 44.07
C VAL A 1277 16.88 -19.71 42.69
N ILE A 1278 16.10 -18.99 41.89
CA ILE A 1278 15.86 -19.40 40.50
C ILE A 1278 17.13 -19.24 39.68
N MET A 1279 17.86 -18.13 39.88
CA MET A 1279 19.06 -17.86 39.11
C MET A 1279 20.31 -18.51 39.69
N GLU A 1280 20.23 -19.06 40.91
CA GLU A 1280 21.43 -19.59 41.56
C GLU A 1280 22.14 -20.65 40.73
N PRO A 1281 21.47 -21.69 40.23
CA PRO A 1281 22.21 -22.76 39.54
C PRO A 1281 22.99 -22.29 38.33
N HIS A 1282 22.49 -21.29 37.61
CA HIS A 1282 23.08 -20.86 36.35
C HIS A 1282 24.01 -19.67 36.52
N LYS A 1283 24.60 -19.50 37.70
CA LYS A 1283 25.61 -18.45 37.87
C LYS A 1283 26.77 -18.64 36.90
N GLU A 1284 27.02 -19.88 36.48
CA GLU A 1284 28.12 -20.14 35.55
C GLU A 1284 28.02 -19.26 34.31
N VAL A 1285 26.81 -18.92 33.91
CA VAL A 1285 26.59 -18.14 32.67
C VAL A 1285 27.04 -16.71 32.94
N LEU A 1286 26.26 -15.95 33.67
CA LEU A 1286 26.52 -14.52 33.93
C LEU A 1286 27.82 -14.34 34.70
N GLN A 1287 28.41 -15.41 35.23
CA GLN A 1287 29.60 -15.29 36.10
C GLN A 1287 30.62 -14.34 35.52
N ASP A 1288 30.83 -14.33 34.21
CA ASP A 1288 31.95 -13.55 33.60
C ASP A 1288 31.51 -12.17 33.12
N MET A 1289 30.47 -11.59 33.69
CA MET A 1289 29.93 -10.30 33.19
C MET A 1289 29.42 -9.44 34.34
N VAL A 1290 28.58 -9.99 35.20
CA VAL A 1290 28.14 -9.25 36.40
C VAL A 1290 29.40 -8.62 36.94
N PRO A 1291 30.50 -9.34 37.15
CA PRO A 1291 31.74 -8.68 37.50
C PRO A 1291 32.31 -8.52 36.09
N PRO A 1292 32.23 -7.36 35.40
CA PRO A 1292 32.62 -7.26 33.98
C PRO A 1292 33.99 -7.77 33.52
N LYS A 1293 34.77 -8.42 34.37
CA LYS A 1293 36.04 -9.06 33.94
C LYS A 1293 36.88 -8.02 33.21
N LYS A 1294 36.84 -6.77 33.66
CA LYS A 1294 37.65 -5.67 33.09
C LYS A 1294 37.80 -5.87 31.59
N HIS A 1295 36.72 -6.28 30.91
CA HIS A 1295 36.74 -6.39 29.43
C HIS A 1295 36.85 -4.95 28.95
N LEU A 1296 38.05 -4.36 28.90
CA LEU A 1296 38.26 -2.93 28.56
C LEU A 1296 36.89 -2.38 28.17
N LEU A 1297 36.32 -1.44 28.94
CA LEU A 1297 34.93 -1.02 28.73
C LEU A 1297 34.84 0.03 27.63
N ARG A 1298 35.50 -0.26 26.52
CA ARG A 1298 35.28 0.46 25.27
C ARG A 1298 35.15 -0.46 24.07
N HIS A 1299 35.63 -1.71 24.17
CA HIS A 1299 35.60 -2.67 23.06
C HIS A 1299 34.21 -3.26 22.83
N GLN A 1300 33.18 -2.74 23.51
CA GLN A 1300 31.81 -3.16 23.27
C GLN A 1300 30.96 -1.94 22.99
N PRO A 1301 29.94 -2.07 22.15
CA PRO A 1301 29.17 -0.89 21.75
C PRO A 1301 28.34 -0.31 22.89
N ALA A 1302 27.63 0.78 22.61
CA ALA A 1302 26.78 1.38 23.64
C ALA A 1302 25.68 0.43 24.08
N ASN A 1303 25.07 -0.28 23.14
CA ASN A 1303 23.96 -1.15 23.48
C ASN A 1303 24.38 -2.23 24.46
N ALA A 1304 25.52 -2.87 24.21
CA ALA A 1304 26.01 -3.90 25.12
C ALA A 1304 26.33 -3.31 26.48
N GLN A 1305 26.93 -2.12 26.51
CA GLN A 1305 27.25 -1.49 27.79
C GLN A 1305 26.00 -1.29 28.63
N ILE A 1306 24.88 -0.96 27.99
CA ILE A 1306 23.61 -0.89 28.72
C ILE A 1306 23.26 -2.25 29.29
N GLY A 1307 23.42 -3.31 28.48
CA GLY A 1307 23.10 -4.65 28.95
C GLY A 1307 23.98 -5.07 30.12
N LEU A 1308 25.29 -4.80 30.02
CA LEU A 1308 26.19 -5.15 31.12
C LEU A 1308 25.82 -4.39 32.39
N MET A 1309 25.52 -3.10 32.25
CA MET A 1309 25.16 -2.30 33.42
C MET A 1309 23.78 -2.68 33.94
N GLU A 1310 22.80 -2.81 33.04
CA GLU A 1310 21.46 -3.18 33.48
C GLU A 1310 21.45 -4.57 34.11
N GLY A 1311 22.15 -5.52 33.49
CA GLY A 1311 22.24 -6.85 34.08
C GLY A 1311 22.88 -6.81 35.46
N ASN A 1312 23.93 -6.02 35.61
CA ASN A 1312 24.55 -5.86 36.92
C ASN A 1312 23.56 -5.27 37.93
N THR A 1313 22.81 -4.25 37.51
CA THR A 1313 21.85 -3.64 38.41
C THR A 1313 20.82 -4.66 38.89
N PHE A 1314 20.22 -5.38 37.95
CA PHE A 1314 19.19 -6.36 38.32
C PHE A 1314 19.78 -7.47 39.18
N CYS A 1315 20.98 -7.94 38.84
CA CYS A 1315 21.59 -9.03 39.60
C CYS A 1315 21.85 -8.61 41.04
N THR A 1316 22.39 -7.41 41.25
CA THR A 1316 22.73 -6.96 42.59
C THR A 1316 21.51 -6.49 43.37
N THR A 1317 20.54 -5.87 42.69
CA THR A 1317 19.42 -5.27 43.39
C THR A 1317 18.56 -6.30 44.13
N LEU A 1318 18.62 -7.57 43.73
CA LEU A 1318 17.84 -8.59 44.39
C LEU A 1318 18.23 -8.68 45.86
N GLN A 1319 17.24 -8.77 46.74
CA GLN A 1319 17.50 -8.69 48.17
C GLN A 1319 18.41 -9.83 48.65
N PRO A 1320 18.48 -10.97 47.95
CA PRO A 1320 19.56 -11.92 48.26
C PRO A 1320 20.89 -11.51 47.65
N ARG A 1321 20.88 -10.66 46.62
CA ARG A 1321 22.06 -9.94 46.15
C ARG A 1321 23.19 -10.90 45.75
N LEU A 1322 22.94 -11.65 44.69
CA LEU A 1322 23.99 -12.48 44.11
C LEU A 1322 25.15 -11.62 43.66
N PHE A 1323 26.36 -12.19 43.72
CA PHE A 1323 27.57 -11.56 43.20
C PHE A 1323 27.82 -10.21 43.89
N THR A 1324 28.10 -10.29 45.19
CA THR A 1324 28.46 -9.11 45.96
C THR A 1324 29.65 -8.41 45.31
N MET A 1325 29.43 -7.19 44.82
CA MET A 1325 30.44 -6.44 44.07
C MET A 1325 31.37 -5.73 45.05
N ASP A 1326 32.30 -6.49 45.60
CA ASP A 1326 33.27 -5.92 46.54
C ASP A 1326 34.26 -5.02 45.82
N LEU A 1327 34.48 -3.82 46.36
CA LEU A 1327 35.43 -2.89 45.76
C LEU A 1327 36.86 -3.42 45.82
N ASN A 1328 37.23 -4.04 46.94
CA ASN A 1328 38.62 -4.46 47.11
C ASN A 1328 39.04 -5.45 46.03
N VAL A 1329 38.17 -6.40 45.70
CA VAL A 1329 38.50 -7.38 44.67
C VAL A 1329 38.76 -6.67 43.36
N VAL A 1330 39.72 -7.18 42.59
CA VAL A 1330 40.06 -6.62 41.30
C VAL A 1330 38.87 -6.78 40.36
N GLU A 1331 38.90 -6.07 39.24
CA GLU A 1331 37.87 -6.08 38.20
C GLU A 1331 36.48 -5.74 38.73
N HIS A 1332 36.38 -5.28 39.99
CA HIS A 1332 35.16 -4.70 40.54
C HIS A 1332 35.34 -3.21 40.79
N LYS A 1333 36.41 -2.83 41.47
CA LYS A 1333 36.76 -1.42 41.57
C LYS A 1333 36.87 -0.80 40.17
N VAL A 1334 37.42 -1.55 39.22
CA VAL A 1334 37.55 -1.05 37.86
C VAL A 1334 36.18 -0.76 37.26
N PHE A 1335 35.27 -1.73 37.35
CA PHE A 1335 33.92 -1.53 36.84
C PHE A 1335 33.21 -0.42 37.60
N TYR A 1336 33.30 -0.45 38.93
CA TYR A 1336 32.64 0.57 39.74
C TYR A 1336 33.22 1.95 39.46
N THR A 1337 34.54 2.05 39.31
CA THR A 1337 35.15 3.32 38.96
C THR A 1337 34.73 3.78 37.56
N GLU A 1338 34.68 2.84 36.60
CA GLU A 1338 34.35 3.22 35.23
C GLU A 1338 32.96 3.83 35.14
N LEU A 1339 31.96 3.14 35.67
CA LEU A 1339 30.61 3.69 35.65
C LEU A 1339 30.55 5.01 36.41
N LEU A 1340 31.36 5.16 37.46
CA LEU A 1340 31.45 6.44 38.15
C LEU A 1340 31.94 7.52 37.20
N ASN A 1341 33.16 7.36 36.69
CA ASN A 1341 33.71 8.35 35.76
C ASN A 1341 32.78 8.59 34.60
N LEU A 1342 32.07 7.55 34.14
CA LEU A 1342 31.09 7.74 33.08
C LEU A 1342 30.00 8.70 33.51
N CYS A 1343 29.49 8.53 34.74
CA CYS A 1343 28.47 9.44 35.25
C CYS A 1343 29.01 10.84 35.45
N GLU A 1344 30.19 10.96 36.07
CA GLU A 1344 30.76 12.27 36.37
C GLU A 1344 31.21 13.02 35.12
N ALA A 1345 31.30 12.36 33.97
CA ALA A 1345 31.73 13.04 32.76
C ALA A 1345 30.78 14.20 32.45
N GLU A 1346 31.28 15.43 32.57
CA GLU A 1346 30.44 16.62 32.39
C GLU A 1346 30.50 17.15 30.96
N ASP A 1347 31.69 17.51 30.50
CA ASP A 1347 31.83 18.15 29.21
C ASP A 1347 31.49 17.18 28.08
N SER A 1348 31.23 17.75 26.90
CA SER A 1348 30.93 16.94 25.74
C SER A 1348 32.09 16.03 25.38
N ALA A 1349 33.31 16.58 25.36
CA ALA A 1349 34.46 15.82 24.88
C ALA A 1349 34.67 14.56 25.71
N LEU A 1350 34.73 14.70 27.04
CA LEU A 1350 34.90 13.54 27.89
C LEU A 1350 33.71 12.59 27.76
N THR A 1351 32.50 13.14 27.74
CA THR A 1351 31.32 12.30 27.55
C THR A 1351 31.29 11.68 26.16
N LYS A 1352 31.84 12.38 25.16
CA LYS A 1352 31.77 11.95 23.77
C LYS A 1352 33.06 11.21 23.42
N LEU A 1353 33.08 9.92 23.75
CA LEU A 1353 34.15 9.01 23.38
C LEU A 1353 33.83 8.34 22.04
N PRO A 1354 34.83 7.75 21.37
CA PRO A 1354 34.56 7.16 20.06
C PRO A 1354 33.42 6.15 20.07
N CYS A 1355 33.30 5.34 21.12
CA CYS A 1355 32.13 4.49 21.26
C CYS A 1355 30.87 5.31 21.44
N TYR A 1356 30.96 6.41 22.18
CA TYR A 1356 29.83 7.27 22.47
C TYR A 1356 29.65 8.39 21.44
N LYS A 1357 30.55 8.51 20.48
CA LYS A 1357 30.44 9.58 19.50
C LYS A 1357 29.22 9.43 18.61
N SER A 1358 28.67 8.22 18.49
CA SER A 1358 27.53 7.96 17.63
C SER A 1358 26.20 7.94 18.38
N LEU A 1359 26.20 8.21 19.68
CA LEU A 1359 24.95 8.19 20.43
C LEU A 1359 24.09 9.39 20.04
N PRO A 1360 22.83 9.18 19.66
CA PRO A 1360 21.97 10.35 19.38
C PRO A 1360 21.81 11.29 20.56
N SER A 1361 21.75 10.74 21.77
CA SER A 1361 21.49 11.55 22.97
C SER A 1361 22.50 11.32 24.08
N LEU A 1362 22.98 10.08 24.26
CA LEU A 1362 23.91 9.73 25.33
C LEU A 1362 23.21 9.67 26.68
N VAL A 1363 21.94 10.06 26.73
CA VAL A 1363 21.18 10.05 27.98
C VAL A 1363 20.99 8.61 28.47
N PRO A 1364 20.55 7.68 27.61
CA PRO A 1364 20.29 6.32 28.12
C PRO A 1364 21.49 5.69 28.80
N LEU A 1365 22.69 5.96 28.30
CA LEU A 1365 23.89 5.46 28.98
C LEU A 1365 24.03 6.07 30.36
N ARG A 1366 23.81 7.38 30.47
CA ARG A 1366 23.92 8.04 31.77
C ARG A 1366 22.87 7.50 32.74
N ILE A 1367 21.64 7.30 32.26
CA ILE A 1367 20.56 6.86 33.13
C ILE A 1367 20.91 5.53 33.79
N ALA A 1368 21.34 4.56 32.98
CA ALA A 1368 21.62 3.23 33.51
C ALA A 1368 22.83 3.24 34.43
N ALA A 1369 23.79 4.15 34.19
CA ALA A 1369 24.96 4.23 35.06
C ALA A 1369 24.53 4.56 36.49
N LEU A 1370 23.59 5.50 36.65
CA LEU A 1370 23.10 5.83 37.97
C LEU A 1370 22.50 4.61 38.66
N ASN A 1371 21.72 3.82 37.92
CA ASN A 1371 21.10 2.64 38.50
C ASN A 1371 22.16 1.66 38.99
N ALA A 1372 23.23 1.47 38.23
CA ALA A 1372 24.35 0.66 38.70
C ALA A 1372 24.97 1.29 39.94
N LEU A 1373 25.13 2.61 39.95
CA LEU A 1373 25.61 3.29 41.14
C LEU A 1373 24.64 3.11 42.31
N ALA A 1374 23.34 3.25 42.03
CA ALA A 1374 22.35 3.14 43.10
C ALA A 1374 22.34 1.76 43.71
N ALA A 1375 22.47 0.72 42.89
CA ALA A 1375 22.46 -0.65 43.39
C ALA A 1375 23.66 -0.94 44.29
N CYS A 1376 24.67 -0.10 44.29
CA CYS A 1376 25.87 -0.27 45.10
C CYS A 1376 25.70 0.24 46.53
N ASN A 1377 24.45 0.36 47.00
CA ASN A 1377 24.21 0.90 48.34
C ASN A 1377 24.84 0.01 49.41
N TYR A 1378 24.74 -1.31 49.24
CA TYR A 1378 25.20 -2.23 50.27
C TYR A 1378 26.68 -2.10 50.60
N LEU A 1379 27.43 -1.29 49.84
CA LEU A 1379 28.83 -1.04 50.16
C LEU A 1379 28.93 0.31 50.87
N PRO A 1380 29.30 0.36 52.15
CA PRO A 1380 29.31 1.65 52.86
C PRO A 1380 30.36 2.61 52.35
N GLN A 1381 31.60 2.12 52.19
CA GLN A 1381 32.69 2.99 51.78
C GLN A 1381 32.37 3.69 50.46
N SER A 1382 31.63 3.04 49.57
CA SER A 1382 31.26 3.67 48.31
C SER A 1382 30.28 4.82 48.52
N ARG A 1383 29.43 4.72 49.55
CA ARG A 1383 28.34 5.68 49.71
C ARG A 1383 28.83 7.11 49.66
N GLU A 1384 30.00 7.37 50.25
CA GLU A 1384 30.51 8.73 50.31
C GLU A 1384 30.61 9.36 48.92
N LYS A 1385 30.84 8.54 47.89
CA LYS A 1385 31.02 9.03 46.53
C LYS A 1385 29.76 8.90 45.67
N ILE A 1386 29.16 7.70 45.62
CA ILE A 1386 27.99 7.50 44.77
C ILE A 1386 26.87 8.45 45.20
N ILE A 1387 26.81 8.78 46.49
CA ILE A 1387 25.82 9.74 46.96
C ILE A 1387 26.03 11.08 46.26
N ALA A 1388 27.29 11.53 46.19
CA ALA A 1388 27.58 12.79 45.53
C ALA A 1388 27.25 12.73 44.05
N ALA A 1389 27.59 11.62 43.39
CA ALA A 1389 27.29 11.49 41.96
C ALA A 1389 25.79 11.50 41.72
N LEU A 1390 25.02 10.81 42.56
CA LEU A 1390 23.58 10.78 42.40
C LEU A 1390 22.99 12.18 42.51
N PHE A 1391 23.44 12.94 43.52
CA PHE A 1391 22.89 14.28 43.73
C PHE A 1391 23.20 15.18 42.54
N LYS A 1392 24.41 15.09 42.00
CA LYS A 1392 24.74 15.87 40.81
C LYS A 1392 23.80 15.54 39.66
N ALA A 1393 23.55 14.26 39.43
CA ALA A 1393 22.55 13.87 38.45
C ALA A 1393 21.16 14.32 38.86
N LEU A 1394 20.86 14.23 40.16
CA LEU A 1394 19.55 14.67 40.64
C LEU A 1394 19.29 16.13 40.24
N ASN A 1395 20.33 16.94 40.21
CA ASN A 1395 20.23 18.34 39.82
C ASN A 1395 20.46 18.56 38.33
N SER A 1396 20.66 17.49 37.56
CA SER A 1396 20.95 17.64 36.14
C SER A 1396 19.86 18.43 35.45
N THR A 1397 20.27 19.40 34.62
CA THR A 1397 19.30 20.22 33.92
C THR A 1397 18.42 19.39 33.00
N ASN A 1398 18.95 18.28 32.48
CA ASN A 1398 18.17 17.42 31.61
C ASN A 1398 16.99 16.83 32.37
N SER A 1399 15.78 17.17 31.95
CA SER A 1399 14.59 16.77 32.70
C SER A 1399 14.47 15.25 32.78
N GLU A 1400 14.68 14.56 31.67
CA GLU A 1400 14.59 13.10 31.69
C GLU A 1400 15.61 12.51 32.64
N LEU A 1401 16.85 13.02 32.62
CA LEU A 1401 17.84 12.57 33.58
C LEU A 1401 17.42 12.94 35.00
N GLN A 1402 16.83 14.12 35.17
CA GLN A 1402 16.36 14.53 36.50
C GLN A 1402 15.34 13.54 37.05
N GLU A 1403 14.41 13.10 36.20
CA GLU A 1403 13.37 12.18 36.66
C GLU A 1403 13.97 10.89 37.18
N ALA A 1404 14.82 10.25 36.38
CA ALA A 1404 15.51 9.04 36.84
C ALA A 1404 16.61 9.37 37.84
N GLY A 1405 17.13 10.59 37.84
CA GLY A 1405 18.14 10.95 38.81
C GLY A 1405 17.64 10.85 40.23
N GLU A 1406 16.45 11.39 40.49
CA GLU A 1406 15.85 11.29 41.82
C GLU A 1406 15.29 9.90 42.08
N ALA A 1407 14.76 9.23 41.04
CA ALA A 1407 14.22 7.90 41.24
C ALA A 1407 15.29 6.93 41.70
N CYS A 1408 16.48 6.98 41.09
CA CYS A 1408 17.57 6.12 41.53
C CYS A 1408 17.96 6.43 42.98
N MET A 1409 18.01 7.72 43.33
CA MET A 1409 18.34 8.09 44.70
C MET A 1409 17.36 7.43 45.68
N ARG A 1410 16.09 7.33 45.29
CA ARG A 1410 15.11 6.64 46.13
C ARG A 1410 15.50 5.19 46.33
N LYS A 1411 15.92 4.51 45.26
CA LYS A 1411 16.36 3.12 45.39
C LYS A 1411 17.56 3.00 46.31
N PHE A 1412 18.51 3.94 46.19
CA PHE A 1412 19.68 3.91 47.06
C PHE A 1412 19.29 4.07 48.52
N LEU A 1413 18.36 4.99 48.81
CA LEU A 1413 17.94 5.21 50.18
C LEU A 1413 17.26 3.98 50.79
N GLU A 1414 16.70 3.10 49.95
CA GLU A 1414 16.08 1.89 50.49
C GLU A 1414 17.10 1.02 51.18
N GLY A 1415 18.30 0.91 50.62
CA GLY A 1415 19.39 0.16 51.20
C GLY A 1415 20.42 0.98 51.95
N ALA A 1416 20.19 2.27 52.13
CA ALA A 1416 21.14 3.15 52.83
C ALA A 1416 20.33 4.25 53.50
N THR A 1417 21.02 5.32 53.90
CA THR A 1417 20.36 6.46 54.52
C THR A 1417 21.14 7.72 54.18
N ILE A 1418 20.48 8.86 54.32
CA ILE A 1418 21.06 10.17 54.03
C ILE A 1418 20.72 11.12 55.17
N GLU A 1419 21.71 11.92 55.57
CA GLU A 1419 21.56 12.87 56.67
C GLU A 1419 21.47 14.29 56.12
N VAL A 1420 21.28 15.24 57.02
CA VAL A 1420 21.11 16.64 56.61
C VAL A 1420 22.42 17.20 56.05
N ASP A 1421 23.55 16.81 56.64
CA ASP A 1421 24.83 17.38 56.23
C ASP A 1421 25.09 17.16 54.74
N GLN A 1422 24.97 15.92 54.28
CA GLN A 1422 25.19 15.65 52.87
C GLN A 1422 24.18 16.37 52.00
N ILE A 1423 22.90 16.40 52.42
CA ILE A 1423 21.90 17.17 51.69
C ILE A 1423 22.29 18.64 51.66
N HIS A 1424 22.62 19.19 52.83
CA HIS A 1424 22.98 20.61 52.90
C HIS A 1424 24.19 20.91 52.02
N THR A 1425 25.22 20.08 52.11
CA THR A 1425 26.43 20.31 51.31
C THR A 1425 26.14 20.11 49.82
N HIS A 1426 25.47 19.01 49.47
CA HIS A 1426 25.23 18.73 48.06
C HIS A 1426 24.22 19.69 47.45
N MET A 1427 23.10 19.92 48.15
CA MET A 1427 22.09 20.84 47.67
C MET A 1427 22.48 22.30 47.87
N ARG A 1428 23.68 22.57 48.38
CA ARG A 1428 24.09 23.96 48.63
C ARG A 1428 23.91 24.86 47.41
N PRO A 1429 24.30 24.45 46.21
CA PRO A 1429 24.05 25.32 45.03
C PRO A 1429 22.58 25.63 44.83
N LEU A 1430 21.69 24.67 45.14
CA LEU A 1430 20.26 24.93 44.97
C LEU A 1430 19.80 26.06 45.87
N LEU A 1431 20.29 26.09 47.11
CA LEU A 1431 19.90 27.16 48.03
C LEU A 1431 20.52 28.51 47.64
N MET A 1432 21.55 28.51 46.79
CA MET A 1432 22.19 29.76 46.43
C MET A 1432 21.28 30.65 45.60
N MET A 1433 20.64 30.07 44.58
CA MET A 1433 19.76 30.84 43.71
C MET A 1433 18.37 31.02 44.27
N LEU A 1434 18.18 30.77 45.57
CA LEU A 1434 16.89 30.98 46.21
C LEU A 1434 16.66 32.44 46.61
N GLY A 1435 17.66 33.30 46.47
CA GLY A 1435 17.48 34.69 46.83
C GLY A 1435 16.56 35.44 45.88
N ASP A 1436 16.75 35.24 44.58
CA ASP A 1436 16.02 35.98 43.56
C ASP A 1436 14.93 35.12 42.95
N TYR A 1437 13.76 35.72 42.74
CA TYR A 1437 12.63 34.97 42.22
C TYR A 1437 12.90 34.45 40.80
N ARG A 1438 13.50 35.29 39.95
CA ARG A 1438 13.66 34.92 38.56
C ARG A 1438 14.66 33.78 38.37
N SER A 1439 15.47 33.47 39.39
CA SER A 1439 16.42 32.38 39.26
C SER A 1439 15.70 31.06 39.05
N LEU A 1440 14.57 30.86 39.71
CA LEU A 1440 13.79 29.65 39.52
C LEU A 1440 13.26 29.60 38.09
N THR A 1441 13.08 28.38 37.59
CA THR A 1441 12.63 28.17 36.22
C THR A 1441 11.83 26.88 36.17
N LEU A 1442 11.55 26.40 34.95
CA LEU A 1442 10.70 25.23 34.79
C LEU A 1442 11.29 24.01 35.47
N ASN A 1443 12.61 23.80 35.30
CA ASN A 1443 13.27 22.64 35.88
C ASN A 1443 13.74 22.87 37.31
N VAL A 1444 14.19 24.08 37.62
CA VAL A 1444 14.70 24.35 38.98
C VAL A 1444 13.60 24.11 40.00
N VAL A 1445 12.39 24.62 39.74
CA VAL A 1445 11.27 24.33 40.61
C VAL A 1445 11.01 22.83 40.64
N ASN A 1446 11.12 22.17 39.48
CA ASN A 1446 10.97 20.73 39.43
C ASN A 1446 12.02 20.05 40.30
N ARG A 1447 13.25 20.55 40.27
CA ARG A 1447 14.28 20.01 41.16
C ARG A 1447 13.91 20.24 42.63
N LEU A 1448 13.40 21.43 42.95
CA LEU A 1448 13.03 21.74 44.32
C LEU A 1448 11.98 20.76 44.84
N THR A 1449 10.90 20.58 44.09
CA THR A 1449 9.88 19.60 44.50
C THR A 1449 10.45 18.20 44.50
N SER A 1450 11.35 17.89 43.57
CA SER A 1450 11.95 16.56 43.53
C SER A 1450 12.74 16.27 44.78
N VAL A 1451 13.55 17.24 45.25
CA VAL A 1451 14.41 16.99 46.40
C VAL A 1451 13.59 16.84 47.68
N THR A 1452 12.56 17.67 47.84
CA THR A 1452 11.78 17.63 49.08
C THR A 1452 10.91 16.38 49.16
N ARG A 1453 10.55 15.81 48.01
CA ARG A 1453 9.70 14.61 48.01
C ARG A 1453 10.37 13.46 48.75
N LEU A 1454 11.69 13.48 48.88
CA LEU A 1454 12.43 12.54 49.71
C LEU A 1454 13.22 13.32 50.73
N PHE A 1455 13.47 12.70 51.89
CA PHE A 1455 13.95 13.37 53.10
C PHE A 1455 13.33 14.76 53.19
N PRO A 1456 12.00 14.85 53.30
CA PRO A 1456 11.35 16.17 53.31
C PRO A 1456 11.77 17.05 54.47
N ASN A 1457 12.19 16.46 55.60
CA ASN A 1457 12.56 17.24 56.76
C ASN A 1457 13.73 18.18 56.50
N SER A 1458 14.37 18.10 55.33
CA SER A 1458 15.48 18.99 55.03
C SER A 1458 15.04 20.45 55.07
N PHE A 1459 13.88 20.76 54.49
CA PHE A 1459 13.40 22.12 54.39
C PHE A 1459 12.39 22.42 55.49
N ASN A 1460 12.24 23.71 55.80
CA ASN A 1460 11.43 24.13 56.94
C ASN A 1460 10.63 25.36 56.53
N ASP A 1461 10.02 26.01 57.52
CA ASP A 1461 9.17 27.16 57.25
C ASP A 1461 9.97 28.31 56.65
N LYS A 1462 11.19 28.53 57.13
CA LYS A 1462 12.00 29.62 56.60
C LYS A 1462 12.13 29.53 55.08
N PHE A 1463 12.33 28.32 54.57
CA PHE A 1463 12.36 28.14 53.11
C PHE A 1463 11.02 28.48 52.49
N CYS A 1464 9.93 28.04 53.12
CA CYS A 1464 8.60 28.28 52.56
C CYS A 1464 8.35 29.76 52.35
N ASP A 1465 8.85 30.60 53.27
CA ASP A 1465 8.64 32.04 53.13
C ASP A 1465 9.29 32.56 51.85
N GLN A 1466 10.50 32.09 51.54
CA GLN A 1466 11.16 32.53 50.31
C GLN A 1466 10.31 32.19 49.09
N MET A 1467 9.87 30.94 48.98
CA MET A 1467 9.02 30.56 47.86
C MET A 1467 7.70 31.34 47.87
N MET A 1468 7.13 31.55 49.05
CA MET A 1468 5.92 32.37 49.14
C MET A 1468 6.14 33.73 48.49
N GLN A 1469 7.25 34.38 48.82
CA GLN A 1469 7.59 35.64 48.15
C GLN A 1469 7.81 35.42 46.66
N HIS A 1470 8.53 34.35 46.31
CA HIS A 1470 8.82 34.11 44.90
C HIS A 1470 7.56 33.83 44.10
N LEU A 1471 6.66 33.04 44.66
CA LEU A 1471 5.42 32.73 43.95
C LEU A 1471 4.64 34.00 43.64
N ARG A 1472 4.51 34.89 44.63
CA ARG A 1472 3.80 36.14 44.40
C ARG A 1472 4.46 36.95 43.30
N LYS A 1473 5.79 37.06 43.33
CA LYS A 1473 6.48 37.79 42.28
C LYS A 1473 6.27 37.14 40.93
N TRP A 1474 6.38 35.82 40.85
CA TRP A 1474 6.07 35.13 39.61
C TRP A 1474 4.61 35.30 39.24
N MET A 1475 3.72 35.25 40.24
CA MET A 1475 2.29 35.37 39.95
C MET A 1475 1.97 36.71 39.33
N GLU A 1476 2.60 37.78 39.83
CA GLU A 1476 2.42 39.09 39.21
C GLU A 1476 2.89 39.08 37.76
N VAL A 1477 3.88 38.24 37.45
CA VAL A 1477 4.43 38.23 36.09
C VAL A 1477 3.42 37.64 35.11
N VAL A 1478 2.77 36.53 35.49
CA VAL A 1478 1.90 35.83 34.54
C VAL A 1478 0.76 36.75 34.10
N VAL A 1479 0.16 37.49 35.04
CA VAL A 1479 -0.84 38.48 34.66
C VAL A 1479 -0.21 39.57 33.80
N ILE A 1480 0.99 40.01 34.18
CA ILE A 1480 1.69 41.01 33.39
C ILE A 1480 1.96 40.47 31.98
N THR A 1481 2.41 39.22 31.89
CA THR A 1481 2.58 38.60 30.59
C THR A 1481 1.25 38.49 29.85
N HIS A 1482 0.18 38.19 30.58
CA HIS A 1482 -1.13 38.07 29.95
C HIS A 1482 -1.55 39.37 29.29
N LYS A 1483 -1.37 40.49 29.98
CA LYS A 1483 -1.74 41.79 29.42
C LYS A 1483 -0.58 42.38 28.61
N GLU A 1509 4.85 28.45 30.32
CA GLU A 1509 5.90 28.44 31.34
C GLU A 1509 5.43 29.12 32.61
N GLU A 1510 4.88 30.32 32.47
CA GLU A 1510 4.43 31.07 33.64
C GLU A 1510 3.38 30.30 34.41
N MET A 1511 2.39 29.75 33.69
CA MET A 1511 1.39 28.91 34.35
C MET A 1511 2.03 27.67 34.95
N LYS A 1512 2.93 27.02 34.20
CA LYS A 1512 3.59 25.84 34.72
C LYS A 1512 4.45 26.18 35.94
N ILE A 1513 5.23 27.27 35.85
CA ILE A 1513 6.13 27.63 36.94
C ILE A 1513 5.33 27.95 38.19
N CYS A 1514 4.32 28.81 38.06
CA CYS A 1514 3.53 29.20 39.22
C CYS A 1514 2.82 28.00 39.83
N SER A 1515 2.25 27.14 38.99
CA SER A 1515 1.58 25.95 39.51
C SER A 1515 2.55 25.03 40.23
N ALA A 1516 3.74 24.85 39.67
CA ALA A 1516 4.71 23.94 40.28
C ALA A 1516 5.14 24.42 41.65
N ILE A 1517 5.49 25.71 41.77
CA ILE A 1517 5.91 26.24 43.05
C ILE A 1517 4.80 26.12 44.08
N ILE A 1518 3.55 26.33 43.65
CA ILE A 1518 2.42 26.13 44.55
C ILE A 1518 2.37 24.68 45.00
N ASN A 1519 2.54 23.75 44.06
CA ASN A 1519 2.61 22.33 44.44
C ASN A 1519 3.76 22.06 45.38
N LEU A 1520 4.80 22.90 45.35
CA LEU A 1520 5.93 22.72 46.27
C LEU A 1520 5.46 22.79 47.71
N PHE A 1521 4.55 23.72 48.02
CA PHE A 1521 4.09 23.87 49.40
C PHE A 1521 3.43 22.60 49.91
N HIS A 1522 2.64 21.93 49.06
CA HIS A 1522 2.03 20.68 49.48
C HIS A 1522 3.07 19.59 49.73
N LEU A 1523 4.06 19.47 48.86
CA LEU A 1523 5.09 18.45 49.08
C LEU A 1523 5.83 18.69 50.39
N ILE A 1524 6.27 19.92 50.62
CA ILE A 1524 7.09 20.25 51.77
C ILE A 1524 6.23 20.22 53.04
N PRO A 1525 6.55 19.39 54.03
CA PRO A 1525 5.82 19.43 55.30
C PRO A 1525 6.34 20.57 56.19
N ALA A 1526 5.79 20.62 57.39
CA ALA A 1526 6.15 21.63 58.39
C ALA A 1526 5.90 23.04 57.89
N ALA A 1527 5.05 23.20 56.89
CA ALA A 1527 4.74 24.52 56.36
C ALA A 1527 3.72 25.22 57.26
N PRO A 1528 3.93 26.49 57.61
CA PRO A 1528 3.00 27.16 58.53
C PRO A 1528 1.59 27.20 57.98
N GLN A 1529 0.63 27.11 58.90
CA GLN A 1529 -0.78 27.28 58.52
C GLN A 1529 -1.05 28.70 58.02
N THR A 1530 -0.35 29.69 58.60
CA THR A 1530 -0.60 31.08 58.24
C THR A 1530 -0.36 31.34 56.75
N LEU A 1531 0.53 30.55 56.13
CA LEU A 1531 0.87 30.80 54.73
C LEU A 1531 -0.29 30.56 53.78
N VAL A 1532 -1.37 29.92 54.24
CA VAL A 1532 -2.53 29.72 53.37
C VAL A 1532 -3.10 31.07 52.93
N LYS A 1533 -3.24 32.00 53.88
CA LYS A 1533 -3.84 33.29 53.56
C LYS A 1533 -3.04 34.05 52.51
N PRO A 1534 -1.72 34.21 52.63
CA PRO A 1534 -0.98 34.91 51.58
C PRO A 1534 -1.15 34.31 50.20
N LEU A 1535 -0.81 33.02 50.03
CA LEU A 1535 -0.87 32.43 48.70
C LEU A 1535 -2.32 32.33 48.20
N LEU A 1536 -3.28 32.16 49.11
CA LEU A 1536 -4.67 32.10 48.70
C LEU A 1536 -5.12 33.42 48.09
N GLU A 1537 -4.69 34.54 48.68
CA GLU A 1537 -5.10 35.85 48.19
C GLU A 1537 -4.53 36.11 46.80
N VAL A 1538 -3.22 35.89 46.62
CA VAL A 1538 -2.60 36.13 45.33
C VAL A 1538 -3.23 35.25 44.25
N VAL A 1539 -3.45 33.97 44.58
CA VAL A 1539 -4.15 33.09 43.65
C VAL A 1539 -5.52 33.67 43.31
N MET A 1540 -6.26 34.10 44.34
CA MET A 1540 -7.54 34.76 44.11
C MET A 1540 -7.34 36.08 43.38
N LYS A 1541 -6.32 36.85 43.77
CA LYS A 1541 -6.08 38.14 43.13
C LYS A 1541 -5.78 37.97 41.65
N THR A 1542 -4.94 36.99 41.32
CA THR A 1542 -4.57 36.79 39.92
C THR A 1542 -5.70 36.16 39.12
N GLU A 1543 -6.40 35.19 39.71
CA GLU A 1543 -7.49 34.54 39.01
C GLU A 1543 -8.51 35.56 38.52
N ARG A 1544 -8.93 36.46 39.42
CA ARG A 1544 -9.81 37.55 39.00
C ARG A 1544 -9.11 38.45 37.98
N ALA A 1545 -7.83 38.75 38.20
CA ALA A 1545 -7.10 39.59 37.26
C ALA A 1545 -7.01 38.93 35.89
N MET A 1546 -6.73 37.63 35.85
CA MET A 1546 -6.66 36.91 34.58
C MET A 1546 -8.03 36.53 34.04
N LEU A 1547 -9.08 36.64 34.87
CA LEU A 1547 -10.44 36.35 34.43
C LEU A 1547 -10.58 34.92 33.93
N ILE A 1548 -10.08 33.97 34.73
CA ILE A 1548 -10.26 32.55 34.47
C ILE A 1548 -10.61 31.86 35.79
N GLU A 1549 -11.57 30.95 35.75
CA GLU A 1549 -11.99 30.23 36.94
C GLU A 1549 -11.99 28.73 36.69
N ALA A 1550 -12.26 28.32 35.45
CA ALA A 1550 -12.29 26.92 35.08
C ALA A 1550 -10.99 26.56 34.37
N GLY A 1551 -10.39 25.44 34.76
CA GLY A 1551 -9.15 25.02 34.19
C GLY A 1551 -7.94 25.80 34.65
N SER A 1552 -8.10 26.71 35.60
CA SER A 1552 -6.96 27.44 36.11
C SER A 1552 -5.99 26.45 36.77
N PRO A 1553 -4.71 26.46 36.39
CA PRO A 1553 -3.80 25.42 36.89
C PRO A 1553 -3.59 25.47 38.39
N PHE A 1554 -3.94 26.58 39.05
CA PHE A 1554 -3.62 26.75 40.46
C PHE A 1554 -4.56 25.98 41.38
N ARG A 1555 -5.73 25.54 40.89
CA ARG A 1555 -6.67 24.84 41.74
C ARG A 1555 -6.07 23.54 42.28
N GLU A 1556 -5.75 22.60 41.38
CA GLU A 1556 -5.35 21.27 41.82
C GLU A 1556 -4.15 21.29 42.75
N PRO A 1557 -3.03 21.91 42.41
CA PRO A 1557 -1.91 21.95 43.37
C PRO A 1557 -2.26 22.67 44.66
N LEU A 1558 -3.16 23.66 44.60
CA LEU A 1558 -3.50 24.42 45.79
C LEU A 1558 -4.30 23.57 46.77
N ILE A 1559 -5.33 22.88 46.30
CA ILE A 1559 -6.19 22.12 47.20
C ILE A 1559 -5.40 21.04 47.91
N LYS A 1560 -4.46 20.41 47.21
CA LYS A 1560 -3.65 19.38 47.85
C LYS A 1560 -2.98 19.90 49.11
N PHE A 1561 -2.56 21.17 49.11
CA PHE A 1561 -2.03 21.76 50.33
C PHE A 1561 -3.13 21.99 51.35
N LEU A 1562 -4.30 22.47 50.90
CA LEU A 1562 -5.38 22.76 51.83
C LEU A 1562 -5.91 21.50 52.49
N THR A 1563 -6.12 20.43 51.71
CA THR A 1563 -6.65 19.20 52.29
C THR A 1563 -5.79 18.69 53.43
N ARG A 1564 -4.48 18.95 53.37
CA ARG A 1564 -3.60 18.57 54.48
C ARG A 1564 -3.81 19.47 55.70
N HIS A 1565 -4.34 20.68 55.52
CA HIS A 1565 -4.57 21.63 56.59
C HIS A 1565 -5.98 22.19 56.47
N PRO A 1566 -7.01 21.37 56.70
CA PRO A 1566 -8.38 21.82 56.49
C PRO A 1566 -8.97 22.63 57.64
N SER A 1567 -8.46 22.47 58.85
CA SER A 1567 -9.04 23.18 59.99
C SER A 1567 -8.95 24.68 59.83
N GLN A 1568 -7.78 25.18 59.40
CA GLN A 1568 -7.60 26.62 59.27
C GLN A 1568 -8.31 27.17 58.03
N THR A 1569 -8.22 26.47 56.90
CA THR A 1569 -8.76 27.02 55.66
C THR A 1569 -10.27 27.21 55.74
N VAL A 1570 -10.97 26.25 56.34
CA VAL A 1570 -12.42 26.40 56.50
C VAL A 1570 -12.70 27.63 57.37
N GLU A 1571 -11.94 27.81 58.45
CA GLU A 1571 -12.11 28.97 59.30
C GLU A 1571 -11.88 30.26 58.52
N LEU A 1572 -10.77 30.35 57.79
CA LEU A 1572 -10.48 31.56 57.02
C LEU A 1572 -11.58 31.84 56.00
N PHE A 1573 -12.20 30.79 55.45
CA PHE A 1573 -13.31 30.98 54.52
C PHE A 1573 -14.62 31.26 55.23
N MET A 1574 -14.69 31.02 56.55
CA MET A 1574 -15.93 31.16 57.30
C MET A 1574 -15.99 32.49 58.06
N MET A 1575 -15.00 33.37 57.87
CA MET A 1575 -15.12 34.72 58.39
C MET A 1575 -16.26 35.45 57.68
N GLU A 1576 -17.05 36.20 58.44
CA GLU A 1576 -18.29 36.76 57.91
C GLU A 1576 -18.00 37.68 56.73
N ALA A 1577 -16.99 38.53 56.84
CA ALA A 1577 -16.69 39.46 55.75
C ALA A 1577 -16.34 38.71 54.47
N THR A 1578 -15.54 37.65 54.58
CA THR A 1578 -15.16 36.89 53.39
C THR A 1578 -16.37 36.29 52.71
N LEU A 1579 -17.31 35.76 53.49
CA LEU A 1579 -18.51 35.16 52.92
C LEU A 1579 -19.32 36.20 52.13
N ASN A 1580 -19.45 37.41 52.69
CA ASN A 1580 -20.29 38.42 52.06
C ASN A 1580 -19.83 38.71 50.64
N ASP A 1581 -18.54 38.53 50.35
CA ASP A 1581 -18.04 38.74 49.00
C ASP A 1581 -18.42 37.56 48.13
N PRO A 1582 -19.25 37.75 47.11
CA PRO A 1582 -19.57 36.62 46.22
C PRO A 1582 -18.35 36.07 45.50
N GLN A 1583 -17.39 36.91 45.16
CA GLN A 1583 -16.18 36.42 44.50
C GLN A 1583 -15.42 35.46 45.40
N TRP A 1584 -15.28 35.80 46.68
CA TRP A 1584 -14.64 34.90 47.63
C TRP A 1584 -15.51 33.69 47.91
N SER A 1585 -16.83 33.89 47.97
CA SER A 1585 -17.73 32.77 48.27
C SER A 1585 -17.67 31.70 47.19
N ARG A 1586 -17.60 32.12 45.92
CA ARG A 1586 -17.55 31.14 44.84
C ARG A 1586 -16.32 30.25 44.96
N MET A 1587 -15.17 30.83 45.29
CA MET A 1587 -13.95 30.05 45.41
C MET A 1587 -14.10 28.96 46.46
N PHE A 1588 -14.72 29.29 47.60
CA PHE A 1588 -14.84 28.33 48.68
C PHE A 1588 -15.59 27.08 48.24
N MET A 1589 -16.71 27.27 47.54
CA MET A 1589 -17.51 26.12 47.12
C MET A 1589 -16.76 25.28 46.09
N SER A 1590 -16.03 25.92 45.18
CA SER A 1590 -15.32 25.19 44.14
C SER A 1590 -14.42 24.11 44.74
N PHE A 1591 -13.63 24.48 45.74
CA PHE A 1591 -12.77 23.50 46.40
C PHE A 1591 -13.59 22.40 47.05
N LEU A 1592 -14.70 22.76 47.71
CA LEU A 1592 -15.52 21.75 48.35
C LEU A 1592 -16.10 20.76 47.34
N LYS A 1593 -16.11 21.10 46.06
CA LYS A 1593 -16.56 20.16 45.04
C LYS A 1593 -15.49 19.10 44.72
N HIS A 1594 -14.22 19.44 44.86
CA HIS A 1594 -13.15 18.58 44.40
C HIS A 1594 -13.09 17.29 45.22
N LYS A 1595 -12.50 16.26 44.61
CA LYS A 1595 -12.40 14.96 45.27
C LYS A 1595 -11.53 15.05 46.52
N ASP A 1596 -10.42 15.79 46.44
CA ASP A 1596 -9.51 15.89 47.57
C ASP A 1596 -10.11 16.65 48.74
N ALA A 1597 -11.26 17.30 48.56
CA ALA A 1597 -11.92 17.98 49.66
C ALA A 1597 -12.54 17.02 50.66
N ARG A 1598 -12.56 15.72 50.35
CA ARG A 1598 -13.18 14.76 51.26
C ARG A 1598 -12.68 14.88 52.68
N PRO A 1599 -11.37 14.90 52.96
CA PRO A 1599 -10.93 15.31 54.31
C PRO A 1599 -11.38 16.71 54.68
N LEU A 1600 -11.38 17.65 53.71
CA LEU A 1600 -11.79 19.01 54.01
C LEU A 1600 -13.26 19.08 54.40
N ARG A 1601 -14.12 18.35 53.68
CA ARG A 1601 -15.54 18.36 53.97
C ARG A 1601 -15.85 17.68 55.30
N ASP A 1602 -14.96 16.80 55.78
CA ASP A 1602 -15.20 16.15 57.06
C ASP A 1602 -15.30 17.18 58.19
N VAL A 1603 -14.46 18.20 58.16
CA VAL A 1603 -14.51 19.23 59.18
C VAL A 1603 -15.87 19.91 59.19
N LEU A 1604 -16.37 20.26 58.00
CA LEU A 1604 -17.67 20.92 57.92
C LEU A 1604 -18.78 20.02 58.43
N ALA A 1605 -18.74 18.74 58.10
CA ALA A 1605 -19.72 17.79 58.61
C ALA A 1605 -19.60 17.61 60.12
N ALA A 1606 -18.46 17.94 60.70
CA ALA A 1606 -18.24 17.75 62.13
C ALA A 1606 -18.93 18.79 62.99
N ASN A 1607 -19.35 19.92 62.42
CA ASN A 1607 -19.97 21.01 63.16
C ASN A 1607 -21.28 21.41 62.48
N PRO A 1608 -22.31 20.58 62.60
CA PRO A 1608 -23.63 20.99 62.08
C PRO A 1608 -24.15 22.26 62.72
N ASN A 1609 -23.78 22.53 63.98
CA ASN A 1609 -24.21 23.75 64.64
C ASN A 1609 -23.76 24.98 63.87
N ARG A 1610 -22.61 24.91 63.19
CA ARG A 1610 -22.13 26.06 62.43
C ARG A 1610 -23.12 26.45 61.35
N PHE A 1611 -23.66 25.47 60.63
CA PHE A 1611 -24.61 25.77 59.55
C PHE A 1611 -25.86 26.45 60.09
N ILE A 1612 -26.33 26.02 61.25
CA ILE A 1612 -27.57 26.56 61.81
C ILE A 1612 -27.45 28.06 62.03
N THR A 1613 -26.26 28.54 62.37
CA THR A 1613 -26.09 29.97 62.63
C THR A 1613 -26.40 30.79 61.38
N LEU A 1614 -25.90 30.35 60.22
CA LEU A 1614 -26.18 31.07 58.98
C LEU A 1614 -27.59 30.82 58.48
N LEU A 1615 -28.15 29.65 58.77
CA LEU A 1615 -29.46 29.30 58.22
C LEU A 1615 -30.56 30.18 58.80
N LEU A 1616 -30.74 30.13 60.11
CA LEU A 1616 -31.81 30.87 60.77
C LEU A 1616 -31.49 32.36 60.80
N ARG A 1635 -29.15 36.76 56.35
CA ARG A 1635 -30.26 36.91 55.41
C ARG A 1635 -30.14 35.90 54.27
N LEU A 1636 -30.88 36.14 53.19
CA LEU A 1636 -30.89 35.22 52.06
C LEU A 1636 -29.48 34.95 51.54
N ASP A 1637 -28.71 36.02 51.30
CA ASP A 1637 -27.38 35.85 50.73
C ASP A 1637 -26.50 35.00 51.64
N LEU A 1638 -26.48 35.33 52.94
CA LEU A 1638 -25.79 34.47 53.90
C LEU A 1638 -26.43 33.10 53.96
N GLN A 1639 -27.76 33.05 53.96
CA GLN A 1639 -28.46 31.77 54.01
C GLN A 1639 -28.16 30.92 52.78
N PHE A 1640 -28.12 31.55 51.60
CA PHE A 1640 -27.96 30.79 50.37
C PHE A 1640 -26.67 29.99 50.38
N GLN A 1641 -25.56 30.58 50.84
CA GLN A 1641 -24.32 29.84 50.95
C GLN A 1641 -24.48 28.65 51.88
N ALA A 1642 -25.18 28.85 53.00
CA ALA A 1642 -25.38 27.76 53.96
C ALA A 1642 -26.06 26.57 53.30
N ILE A 1643 -27.00 26.83 52.38
CA ILE A 1643 -27.64 25.74 51.67
C ILE A 1643 -26.65 25.02 50.77
N LYS A 1644 -25.82 25.78 50.05
CA LYS A 1644 -24.88 25.16 49.11
C LYS A 1644 -23.87 24.28 49.85
N ILE A 1645 -23.34 24.77 50.97
CA ILE A 1645 -22.39 23.97 51.74
C ILE A 1645 -23.06 22.71 52.28
N ILE A 1646 -24.34 22.83 52.67
CA ILE A 1646 -25.08 21.68 53.17
C ILE A 1646 -25.28 20.65 52.08
N SER A 1647 -25.72 21.10 50.90
CA SER A 1647 -26.00 20.16 49.81
C SER A 1647 -24.73 19.49 49.31
N ILE A 1648 -23.65 20.27 49.18
CA ILE A 1648 -22.44 19.73 48.54
C ILE A 1648 -21.88 18.58 49.35
N ILE A 1649 -21.84 18.72 50.67
CA ILE A 1649 -21.31 17.64 51.51
C ILE A 1649 -22.16 16.39 51.37
N VAL A 1650 -23.49 16.55 51.36
CA VAL A 1650 -24.36 15.40 51.21
C VAL A 1650 -24.22 14.78 49.82
N LYS A 1651 -23.98 15.61 48.81
CA LYS A 1651 -23.87 15.11 47.44
C LYS A 1651 -22.88 13.95 47.37
N ASN A 1652 -21.75 14.05 48.08
CA ASN A 1652 -20.77 12.98 48.11
C ASN A 1652 -21.02 12.01 49.25
N ASP A 1653 -21.34 12.51 50.44
CA ASP A 1653 -21.59 11.69 51.61
C ASP A 1653 -23.09 11.66 51.87
N ASP A 1654 -23.77 10.69 51.23
CA ASP A 1654 -25.20 10.55 51.43
C ASP A 1654 -25.53 10.14 52.86
N SER A 1655 -24.66 9.35 53.49
CA SER A 1655 -24.93 8.87 54.85
C SER A 1655 -25.06 10.03 55.82
N TRP A 1656 -24.19 11.03 55.71
CA TRP A 1656 -24.27 12.18 56.59
C TRP A 1656 -25.59 12.90 56.40
N LEU A 1657 -26.11 13.45 57.49
CA LEU A 1657 -27.44 14.04 57.65
C LEU A 1657 -28.51 12.97 57.81
N ALA A 1658 -28.19 11.68 57.66
CA ALA A 1658 -29.18 10.64 57.87
C ALA A 1658 -29.55 10.51 59.34
N SER A 1659 -28.74 11.05 60.24
CA SER A 1659 -29.06 10.99 61.67
C SER A 1659 -30.34 11.76 61.96
N GLN A 1660 -31.13 11.25 62.90
CA GLN A 1660 -32.34 11.94 63.35
C GLN A 1660 -31.90 13.06 64.29
N HIS A 1661 -31.54 14.20 63.69
CA HIS A 1661 -30.99 15.32 64.43
C HIS A 1661 -31.67 16.61 63.98
N SER A 1662 -31.61 17.61 64.84
CA SER A 1662 -32.39 18.84 64.65
C SER A 1662 -31.96 19.62 63.44
N LEU A 1663 -30.80 19.32 62.85
CA LEU A 1663 -30.33 20.07 61.68
C LEU A 1663 -31.39 20.07 60.58
N VAL A 1664 -32.00 18.92 60.33
CA VAL A 1664 -33.09 18.85 59.36
C VAL A 1664 -34.25 19.74 59.79
N SER A 1665 -34.51 19.79 61.09
CA SER A 1665 -35.60 20.63 61.58
C SER A 1665 -35.35 22.10 61.26
N GLN A 1666 -34.11 22.57 61.44
CA GLN A 1666 -33.80 23.96 61.12
C GLN A 1666 -34.02 24.25 59.65
N LEU A 1667 -33.57 23.35 58.77
CA LEU A 1667 -33.88 23.48 57.35
C LEU A 1667 -35.39 23.40 57.13
N ARG A 1668 -36.06 22.47 57.81
CA ARG A 1668 -37.50 22.33 57.67
C ARG A 1668 -38.21 23.61 58.09
N ARG A 1669 -37.80 24.19 59.23
CA ARG A 1669 -38.48 25.38 59.73
C ARG A 1669 -38.40 26.53 58.74
N VAL A 1670 -37.19 26.84 58.27
CA VAL A 1670 -37.04 27.90 57.27
C VAL A 1670 -37.59 27.44 55.93
N TRP A 1671 -37.57 26.15 55.65
CA TRP A 1671 -38.02 25.65 54.35
C TRP A 1671 -39.46 26.08 54.07
N VAL A 1672 -40.37 25.79 55.00
CA VAL A 1672 -41.77 26.15 54.79
C VAL A 1672 -41.95 27.66 54.79
N SER A 1673 -41.22 28.37 55.64
CA SER A 1673 -41.46 29.79 55.84
C SER A 1673 -41.09 30.61 54.60
N GLU A 1674 -39.93 30.33 54.01
CA GLU A 1674 -39.31 31.23 53.04
C GLU A 1674 -39.59 30.83 51.60
N ASN A 1675 -40.78 30.30 51.31
CA ASN A 1675 -41.16 30.07 49.92
C ASN A 1675 -41.49 31.36 49.19
N PHE A 1676 -41.83 32.42 49.92
CA PHE A 1676 -42.21 33.68 49.29
C PHE A 1676 -41.01 34.48 48.81
N GLN A 1677 -39.80 34.16 49.26
CA GLN A 1677 -38.64 34.94 48.87
C GLN A 1677 -38.33 34.77 47.39
N GLU A 1678 -38.67 33.62 46.81
CA GLU A 1678 -38.37 33.35 45.41
C GLU A 1678 -39.37 33.96 44.45
N ARG A 1679 -40.44 34.59 44.95
CA ARG A 1679 -41.44 35.20 44.08
C ARG A 1679 -40.79 36.23 43.16
N ASN A 1689 -31.00 31.95 47.36
CA ASN A 1689 -30.95 32.89 46.24
C ASN A 1689 -31.75 32.34 45.06
N TRP A 1690 -31.39 32.79 43.85
CA TRP A 1690 -32.18 32.42 42.67
C TRP A 1690 -32.26 30.91 42.48
N LYS A 1691 -31.18 30.19 42.79
CA LYS A 1691 -31.12 28.75 42.59
C LYS A 1691 -31.41 27.96 43.86
N GLU A 1692 -31.83 28.63 44.94
CA GLU A 1692 -32.01 27.95 46.22
C GLU A 1692 -33.03 26.82 46.15
N PRO A 1693 -34.24 27.00 45.60
CA PRO A 1693 -35.27 25.94 45.70
C PRO A 1693 -34.75 24.56 45.35
N LYS A 1694 -34.19 24.40 44.14
CA LYS A 1694 -33.63 23.09 43.78
C LYS A 1694 -32.51 22.69 44.73
N LEU A 1695 -31.69 23.67 45.14
CA LEU A 1695 -30.60 23.39 46.05
C LEU A 1695 -31.12 22.92 47.41
N LEU A 1696 -32.10 23.62 47.96
CA LEU A 1696 -32.63 23.26 49.27
C LEU A 1696 -33.32 21.90 49.23
N ALA A 1697 -34.08 21.63 48.17
CA ALA A 1697 -34.81 20.36 48.09
C ALA A 1697 -33.85 19.17 48.07
N TYR A 1698 -32.61 19.38 47.61
CA TYR A 1698 -31.66 18.28 47.52
C TYR A 1698 -31.38 17.70 48.91
N CYS A 1699 -31.20 18.56 49.91
CA CYS A 1699 -30.84 18.09 51.24
C CYS A 1699 -31.93 17.20 51.82
N LEU A 1700 -33.18 17.69 51.83
CA LEU A 1700 -34.25 16.94 52.48
C LEU A 1700 -34.59 15.66 51.73
N LEU A 1701 -34.54 15.70 50.39
CA LEU A 1701 -34.89 14.51 49.62
C LEU A 1701 -33.96 13.35 49.95
N ASN A 1702 -32.66 13.62 50.07
CA ASN A 1702 -31.72 12.58 50.48
C ASN A 1702 -32.06 12.06 51.87
N TYR A 1703 -32.43 12.96 52.79
CA TYR A 1703 -32.82 12.52 54.12
C TYR A 1703 -34.03 11.61 54.06
N CYS A 1704 -35.04 11.97 53.27
CA CYS A 1704 -36.20 11.10 53.12
C CYS A 1704 -35.82 9.77 52.48
N LYS A 1705 -34.87 9.80 51.53
CA LYS A 1705 -34.43 8.57 50.90
C LYS A 1705 -33.80 7.63 51.92
N ARG A 1706 -32.95 8.15 52.78
CA ARG A 1706 -32.30 7.30 53.79
C ARG A 1706 -33.31 6.77 54.79
N ASN A 1707 -34.25 7.60 55.23
CA ASN A 1707 -35.27 7.21 56.19
C ASN A 1707 -36.58 7.85 55.81
N TYR A 1708 -37.67 7.09 55.94
CA TYR A 1708 -39.00 7.59 55.59
C TYR A 1708 -39.37 8.72 56.54
N GLY A 1709 -39.41 9.95 56.03
CA GLY A 1709 -39.68 11.11 56.83
C GLY A 1709 -41.15 11.37 57.13
N ASP A 1710 -42.05 10.56 56.58
CA ASP A 1710 -43.49 10.69 56.82
C ASP A 1710 -43.91 12.15 56.81
N ILE A 1711 -44.20 12.71 58.00
CA ILE A 1711 -44.61 14.11 58.08
C ILE A 1711 -43.51 15.01 57.52
N GLU A 1712 -42.25 14.63 57.68
CA GLU A 1712 -41.17 15.40 57.08
C GLU A 1712 -41.27 15.39 55.56
N LEU A 1713 -41.56 14.21 54.99
CA LEU A 1713 -41.78 14.13 53.54
C LEU A 1713 -42.99 14.94 53.11
N LEU A 1714 -43.98 15.08 53.99
CA LEU A 1714 -45.15 15.87 53.66
C LEU A 1714 -44.79 17.33 53.41
N PHE A 1715 -43.89 17.89 54.22
CA PHE A 1715 -43.60 19.32 54.14
C PHE A 1715 -42.87 19.66 52.84
N GLN A 1716 -41.89 18.85 52.43
CA GLN A 1716 -41.17 19.16 51.20
C GLN A 1716 -42.11 19.14 50.00
N LEU A 1717 -43.02 18.18 49.96
CA LEU A 1717 -44.04 18.18 48.91
C LEU A 1717 -44.97 19.37 49.03
N LEU A 1718 -45.32 19.75 50.26
CA LEU A 1718 -46.20 20.89 50.48
C LEU A 1718 -45.68 22.13 49.74
N ARG A 1719 -44.41 22.44 49.92
CA ARG A 1719 -43.79 23.60 49.30
C ARG A 1719 -43.24 23.30 47.91
N ALA A 1720 -43.35 22.05 47.44
CA ALA A 1720 -42.71 21.67 46.18
C ALA A 1720 -43.22 22.50 45.01
N PHE A 1721 -44.45 22.98 45.07
CA PHE A 1721 -45.10 23.66 43.95
C PHE A 1721 -45.76 24.95 44.41
N THR A 1722 -45.03 25.75 45.17
CA THR A 1722 -45.48 27.06 45.63
C THR A 1722 -44.38 28.08 45.37
N GLY A 1723 -44.68 29.34 45.67
CA GLY A 1723 -43.66 30.39 45.63
C GLY A 1723 -43.10 30.67 44.25
N ARG A 1724 -43.75 30.15 43.20
CA ARG A 1724 -43.35 30.42 41.83
C ARG A 1724 -41.99 29.79 41.49
N PHE A 1725 -41.75 28.58 41.99
CA PHE A 1725 -40.49 27.91 41.72
C PHE A 1725 -40.45 27.39 40.28
N LEU A 1726 -39.24 27.15 39.79
CA LEU A 1726 -39.06 26.72 38.41
C LEU A 1726 -38.01 25.64 38.22
N CYS A 1727 -37.39 25.12 39.29
CA CYS A 1727 -36.30 24.15 39.18
C CYS A 1727 -36.59 22.96 40.09
N ASN A 1728 -37.41 22.02 39.59
CA ASN A 1728 -37.52 20.71 40.22
C ASN A 1728 -37.71 19.61 39.18
N MET A 1729 -37.39 19.89 37.92
CA MET A 1729 -37.70 18.98 36.81
C MET A 1729 -37.26 17.55 37.11
N THR A 1730 -38.24 16.65 37.17
CA THR A 1730 -37.99 15.21 37.28
C THR A 1730 -36.98 14.89 38.37
N PHE A 1731 -36.87 15.76 39.37
CA PHE A 1731 -35.96 15.55 40.50
C PHE A 1731 -36.69 15.02 41.73
N LEU A 1732 -37.87 15.54 42.03
CA LEU A 1732 -38.67 15.01 43.12
C LEU A 1732 -39.28 13.67 42.76
N LYS A 1733 -39.65 13.48 41.49
CA LYS A 1733 -40.37 12.29 41.09
C LYS A 1733 -39.61 11.02 41.38
N GLU A 1734 -38.28 11.08 41.51
CA GLU A 1734 -37.49 9.87 41.65
C GLU A 1734 -37.89 9.09 42.90
N TYR A 1735 -38.12 9.79 44.02
CA TYR A 1735 -38.50 9.09 45.23
C TYR A 1735 -39.84 8.38 45.07
N MET A 1736 -40.78 9.01 44.37
CA MET A 1736 -42.06 8.35 44.10
C MET A 1736 -41.85 7.03 43.38
N GLU A 1737 -41.07 7.06 42.30
CA GLU A 1737 -40.72 5.80 41.63
C GLU A 1737 -39.90 4.91 42.55
N GLU A 1738 -38.93 5.48 43.26
CA GLU A 1738 -38.12 4.70 44.19
C GLU A 1738 -38.90 4.32 45.45
N GLU A 1739 -40.01 5.00 45.72
CA GLU A 1739 -40.78 4.70 46.94
C GLU A 1739 -41.32 3.27 46.90
N ILE A 1740 -41.63 2.75 45.71
CA ILE A 1740 -42.24 1.43 45.57
C ILE A 1740 -41.18 0.37 45.87
N PRO A 1741 -40.05 0.35 45.16
CA PRO A 1741 -39.02 -0.63 45.55
C PRO A 1741 -38.52 -0.43 46.98
N GLN A 1748 -46.34 -2.87 50.08
CA GLN A 1748 -46.78 -3.05 51.45
C GLN A 1748 -46.59 -1.77 52.27
N LYS A 1749 -45.62 -0.94 51.84
CA LYS A 1749 -45.30 0.26 52.60
C LYS A 1749 -46.46 1.25 52.60
N ARG A 1750 -47.31 1.22 51.57
CA ARG A 1750 -48.38 2.20 51.46
C ARG A 1750 -49.31 2.15 52.67
N ALA A 1751 -49.67 0.94 53.10
CA ALA A 1751 -50.59 0.81 54.24
C ALA A 1751 -50.00 1.46 55.48
N LEU A 1752 -48.73 1.16 55.78
CA LEU A 1752 -48.06 1.82 56.90
C LEU A 1752 -47.89 3.31 56.62
N PHE A 1753 -47.57 3.66 55.38
CA PHE A 1753 -47.35 5.06 55.03
C PHE A 1753 -48.65 5.85 55.06
N PHE A 1754 -49.79 5.19 54.77
CA PHE A 1754 -51.06 5.90 54.68
C PHE A 1754 -51.57 6.36 56.04
N ARG A 1755 -51.24 5.64 57.11
CA ARG A 1755 -51.87 5.90 58.40
C ARG A 1755 -51.64 7.33 58.86
N PHE A 1756 -50.38 7.78 58.89
CA PHE A 1756 -50.11 9.15 59.28
C PHE A 1756 -50.56 10.15 58.23
N VAL A 1757 -50.72 9.72 56.98
CA VAL A 1757 -51.26 10.61 55.95
C VAL A 1757 -52.67 11.02 56.31
N ASP A 1758 -53.48 10.07 56.78
CA ASP A 1758 -54.84 10.41 57.20
C ASP A 1758 -54.82 11.43 58.32
N PHE A 1759 -53.94 11.25 59.31
CA PHE A 1759 -53.71 12.28 60.31
C PHE A 1759 -53.41 13.61 59.64
N ASN A 1760 -52.30 13.66 58.89
CA ASN A 1760 -51.94 14.77 58.03
C ASN A 1760 -51.46 16.00 58.80
N ASP A 1761 -51.65 16.01 60.13
CA ASP A 1761 -51.14 17.03 61.04
C ASP A 1761 -51.06 18.39 60.36
N PRO A 1762 -52.10 18.82 59.64
CA PRO A 1762 -51.92 20.00 58.78
C PRO A 1762 -51.66 21.30 59.54
N ASN A 1763 -52.65 21.69 60.36
CA ASN A 1763 -52.62 22.90 61.17
C ASN A 1763 -52.66 24.17 60.34
N PHE A 1764 -52.35 24.07 59.04
CA PHE A 1764 -52.60 25.17 58.11
C PHE A 1764 -52.92 24.66 56.70
N GLY A 1765 -53.03 23.36 56.48
CA GLY A 1765 -52.99 22.80 55.14
C GLY A 1765 -54.19 23.22 54.30
N ASP A 1766 -54.05 22.97 53.00
CA ASP A 1766 -55.06 23.30 52.02
C ASP A 1766 -55.19 22.14 51.04
N GLU A 1767 -56.06 22.33 50.04
CA GLU A 1767 -56.29 21.28 49.05
C GLU A 1767 -55.03 21.00 48.24
N LEU A 1768 -54.28 22.04 47.88
CA LEU A 1768 -53.07 21.85 47.09
C LEU A 1768 -52.14 20.83 47.76
N LYS A 1769 -51.92 21.00 49.06
CA LYS A 1769 -51.04 20.07 49.78
C LYS A 1769 -51.56 18.64 49.67
N ALA A 1770 -52.83 18.42 49.96
CA ALA A 1770 -53.41 17.09 49.84
C ALA A 1770 -53.41 16.62 48.39
N LYS A 1771 -53.69 17.53 47.45
CA LYS A 1771 -53.72 17.16 46.05
C LYS A 1771 -52.40 16.54 45.62
N VAL A 1772 -51.29 17.22 45.90
CA VAL A 1772 -49.99 16.67 45.54
C VAL A 1772 -49.67 15.45 46.40
N LEU A 1773 -50.16 15.43 47.64
CA LEU A 1773 -49.89 14.29 48.50
C LEU A 1773 -50.48 13.01 47.93
N GLN A 1774 -51.69 13.09 47.39
CA GLN A 1774 -52.29 11.91 46.76
C GLN A 1774 -51.64 11.58 45.44
N HIS A 1775 -50.98 12.56 44.80
CA HIS A 1775 -50.29 12.28 43.55
C HIS A 1775 -49.15 11.26 43.78
N ILE A 1776 -48.40 11.43 44.87
CA ILE A 1776 -47.34 10.46 45.17
C ILE A 1776 -47.94 9.14 45.63
N LEU A 1777 -49.12 9.16 46.25
CA LEU A 1777 -49.75 7.92 46.68
C LEU A 1777 -50.11 7.04 45.48
N ASN A 1778 -50.59 7.66 44.40
CA ASN A 1778 -51.10 6.89 43.27
C ASN A 1778 -50.06 5.88 42.76
N PRO A 1779 -48.81 6.26 42.52
CA PRO A 1779 -47.80 5.21 42.25
C PRO A 1779 -47.70 4.18 43.36
N ALA A 1780 -47.78 4.61 44.62
CA ALA A 1780 -47.67 3.68 45.74
C ALA A 1780 -48.82 2.68 45.73
N PHE A 1781 -50.04 3.15 45.52
CA PHE A 1781 -51.18 2.26 45.44
C PHE A 1781 -51.22 1.49 44.13
N LEU A 1782 -50.49 1.94 43.12
CA LEU A 1782 -50.30 1.14 41.92
C LEU A 1782 -49.32 0.00 42.13
N TYR A 1783 -48.64 -0.03 43.28
CA TYR A 1783 -47.70 -1.11 43.56
C TYR A 1783 -48.39 -2.47 43.50
N SER A 1784 -49.60 -2.57 44.05
CA SER A 1784 -50.37 -3.80 44.00
C SER A 1784 -51.76 -3.55 43.47
N ASN A 1803 -51.10 -5.69 48.75
CA ASN A 1803 -52.53 -5.67 49.08
C ASN A 1803 -52.82 -6.47 50.34
N PRO A 1804 -52.15 -6.12 51.45
CA PRO A 1804 -52.36 -6.86 52.69
C PRO A 1804 -53.73 -6.63 53.30
N GLU A 1805 -53.99 -7.23 54.46
CA GLU A 1805 -55.27 -7.06 55.12
C GLU A 1805 -55.51 -5.63 55.58
N SER A 1806 -54.48 -4.78 55.60
CA SER A 1806 -54.66 -3.39 55.98
C SER A 1806 -55.63 -2.66 55.06
N ILE A 1807 -55.83 -3.17 53.83
CA ILE A 1807 -56.76 -2.53 52.90
C ILE A 1807 -58.17 -2.52 53.48
N THR A 1808 -58.51 -3.53 54.28
CA THR A 1808 -59.85 -3.58 54.88
C THR A 1808 -60.11 -2.35 55.75
N SER A 1809 -59.19 -2.07 56.68
CA SER A 1809 -59.35 -0.91 57.55
C SER A 1809 -59.20 0.39 56.76
N VAL A 1810 -58.47 0.36 55.65
CA VAL A 1810 -58.31 1.56 54.83
C VAL A 1810 -59.64 2.00 54.26
N PHE A 1811 -60.47 1.05 53.81
CA PHE A 1811 -61.76 1.40 53.23
C PHE A 1811 -62.63 2.12 54.26
N ILE A 1812 -62.68 1.60 55.49
CA ILE A 1812 -63.48 2.22 56.53
C ILE A 1812 -62.95 3.61 56.86
N THR A 1813 -61.62 3.74 56.95
CA THR A 1813 -61.03 5.04 57.26
C THR A 1813 -61.32 6.06 56.16
N LYS A 1814 -61.21 5.64 54.90
CA LYS A 1814 -61.38 6.57 53.79
C LYS A 1814 -62.79 7.14 53.76
N VAL A 1815 -63.80 6.30 53.97
CA VAL A 1815 -65.19 6.74 53.83
C VAL A 1815 -65.66 7.62 54.98
N LEU A 1816 -64.81 7.87 55.98
CA LEU A 1816 -65.16 8.73 57.10
C LEU A 1816 -64.59 10.14 56.95
N ASP A 1817 -63.99 10.45 55.80
CA ASP A 1817 -63.36 11.73 55.54
C ASP A 1817 -64.32 12.86 55.19
N PRO A 1818 -65.40 12.61 54.45
CA PRO A 1818 -66.05 13.72 53.72
C PRO A 1818 -66.50 14.87 54.62
N GLU A 1819 -66.95 14.58 55.83
CA GLU A 1819 -67.46 15.62 56.75
C GLU A 1819 -68.65 16.36 56.13
N LYS A 1820 -69.38 15.69 55.25
CA LYS A 1820 -70.59 16.25 54.66
C LYS A 1820 -70.30 17.47 53.80
N GLN A 1821 -70.00 18.60 54.44
CA GLN A 1821 -69.81 19.86 53.72
C GLN A 1821 -68.36 19.97 53.24
N ALA A 1822 -68.20 20.20 51.94
CA ALA A 1822 -66.89 20.33 51.31
C ALA A 1822 -66.78 21.72 50.71
N ASP A 1823 -65.79 22.49 51.16
CA ASP A 1823 -65.52 23.81 50.62
C ASP A 1823 -64.48 23.79 49.51
N MET A 1824 -63.99 22.61 49.13
CA MET A 1824 -63.03 22.50 48.04
C MET A 1824 -63.74 22.52 46.71
N LEU A 1825 -63.45 23.54 45.90
CA LEU A 1825 -64.00 23.68 44.56
C LEU A 1825 -62.90 23.56 43.51
N ASP A 1826 -62.01 22.58 43.70
CA ASP A 1826 -60.83 22.42 42.85
C ASP A 1826 -60.65 20.95 42.48
N SER A 1827 -59.49 20.61 41.91
CA SER A 1827 -59.24 19.25 41.46
C SER A 1827 -59.10 18.26 42.61
N LEU A 1828 -59.03 18.74 43.85
CA LEU A 1828 -58.91 17.83 44.99
C LEU A 1828 -60.00 16.77 44.93
N ARG A 1829 -61.25 17.19 44.71
CA ARG A 1829 -62.33 16.22 44.55
C ARG A 1829 -62.07 15.33 43.34
N ILE A 1830 -61.57 15.91 42.25
CA ILE A 1830 -61.30 15.12 41.05
C ILE A 1830 -60.26 14.04 41.35
N TYR A 1831 -59.18 14.43 42.03
CA TYR A 1831 -58.15 13.44 42.38
C TYR A 1831 -58.65 12.51 43.47
N LEU A 1832 -59.25 13.05 44.52
CA LEU A 1832 -59.69 12.21 45.63
C LEU A 1832 -60.76 11.22 45.19
N LEU A 1833 -61.76 11.70 44.44
CA LEU A 1833 -62.87 10.83 44.06
C LEU A 1833 -62.39 9.68 43.17
N GLN A 1834 -61.59 9.99 42.15
CA GLN A 1834 -61.08 8.94 41.28
C GLN A 1834 -60.14 8.02 42.03
N TYR A 1835 -59.34 8.56 42.94
CA TYR A 1835 -58.39 7.73 43.69
C TYR A 1835 -59.11 6.66 44.49
N ALA A 1836 -60.22 7.01 45.14
CA ALA A 1836 -60.96 6.02 45.91
C ALA A 1836 -61.46 4.89 45.03
N THR A 1837 -61.91 5.21 43.81
CA THR A 1837 -62.46 4.19 42.93
C THR A 1837 -61.41 3.16 42.55
N LEU A 1838 -60.19 3.61 42.22
CA LEU A 1838 -59.17 2.69 41.75
C LEU A 1838 -58.65 1.80 42.87
N LEU A 1839 -58.48 2.36 44.07
CA LEU A 1839 -57.86 1.60 45.15
C LEU A 1839 -58.71 0.40 45.56
N VAL A 1840 -60.02 0.58 45.66
CA VAL A 1840 -60.87 -0.51 46.15
C VAL A 1840 -60.83 -1.69 45.18
N GLU A 1841 -60.91 -1.41 43.88
CA GLU A 1841 -60.86 -2.49 42.89
C GLU A 1841 -59.46 -3.03 42.69
N HIS A 1842 -58.43 -2.18 42.81
CA HIS A 1842 -57.06 -2.64 42.68
C HIS A 1842 -56.57 -3.35 43.93
N ALA A 1843 -57.06 -2.94 45.10
CA ALA A 1843 -56.62 -3.53 46.36
C ALA A 1843 -56.75 -5.05 46.33
N LYS A 1857 -70.41 -1.10 54.15
CA LYS A 1857 -69.31 -0.14 54.18
C LYS A 1857 -69.27 0.66 52.88
N LEU A 1858 -69.40 -0.03 51.74
CA LEU A 1858 -69.38 0.66 50.46
C LEU A 1858 -70.59 1.55 50.27
N ARG A 1859 -71.65 1.38 51.06
CA ARG A 1859 -72.78 2.29 50.98
C ARG A 1859 -72.37 3.70 51.40
N ARG A 1860 -71.55 3.81 52.44
CA ARG A 1860 -71.04 5.11 52.86
C ARG A 1860 -70.20 5.76 51.76
N LEU A 1861 -69.51 4.95 50.95
CA LEU A 1861 -68.70 5.49 49.87
C LEU A 1861 -69.56 6.25 48.87
N MET A 1862 -70.74 5.72 48.55
CA MET A 1862 -71.59 6.32 47.53
C MET A 1862 -72.03 7.74 47.93
N THR A 1863 -71.90 8.10 49.21
CA THR A 1863 -72.22 9.47 49.63
C THR A 1863 -71.34 10.48 48.90
N PHE A 1864 -70.16 10.06 48.45
CA PHE A 1864 -69.27 10.98 47.74
C PHE A 1864 -69.91 11.47 46.45
N ALA A 1865 -70.55 10.58 45.70
CA ALA A 1865 -71.14 10.95 44.42
C ALA A 1865 -72.51 11.59 44.56
N TRP A 1866 -73.14 11.52 45.73
CA TRP A 1866 -74.42 12.18 45.94
C TRP A 1866 -74.39 13.65 45.57
N PRO A 1867 -73.40 14.46 45.99
CA PRO A 1867 -73.34 15.84 45.51
C PRO A 1867 -73.28 15.95 44.00
N CYS A 1868 -72.57 15.04 43.34
CA CYS A 1868 -72.51 15.03 41.88
C CYS A 1868 -73.66 14.27 41.26
N LEU A 1869 -74.45 13.55 42.06
CA LEU A 1869 -75.73 13.05 41.58
C LEU A 1869 -76.78 14.15 41.52
N LEU A 1870 -76.63 15.18 42.35
CA LEU A 1870 -77.55 16.32 42.35
C LEU A 1870 -77.11 17.34 41.29
N SER A 1871 -77.85 18.44 41.21
CA SER A 1871 -77.58 19.48 40.22
C SER A 1871 -76.69 20.58 40.80
N LYS A 1872 -77.14 21.24 41.86
CA LYS A 1872 -76.36 22.34 42.44
C LYS A 1872 -75.07 21.84 43.06
N ALA A 1873 -75.13 20.75 43.82
CA ALA A 1873 -73.92 20.18 44.41
C ALA A 1873 -73.01 19.66 43.29
N CYS A 1874 -71.72 19.59 43.59
CA CYS A 1874 -70.71 19.30 42.58
C CYS A 1874 -70.70 20.41 41.52
N VAL A 1875 -70.42 21.63 42.01
CA VAL A 1875 -70.64 22.83 41.20
C VAL A 1875 -69.77 22.81 39.96
N ASP A 1876 -68.46 22.70 40.15
CA ASP A 1876 -67.54 22.77 39.02
C ASP A 1876 -67.83 21.62 38.05
N PRO A 1877 -68.11 21.91 36.77
CA PRO A 1877 -68.31 20.81 35.82
C PRO A 1877 -67.12 19.88 35.73
N ALA A 1878 -65.90 20.40 35.85
CA ALA A 1878 -64.71 19.57 35.75
C ALA A 1878 -64.79 18.38 36.70
N CYS A 1879 -65.17 18.64 37.96
CA CYS A 1879 -65.37 17.56 38.91
C CYS A 1879 -66.67 16.81 38.65
N LYS A 1880 -67.66 17.47 38.04
CA LYS A 1880 -68.91 16.78 37.72
C LYS A 1880 -68.66 15.67 36.70
N TYR A 1881 -67.83 15.92 35.69
CA TYR A 1881 -67.46 14.84 34.79
C TYR A 1881 -66.68 13.76 35.53
N SER A 1882 -65.76 14.17 36.42
CA SER A 1882 -65.05 13.21 37.25
C SER A 1882 -66.02 12.49 38.18
N GLY A 1883 -67.01 13.20 38.70
CA GLY A 1883 -68.03 12.54 39.50
C GLY A 1883 -68.72 11.42 38.74
N HIS A 1884 -69.09 11.68 37.48
CA HIS A 1884 -69.61 10.62 36.63
C HIS A 1884 -68.55 9.55 36.39
N LEU A 1885 -67.30 9.97 36.19
CA LEU A 1885 -66.22 9.00 36.03
C LEU A 1885 -66.16 8.05 37.20
N LEU A 1886 -66.40 8.56 38.42
CA LEU A 1886 -66.45 7.69 39.59
C LEU A 1886 -67.57 6.68 39.47
N LEU A 1887 -68.73 7.11 38.98
CA LEU A 1887 -69.86 6.20 38.84
C LEU A 1887 -69.53 5.05 37.89
N ALA A 1888 -68.79 5.32 36.83
CA ALA A 1888 -68.39 4.26 35.91
C ALA A 1888 -67.51 3.24 36.62
N HIS A 1889 -66.57 3.71 37.44
CA HIS A 1889 -65.65 2.79 38.12
C HIS A 1889 -66.37 1.97 39.18
N ILE A 1890 -67.17 2.64 40.03
CA ILE A 1890 -67.80 1.93 41.13
C ILE A 1890 -68.78 0.88 40.61
N ILE A 1891 -69.36 1.11 39.43
CA ILE A 1891 -70.30 0.14 38.85
C ILE A 1891 -69.44 -0.83 38.04
N ALA A 1892 -68.82 -1.76 38.75
CA ALA A 1892 -68.05 -2.83 38.10
C ALA A 1892 -68.36 -4.21 38.64
N LYS A 1893 -68.54 -4.35 39.96
CA LYS A 1893 -68.66 -5.66 40.60
C LYS A 1893 -70.09 -6.01 40.94
N PHE A 1894 -70.73 -5.22 41.81
CA PHE A 1894 -72.09 -5.51 42.26
C PHE A 1894 -72.96 -4.28 42.42
N ALA A 1895 -72.47 -3.09 42.07
CA ALA A 1895 -73.22 -1.85 42.21
C ALA A 1895 -74.00 -1.48 40.95
N ILE A 1896 -74.41 -2.47 40.17
CA ILE A 1896 -75.11 -2.23 38.91
C ILE A 1896 -76.61 -2.30 39.18
N HIS A 1897 -77.29 -1.16 39.05
CA HIS A 1897 -78.73 -1.08 39.19
C HIS A 1897 -79.30 -0.22 38.07
N LYS A 1898 -80.49 -0.60 37.59
CA LYS A 1898 -81.07 0.09 36.45
C LYS A 1898 -81.34 1.56 36.75
N LYS A 1899 -81.83 1.85 37.96
CA LYS A 1899 -82.17 3.23 38.29
C LYS A 1899 -80.97 4.15 38.15
N ILE A 1900 -79.81 3.72 38.65
CA ILE A 1900 -78.60 4.52 38.52
C ILE A 1900 -77.90 4.33 37.18
N VAL A 1901 -78.12 3.21 36.51
CA VAL A 1901 -77.46 2.96 35.22
C VAL A 1901 -77.87 4.02 34.21
N LEU A 1902 -79.18 4.32 34.14
CA LEU A 1902 -79.64 5.35 33.22
C LEU A 1902 -79.09 6.72 33.61
N GLN A 1903 -78.95 6.98 34.90
CA GLN A 1903 -78.51 8.30 35.35
C GLN A 1903 -77.12 8.64 34.82
N VAL A 1904 -76.19 7.68 34.92
CA VAL A 1904 -74.82 7.95 34.52
C VAL A 1904 -74.70 8.01 32.99
N PHE A 1905 -75.46 7.18 32.28
CA PHE A 1905 -75.26 7.05 30.84
C PHE A 1905 -75.47 8.38 30.13
N HIS A 1906 -76.61 9.03 30.35
CA HIS A 1906 -76.86 10.30 29.68
C HIS A 1906 -75.95 11.40 30.22
N SER A 1907 -75.54 11.30 31.48
CA SER A 1907 -74.67 12.32 32.05
C SER A 1907 -73.37 12.46 31.25
N LEU A 1908 -72.87 11.35 30.69
CA LEU A 1908 -71.69 11.42 29.86
C LEU A 1908 -71.96 12.20 28.57
N LEU A 1909 -73.06 11.86 27.89
CA LEU A 1909 -73.39 12.55 26.65
C LEU A 1909 -74.01 13.92 26.90
N LYS A 1910 -74.74 14.09 28.00
CA LYS A 1910 -75.31 15.39 28.33
C LYS A 1910 -74.20 16.38 28.63
N ALA A 1911 -74.38 17.62 28.20
CA ALA A 1911 -73.41 18.69 28.39
C ALA A 1911 -72.07 18.33 27.74
N HIS A 1912 -72.12 18.15 26.42
CA HIS A 1912 -70.93 17.80 25.66
C HIS A 1912 -69.98 18.99 25.58
N ALA A 1913 -68.70 18.74 25.82
CA ALA A 1913 -67.69 19.78 25.74
C ALA A 1913 -66.33 19.13 25.52
N MET A 1914 -65.41 19.93 24.96
CA MET A 1914 -64.05 19.42 24.71
C MET A 1914 -63.36 19.04 26.02
N GLU A 1915 -63.46 19.90 27.04
CA GLU A 1915 -62.92 19.54 28.35
C GLU A 1915 -63.68 18.35 28.93
N ALA A 1916 -65.00 18.32 28.77
CA ALA A 1916 -65.77 17.15 29.15
C ALA A 1916 -65.40 15.94 28.31
N ARG A 1917 -65.09 16.16 27.03
CA ARG A 1917 -64.75 15.05 26.14
C ARG A 1917 -63.63 14.21 26.73
N ALA A 1918 -62.62 14.84 27.31
CA ALA A 1918 -61.50 14.09 27.89
C ALA A 1918 -61.97 13.21 29.04
N ILE A 1919 -62.74 13.76 29.97
CA ILE A 1919 -63.19 12.99 31.12
C ILE A 1919 -64.23 11.96 30.71
N VAL A 1920 -65.21 12.37 29.91
CA VAL A 1920 -66.27 11.45 29.52
C VAL A 1920 -65.72 10.35 28.63
N ARG A 1921 -64.75 10.67 27.77
CA ARG A 1921 -64.10 9.64 26.97
C ARG A 1921 -63.40 8.63 27.87
N GLN A 1922 -62.70 9.11 28.90
CA GLN A 1922 -62.09 8.21 29.88
C GLN A 1922 -63.17 7.47 30.65
N ALA A 1923 -64.19 8.17 31.12
CA ALA A 1923 -65.28 7.52 31.86
C ALA A 1923 -66.04 6.55 30.98
N MET A 1924 -66.30 6.92 29.72
CA MET A 1924 -67.03 6.05 28.82
C MET A 1924 -66.31 4.73 28.64
N ALA A 1925 -64.98 4.75 28.62
CA ALA A 1925 -64.21 3.52 28.42
C ALA A 1925 -64.49 2.52 29.51
N ILE A 1926 -64.55 2.97 30.77
CA ILE A 1926 -64.89 2.08 31.87
C ILE A 1926 -66.37 1.69 31.81
N LEU A 1927 -67.23 2.65 31.45
CA LEU A 1927 -68.66 2.38 31.40
C LEU A 1927 -69.02 1.46 30.24
N THR A 1928 -68.32 1.60 29.10
CA THR A 1928 -68.71 0.88 27.90
C THR A 1928 -68.81 -0.62 28.10
N PRO A 1929 -67.86 -1.29 28.76
CA PRO A 1929 -68.02 -2.74 29.01
C PRO A 1929 -68.95 -3.08 30.15
N ALA A 1930 -69.39 -2.10 30.95
CA ALA A 1930 -70.20 -2.37 32.13
C ALA A 1930 -71.70 -2.25 31.85
N VAL A 1931 -72.16 -1.06 31.47
CA VAL A 1931 -73.58 -0.80 31.31
C VAL A 1931 -74.10 -1.31 29.97
N PRO A 1932 -73.48 -0.95 28.85
CA PRO A 1932 -74.05 -1.35 27.54
C PRO A 1932 -74.36 -2.82 27.43
N ALA A 1933 -73.59 -3.69 28.10
CA ALA A 1933 -73.94 -5.10 28.13
C ALA A 1933 -75.33 -5.29 28.74
N ARG A 1934 -75.61 -4.59 29.84
CA ARG A 1934 -76.96 -4.59 30.40
C ARG A 1934 -77.96 -3.97 29.44
N MET A 1935 -77.58 -2.86 28.79
CA MET A 1935 -78.47 -2.25 27.80
C MET A 1935 -78.66 -3.16 26.60
N GLU A 1936 -77.60 -3.87 26.19
CA GLU A 1936 -77.73 -4.79 25.07
C GLU A 1936 -78.76 -5.87 25.37
N ASP A 1937 -78.71 -6.44 26.57
CA ASP A 1937 -79.71 -7.40 27.02
C ASP A 1937 -80.92 -6.72 27.64
N GLY A 1938 -80.87 -5.42 27.87
CA GLY A 1938 -81.98 -4.70 28.48
C GLY A 1938 -82.96 -4.16 27.48
N HIS A 1939 -83.18 -2.85 27.50
CA HIS A 1939 -84.17 -2.20 26.65
C HIS A 1939 -83.54 -1.35 25.55
N GLN A 1940 -82.23 -1.46 25.33
CA GLN A 1940 -81.53 -0.67 24.33
C GLN A 1940 -81.83 0.82 24.52
N MET A 1941 -81.76 1.26 25.77
CA MET A 1941 -82.14 2.62 26.11
C MET A 1941 -81.25 3.67 25.45
N LEU A 1942 -80.07 3.27 24.96
CA LEU A 1942 -79.17 4.23 24.34
C LEU A 1942 -79.84 4.98 23.19
N THR A 1943 -80.75 4.31 22.47
CA THR A 1943 -81.41 4.96 21.35
C THR A 1943 -82.32 6.09 21.81
N HIS A 1944 -82.95 5.96 22.97
CA HIS A 1944 -83.89 6.97 23.43
C HIS A 1944 -83.22 8.35 23.51
N TRP A 1945 -82.06 8.42 24.17
CA TRP A 1945 -81.32 9.68 24.23
C TRP A 1945 -80.87 10.11 22.84
N THR A 1946 -80.42 9.16 22.03
CA THR A 1946 -80.09 9.48 20.65
C THR A 1946 -81.31 10.00 19.90
N ARG A 1947 -82.49 9.44 20.21
CA ARG A 1947 -83.73 9.96 19.62
C ARG A 1947 -84.00 11.37 20.09
N LYS A 1948 -83.76 11.67 21.36
CA LYS A 1948 -84.09 12.97 21.91
C LYS A 1948 -83.31 14.09 21.22
N ILE A 1949 -82.01 13.89 21.03
CA ILE A 1949 -81.18 14.96 20.49
C ILE A 1949 -81.55 15.25 19.04
N ILE A 1950 -81.77 14.22 18.24
CA ILE A 1950 -82.10 14.44 16.83
C ILE A 1950 -83.48 15.09 16.70
N VAL A 1951 -84.42 14.70 17.56
CA VAL A 1951 -85.75 15.31 17.51
C VAL A 1951 -85.67 16.79 17.79
N GLU A 1952 -84.78 17.19 18.71
CA GLU A 1952 -84.62 18.60 19.01
C GLU A 1952 -84.15 19.38 17.79
N GLU A 1953 -83.19 18.82 17.05
CA GLU A 1953 -82.67 19.47 15.85
C GLU A 1953 -82.58 18.48 14.70
N LEU A 1960 -71.95 16.73 17.79
CA LEU A 1960 -73.16 16.78 18.59
C LEU A 1960 -73.60 15.38 19.00
N VAL A 1961 -73.55 14.45 18.04
CA VAL A 1961 -73.94 13.07 18.28
C VAL A 1961 -72.79 12.10 18.01
N HIS A 1962 -71.63 12.59 17.56
CA HIS A 1962 -70.51 11.70 17.31
C HIS A 1962 -70.15 10.89 18.56
N ILE A 1963 -70.38 11.45 19.74
CA ILE A 1963 -70.06 10.73 20.97
C ILE A 1963 -70.87 9.44 21.06
N LEU A 1964 -72.17 9.52 20.77
CA LEU A 1964 -72.99 8.32 20.76
C LEU A 1964 -72.53 7.34 19.68
N HIS A 1965 -72.14 7.86 18.51
CA HIS A 1965 -71.68 7.00 17.44
C HIS A 1965 -70.44 6.21 17.87
N LEU A 1966 -69.53 6.85 18.61
CA LEU A 1966 -68.36 6.15 19.09
C LEU A 1966 -68.75 4.99 19.99
N ILE A 1967 -69.70 5.21 20.91
CA ILE A 1967 -70.19 4.13 21.75
C ILE A 1967 -70.87 3.07 20.90
N VAL A 1968 -71.73 3.50 19.97
CA VAL A 1968 -72.43 2.56 19.11
C VAL A 1968 -71.45 1.75 18.27
N GLN A 1969 -70.30 2.34 17.96
CA GLN A 1969 -69.28 1.60 17.19
C GLN A 1969 -68.87 0.34 17.92
N HIS A 1970 -68.66 0.43 19.24
CA HIS A 1970 -68.41 -0.77 20.03
C HIS A 1970 -69.62 -1.69 20.05
N PHE A 1971 -70.81 -1.12 20.17
CA PHE A 1971 -72.05 -1.89 20.19
C PHE A 1971 -72.54 -2.16 18.76
N HIS A 1979 -82.96 -2.54 14.43
CA HIS A 1979 -81.84 -1.88 13.78
C HIS A 1979 -82.25 -0.52 13.22
N HIS A 1980 -83.24 0.12 13.86
CA HIS A 1980 -83.70 1.42 13.42
C HIS A 1980 -82.62 2.48 13.54
N LEU A 1981 -81.62 2.26 14.40
CA LEU A 1981 -80.57 3.26 14.58
C LEU A 1981 -79.79 3.47 13.29
N VAL A 1982 -79.55 2.40 12.53
CA VAL A 1982 -78.70 2.48 11.34
C VAL A 1982 -79.12 3.67 10.47
N GLN A 1983 -80.42 3.91 10.36
CA GLN A 1983 -80.89 5.07 9.62
C GLN A 1983 -80.52 6.37 10.32
N HIS A 1984 -80.47 6.36 11.66
CA HIS A 1984 -80.15 7.58 12.40
C HIS A 1984 -78.75 8.05 12.08
N MET A 1985 -77.75 7.17 12.21
CA MET A 1985 -76.37 7.59 11.92
C MET A 1985 -76.23 7.99 10.46
N VAL A 1986 -76.79 7.21 9.55
CA VAL A 1986 -76.69 7.53 8.12
C VAL A 1986 -77.39 8.85 7.83
N SER A 1987 -78.60 9.01 8.36
CA SER A 1987 -79.38 10.22 8.07
C SER A 1987 -78.68 11.47 8.61
N ALA A 1988 -78.17 11.40 9.84
CA ALA A 1988 -77.56 12.57 10.44
C ALA A 1988 -76.21 12.89 9.80
N MET A 1989 -75.38 11.88 9.59
CA MET A 1989 -74.03 12.12 9.09
C MET A 1989 -74.06 12.69 7.68
N GLN A 1990 -74.92 12.16 6.81
CA GLN A 1990 -74.96 12.63 5.44
C GLN A 1990 -75.33 14.11 5.37
N ARG A 1991 -76.30 14.53 6.19
CA ARG A 1991 -76.65 15.95 6.25
C ARG A 1991 -75.48 16.78 6.74
N LEU A 1992 -74.81 16.31 7.79
CA LEU A 1992 -73.67 17.05 8.33
C LEU A 1992 -72.50 17.07 7.35
N GLY A 1993 -72.30 15.97 6.62
CA GLY A 1993 -71.20 15.88 5.69
C GLY A 1993 -71.29 16.83 4.51
N PHE A 1994 -72.44 17.46 4.30
CA PHE A 1994 -72.63 18.37 3.18
C PHE A 1994 -72.38 17.65 1.85
N GLU A 2001 -62.31 17.68 10.18
CA GLU A 2001 -63.68 17.76 9.67
C GLU A 2001 -64.53 16.64 10.25
N GLN A 2002 -65.71 16.44 9.67
CA GLN A 2002 -66.62 15.38 10.07
C GLN A 2002 -66.35 14.07 9.34
N ARG A 2003 -65.36 14.03 8.46
CA ARG A 2003 -65.08 12.84 7.67
C ARG A 2003 -64.62 11.65 8.52
N ARG A 2004 -64.20 11.89 9.76
CA ARG A 2004 -63.54 10.84 10.52
C ARG A 2004 -64.50 9.71 10.86
N LEU A 2005 -65.55 9.99 11.61
CA LEU A 2005 -66.46 8.94 12.06
C LEU A 2005 -67.31 8.37 10.93
N ALA A 2006 -67.28 8.97 9.74
CA ALA A 2006 -68.06 8.44 8.62
C ALA A 2006 -67.60 7.03 8.26
N VAL A 2007 -66.29 6.85 8.06
CA VAL A 2007 -65.78 5.57 7.58
C VAL A 2007 -65.88 4.51 8.68
N ASP A 2008 -65.49 4.87 9.90
CA ASP A 2008 -65.36 3.86 10.96
C ASP A 2008 -66.70 3.17 11.21
N LEU A 2009 -67.77 3.95 11.42
CA LEU A 2009 -69.06 3.35 11.69
C LEU A 2009 -69.61 2.60 10.49
N SER A 2010 -69.31 3.09 9.27
CA SER A 2010 -69.80 2.41 8.07
C SER A 2010 -69.25 1.00 7.98
N GLU A 2011 -67.97 0.81 8.29
CA GLU A 2011 -67.40 -0.53 8.26
C GLU A 2011 -68.07 -1.43 9.28
N VAL A 2012 -68.34 -0.91 10.48
CA VAL A 2012 -69.09 -1.69 11.46
C VAL A 2012 -70.51 -1.93 10.97
N VAL A 2013 -71.09 -0.97 10.26
CA VAL A 2013 -72.46 -1.11 9.77
C VAL A 2013 -72.55 -2.32 8.84
N ILE A 2014 -71.61 -2.43 7.90
CA ILE A 2014 -71.63 -3.57 6.98
C ILE A 2014 -71.29 -4.85 7.74
N LYS A 2015 -70.33 -4.78 8.67
CA LYS A 2015 -69.99 -5.96 9.46
C LYS A 2015 -71.17 -6.44 10.29
N TRP A 2016 -71.88 -5.50 10.93
CA TRP A 2016 -73.07 -5.87 11.69
C TRP A 2016 -74.14 -6.47 10.78
N GLU A 2017 -74.38 -5.85 9.61
CA GLU A 2017 -75.33 -6.41 8.67
C GLU A 2017 -74.87 -7.79 8.19
N LEU A 2018 -73.58 -7.94 7.92
CA LEU A 2018 -73.06 -9.24 7.52
C LEU A 2018 -73.25 -10.29 8.61
N GLN A 2019 -72.99 -9.91 9.86
CA GLN A 2019 -73.11 -10.86 10.96
C GLN A 2019 -74.56 -11.30 11.15
N ARG A 2020 -75.50 -10.37 11.07
CA ARG A 2020 -76.92 -10.69 11.21
C ARG A 2020 -77.71 -10.23 10.00
N ASP A 2090 -81.16 -2.57 -2.93
CA ASP A 2090 -80.06 -2.34 -2.00
C ASP A 2090 -80.05 -0.90 -1.49
N LYS A 2091 -81.25 -0.39 -1.20
CA LYS A 2091 -81.36 0.99 -0.72
C LYS A 2091 -80.64 1.19 0.60
N GLN A 2092 -80.54 0.14 1.41
CA GLN A 2092 -79.85 0.26 2.70
C GLN A 2092 -78.37 0.57 2.51
N HIS A 2093 -77.74 -0.05 1.52
CA HIS A 2093 -76.31 0.13 1.28
C HIS A 2093 -76.00 1.03 0.09
N THR A 2094 -76.92 1.15 -0.87
CA THR A 2094 -76.68 2.03 -2.01
C THR A 2094 -76.49 3.46 -1.56
N ASP A 2095 -77.24 3.89 -0.55
CA ASP A 2095 -77.02 5.22 0.02
C ASP A 2095 -75.66 5.32 0.67
N THR A 2096 -75.21 4.23 1.31
CA THR A 2096 -73.93 4.27 2.03
C THR A 2096 -72.78 4.57 1.08
N VAL A 2097 -72.75 3.92 -0.08
CA VAL A 2097 -71.67 4.17 -1.03
C VAL A 2097 -71.74 5.59 -1.55
N VAL A 2098 -72.95 6.13 -1.71
CA VAL A 2098 -73.09 7.50 -2.17
C VAL A 2098 -72.56 8.48 -1.14
N ASN A 2099 -72.73 8.16 0.15
CA ASN A 2099 -72.29 9.08 1.20
C ASN A 2099 -70.79 9.34 1.09
N PHE A 2100 -70.00 8.28 1.00
CA PHE A 2100 -68.55 8.46 0.83
C PHE A 2100 -68.24 9.09 -0.53
N LEU A 2101 -68.95 8.65 -1.57
CA LEU A 2101 -68.72 9.21 -2.90
C LEU A 2101 -68.91 10.71 -2.92
N ILE A 2102 -69.96 11.20 -2.26
CA ILE A 2102 -70.15 12.65 -2.14
C ILE A 2102 -69.05 13.24 -1.25
N ARG A 2103 -68.74 12.58 -0.14
CA ARG A 2103 -67.73 13.11 0.77
C ARG A 2103 -66.36 13.19 0.11
N VAL A 2104 -65.97 12.13 -0.60
CA VAL A 2104 -64.73 12.19 -1.36
C VAL A 2104 -64.85 13.18 -2.51
N ALA A 2105 -66.04 13.27 -3.12
CA ALA A 2105 -66.23 14.20 -4.22
C ALA A 2105 -65.93 15.63 -3.80
N CYS A 2106 -66.44 16.04 -2.63
CA CYS A 2106 -66.11 17.36 -2.09
C CYS A 2106 -64.63 17.44 -1.76
N GLN A 2107 -64.06 16.36 -1.23
CA GLN A 2107 -62.63 16.34 -0.92
C GLN A 2107 -61.79 16.65 -2.15
N VAL A 2108 -62.25 16.24 -3.33
CA VAL A 2108 -61.51 16.48 -4.56
C VAL A 2108 -62.48 16.65 -5.73
N LEU A 2122 -58.13 9.35 -0.04
CA LEU A 2122 -58.48 8.21 0.81
C LEU A 2122 -59.68 7.46 0.25
N SER A 2123 -59.82 7.47 -1.07
CA SER A 2123 -60.95 6.84 -1.73
C SER A 2123 -60.80 5.32 -1.86
N ARG A 2124 -59.64 4.77 -1.48
CA ARG A 2124 -59.42 3.33 -1.64
C ARG A 2124 -60.44 2.53 -0.84
N ARG A 2125 -60.74 2.97 0.38
CA ARG A 2125 -61.65 2.22 1.24
C ARG A 2125 -63.04 2.09 0.63
N CYS A 2126 -63.38 2.92 -0.36
CA CYS A 2126 -64.68 2.80 -1.01
C CYS A 2126 -64.84 1.44 -1.66
N VAL A 2127 -63.78 0.95 -2.31
CA VAL A 2127 -63.86 -0.35 -2.99
C VAL A 2127 -64.21 -1.44 -1.98
N ASN A 2128 -63.52 -1.45 -0.83
CA ASN A 2128 -63.82 -2.45 0.19
C ASN A 2128 -65.26 -2.32 0.68
N LEU A 2129 -65.70 -1.09 0.95
CA LEU A 2129 -67.09 -0.88 1.33
C LEU A 2129 -68.03 -1.27 0.21
N LEU A 2130 -67.71 -0.91 -1.03
CA LEU A 2130 -68.55 -1.26 -2.16
C LEU A 2130 -68.54 -2.76 -2.42
N LYS A 2131 -67.36 -3.38 -2.37
CA LYS A 2131 -67.27 -4.81 -2.65
C LYS A 2131 -67.84 -5.64 -1.51
N THR A 2132 -67.78 -5.13 -0.27
CA THR A 2132 -68.42 -5.81 0.85
C THR A 2132 -69.93 -5.74 0.78
N ALA A 2133 -70.50 -4.92 -0.10
CA ALA A 2133 -71.94 -4.79 -0.23
C ALA A 2133 -72.57 -6.14 -0.56
N SER A 2142 -75.38 4.61 -5.65
CA SER A 2142 -74.32 5.21 -6.44
C SER A 2142 -74.89 6.19 -7.45
N GLU A 2143 -75.76 7.08 -6.99
CA GLU A 2143 -76.39 8.07 -7.85
C GLU A 2143 -75.55 9.32 -8.04
N LEU A 2144 -74.38 9.40 -7.40
CA LEU A 2144 -73.53 10.57 -7.54
C LEU A 2144 -72.98 10.73 -8.96
N LYS A 2145 -73.02 9.67 -9.77
CA LYS A 2145 -72.38 9.72 -11.07
C LYS A 2145 -72.95 10.84 -11.93
N LEU A 2146 -74.28 10.89 -12.07
CA LEU A 2146 -74.87 11.88 -12.97
C LEU A 2146 -74.82 13.27 -12.36
N GLN A 2147 -75.11 13.40 -11.06
CA GLN A 2147 -75.19 14.72 -10.44
C GLN A 2147 -73.83 15.40 -10.39
N TRP A 2148 -72.76 14.64 -10.18
CA TRP A 2148 -71.44 15.23 -10.01
C TRP A 2148 -70.64 15.25 -11.31
N PHE A 2149 -70.65 14.16 -12.09
CA PHE A 2149 -69.83 14.11 -13.28
C PHE A 2149 -70.23 15.19 -14.28
N ASP A 2150 -71.42 15.77 -14.15
CA ASP A 2150 -71.76 16.92 -14.96
C ASP A 2150 -70.85 18.10 -14.65
N LYS A 2151 -70.52 18.30 -13.37
CA LYS A 2151 -69.55 19.33 -13.01
C LYS A 2151 -68.19 19.05 -13.64
N LEU A 2152 -67.84 17.77 -13.75
CA LEU A 2152 -66.59 17.41 -14.42
C LEU A 2152 -66.61 17.84 -15.87
N LEU A 2153 -67.78 17.77 -16.52
CA LEU A 2153 -67.90 18.28 -17.88
C LEU A 2153 -67.57 19.76 -17.94
N MET A 2154 -68.01 20.51 -16.93
CA MET A 2154 -67.71 21.95 -16.90
C MET A 2154 -66.21 22.19 -16.79
N THR A 2155 -65.52 21.42 -15.95
CA THR A 2155 -64.08 21.58 -15.76
C THR A 2155 -63.32 20.40 -16.34
N VAL A 2162 -62.18 27.50 -14.24
CA VAL A 2162 -61.97 26.33 -15.09
C VAL A 2162 -60.49 25.96 -15.11
N ASN A 2163 -59.63 26.97 -14.96
CA ASN A 2163 -58.19 26.74 -15.03
C ASN A 2163 -57.74 25.71 -13.99
N TYR A 2164 -57.89 26.05 -12.71
CA TYR A 2164 -57.52 25.11 -11.65
C TYR A 2164 -58.57 24.02 -11.46
N GLY A 2165 -59.78 24.21 -11.98
CA GLY A 2165 -60.78 23.16 -11.91
C GLY A 2165 -60.33 21.91 -12.64
N ASN A 2166 -59.62 22.08 -13.75
CA ASN A 2166 -59.06 20.94 -14.47
C ASN A 2166 -58.05 20.20 -13.61
N ILE A 2167 -57.21 20.93 -12.87
CA ILE A 2167 -56.23 20.29 -11.99
C ILE A 2167 -56.95 19.45 -10.94
N CYS A 2168 -57.98 20.01 -10.30
CA CYS A 2168 -58.80 19.22 -9.41
C CYS A 2168 -59.47 18.08 -10.15
N THR A 2169 -59.96 18.36 -11.36
CA THR A 2169 -60.54 17.31 -12.19
C THR A 2169 -59.54 16.19 -12.42
N GLY A 2170 -58.30 16.55 -12.79
CA GLY A 2170 -57.31 15.52 -13.09
C GLY A 2170 -57.01 14.64 -11.90
N LEU A 2171 -56.80 15.23 -10.73
CA LEU A 2171 -56.51 14.44 -9.54
C LEU A 2171 -57.76 13.76 -8.99
N GLU A 2172 -58.90 14.48 -8.95
CA GLU A 2172 -60.10 13.91 -8.37
C GLU A 2172 -60.60 12.72 -9.21
N VAL A 2173 -60.60 12.86 -10.54
CA VAL A 2173 -61.04 11.75 -11.37
C VAL A 2173 -60.10 10.56 -11.20
N LEU A 2174 -58.80 10.82 -11.15
CA LEU A 2174 -57.85 9.73 -10.93
C LEU A 2174 -58.09 9.02 -9.60
N SER A 2175 -58.77 9.68 -8.66
CA SER A 2175 -59.01 9.08 -7.35
C SER A 2175 -60.23 8.16 -7.38
N PHE A 2176 -61.40 8.72 -7.66
CA PHE A 2176 -62.64 7.94 -7.54
C PHE A 2176 -62.99 7.16 -8.80
N LEU A 2177 -62.53 7.60 -9.98
CA LEU A 2177 -62.73 6.77 -11.16
C LEU A 2177 -61.99 5.45 -11.04
N LEU A 2178 -60.78 5.47 -10.47
CA LEU A 2178 -60.04 4.23 -10.29
C LEU A 2178 -60.85 3.22 -9.48
N THR A 2179 -61.51 3.69 -8.41
CA THR A 2179 -62.29 2.78 -7.58
C THR A 2179 -63.45 2.18 -8.38
N VAL A 2180 -64.15 3.01 -9.16
CA VAL A 2180 -65.29 2.50 -9.92
C VAL A 2180 -64.81 1.63 -11.08
N LEU A 2181 -63.57 1.81 -11.54
CA LEU A 2181 -63.02 0.91 -12.55
C LEU A 2181 -63.02 -0.52 -12.02
N GLN A 2182 -62.58 -0.70 -10.77
CA GLN A 2182 -62.67 -2.01 -10.14
C GLN A 2182 -64.12 -2.44 -9.98
N SER A 2183 -65.00 -1.49 -9.69
CA SER A 2183 -66.41 -1.80 -9.49
C SER A 2183 -67.06 -2.23 -10.81
N PRO A 2184 -68.18 -2.94 -10.73
CA PRO A 2184 -68.84 -3.40 -11.97
C PRO A 2184 -69.79 -2.37 -12.56
N ALA A 2185 -69.66 -1.11 -12.12
CA ALA A 2185 -70.58 -0.07 -12.58
C ALA A 2185 -70.46 0.11 -14.10
N ILE A 2186 -69.23 0.14 -14.62
CA ILE A 2186 -69.04 0.33 -16.06
C ILE A 2186 -69.67 -0.83 -16.83
N LEU A 2187 -69.35 -2.07 -16.43
CA LEU A 2187 -69.87 -3.23 -17.14
C LEU A 2187 -71.36 -3.42 -16.92
N SER A 2188 -71.94 -2.79 -15.90
CA SER A 2188 -73.36 -2.92 -15.60
C SER A 2188 -74.19 -1.85 -16.29
N SER A 2189 -73.87 -0.58 -16.00
CA SER A 2189 -74.65 0.54 -16.52
C SER A 2189 -74.04 1.17 -17.77
N PHE A 2190 -72.72 1.10 -17.92
CA PHE A 2190 -71.97 1.73 -19.00
C PHE A 2190 -72.57 3.05 -19.51
N LYS A 2191 -73.81 3.02 -20.04
CA LYS A 2191 -74.29 4.17 -20.82
C LYS A 2191 -74.51 5.40 -19.95
N PRO A 2192 -75.34 5.36 -18.89
CA PRO A 2192 -75.46 6.55 -18.04
C PRO A 2192 -74.11 7.04 -17.51
N LEU A 2193 -73.20 6.12 -17.21
CA LEU A 2193 -71.85 6.54 -16.84
C LEU A 2193 -71.19 7.29 -17.98
N GLN A 2194 -71.33 6.77 -19.20
CA GLN A 2194 -70.83 7.49 -20.37
C GLN A 2194 -71.57 8.81 -20.55
N ARG A 2195 -72.88 8.81 -20.33
CA ARG A 2195 -73.67 10.03 -20.50
C ARG A 2195 -73.14 11.15 -19.61
N GLY A 2196 -72.84 10.85 -18.35
CA GLY A 2196 -72.20 11.81 -17.48
C GLY A 2196 -70.71 11.96 -17.69
N ILE A 2197 -70.11 11.09 -18.50
CA ILE A 2197 -68.68 11.11 -18.78
C ILE A 2197 -68.39 11.33 -20.26
N ALA A 2198 -69.41 11.63 -21.08
CA ALA A 2198 -69.21 11.75 -22.51
C ALA A 2198 -68.15 12.79 -22.84
N ALA A 2199 -68.26 13.99 -22.28
CA ALA A 2199 -67.33 15.07 -22.55
C ALA A 2199 -66.34 15.31 -21.42
N CYS A 2200 -66.38 14.49 -20.36
CA CYS A 2200 -65.42 14.67 -19.27
C CYS A 2200 -63.99 14.42 -19.75
N MET A 2201 -63.79 13.41 -20.59
CA MET A 2201 -62.45 13.11 -21.09
C MET A 2201 -61.89 14.28 -21.88
N THR A 2202 -62.73 14.94 -22.69
CA THR A 2202 -62.25 16.08 -23.46
C THR A 2202 -61.65 17.15 -22.55
N CYS A 2203 -62.25 17.36 -21.38
CA CYS A 2203 -61.68 18.31 -20.42
C CYS A 2203 -60.30 17.86 -19.96
N GLY A 2204 -60.15 16.57 -19.65
CA GLY A 2204 -58.88 16.00 -19.26
C GLY A 2204 -58.08 15.41 -20.40
N ASN A 2205 -58.51 15.60 -21.65
CA ASN A 2205 -57.80 15.02 -22.78
C ASN A 2205 -56.37 15.55 -22.87
N THR A 2206 -56.17 16.83 -22.51
CA THR A 2206 -54.84 17.43 -22.58
C THR A 2206 -54.54 18.18 -21.28
N LYS A 2207 -53.41 18.89 -21.26
CA LYS A 2207 -53.00 19.79 -20.19
C LYS A 2207 -52.89 19.08 -18.84
N VAL A 2208 -53.07 17.76 -18.79
CA VAL A 2208 -52.89 16.98 -17.58
C VAL A 2208 -52.42 15.58 -17.95
N LEU A 2209 -51.25 15.18 -17.45
CA LEU A 2209 -50.83 13.80 -17.58
C LEU A 2209 -51.67 12.87 -16.71
N ARG A 2210 -52.13 13.37 -15.56
CA ARG A 2210 -52.88 12.52 -14.64
C ARG A 2210 -54.23 12.13 -15.23
N ALA A 2211 -54.93 13.08 -15.84
CA ALA A 2211 -56.24 12.77 -16.40
C ALA A 2211 -56.13 11.80 -17.57
N VAL A 2212 -55.19 12.05 -18.48
CA VAL A 2212 -55.04 11.17 -19.64
C VAL A 2212 -54.71 9.75 -19.19
N HIS A 2213 -53.81 9.62 -18.20
CA HIS A 2213 -53.49 8.30 -17.68
C HIS A 2213 -54.68 7.71 -16.94
N SER A 2214 -55.45 8.54 -16.24
CA SER A 2214 -56.65 8.05 -15.56
C SER A 2214 -57.66 7.51 -16.56
N LEU A 2215 -57.99 8.30 -17.59
CA LEU A 2215 -58.88 7.80 -18.63
C LEU A 2215 -58.23 6.68 -19.43
N LEU A 2216 -56.90 6.71 -19.56
CA LEU A 2216 -56.20 5.59 -20.18
C LEU A 2216 -56.55 4.29 -19.47
N SER A 2217 -56.72 4.33 -18.15
CA SER A 2217 -57.18 3.16 -17.42
C SER A 2217 -58.59 2.78 -17.87
N ARG A 2218 -59.46 3.76 -18.04
CA ARG A 2218 -60.80 3.48 -18.54
C ARG A 2218 -60.76 2.93 -19.96
N LEU A 2219 -59.89 3.50 -20.80
CA LEU A 2219 -59.88 3.11 -22.21
C LEU A 2219 -59.60 1.62 -22.38
N MET A 2220 -58.56 1.12 -21.72
CA MET A 2220 -58.22 -0.29 -21.89
C MET A 2220 -59.32 -1.18 -21.32
N SER A 2221 -59.92 -0.78 -20.20
CA SER A 2221 -61.00 -1.56 -19.61
C SER A 2221 -62.33 -1.36 -20.36
N ILE A 2222 -62.47 -0.29 -21.12
CA ILE A 2222 -63.74 -0.02 -21.80
C ILE A 2222 -64.00 -1.06 -22.88
N PHE A 2223 -62.99 -1.33 -23.72
CA PHE A 2223 -63.21 -2.24 -24.84
C PHE A 2223 -63.65 -3.62 -24.39
N PRO A 2224 -63.00 -4.28 -23.41
CA PRO A 2224 -63.48 -5.59 -22.95
C PRO A 2224 -64.70 -5.46 -22.02
N TYR A 2236 -70.43 -0.60 -26.16
CA TYR A 2236 -69.43 0.46 -26.08
C TYR A 2236 -69.04 0.97 -27.47
N GLU A 2237 -69.69 0.44 -28.50
CA GLU A 2237 -69.39 0.88 -29.86
C GLU A 2237 -69.66 2.37 -30.03
N GLU A 2238 -70.76 2.86 -29.46
CA GLU A 2238 -71.00 4.29 -29.42
C GLU A 2238 -69.86 5.01 -28.71
N LEU A 2239 -69.34 4.40 -27.64
CA LEU A 2239 -68.21 4.99 -26.93
C LEU A 2239 -66.91 4.85 -27.73
N GLU A 2240 -66.76 3.75 -28.48
CA GLU A 2240 -65.54 3.55 -29.23
C GLU A 2240 -65.32 4.68 -30.25
N CYS A 2241 -66.37 5.05 -30.98
CA CYS A 2241 -66.26 6.13 -31.94
C CYS A 2241 -66.06 7.49 -31.27
N LEU A 2242 -66.36 7.60 -29.97
CA LEU A 2242 -66.28 8.89 -29.31
C LEU A 2242 -64.82 9.29 -29.08
N TYR A 2243 -64.10 8.52 -28.26
CA TYR A 2243 -62.70 8.86 -28.02
C TYR A 2243 -61.84 8.60 -29.25
N ALA A 2244 -62.27 7.68 -30.13
CA ALA A 2244 -61.59 7.54 -31.42
C ALA A 2244 -61.77 8.78 -32.26
N ALA A 2245 -63.00 9.33 -32.30
CA ALA A 2245 -63.21 10.59 -33.01
C ALA A 2245 -62.48 11.73 -32.32
N VAL A 2246 -62.46 11.73 -31.00
CA VAL A 2246 -61.67 12.73 -30.27
C VAL A 2246 -60.18 12.49 -30.53
N GLY A 2247 -59.75 11.23 -30.53
CA GLY A 2247 -58.34 10.94 -30.72
C GLY A 2247 -57.83 11.35 -32.09
N LYS A 2248 -58.57 11.01 -33.14
CA LYS A 2248 -58.06 11.23 -34.50
C LYS A 2248 -57.75 12.70 -34.74
N VAL A 2249 -58.65 13.59 -34.31
CA VAL A 2249 -58.37 15.02 -34.45
C VAL A 2249 -57.14 15.41 -33.63
N ILE A 2250 -57.01 14.82 -32.43
CA ILE A 2250 -55.85 15.10 -31.59
C ILE A 2250 -54.58 14.64 -32.28
N TYR A 2251 -54.60 13.44 -32.87
CA TYR A 2251 -53.41 12.92 -33.53
C TYR A 2251 -52.99 13.81 -34.69
N GLU A 2252 -53.96 14.28 -35.47
CA GLU A 2252 -53.66 15.10 -36.64
C GLU A 2252 -53.07 16.45 -36.26
N GLY A 2253 -53.19 16.87 -34.99
CA GLY A 2253 -52.76 18.20 -34.61
C GLY A 2253 -51.30 18.49 -34.93
N LEU A 2254 -50.46 17.45 -34.91
CA LEU A 2254 -49.03 17.66 -35.18
C LEU A 2254 -48.82 18.22 -36.58
N THR A 2255 -49.50 17.66 -37.58
CA THR A 2255 -49.36 18.10 -38.96
C THR A 2255 -47.89 18.10 -39.39
N PRO A 2265 -42.34 19.06 -27.13
CA PRO A 2265 -42.99 17.80 -27.52
C PRO A 2265 -44.23 17.48 -26.69
N SER A 2266 -44.79 18.51 -26.05
CA SER A 2266 -45.99 18.31 -25.23
C SER A 2266 -47.15 17.81 -26.07
N GLN A 2267 -47.31 18.37 -27.28
CA GLN A 2267 -48.40 17.95 -28.15
C GLN A 2267 -48.35 16.44 -28.39
N LEU A 2268 -47.18 15.94 -28.80
CA LEU A 2268 -47.03 14.49 -28.97
C LEU A 2268 -47.11 13.76 -27.63
N PHE A 2269 -46.47 14.32 -26.60
CA PHE A 2269 -46.40 13.63 -25.31
C PHE A 2269 -47.79 13.31 -24.78
N GLY A 2270 -48.66 14.33 -24.71
CA GLY A 2270 -50.02 14.08 -24.28
C GLY A 2270 -50.81 13.23 -25.27
N THR A 2271 -50.61 13.49 -26.57
CA THR A 2271 -51.35 12.76 -27.58
C THR A 2271 -51.00 11.27 -27.57
N LEU A 2272 -49.73 10.95 -27.31
CA LEU A 2272 -49.31 9.55 -27.39
C LEU A 2272 -50.03 8.69 -26.36
N MET A 2273 -50.42 9.27 -25.23
CA MET A 2273 -51.06 8.46 -24.18
C MET A 2273 -52.39 7.89 -24.65
N ILE A 2274 -53.25 8.74 -25.22
CA ILE A 2274 -54.59 8.28 -25.59
C ILE A 2274 -54.51 7.17 -26.63
N LEU A 2275 -53.66 7.34 -27.65
CA LEU A 2275 -53.55 6.33 -28.69
C LEU A 2275 -53.02 5.01 -28.16
N LYS A 2276 -52.24 5.06 -27.08
CA LYS A 2276 -51.69 3.82 -26.52
C LYS A 2276 -52.80 2.88 -26.10
N SER A 2277 -53.76 3.36 -25.31
CA SER A 2277 -54.87 2.52 -24.91
C SER A 2277 -55.78 2.20 -26.10
N ALA A 2278 -56.01 3.17 -26.96
CA ALA A 2278 -56.87 2.93 -28.13
C ALA A 2278 -56.29 1.83 -29.01
N CYS A 2279 -54.98 1.86 -29.26
CA CYS A 2279 -54.35 0.78 -30.00
C CYS A 2279 -54.42 -0.53 -29.24
N SER A 2280 -54.22 -0.48 -27.92
CA SER A 2280 -54.29 -1.69 -27.11
C SER A 2280 -55.72 -2.17 -26.91
N ASN A 2281 -56.72 -1.32 -27.18
CA ASN A 2281 -58.11 -1.73 -27.03
C ASN A 2281 -58.43 -2.91 -27.95
N ASN A 2282 -57.96 -2.86 -29.18
CA ASN A 2282 -58.23 -3.86 -30.20
C ASN A 2282 -56.92 -4.37 -30.77
N PRO A 2283 -56.92 -5.57 -31.34
CA PRO A 2283 -55.66 -6.12 -31.89
C PRO A 2283 -55.00 -5.20 -32.90
N SER A 2284 -55.80 -4.52 -33.73
CA SER A 2284 -55.26 -3.63 -34.74
C SER A 2284 -56.16 -2.39 -34.85
N TYR A 2285 -55.57 -1.30 -35.33
CA TYR A 2285 -56.29 -0.07 -35.58
C TYR A 2285 -56.29 0.21 -37.08
N ILE A 2286 -57.12 1.16 -37.49
CA ILE A 2286 -57.30 1.47 -38.91
C ILE A 2286 -55.96 1.80 -39.53
N ASP A 2287 -55.84 1.58 -40.85
CA ASP A 2287 -54.57 1.79 -41.54
C ASP A 2287 -54.30 3.26 -41.85
N ARG A 2288 -55.33 4.12 -41.74
CA ARG A 2288 -55.16 5.51 -42.14
C ARG A 2288 -54.17 6.24 -41.23
N LEU A 2289 -54.36 6.13 -39.92
CA LEU A 2289 -53.46 6.83 -39.00
C LEU A 2289 -52.10 6.15 -38.87
N ILE A 2290 -51.94 4.93 -39.38
CA ILE A 2290 -50.65 4.26 -39.30
C ILE A 2290 -49.59 5.09 -40.03
N SER A 2291 -49.95 5.63 -41.20
CA SER A 2291 -49.05 6.55 -41.87
C SER A 2291 -48.78 7.78 -41.00
N VAL A 2292 -49.83 8.27 -40.31
CA VAL A 2292 -49.64 9.40 -39.40
C VAL A 2292 -48.65 9.03 -38.30
N PHE A 2293 -48.76 7.81 -37.77
CA PHE A 2293 -47.77 7.36 -36.79
C PHE A 2293 -46.37 7.42 -37.38
N MET A 2294 -46.20 6.95 -38.61
CA MET A 2294 -44.90 7.04 -39.27
C MET A 2294 -44.43 8.49 -39.33
N ARG A 2295 -45.28 9.39 -39.82
CA ARG A 2295 -44.89 10.79 -39.92
C ARG A 2295 -44.51 11.36 -38.56
N SER A 2296 -45.08 10.81 -37.49
CA SER A 2296 -44.69 11.24 -36.15
C SER A 2296 -43.21 10.96 -35.90
N LEU A 2297 -42.74 9.79 -36.33
CA LEU A 2297 -41.32 9.47 -36.18
C LEU A 2297 -40.46 10.44 -36.98
N GLN A 2298 -40.88 10.78 -38.19
CA GLN A 2298 -40.15 11.78 -38.98
C GLN A 2298 -39.94 13.05 -38.18
N LYS A 2299 -40.97 13.51 -37.47
CA LYS A 2299 -40.79 14.63 -36.57
C LYS A 2299 -39.77 14.30 -35.49
N MET A 2300 -39.83 13.09 -34.95
CA MET A 2300 -38.84 12.67 -33.96
C MET A 2300 -37.46 12.59 -34.57
N VAL A 2301 -37.37 12.21 -35.86
CA VAL A 2301 -36.06 11.99 -36.48
C VAL A 2301 -35.19 13.23 -36.34
N ARG A 2302 -35.74 14.40 -36.66
CA ARG A 2302 -35.00 15.65 -36.56
C ARG A 2302 -35.11 16.27 -35.18
N GLU A 2303 -36.28 16.17 -34.55
CA GLU A 2303 -36.45 16.71 -33.21
C GLU A 2303 -35.58 15.99 -32.19
N HIS A 2304 -35.49 14.65 -32.30
CA HIS A 2304 -34.74 13.89 -31.32
C HIS A 2304 -33.26 14.26 -31.33
N LEU A 2305 -32.67 14.42 -32.52
CA LEU A 2305 -31.24 14.68 -32.65
C LEU A 2305 -30.96 16.15 -32.33
N ASN A 2306 -31.14 16.49 -31.06
CA ASN A 2306 -30.87 17.84 -30.58
C ASN A 2306 -29.37 18.09 -30.47
N PRO A 2307 -28.58 17.12 -29.98
CA PRO A 2307 -27.13 17.34 -29.92
C PRO A 2307 -26.52 17.64 -31.29
N ALA A 2316 -34.51 19.02 -19.89
CA ALA A 2316 -34.22 17.62 -20.15
C ALA A 2316 -35.25 17.05 -21.13
N THR A 2317 -35.68 17.88 -22.08
CA THR A 2317 -36.67 17.44 -23.05
C THR A 2317 -36.17 16.28 -23.90
N SER A 2318 -34.85 16.14 -24.06
CA SER A 2318 -34.32 15.03 -24.83
C SER A 2318 -34.70 13.69 -24.22
N GLY A 2319 -34.62 13.59 -22.89
CA GLY A 2319 -35.05 12.37 -22.23
C GLY A 2319 -36.54 12.11 -22.37
N THR A 2320 -37.34 13.16 -22.17
CA THR A 2320 -38.80 13.00 -22.30
C THR A 2320 -39.18 12.62 -23.72
N SER A 2321 -38.61 13.31 -24.70
CA SER A 2321 -38.90 12.98 -26.09
C SER A 2321 -38.47 11.56 -26.41
N GLU A 2322 -37.30 11.15 -25.92
CA GLU A 2322 -36.85 9.78 -26.11
C GLU A 2322 -37.79 8.79 -25.43
N LEU A 2323 -38.27 9.13 -24.23
CA LEU A 2323 -39.15 8.22 -23.51
C LEU A 2323 -40.43 7.97 -24.28
N VAL A 2324 -41.04 9.04 -24.80
CA VAL A 2324 -42.34 8.90 -25.46
C VAL A 2324 -42.19 8.18 -26.80
N MET A 2325 -41.15 8.51 -27.56
CA MET A 2325 -41.05 7.98 -28.93
C MET A 2325 -40.93 6.46 -28.93
N LEU A 2326 -40.09 5.91 -28.04
CA LEU A 2326 -39.97 4.46 -27.98
C LEU A 2326 -41.29 3.81 -27.57
N SER A 2327 -42.09 4.51 -26.76
CA SER A 2327 -43.41 4.00 -26.42
C SER A 2327 -44.30 3.91 -27.64
N LEU A 2328 -44.22 4.91 -28.53
CA LEU A 2328 -45.11 4.94 -29.69
C LEU A 2328 -44.84 3.77 -30.63
N GLU A 2329 -43.57 3.54 -30.98
CA GLU A 2329 -43.26 2.55 -32.01
C GLU A 2329 -43.60 1.14 -31.55
N LEU A 2330 -43.39 0.84 -30.27
CA LEU A 2330 -43.58 -0.54 -29.81
C LEU A 2330 -45.00 -1.02 -30.09
N VAL A 2331 -46.00 -0.19 -29.80
CA VAL A 2331 -47.37 -0.57 -30.12
C VAL A 2331 -47.56 -0.61 -31.63
N LYS A 2332 -46.98 0.36 -32.35
CA LYS A 2332 -47.07 0.36 -33.81
C LYS A 2332 -46.39 -0.86 -34.40
N THR A 2333 -45.23 -1.23 -33.85
CA THR A 2333 -44.43 -2.30 -34.44
C THR A 2333 -45.17 -3.62 -34.51
N ARG A 2334 -46.19 -3.83 -33.67
CA ARG A 2334 -46.88 -5.12 -33.66
C ARG A 2334 -47.52 -5.40 -35.02
N LEU A 2335 -48.20 -4.41 -35.59
CA LEU A 2335 -48.85 -4.62 -36.89
C LEU A 2335 -47.82 -4.49 -38.01
N ALA A 2336 -47.29 -3.28 -38.21
CA ALA A 2336 -46.14 -3.07 -39.08
C ALA A 2336 -46.34 -3.61 -40.50
N VAL A 2337 -47.55 -4.03 -40.85
CA VAL A 2337 -47.81 -4.63 -42.16
C VAL A 2337 -48.89 -3.82 -42.86
N MET A 2338 -48.93 -2.51 -42.61
CA MET A 2338 -49.88 -1.66 -43.31
C MET A 2338 -49.73 -1.74 -44.83
N SER A 2339 -48.65 -2.32 -45.33
CA SER A 2339 -48.47 -2.55 -46.76
C SER A 2339 -48.41 -1.24 -47.53
N MET A 2340 -47.45 -0.39 -47.17
CA MET A 2340 -47.24 0.89 -47.82
C MET A 2340 -45.94 0.93 -48.63
N GLU A 2341 -45.18 -0.16 -48.64
CA GLU A 2341 -44.07 -0.34 -49.57
C GLU A 2341 -42.85 0.51 -49.23
N MET A 2342 -42.97 1.36 -48.21
CA MET A 2342 -41.87 2.23 -47.80
C MET A 2342 -41.43 2.00 -46.37
N ARG A 2343 -42.15 1.16 -45.61
CA ARG A 2343 -41.73 0.84 -44.25
C ARG A 2343 -40.41 0.09 -44.24
N LYS A 2344 -40.24 -0.87 -45.15
CA LYS A 2344 -39.10 -1.77 -45.08
C LYS A 2344 -37.78 -1.04 -45.29
N ASN A 2345 -37.75 -0.09 -46.23
CA ASN A 2345 -36.50 0.56 -46.59
C ASN A 2345 -36.17 1.74 -45.69
N PHE A 2346 -37.17 2.41 -45.10
CA PHE A 2346 -36.91 3.57 -44.27
C PHE A 2346 -37.34 3.36 -42.82
N ILE A 2347 -38.60 3.02 -42.57
CA ILE A 2347 -39.12 3.06 -41.20
C ILE A 2347 -38.35 2.08 -40.32
N GLN A 2348 -38.42 0.79 -40.65
CA GLN A 2348 -37.70 -0.20 -39.87
C GLN A 2348 -36.19 -0.06 -40.02
N ALA A 2349 -35.73 0.39 -41.19
CA ALA A 2349 -34.30 0.44 -41.48
C ALA A 2349 -33.67 1.76 -41.06
N ILE A 2350 -34.13 2.88 -41.63
CA ILE A 2350 -33.48 4.15 -41.38
C ILE A 2350 -33.67 4.59 -39.93
N LEU A 2351 -34.90 4.50 -39.43
CA LEU A 2351 -35.16 4.93 -38.05
C LEU A 2351 -34.39 4.07 -37.06
N THR A 2352 -34.52 2.76 -37.16
CA THR A 2352 -33.81 1.87 -36.25
C THR A 2352 -32.31 2.03 -36.39
N SER A 2353 -31.82 2.05 -37.63
CA SER A 2353 -30.39 2.31 -37.85
C SER A 2353 -30.00 3.68 -37.33
N LEU A 2354 -30.85 4.68 -37.53
CA LEU A 2354 -30.61 5.98 -36.93
C LEU A 2354 -30.54 5.88 -35.42
N ILE A 2355 -31.41 5.05 -34.83
CA ILE A 2355 -31.42 4.91 -33.37
C ILE A 2355 -30.13 4.30 -32.87
N GLU A 2356 -29.53 3.39 -33.65
CA GLU A 2356 -28.26 2.80 -33.23
C GLU A 2356 -27.18 3.86 -33.05
N LYS A 2357 -27.34 5.03 -33.67
CA LYS A 2357 -26.45 6.15 -33.44
C LYS A 2357 -26.84 6.96 -32.20
N SER A 2358 -27.95 6.61 -31.55
CA SER A 2358 -28.44 7.37 -30.42
C SER A 2358 -27.52 7.17 -29.20
N PRO A 2359 -27.56 8.11 -28.24
CA PRO A 2359 -26.64 8.02 -27.10
C PRO A 2359 -27.22 7.34 -25.87
N ASP A 2360 -28.53 7.09 -25.85
CA ASP A 2360 -29.19 6.56 -24.66
C ASP A 2360 -29.34 5.04 -24.78
N ALA A 2361 -28.90 4.32 -23.75
CA ALA A 2361 -28.84 2.86 -23.83
C ALA A 2361 -30.22 2.23 -23.70
N LYS A 2362 -31.15 2.88 -22.99
CA LYS A 2362 -32.43 2.25 -22.71
C LYS A 2362 -33.21 1.96 -24.00
N ILE A 2363 -33.21 2.91 -24.93
CA ILE A 2363 -34.00 2.74 -26.15
C ILE A 2363 -33.56 1.49 -26.92
N LEU A 2364 -32.25 1.24 -26.97
CA LEU A 2364 -31.78 0.05 -27.69
C LEU A 2364 -32.39 -1.22 -27.11
N ARG A 2365 -32.49 -1.31 -25.78
CA ARG A 2365 -33.04 -2.51 -25.18
C ARG A 2365 -34.43 -2.81 -25.71
N ALA A 2366 -35.22 -1.78 -25.97
CA ALA A 2366 -36.57 -1.98 -26.48
C ALA A 2366 -36.55 -2.58 -27.88
N VAL A 2367 -35.78 -1.97 -28.79
CA VAL A 2367 -35.79 -2.41 -30.17
C VAL A 2367 -35.30 -3.85 -30.28
N VAL A 2368 -34.20 -4.17 -29.58
CA VAL A 2368 -33.70 -5.54 -29.60
C VAL A 2368 -34.77 -6.49 -29.06
N LYS A 2369 -35.51 -6.07 -28.04
CA LYS A 2369 -36.66 -6.84 -27.60
C LYS A 2369 -37.70 -6.93 -28.72
N ILE A 2370 -37.92 -5.81 -29.42
CA ILE A 2370 -38.83 -5.84 -30.56
C ILE A 2370 -38.32 -6.80 -31.63
N VAL A 2371 -37.02 -6.70 -31.96
CA VAL A 2371 -36.44 -7.65 -32.90
C VAL A 2371 -36.44 -9.06 -32.31
N GLU A 2372 -36.27 -9.19 -31.00
CA GLU A 2372 -36.25 -10.51 -30.38
C GLU A 2372 -37.55 -11.25 -30.64
N GLU A 2373 -38.69 -10.55 -30.51
CA GLU A 2373 -39.97 -11.20 -30.77
C GLU A 2373 -40.22 -11.38 -32.26
N TRP A 2374 -39.68 -10.49 -33.10
CA TRP A 2374 -39.89 -10.62 -34.54
C TRP A 2374 -39.33 -11.94 -35.07
N VAL A 2375 -38.13 -12.31 -34.63
CA VAL A 2375 -37.56 -13.59 -35.05
C VAL A 2375 -38.40 -14.74 -34.51
N LYS A 2376 -38.95 -14.59 -33.31
CA LYS A 2376 -39.77 -15.65 -32.73
C LYS A 2376 -41.03 -15.90 -33.55
N ASN A 2377 -41.51 -14.91 -34.30
CA ASN A 2377 -42.71 -15.07 -35.11
C ASN A 2377 -43.92 -15.36 -34.24
N PRO A 2387 -41.71 -9.82 -40.61
CA PRO A 2387 -40.64 -9.67 -41.61
C PRO A 2387 -39.86 -10.96 -41.84
N THR A 2388 -39.16 -11.03 -42.96
CA THR A 2388 -38.35 -12.19 -43.31
C THR A 2388 -36.89 -11.93 -42.94
N LEU A 2389 -36.04 -12.93 -43.17
CA LEU A 2389 -34.64 -12.82 -42.80
C LEU A 2389 -33.98 -11.63 -43.49
N ARG A 2390 -34.42 -11.30 -44.71
CA ARG A 2390 -33.86 -10.14 -45.40
C ARG A 2390 -34.10 -8.87 -44.60
N GLU A 2391 -35.32 -8.70 -44.09
CA GLU A 2391 -35.60 -7.54 -43.24
C GLU A 2391 -34.86 -7.63 -41.92
N LYS A 2392 -34.87 -8.81 -41.29
CA LYS A 2392 -34.16 -8.98 -40.02
C LYS A 2392 -32.67 -8.77 -40.19
N SER A 2393 -32.10 -9.27 -41.29
CA SER A 2393 -30.66 -9.17 -41.50
C SER A 2393 -30.19 -7.74 -41.40
N ILE A 2394 -30.83 -6.83 -42.15
CA ILE A 2394 -30.42 -5.43 -42.12
C ILE A 2394 -30.48 -4.89 -40.70
N LEU A 2395 -31.56 -5.18 -39.99
CA LEU A 2395 -31.68 -4.73 -38.60
C LEU A 2395 -30.57 -5.33 -37.74
N LEU A 2396 -30.28 -6.61 -37.93
CA LEU A 2396 -29.42 -7.33 -36.99
C LEU A 2396 -27.95 -6.97 -37.19
N VAL A 2397 -27.42 -7.22 -38.38
CA VAL A 2397 -25.99 -6.99 -38.60
C VAL A 2397 -25.64 -5.52 -38.40
N LYS A 2398 -26.55 -4.63 -38.80
CA LYS A 2398 -26.26 -3.21 -38.67
C LYS A 2398 -26.16 -2.78 -37.20
N MET A 2399 -26.86 -3.48 -36.30
CA MET A 2399 -26.87 -3.06 -34.90
C MET A 2399 -25.71 -3.65 -34.12
N MET A 2400 -25.27 -4.86 -34.46
CA MET A 2400 -24.20 -5.50 -33.68
C MET A 2400 -22.92 -4.69 -33.73
N THR A 2401 -22.59 -4.15 -34.92
CA THR A 2401 -21.37 -3.36 -35.03
C THR A 2401 -21.43 -2.12 -34.14
N TYR A 2402 -22.57 -1.43 -34.13
CA TYR A 2402 -22.67 -0.20 -33.35
C TYR A 2402 -22.86 -0.48 -31.86
N ILE A 2403 -23.65 -1.51 -31.53
CA ILE A 2403 -24.01 -1.74 -30.13
C ILE A 2403 -22.78 -2.07 -29.30
N GLU A 2404 -21.83 -2.81 -29.87
CA GLU A 2404 -20.66 -3.24 -29.10
C GLU A 2404 -19.83 -2.05 -28.65
N LYS A 2405 -19.51 -1.15 -29.57
CA LYS A 2405 -18.60 -0.06 -29.25
C LYS A 2405 -19.27 0.99 -28.36
N ARG A 2406 -20.51 1.37 -28.68
CA ARG A 2406 -21.14 2.48 -27.98
C ARG A 2406 -21.49 2.12 -26.53
N PHE A 2407 -21.99 0.91 -26.32
CA PHE A 2407 -22.52 0.51 -25.01
C PHE A 2407 -21.87 -0.82 -24.62
N PRO A 2408 -20.69 -0.78 -24.01
CA PRO A 2408 -20.00 -2.03 -23.67
C PRO A 2408 -20.48 -2.67 -22.37
N GLU A 2409 -21.64 -2.26 -21.87
CA GLU A 2409 -22.14 -2.76 -20.59
C GLU A 2409 -23.57 -3.28 -20.66
N ASP A 2410 -24.16 -3.39 -21.85
CA ASP A 2410 -25.55 -3.83 -21.98
C ASP A 2410 -25.72 -4.84 -23.12
N LEU A 2411 -24.67 -5.58 -23.45
CA LEU A 2411 -24.74 -6.57 -24.52
C LEU A 2411 -25.48 -7.83 -24.11
N GLU A 2412 -25.79 -8.00 -22.82
CA GLU A 2412 -26.44 -9.22 -22.38
C GLU A 2412 -27.69 -9.52 -23.20
N LEU A 2413 -28.48 -8.50 -23.50
CA LEU A 2413 -29.71 -8.72 -24.26
C LEU A 2413 -29.41 -9.18 -25.68
N ASN A 2414 -28.40 -8.58 -26.31
CA ASN A 2414 -28.06 -8.93 -27.69
C ASN A 2414 -27.29 -10.25 -27.74
N ALA A 2415 -26.15 -10.31 -27.04
CA ALA A 2415 -25.31 -11.50 -27.07
C ALA A 2415 -26.14 -12.77 -26.97
N GLN A 2416 -27.06 -12.84 -26.00
CA GLN A 2416 -27.91 -14.02 -25.89
C GLN A 2416 -28.83 -14.16 -27.10
N PHE A 2417 -29.23 -13.05 -27.71
CA PHE A 2417 -30.14 -13.12 -28.85
C PHE A 2417 -29.51 -13.92 -29.98
N LEU A 2418 -28.28 -13.57 -30.37
CA LEU A 2418 -27.63 -14.28 -31.47
C LEU A 2418 -27.53 -15.77 -31.20
N ASP A 2419 -27.52 -16.18 -29.93
CA ASP A 2419 -27.59 -17.60 -29.63
C ASP A 2419 -28.89 -18.21 -30.14
N LEU A 2420 -30.01 -17.49 -29.96
CA LEU A 2420 -31.27 -17.95 -30.53
C LEU A 2420 -31.19 -18.01 -32.04
N VAL A 2421 -30.38 -17.15 -32.65
CA VAL A 2421 -30.23 -17.16 -34.10
C VAL A 2421 -29.56 -18.43 -34.61
N ASN A 2422 -29.04 -19.27 -33.72
CA ASN A 2422 -28.55 -20.57 -34.14
C ASN A 2422 -29.66 -21.36 -34.83
N TYR A 2423 -30.89 -21.20 -34.37
CA TYR A 2423 -32.03 -21.87 -35.01
C TYR A 2423 -32.25 -21.34 -36.42
N VAL A 2424 -32.16 -20.03 -36.59
CA VAL A 2424 -32.42 -19.42 -37.90
C VAL A 2424 -31.37 -19.85 -38.91
N TYR A 2425 -30.12 -20.00 -38.47
CA TYR A 2425 -29.07 -20.43 -39.39
C TYR A 2425 -29.44 -21.75 -40.05
N ARG A 2426 -29.95 -22.70 -39.26
CA ARG A 2426 -30.43 -23.95 -39.84
C ARG A 2426 -31.76 -23.75 -40.55
N ASP A 2427 -32.61 -22.88 -40.02
CA ASP A 2427 -33.94 -22.64 -40.60
C ASP A 2427 -33.99 -21.28 -41.29
N LEU A 2435 -28.35 -16.22 -45.78
CA LEU A 2435 -28.22 -17.19 -44.70
C LEU A 2435 -27.79 -16.50 -43.40
N THR A 2436 -27.60 -15.19 -43.46
CA THR A 2436 -27.17 -14.40 -42.30
C THR A 2436 -25.81 -14.86 -41.78
N ALA A 2437 -24.99 -15.44 -42.67
CA ALA A 2437 -23.65 -15.84 -42.28
C ALA A 2437 -22.81 -14.66 -41.82
N LYS A 2438 -23.19 -13.44 -42.20
CA LYS A 2438 -22.44 -12.25 -41.83
C LYS A 2438 -22.54 -11.92 -40.34
N LEU A 2439 -23.23 -12.74 -39.55
CA LEU A 2439 -23.29 -12.54 -38.11
C LEU A 2439 -22.18 -13.28 -37.38
N GLU A 2440 -21.24 -13.89 -38.11
CA GLU A 2440 -20.09 -14.49 -37.46
C GLU A 2440 -19.30 -13.50 -36.62
N PRO A 2441 -19.02 -12.27 -37.06
CA PRO A 2441 -18.17 -11.39 -36.24
C PRO A 2441 -18.83 -10.93 -34.96
N ALA A 2442 -20.13 -11.20 -34.76
CA ALA A 2442 -20.77 -11.00 -33.48
C ALA A 2442 -20.87 -12.29 -32.67
N PHE A 2443 -21.04 -13.43 -33.34
CA PHE A 2443 -21.01 -14.70 -32.64
C PHE A 2443 -19.66 -14.95 -32.00
N LEU A 2444 -18.58 -14.67 -32.72
CA LEU A 2444 -17.25 -14.82 -32.15
C LEU A 2444 -17.05 -13.89 -30.96
N SER A 2445 -17.54 -12.65 -31.07
CA SER A 2445 -17.48 -11.74 -29.93
C SER A 2445 -18.33 -12.24 -28.77
N GLY A 2446 -19.31 -13.11 -29.04
CA GLY A 2446 -20.04 -13.75 -27.97
C GLY A 2446 -19.32 -14.91 -27.34
N LEU A 2447 -18.41 -15.55 -28.07
CA LEU A 2447 -17.61 -16.62 -27.49
C LEU A 2447 -16.72 -16.10 -26.37
N ARG A 2448 -16.12 -14.91 -26.56
CA ARG A 2448 -15.25 -14.36 -25.53
C ARG A 2448 -16.07 -13.68 -24.43
N CYS A 2449 -16.82 -12.64 -24.77
CA CYS A 2449 -17.58 -11.85 -23.82
C CYS A 2449 -16.85 -11.68 -22.51
N ALA A 2450 -17.60 -11.40 -21.44
CA ALA A 2450 -17.06 -11.41 -20.08
C ALA A 2450 -17.96 -12.12 -19.09
N GLN A 2451 -19.25 -12.25 -19.37
CA GLN A 2451 -20.14 -12.98 -18.48
C GLN A 2451 -20.00 -14.47 -18.72
N PRO A 2452 -19.59 -15.26 -17.73
CA PRO A 2452 -19.37 -16.69 -17.99
C PRO A 2452 -20.59 -17.41 -18.52
N LEU A 2453 -21.79 -17.03 -18.05
CA LEU A 2453 -22.99 -17.77 -18.44
C LEU A 2453 -23.24 -17.68 -19.95
N ILE A 2454 -23.09 -16.48 -20.52
CA ILE A 2454 -23.26 -16.34 -21.96
C ILE A 2454 -22.21 -17.15 -22.71
N ARG A 2455 -20.97 -17.10 -22.22
CA ARG A 2455 -19.88 -17.80 -22.90
C ARG A 2455 -20.21 -19.27 -23.10
N ALA A 2456 -20.68 -19.94 -22.04
CA ALA A 2456 -21.06 -21.33 -22.17
C ALA A 2456 -22.22 -21.51 -23.16
N LYS A 2457 -23.16 -20.57 -23.14
CA LYS A 2457 -24.29 -20.66 -24.05
C LYS A 2457 -23.82 -20.58 -25.50
N PHE A 2458 -22.86 -19.71 -25.80
CA PHE A 2458 -22.32 -19.65 -27.15
C PHE A 2458 -21.42 -20.82 -27.46
N PHE A 2459 -20.75 -21.38 -26.45
CA PHE A 2459 -19.85 -22.50 -26.70
C PHE A 2459 -20.61 -23.72 -27.20
N GLU A 2460 -21.76 -24.01 -26.60
CA GLU A 2460 -22.47 -25.25 -26.93
C GLU A 2460 -22.78 -25.32 -28.42
N VAL A 2461 -23.19 -24.21 -29.02
CA VAL A 2461 -23.43 -24.22 -30.47
C VAL A 2461 -22.11 -24.38 -31.21
N PHE A 2462 -21.05 -23.71 -30.74
CA PHE A 2462 -19.74 -23.86 -31.36
C PHE A 2462 -19.24 -25.28 -31.20
N ASP A 2463 -19.37 -25.84 -29.99
CA ASP A 2463 -18.95 -27.22 -29.76
C ASP A 2463 -19.79 -28.18 -30.58
N ASN A 2464 -21.10 -27.91 -30.69
CA ASN A 2464 -21.99 -28.80 -31.43
C ASN A 2464 -21.62 -28.85 -32.91
N SER A 2465 -21.21 -27.71 -33.47
CA SER A 2465 -21.06 -27.57 -34.91
C SER A 2465 -19.87 -28.32 -35.50
N MET A 2466 -19.15 -29.18 -34.78
CA MET A 2466 -18.03 -29.89 -35.37
C MET A 2466 -17.94 -31.28 -34.77
N LYS A 2467 -17.23 -32.16 -35.48
CA LYS A 2467 -17.07 -33.54 -35.03
C LYS A 2467 -16.28 -33.59 -33.72
N ARG A 2468 -16.56 -34.60 -32.92
CA ARG A 2468 -15.88 -34.78 -31.65
C ARG A 2468 -14.57 -35.54 -31.85
N ARG A 2469 -13.74 -35.07 -32.78
CA ARG A 2469 -12.47 -35.70 -33.10
C ARG A 2469 -11.34 -34.70 -32.92
N VAL A 2470 -10.24 -35.14 -32.32
CA VAL A 2470 -9.11 -34.25 -32.09
C VAL A 2470 -8.58 -33.70 -33.41
N TYR A 2471 -8.44 -34.57 -34.41
CA TYR A 2471 -7.91 -34.13 -35.69
C TYR A 2471 -8.81 -33.10 -36.35
N GLU A 2472 -10.12 -33.35 -36.35
CA GLU A 2472 -11.04 -32.44 -37.04
C GLU A 2472 -11.03 -31.05 -36.41
N ARG A 2473 -11.03 -30.98 -35.08
CA ARG A 2473 -10.99 -29.67 -34.42
C ARG A 2473 -9.68 -28.95 -34.71
N LEU A 2474 -8.58 -29.68 -34.78
CA LEU A 2474 -7.30 -29.05 -35.12
C LEU A 2474 -7.36 -28.42 -36.50
N LEU A 2475 -7.96 -29.11 -37.47
CA LEU A 2475 -8.18 -28.50 -38.78
C LEU A 2475 -9.09 -27.29 -38.67
N TYR A 2476 -10.15 -27.38 -37.88
CA TYR A 2476 -11.10 -26.28 -37.77
C TYR A 2476 -10.43 -25.03 -37.23
N VAL A 2477 -9.63 -25.17 -36.17
CA VAL A 2477 -8.96 -24.01 -35.60
C VAL A 2477 -7.98 -23.43 -36.59
N THR A 2478 -7.33 -24.27 -37.38
CA THR A 2478 -6.31 -23.80 -38.32
C THR A 2478 -6.95 -23.27 -39.61
N CYS A 2479 -7.66 -24.14 -40.33
CA CYS A 2479 -8.15 -23.82 -41.67
C CYS A 2479 -9.59 -23.30 -41.64
N SER A 2480 -10.53 -24.11 -41.13
CA SER A 2480 -11.94 -23.78 -41.29
C SER A 2480 -12.29 -22.46 -40.64
N GLN A 2481 -11.79 -22.22 -39.44
CA GLN A 2481 -12.18 -21.02 -38.69
C GLN A 2481 -11.40 -19.80 -39.15
N ASN A 2482 -12.04 -18.64 -39.00
CA ASN A 2482 -11.38 -17.36 -39.22
C ASN A 2482 -11.34 -16.60 -37.89
N TRP A 2483 -10.16 -16.19 -37.48
CA TRP A 2483 -9.96 -15.52 -36.20
C TRP A 2483 -9.83 -14.01 -36.33
N GLU A 2484 -10.15 -13.46 -37.50
CA GLU A 2484 -10.07 -12.02 -37.68
C GLU A 2484 -11.06 -11.27 -36.81
N ALA A 2485 -12.26 -11.85 -36.62
CA ALA A 2485 -13.35 -11.11 -35.97
C ALA A 2485 -13.01 -10.74 -34.54
N MET A 2486 -12.13 -11.49 -33.88
CA MET A 2486 -11.82 -11.26 -32.48
C MET A 2486 -10.34 -10.92 -32.30
N GLY A 2487 -9.86 -9.99 -33.12
CA GLY A 2487 -8.42 -9.77 -33.19
C GLY A 2487 -7.80 -9.43 -31.84
N ASN A 2488 -8.42 -8.50 -31.11
CA ASN A 2488 -7.83 -8.05 -29.86
C ASN A 2488 -7.79 -9.16 -28.82
N HIS A 2489 -8.58 -10.21 -28.97
CA HIS A 2489 -8.63 -11.29 -28.00
C HIS A 2489 -7.49 -12.28 -28.23
N PHE A 2490 -7.12 -12.97 -27.15
CA PHE A 2490 -6.14 -14.06 -27.22
C PHE A 2490 -6.88 -15.35 -27.52
N TRP A 2491 -7.32 -15.47 -28.78
CA TRP A 2491 -8.30 -16.47 -29.15
C TRP A 2491 -7.86 -17.90 -28.87
N ILE A 2492 -6.60 -18.13 -28.50
CA ILE A 2492 -6.16 -19.49 -28.20
C ILE A 2492 -6.99 -20.07 -27.06
N LYS A 2493 -7.50 -19.21 -26.16
CA LYS A 2493 -8.33 -19.70 -25.08
C LYS A 2493 -9.45 -20.57 -25.60
N GLN A 2494 -10.09 -20.16 -26.69
CA GLN A 2494 -11.14 -20.98 -27.30
C GLN A 2494 -10.57 -22.28 -27.81
N CYS A 2495 -9.39 -22.24 -28.43
CA CYS A 2495 -8.78 -23.46 -28.95
C CYS A 2495 -8.50 -24.47 -27.84
N ILE A 2496 -7.97 -23.99 -26.71
CA ILE A 2496 -7.80 -24.87 -25.55
C ILE A 2496 -9.15 -25.41 -25.12
N GLU A 2497 -10.16 -24.53 -25.05
CA GLU A 2497 -11.50 -24.97 -24.68
C GLU A 2497 -12.07 -25.93 -25.72
N LEU A 2498 -11.81 -25.66 -27.00
CA LEU A 2498 -12.36 -26.51 -28.06
C LEU A 2498 -11.84 -27.93 -27.93
N LEU A 2499 -10.52 -28.09 -27.77
CA LEU A 2499 -9.94 -29.43 -27.75
C LEU A 2499 -10.24 -30.13 -26.42
N LEU A 2500 -10.14 -29.41 -25.31
CA LEU A 2500 -10.39 -30.03 -24.01
C LEU A 2500 -11.83 -30.51 -23.88
N ALA A 2501 -12.73 -30.04 -24.75
CA ALA A 2501 -14.11 -30.52 -24.74
C ALA A 2501 -14.27 -31.87 -25.41
N VAL A 2502 -13.23 -32.38 -26.09
CA VAL A 2502 -13.32 -33.67 -26.75
C VAL A 2502 -12.87 -34.82 -25.87
N CYS A 2503 -12.42 -34.54 -24.65
CA CYS A 2503 -11.95 -35.57 -23.75
C CYS A 2503 -13.11 -36.46 -23.30
N GLU A 2504 -12.78 -37.48 -22.51
CA GLU A 2504 -13.78 -38.36 -21.92
C GLU A 2504 -14.13 -37.81 -20.55
N LYS A 2505 -15.21 -37.04 -20.47
CA LYS A 2505 -15.59 -36.37 -19.24
C LYS A 2505 -16.13 -37.33 -18.18
N SER A 2506 -16.36 -38.59 -18.52
CA SER A 2506 -17.00 -39.52 -17.60
C SER A 2506 -16.01 -40.29 -16.74
N THR A 2507 -14.82 -40.59 -17.25
CA THR A 2507 -13.90 -41.44 -16.52
C THR A 2507 -13.50 -40.79 -15.20
N PRO A 2508 -13.37 -41.56 -14.11
CA PRO A 2508 -12.96 -40.95 -12.84
C PRO A 2508 -11.57 -40.36 -12.93
N ILE A 2509 -11.36 -39.29 -12.15
CA ILE A 2509 -10.09 -38.58 -12.21
C ILE A 2509 -8.94 -39.51 -11.88
N GLY A 2510 -7.76 -39.19 -12.44
CA GLY A 2510 -6.57 -39.97 -12.18
C GLY A 2510 -5.34 -39.17 -12.55
N THR A 2511 -4.19 -39.84 -12.51
CA THR A 2511 -2.93 -39.19 -12.85
C THR A 2511 -1.90 -40.27 -13.17
N SER A 2512 -1.14 -40.05 -14.24
CA SER A 2512 -0.13 -41.03 -14.64
C SER A 2512 1.01 -41.07 -13.64
N CYS A 2513 1.39 -39.92 -13.09
CA CYS A 2513 2.54 -39.85 -12.19
C CYS A 2513 2.20 -40.48 -10.84
N GLN A 2514 2.11 -41.81 -10.82
CA GLN A 2514 1.79 -42.51 -9.58
C GLN A 2514 2.80 -42.18 -8.48
N GLY A 2515 4.03 -41.86 -8.84
CA GLY A 2515 5.04 -41.58 -7.84
C GLY A 2515 4.69 -40.39 -6.96
N ALA A 2516 4.03 -39.38 -7.52
CA ALA A 2516 3.68 -38.19 -6.76
C ALA A 2516 2.37 -38.34 -5.98
N MET A 2517 1.58 -39.37 -6.24
CA MET A 2517 0.32 -39.55 -5.53
C MET A 2517 0.57 -39.83 -4.06
N LEU A 2518 -0.27 -39.24 -3.21
CA LEU A 2518 -0.20 -39.51 -1.78
C LEU A 2518 -0.64 -40.95 -1.51
N PRO A 2519 0.14 -41.75 -0.79
CA PRO A 2519 -0.24 -43.14 -0.57
C PRO A 2519 -1.50 -43.24 0.27
N SER A 2520 -2.28 -44.28 0.00
CA SER A 2520 -3.49 -44.54 0.76
C SER A 2520 -3.14 -44.98 2.18
N ILE A 2521 -4.13 -44.90 3.07
CA ILE A 2521 -3.88 -45.22 4.47
C ILE A 2521 -3.44 -46.67 4.62
N THR A 2522 -4.12 -47.57 3.92
CA THR A 2522 -3.79 -48.99 4.02
C THR A 2522 -2.57 -49.38 3.18
N ASN A 2523 -2.04 -48.46 2.38
CA ASN A 2523 -0.92 -48.82 1.51
C ASN A 2523 0.27 -49.32 2.31
N VAL A 2524 0.39 -48.90 3.57
CA VAL A 2524 1.51 -49.37 4.39
C VAL A 2524 1.42 -50.88 4.56
N ILE A 2525 0.20 -51.42 4.67
CA ILE A 2525 0.04 -52.86 4.78
C ILE A 2525 0.63 -53.56 3.56
N ASN A 2526 0.35 -53.03 2.37
CA ASN A 2526 0.87 -53.65 1.16
C ASN A 2526 2.40 -53.57 1.11
N LEU A 2527 2.99 -52.57 1.76
CA LEU A 2527 4.45 -52.47 1.82
C LEU A 2527 5.06 -53.48 2.77
N ALA A 2528 4.27 -54.08 3.66
CA ALA A 2528 4.78 -55.05 4.61
C ALA A 2528 5.38 -56.26 3.89
N ASN A 2586 -18.08 -47.10 19.37
CA ASN A 2586 -16.79 -46.57 19.79
C ASN A 2586 -16.36 -45.42 18.91
N GLN A 2587 -15.42 -44.61 19.39
CA GLN A 2587 -14.97 -43.44 18.64
C GLN A 2587 -14.37 -43.84 17.30
N LEU A 2588 -13.54 -44.89 17.30
CA LEU A 2588 -12.83 -45.26 16.08
C LEU A 2588 -13.78 -45.68 14.97
N HIS A 2589 -14.70 -46.60 15.27
CA HIS A 2589 -15.55 -47.15 14.22
C HIS A 2589 -16.40 -46.06 13.59
N MET A 2590 -16.94 -45.15 14.40
CA MET A 2590 -17.71 -44.04 13.84
C MET A 2590 -16.83 -43.17 12.94
N LEU A 2591 -15.60 -42.90 13.37
CA LEU A 2591 -14.69 -42.10 12.54
C LEU A 2591 -14.40 -42.80 11.22
N THR A 2592 -13.97 -44.06 11.29
CA THR A 2592 -13.68 -44.80 10.07
C THR A 2592 -14.91 -44.93 9.20
N ASN A 2593 -16.05 -45.24 9.81
CA ASN A 2593 -17.31 -45.26 9.05
C ASN A 2593 -17.61 -43.89 8.46
N ARG A 2594 -17.44 -42.84 9.25
CA ARG A 2594 -17.67 -41.49 8.74
C ARG A 2594 -16.69 -41.16 7.62
N HIS A 2595 -15.43 -41.52 7.78
CA HIS A 2595 -14.43 -41.17 6.78
C HIS A 2595 -14.73 -41.84 5.45
N ASP A 2596 -15.13 -43.11 5.48
CA ASP A 2596 -15.40 -43.82 4.24
C ASP A 2596 -16.43 -43.08 3.39
N LYS A 2597 -17.38 -42.38 4.03
CA LYS A 2597 -18.31 -41.56 3.27
C LYS A 2597 -17.56 -40.46 2.52
N PHE A 2598 -16.64 -39.79 3.21
CA PHE A 2598 -15.86 -38.73 2.56
C PHE A 2598 -15.10 -39.28 1.36
N LEU A 2599 -14.42 -40.41 1.54
CA LEU A 2599 -13.74 -41.04 0.41
C LEU A 2599 -14.73 -41.45 -0.67
N ASP A 2600 -15.92 -41.91 -0.28
CA ASP A 2600 -16.92 -42.28 -1.27
C ASP A 2600 -17.29 -41.09 -2.15
N THR A 2601 -17.42 -39.91 -1.56
CA THR A 2601 -17.69 -38.71 -2.36
C THR A 2601 -16.57 -38.46 -3.35
N LEU A 2602 -15.32 -38.63 -2.91
CA LEU A 2602 -14.20 -38.38 -3.81
C LEU A 2602 -14.23 -39.32 -5.00
N ARG A 2603 -14.59 -40.58 -4.79
CA ARG A 2603 -14.67 -41.53 -5.88
C ARG A 2603 -15.68 -41.09 -6.95
N GLU A 2604 -16.62 -40.22 -6.59
CA GLU A 2604 -17.61 -39.72 -7.55
C GLU A 2604 -17.06 -38.61 -8.43
N VAL A 2605 -15.88 -38.07 -8.12
CA VAL A 2605 -15.31 -37.01 -8.94
C VAL A 2605 -14.86 -37.60 -10.28
N LYS A 2606 -15.28 -36.97 -11.37
CA LYS A 2606 -14.94 -37.42 -12.71
C LYS A 2606 -14.09 -36.38 -13.40
N THR A 2607 -13.22 -36.84 -14.30
CA THR A 2607 -12.27 -35.95 -14.96
C THR A 2607 -12.98 -34.79 -15.64
N GLY A 2608 -14.21 -35.00 -16.12
CA GLY A 2608 -14.94 -33.91 -16.72
C GLY A 2608 -15.12 -32.73 -15.78
N ALA A 2609 -15.14 -32.99 -14.48
CA ALA A 2609 -15.26 -31.91 -13.51
C ALA A 2609 -14.07 -30.97 -13.57
N LEU A 2610 -12.87 -31.51 -13.71
CA LEU A 2610 -11.67 -30.67 -13.77
C LEU A 2610 -11.62 -29.89 -15.08
N LEU A 2611 -11.87 -30.56 -16.21
CA LEU A 2611 -11.79 -29.88 -17.50
C LEU A 2611 -12.75 -28.71 -17.58
N SER A 2612 -13.97 -28.89 -17.07
CA SER A 2612 -14.93 -27.79 -17.06
C SER A 2612 -14.40 -26.61 -16.26
N ALA A 2613 -13.83 -26.88 -15.09
CA ALA A 2613 -13.23 -25.80 -14.30
C ALA A 2613 -11.91 -25.36 -14.89
N PHE A 2614 -11.12 -26.30 -15.40
CA PHE A 2614 -9.85 -25.96 -16.03
C PHE A 2614 -10.06 -24.99 -17.18
N VAL A 2615 -10.97 -25.33 -18.10
CA VAL A 2615 -11.20 -24.49 -19.26
C VAL A 2615 -11.61 -23.09 -18.83
N GLN A 2616 -12.56 -22.99 -17.90
CA GLN A 2616 -13.01 -21.68 -17.44
C GLN A 2616 -11.86 -20.88 -16.85
N LEU A 2617 -10.97 -21.54 -16.11
CA LEU A 2617 -9.87 -20.82 -15.49
C LEU A 2617 -8.95 -20.19 -16.52
N CYS A 2618 -8.79 -20.83 -17.68
CA CYS A 2618 -7.94 -20.25 -18.72
C CYS A 2618 -8.49 -18.90 -19.18
N HIS A 2619 -9.82 -18.80 -19.35
CA HIS A 2619 -10.41 -17.60 -19.91
C HIS A 2619 -10.07 -16.36 -19.10
N ILE A 2620 -9.84 -16.52 -17.80
CA ILE A 2620 -9.53 -15.38 -16.95
C ILE A 2620 -8.04 -15.10 -16.86
N SER A 2621 -7.20 -16.07 -17.23
CA SER A 2621 -5.74 -15.92 -17.13
C SER A 2621 -5.12 -16.31 -18.47
N THR A 2622 -4.61 -15.33 -19.21
CA THR A 2622 -3.89 -15.63 -20.44
C THR A 2622 -2.64 -16.44 -20.15
N THR A 2623 -1.92 -16.09 -19.09
CA THR A 2623 -0.68 -16.77 -18.78
C THR A 2623 -0.89 -18.28 -18.67
N LEU A 2624 -1.96 -18.70 -18.01
CA LEU A 2624 -2.29 -20.13 -17.97
C LEU A 2624 -2.63 -20.63 -19.36
N ALA A 2625 -3.40 -19.84 -20.12
CA ALA A 2625 -3.75 -20.24 -21.48
C ALA A 2625 -2.52 -20.36 -22.35
N GLU A 2626 -1.60 -19.41 -22.25
CA GLU A 2626 -0.40 -19.45 -23.07
C GLU A 2626 0.44 -20.68 -22.74
N LYS A 2627 0.58 -21.01 -21.45
CA LYS A 2627 1.38 -22.15 -21.05
C LYS A 2627 0.66 -23.47 -21.33
N THR A 2628 -0.68 -23.46 -21.33
CA THR A 2628 -1.41 -24.69 -21.59
C THR A 2628 -1.25 -25.12 -23.04
N TRP A 2629 -1.42 -24.18 -23.98
CA TRP A 2629 -1.34 -24.53 -25.39
C TRP A 2629 0.04 -25.07 -25.76
N VAL A 2630 1.09 -24.41 -25.27
CA VAL A 2630 2.45 -24.89 -25.55
C VAL A 2630 2.64 -26.28 -24.96
N GLN A 2631 2.07 -26.54 -23.79
CA GLN A 2631 2.12 -27.87 -23.20
C GLN A 2631 1.06 -28.81 -23.76
N LEU A 2632 0.06 -28.29 -24.46
CA LEU A 2632 -1.04 -29.12 -24.95
C LEU A 2632 -0.81 -29.59 -26.39
N PHE A 2633 -0.64 -28.65 -27.32
CA PHE A 2633 -0.55 -29.00 -28.73
C PHE A 2633 0.51 -30.07 -29.01
N PRO A 2634 1.74 -29.96 -28.50
CA PRO A 2634 2.70 -31.06 -28.72
C PRO A 2634 2.23 -32.38 -28.15
N ARG A 2635 1.50 -32.36 -27.04
CA ARG A 2635 1.07 -33.61 -26.42
C ARG A 2635 0.02 -34.30 -27.28
N LEU A 2636 -1.00 -33.56 -27.72
CA LEU A 2636 -2.00 -34.14 -28.60
C LEU A 2636 -1.52 -34.24 -30.04
N TRP A 2637 -0.43 -33.55 -30.40
CA TRP A 2637 0.17 -33.75 -31.71
C TRP A 2637 0.66 -35.19 -31.85
N LYS A 2638 1.14 -35.79 -30.76
CA LYS A 2638 1.52 -37.19 -30.79
C LYS A 2638 0.32 -38.09 -31.08
N ILE A 2639 -0.84 -37.75 -30.51
CA ILE A 2639 -2.02 -38.58 -30.68
C ILE A 2639 -2.37 -38.72 -32.16
N LEU A 2640 -2.25 -37.63 -32.92
CA LEU A 2640 -2.58 -37.67 -34.33
C LEU A 2640 -1.73 -38.71 -35.04
N SER A 2641 -2.36 -39.53 -35.86
CA SER A 2641 -1.63 -40.52 -36.64
C SER A 2641 -0.72 -39.83 -37.64
N ASP A 2642 0.38 -40.51 -37.99
CA ASP A 2642 1.38 -39.89 -38.86
C ASP A 2642 0.75 -39.40 -40.15
N ARG A 2643 -0.32 -40.05 -40.63
CA ARG A 2643 -1.04 -39.52 -41.77
C ARG A 2643 -1.67 -38.18 -41.45
N GLN A 2644 -2.39 -38.09 -40.33
CA GLN A 2644 -3.04 -36.84 -39.96
C GLN A 2644 -2.03 -35.73 -39.75
N GLN A 2645 -0.94 -36.02 -39.04
CA GLN A 2645 0.10 -35.02 -38.84
C GLN A 2645 0.61 -34.49 -40.18
N HIS A 2646 0.74 -35.36 -41.17
CA HIS A 2646 1.22 -34.94 -42.48
C HIS A 2646 0.29 -33.91 -43.08
N ALA A 2647 -1.02 -34.22 -43.14
CA ALA A 2647 -1.97 -33.26 -43.68
C ALA A 2647 -2.06 -32.01 -42.82
N LEU A 2648 -2.07 -32.17 -41.51
CA LEU A 2648 -2.17 -31.02 -40.62
C LEU A 2648 -0.98 -30.08 -40.83
N ALA A 2649 0.23 -30.63 -40.91
CA ALA A 2649 1.38 -29.80 -41.21
C ALA A 2649 1.22 -29.07 -42.53
N GLY A 2650 0.52 -29.69 -43.50
CA GLY A 2650 0.28 -29.03 -44.76
C GLY A 2650 -0.57 -27.78 -44.62
N GLU A 2651 -1.63 -27.87 -43.81
CA GLU A 2651 -2.50 -26.71 -43.59
C GLU A 2651 -1.86 -25.69 -42.64
N ILE A 2652 -0.99 -26.13 -41.74
CA ILE A 2652 -0.45 -25.22 -40.73
C ILE A 2652 0.37 -24.12 -41.40
N SER A 2653 1.21 -24.47 -42.37
CA SER A 2653 2.06 -23.47 -42.98
C SER A 2653 1.26 -22.33 -43.59
N PRO A 2654 0.25 -22.58 -44.44
CA PRO A 2654 -0.59 -21.45 -44.89
C PRO A 2654 -1.32 -20.76 -43.76
N PHE A 2655 -1.69 -21.49 -42.71
CA PHE A 2655 -2.42 -20.87 -41.61
C PHE A 2655 -1.58 -19.81 -40.91
N LEU A 2656 -0.30 -20.10 -40.68
CA LEU A 2656 0.55 -19.16 -39.95
C LEU A 2656 0.66 -17.83 -40.68
N CYS A 2657 0.81 -17.87 -42.00
CA CYS A 2657 0.99 -16.66 -42.78
C CYS A 2657 -0.33 -16.02 -43.20
N SER A 2658 -1.46 -16.57 -42.77
CA SER A 2658 -2.75 -15.97 -43.08
C SER A 2658 -2.79 -14.51 -42.64
N GLY A 2659 -3.67 -13.75 -43.28
CA GLY A 2659 -3.81 -12.34 -42.95
C GLY A 2659 -4.68 -12.04 -41.76
N SER A 2660 -5.40 -13.03 -41.25
CA SER A 2660 -6.24 -12.80 -40.08
C SER A 2660 -5.41 -12.42 -38.87
N HIS A 2661 -4.26 -13.09 -38.69
CA HIS A 2661 -3.38 -12.77 -37.57
C HIS A 2661 -2.81 -11.37 -37.68
N GLN A 2662 -2.89 -10.74 -38.86
CA GLN A 2662 -2.33 -9.40 -39.02
C GLN A 2662 -2.86 -8.46 -37.95
N VAL A 2663 -4.15 -8.56 -37.62
CA VAL A 2663 -4.74 -7.73 -36.59
C VAL A 2663 -4.11 -7.98 -35.23
N GLN A 2664 -3.53 -9.16 -35.02
CA GLN A 2664 -3.06 -9.57 -33.70
C GLN A 2664 -1.60 -9.22 -33.45
N ARG A 2665 -0.94 -8.52 -34.36
CA ARG A 2665 0.48 -8.22 -34.18
C ARG A 2665 0.71 -7.37 -32.94
N ASP A 2666 -0.14 -6.37 -32.71
CA ASP A 2666 0.15 -5.39 -31.67
C ASP A 2666 -0.01 -5.99 -30.27
N CYS A 2667 -1.05 -6.78 -30.05
CA CYS A 2667 -1.29 -7.32 -28.72
C CYS A 2667 -0.09 -8.14 -28.27
N GLN A 2668 0.35 -7.93 -27.03
CA GLN A 2668 1.63 -8.43 -26.56
C GLN A 2668 1.69 -9.95 -26.62
N PRO A 2669 0.90 -10.68 -25.81
CA PRO A 2669 0.91 -12.14 -25.97
C PRO A 2669 0.10 -12.57 -27.18
N SER A 2670 0.66 -12.34 -28.35
CA SER A 2670 -0.05 -12.61 -29.59
C SER A 2670 -0.48 -14.08 -29.65
N ALA A 2671 -1.72 -14.31 -30.08
CA ALA A 2671 -2.20 -15.68 -30.22
C ALA A 2671 -1.28 -16.49 -31.12
N LEU A 2672 -0.83 -15.90 -32.23
CA LEU A 2672 0.10 -16.60 -33.10
C LEU A 2672 1.42 -16.87 -32.37
N ASN A 2673 1.87 -15.92 -31.55
CA ASN A 2673 3.12 -16.10 -30.83
C ASN A 2673 3.07 -17.36 -29.95
N CYS A 2674 1.96 -17.55 -29.24
CA CYS A 2674 1.81 -18.75 -28.43
C CYS A 2674 1.61 -19.97 -29.30
N PHE A 2675 0.90 -19.82 -30.42
CA PHE A 2675 0.66 -20.96 -31.30
C PHE A 2675 1.96 -21.45 -31.94
N VAL A 2676 2.74 -20.54 -32.51
CA VAL A 2676 3.98 -20.93 -33.16
C VAL A 2676 4.97 -21.49 -32.15
N GLU A 2677 4.98 -20.95 -30.93
CA GLU A 2677 5.81 -21.53 -29.89
C GLU A 2677 5.39 -22.97 -29.59
N ALA A 2678 4.09 -23.23 -29.57
CA ALA A 2678 3.59 -24.56 -29.23
C ALA A 2678 4.07 -25.60 -30.23
N MET A 2679 3.91 -25.31 -31.52
CA MET A 2679 4.25 -26.30 -32.54
C MET A 2679 5.71 -26.71 -32.46
N SER A 2680 6.60 -25.76 -32.16
CA SER A 2680 8.02 -26.04 -32.22
C SER A 2680 8.39 -27.23 -31.33
N GLN A 2681 7.64 -27.45 -30.25
CA GLN A 2681 7.93 -28.56 -29.35
C GLN A 2681 7.51 -29.91 -29.93
N CYS A 2682 6.69 -29.93 -30.97
CA CYS A 2682 6.19 -31.19 -31.52
C CYS A 2682 7.35 -32.10 -31.87
N VAL A 2683 7.32 -33.34 -31.34
CA VAL A 2683 8.47 -34.22 -31.50
C VAL A 2683 8.75 -34.54 -32.96
N PRO A 2684 7.77 -34.79 -33.82
CA PRO A 2684 8.06 -34.85 -35.25
C PRO A 2684 8.09 -33.46 -35.83
N PRO A 2685 9.26 -32.93 -36.19
CA PRO A 2685 9.33 -31.50 -36.50
C PRO A 2685 8.38 -31.12 -37.62
N ILE A 2686 7.71 -29.98 -37.45
CA ILE A 2686 6.79 -29.44 -38.44
C ILE A 2686 7.60 -28.53 -39.37
N PRO A 2687 7.63 -28.80 -40.68
CA PRO A 2687 8.43 -27.95 -41.57
C PRO A 2687 7.76 -26.61 -41.80
N ILE A 2688 8.51 -25.53 -41.55
CA ILE A 2688 8.04 -24.17 -41.76
C ILE A 2688 9.09 -23.44 -42.59
N ARG A 2689 8.62 -22.71 -43.61
CA ARG A 2689 9.54 -22.02 -44.49
C ARG A 2689 10.37 -21.02 -43.69
N PRO A 2690 11.68 -20.89 -43.98
CA PRO A 2690 12.45 -19.82 -43.33
C PRO A 2690 11.92 -18.44 -43.64
N CYS A 2691 11.34 -18.24 -44.82
CA CYS A 2691 10.81 -16.93 -45.18
C CYS A 2691 9.71 -16.50 -44.22
N VAL A 2692 8.73 -17.38 -43.98
CA VAL A 2692 7.64 -17.05 -43.07
C VAL A 2692 8.17 -16.95 -41.63
N LEU A 2693 9.14 -17.79 -41.27
CA LEU A 2693 9.67 -17.74 -39.92
C LEU A 2693 10.30 -16.39 -39.61
N LYS A 2694 11.01 -15.80 -40.57
CA LYS A 2694 11.51 -14.44 -40.39
C LYS A 2694 10.35 -13.47 -40.21
N TYR A 2695 9.30 -13.61 -41.01
CA TYR A 2695 8.17 -12.69 -40.92
C TYR A 2695 7.52 -12.78 -39.54
N LEU A 2696 7.21 -14.00 -39.10
CA LEU A 2696 6.57 -14.15 -37.80
C LEU A 2696 7.45 -13.61 -36.68
N GLY A 2697 8.74 -13.89 -36.74
CA GLY A 2697 9.65 -13.33 -35.74
C GLY A 2697 9.66 -11.82 -35.76
N LYS A 2698 9.51 -11.21 -36.93
CA LYS A 2698 9.58 -9.76 -37.03
C LYS A 2698 8.33 -9.10 -36.46
N THR A 2699 7.16 -9.68 -36.70
CA THR A 2699 5.90 -9.02 -36.39
C THR A 2699 5.38 -9.34 -34.99
N HIS A 2700 5.33 -10.63 -34.63
CA HIS A 2700 4.64 -11.06 -33.43
C HIS A 2700 5.56 -11.13 -32.22
N ASN A 2701 6.60 -10.31 -32.17
CA ASN A 2701 7.52 -10.28 -31.03
C ASN A 2701 8.09 -11.67 -30.75
N LEU A 2702 8.24 -12.47 -31.81
CA LEU A 2702 8.73 -13.84 -31.73
C LEU A 2702 10.17 -13.93 -32.21
N TRP A 2703 10.99 -12.94 -31.88
CA TRP A 2703 12.28 -12.78 -32.53
C TRP A 2703 13.19 -13.98 -32.27
N PHE A 2704 13.38 -14.33 -31.00
CA PHE A 2704 14.44 -15.28 -30.67
C PHE A 2704 14.02 -16.72 -30.96
N ARG A 2705 12.74 -17.05 -30.84
CA ARG A 2705 12.31 -18.40 -31.21
C ARG A 2705 12.55 -18.64 -32.69
N SER A 2706 12.32 -17.62 -33.53
CA SER A 2706 12.57 -17.77 -34.95
C SER A 2706 14.05 -18.01 -35.23
N THR A 2707 14.92 -17.14 -34.69
CA THR A 2707 16.35 -17.29 -34.93
C THR A 2707 16.87 -18.60 -34.37
N LEU A 2708 16.45 -18.96 -33.15
CA LEU A 2708 16.87 -20.22 -32.57
C LEU A 2708 16.39 -21.39 -33.42
N MET A 2709 15.12 -21.37 -33.83
CA MET A 2709 14.61 -22.43 -34.68
C MET A 2709 15.30 -22.42 -36.03
N LEU A 2710 15.56 -21.22 -36.58
CA LEU A 2710 16.28 -21.12 -37.84
C LEU A 2710 17.69 -21.70 -37.71
N GLU A 2711 18.36 -21.41 -36.58
CA GLU A 2711 19.71 -21.92 -36.38
C GLU A 2711 19.74 -23.44 -36.40
N HIS A 2712 18.75 -24.08 -35.79
CA HIS A 2712 18.76 -25.54 -35.67
C HIS A 2712 18.83 -26.20 -37.04
N GLN A 2713 17.92 -25.84 -37.94
CA GLN A 2713 17.93 -26.44 -39.27
C GLN A 2713 19.16 -26.02 -40.05
N ALA A 2714 19.57 -24.75 -39.92
CA ALA A 2714 20.77 -24.30 -40.60
C ALA A 2714 21.97 -25.16 -40.23
N PHE A 2715 22.04 -25.59 -38.96
CA PHE A 2715 23.16 -26.41 -38.51
C PHE A 2715 23.09 -27.79 -39.16
N GLU A 2716 21.93 -28.44 -39.12
CA GLU A 2716 21.84 -29.83 -39.59
C GLU A 2716 21.68 -29.89 -41.10
N LYS A 2717 20.95 -28.95 -41.69
CA LYS A 2717 20.73 -28.94 -43.13
C LYS A 2717 21.68 -27.96 -43.81
N PRO A 2740 17.46 -22.90 -51.65
CA PRO A 2740 18.05 -24.24 -51.77
C PRO A 2740 19.15 -24.48 -50.74
N GLN A 2741 18.77 -24.64 -49.48
CA GLN A 2741 19.66 -24.83 -48.34
C GLN A 2741 20.38 -23.55 -47.97
N GLN A 2742 20.20 -22.46 -48.71
CA GLN A 2742 20.77 -21.17 -48.39
C GLN A 2742 19.71 -20.11 -48.08
N GLU A 2743 18.49 -20.29 -48.59
CA GLU A 2743 17.38 -19.44 -48.14
C GLU A 2743 17.31 -19.38 -46.62
N ILE A 2744 17.71 -20.45 -45.94
CA ILE A 2744 17.75 -20.44 -44.48
C ILE A 2744 18.74 -19.40 -43.99
N LEU A 2745 19.94 -19.38 -44.58
CA LEU A 2745 20.95 -18.43 -44.13
C LEU A 2745 20.51 -16.99 -44.40
N ASP A 2746 19.89 -16.73 -45.54
CA ASP A 2746 19.42 -15.39 -45.84
C ASP A 2746 18.42 -14.92 -44.80
N SER A 2747 17.41 -15.75 -44.52
CA SER A 2747 16.44 -15.40 -43.50
C SER A 2747 17.11 -15.25 -42.14
N LEU A 2748 18.01 -16.18 -41.80
CA LEU A 2748 18.73 -16.06 -40.54
C LEU A 2748 19.59 -14.82 -40.51
N ALA A 2749 20.26 -14.51 -41.62
CA ALA A 2749 21.14 -13.34 -41.66
C ALA A 2749 20.35 -12.06 -41.43
N GLU A 2750 19.19 -11.94 -42.09
CA GLU A 2750 18.39 -10.72 -41.92
C GLU A 2750 17.92 -10.55 -40.49
N LEU A 2751 17.52 -11.66 -39.84
CA LEU A 2751 17.05 -11.56 -38.47
C LEU A 2751 18.16 -11.09 -37.55
N TYR A 2752 19.37 -11.60 -37.72
CA TYR A 2752 20.48 -11.13 -36.90
C TYR A 2752 20.71 -9.64 -37.12
N SER A 2753 20.66 -9.19 -38.36
CA SER A 2753 20.77 -7.76 -38.63
C SER A 2753 19.63 -6.99 -37.98
N LEU A 2754 18.42 -7.52 -38.05
CA LEU A 2754 17.28 -6.87 -37.39
C LEU A 2754 17.48 -6.85 -35.88
N LEU A 2755 17.94 -7.96 -35.31
CA LEU A 2755 18.25 -8.01 -33.89
C LEU A 2755 19.45 -7.16 -33.53
N GLN A 2756 20.19 -6.67 -34.53
CA GLN A 2756 21.38 -5.84 -34.34
C GLN A 2756 22.51 -6.61 -33.67
N GLU A 2757 22.42 -7.93 -33.62
CA GLU A 2757 23.51 -8.76 -33.12
C GLU A 2757 24.60 -8.84 -34.19
N GLU A 2758 25.26 -7.71 -34.41
CA GLU A 2758 26.18 -7.60 -35.53
C GLU A 2758 27.32 -8.61 -35.42
N ASP A 2759 27.86 -8.80 -34.22
CA ASP A 2759 28.94 -9.77 -34.04
C ASP A 2759 28.46 -11.17 -34.43
N MET A 2760 27.26 -11.55 -33.97
CA MET A 2760 26.69 -12.83 -34.40
C MET A 2760 26.39 -12.81 -35.88
N TRP A 2761 25.86 -11.69 -36.39
CA TRP A 2761 25.61 -11.57 -37.82
C TRP A 2761 26.89 -11.68 -38.62
N ALA A 2762 27.96 -11.03 -38.14
CA ALA A 2762 29.23 -11.07 -38.86
C ALA A 2762 29.74 -12.50 -38.97
N GLY A 2763 29.64 -13.27 -37.89
CA GLY A 2763 30.12 -14.64 -37.93
C GLY A 2763 29.45 -15.46 -39.02
N LEU A 2764 28.15 -15.25 -39.21
CA LEU A 2764 27.42 -16.00 -40.23
C LEU A 2764 27.96 -15.71 -41.62
N TRP A 2765 28.20 -14.43 -41.93
CA TRP A 2765 28.58 -14.07 -43.29
C TRP A 2765 30.02 -14.46 -43.59
N GLN A 2766 30.90 -14.41 -42.59
CA GLN A 2766 32.27 -14.88 -42.80
C GLN A 2766 32.29 -16.34 -43.24
N LYS A 2767 31.30 -17.12 -42.79
CA LYS A 2767 31.25 -18.53 -43.15
C LYS A 2767 30.73 -18.75 -44.57
N ARG A 2768 29.82 -17.90 -45.05
CA ARG A 2768 29.16 -18.12 -46.33
C ARG A 2768 29.59 -17.14 -47.42
N CYS A 2769 30.32 -16.08 -47.09
CA CYS A 2769 30.67 -15.09 -48.10
C CYS A 2769 31.48 -15.72 -49.21
N LYS A 2770 31.01 -15.53 -50.45
CA LYS A 2770 31.71 -16.09 -51.61
C LYS A 2770 33.06 -15.43 -51.81
N TYR A 2771 33.09 -14.09 -51.83
CA TYR A 2771 34.32 -13.36 -52.07
C TYR A 2771 35.15 -13.29 -50.80
N SER A 2772 36.46 -13.43 -50.94
CA SER A 2772 37.36 -13.19 -49.83
C SER A 2772 37.31 -11.73 -49.39
N GLU A 2773 36.88 -10.83 -50.27
CA GLU A 2773 36.81 -9.41 -49.91
C GLU A 2773 35.76 -9.16 -48.84
N THR A 2774 34.62 -9.83 -48.93
CA THR A 2774 33.56 -9.61 -47.95
C THR A 2774 34.02 -9.94 -46.54
N ALA A 2775 34.73 -11.07 -46.38
CA ALA A 2775 35.22 -11.44 -45.06
C ALA A 2775 36.16 -10.39 -44.51
N THR A 2776 37.07 -9.87 -45.34
CA THR A 2776 37.95 -8.81 -44.90
C THR A 2776 37.15 -7.55 -44.54
N ALA A 2777 36.15 -7.22 -45.34
CA ALA A 2777 35.34 -6.05 -45.06
C ALA A 2777 34.57 -6.20 -43.76
N ILE A 2778 33.89 -7.33 -43.58
CA ILE A 2778 33.10 -7.54 -42.38
C ILE A 2778 33.99 -7.53 -41.15
N ALA A 2779 35.13 -8.22 -41.21
CA ALA A 2779 36.02 -8.28 -40.06
C ALA A 2779 36.49 -6.89 -39.68
N TYR A 2780 36.85 -6.06 -40.66
CA TYR A 2780 37.20 -4.67 -40.37
C TYR A 2780 36.01 -3.93 -39.77
N GLU A 2781 34.86 -3.99 -40.43
CA GLU A 2781 33.69 -3.28 -39.94
C GLU A 2781 33.26 -3.79 -38.58
N GLN A 2782 33.42 -5.09 -38.33
CA GLN A 2782 32.95 -5.68 -37.09
C GLN A 2782 33.61 -5.06 -35.86
N HIS A 2783 34.79 -4.46 -36.01
CA HIS A 2783 35.54 -3.91 -34.90
C HIS A 2783 35.74 -2.41 -34.97
N GLY A 2784 35.51 -1.78 -36.12
CA GLY A 2784 35.84 -0.39 -36.31
C GLY A 2784 36.60 -0.21 -37.61
N PHE A 2785 37.56 0.72 -37.63
CA PHE A 2785 38.39 0.91 -38.82
C PHE A 2785 37.53 1.02 -40.07
N PHE A 2786 36.44 1.78 -39.96
CA PHE A 2786 35.50 1.89 -41.07
C PHE A 2786 36.18 2.43 -42.33
N GLU A 2787 37.31 3.13 -42.18
CA GLU A 2787 38.07 3.54 -43.35
C GLU A 2787 38.54 2.32 -44.15
N GLN A 2788 39.02 1.29 -43.45
CA GLN A 2788 39.47 0.09 -44.14
C GLN A 2788 38.29 -0.70 -44.70
N ALA A 2789 37.23 -0.86 -43.92
CA ALA A 2789 36.09 -1.64 -44.38
C ALA A 2789 35.47 -1.04 -45.62
N GLN A 2790 35.33 0.30 -45.65
CA GLN A 2790 34.77 0.95 -46.82
C GLN A 2790 35.58 0.61 -48.06
N GLU A 2791 36.91 0.74 -47.98
CA GLU A 2791 37.75 0.42 -49.13
C GLU A 2791 37.64 -1.06 -49.50
N SER A 2792 37.66 -1.94 -48.50
CA SER A 2792 37.56 -3.37 -48.80
C SER A 2792 36.27 -3.70 -49.53
N TYR A 2793 35.18 -2.98 -49.22
CA TYR A 2793 33.97 -3.13 -50.01
C TYR A 2793 34.18 -2.63 -51.43
N GLU A 2794 34.74 -1.43 -51.56
CA GLU A 2794 34.95 -0.86 -52.90
C GLU A 2794 35.88 -1.74 -53.73
N LYS A 2795 36.85 -2.39 -53.10
CA LYS A 2795 37.67 -3.36 -53.82
C LYS A 2795 36.83 -4.51 -54.34
N ALA A 2796 35.91 -5.02 -53.50
CA ALA A 2796 35.10 -6.15 -53.91
C ALA A 2796 34.19 -5.81 -55.09
N MET A 2797 33.57 -4.64 -55.05
CA MET A 2797 32.58 -4.29 -56.07
C MET A 2797 33.22 -4.25 -57.45
N ASP A 2798 34.35 -3.56 -57.59
CA ASP A 2798 34.99 -3.47 -58.90
C ASP A 2798 35.41 -4.85 -59.40
N LYS A 2799 36.01 -5.66 -58.53
CA LYS A 2799 36.37 -7.01 -58.93
C LYS A 2799 35.14 -7.82 -59.30
N ALA A 2800 34.05 -7.65 -58.54
CA ALA A 2800 32.78 -8.25 -58.93
C ALA A 2800 32.28 -7.67 -60.23
N LYS A 2801 32.49 -6.36 -60.43
CA LYS A 2801 32.07 -5.73 -61.68
C LYS A 2801 32.76 -6.37 -62.87
N LYS A 2802 34.06 -6.65 -62.75
CA LYS A 2802 34.76 -7.35 -63.83
C LYS A 2802 34.17 -8.73 -64.08
N GLU A 2803 33.57 -9.33 -63.05
CA GLU A 2803 32.96 -10.65 -63.22
C GLU A 2803 31.69 -10.57 -64.04
N HIS A 2804 30.89 -9.51 -63.85
CA HIS A 2804 29.60 -9.43 -64.51
C HIS A 2804 29.75 -9.43 -66.03
N GLU A 2805 30.68 -8.64 -66.55
CA GLU A 2805 30.81 -8.50 -67.99
C GLU A 2805 31.10 -9.83 -68.67
N ARG A 2806 31.73 -10.76 -67.96
CA ARG A 2806 32.09 -12.05 -68.53
C ARG A 2806 31.17 -13.17 -68.09
N SER A 2807 30.60 -13.11 -66.89
CA SER A 2807 29.83 -14.20 -66.31
C SER A 2807 28.36 -13.79 -66.19
N ASN A 2808 27.57 -14.72 -65.66
CA ASN A 2808 26.14 -14.51 -65.46
C ASN A 2808 25.90 -13.95 -64.07
N ALA A 2809 24.63 -13.93 -63.65
CA ALA A 2809 24.27 -13.33 -62.36
C ALA A 2809 24.61 -14.24 -61.18
N SER A 2810 24.45 -15.55 -61.35
CA SER A 2810 24.57 -16.46 -60.21
C SER A 2810 23.63 -15.98 -59.11
N PRO A 2811 22.31 -16.16 -59.27
CA PRO A 2811 21.34 -15.55 -58.35
C PRO A 2811 21.74 -15.58 -56.88
N ALA A 2812 22.39 -16.66 -56.44
CA ALA A 2812 22.72 -16.78 -55.03
C ALA A 2812 23.65 -15.67 -54.54
N ILE A 2813 24.37 -15.00 -55.45
CA ILE A 2813 25.32 -13.97 -55.03
C ILE A 2813 24.64 -12.65 -54.70
N PHE A 2814 23.41 -12.43 -55.18
CA PHE A 2814 22.77 -11.13 -54.97
C PHE A 2814 22.71 -10.71 -53.52
N PRO A 2815 22.33 -11.55 -52.56
CA PRO A 2815 22.35 -11.11 -51.16
C PRO A 2815 23.72 -10.63 -50.72
N GLU A 2816 24.79 -11.18 -51.29
CA GLU A 2816 26.12 -10.65 -50.98
C GLU A 2816 26.30 -9.24 -51.54
N TYR A 2817 25.89 -9.03 -52.79
CA TYR A 2817 26.01 -7.69 -53.36
C TYR A 2817 25.18 -6.69 -52.59
N GLN A 2818 23.95 -7.07 -52.22
CA GLN A 2818 23.12 -6.19 -51.41
C GLN A 2818 23.81 -5.87 -50.09
N LEU A 2819 24.62 -6.79 -49.57
CA LEU A 2819 25.33 -6.55 -48.32
C LEU A 2819 26.30 -5.39 -48.47
N TRP A 2820 27.08 -5.37 -49.56
CA TRP A 2820 28.06 -4.32 -49.74
C TRP A 2820 27.40 -2.96 -49.85
N GLU A 2821 26.33 -2.86 -50.66
CA GLU A 2821 25.63 -1.59 -50.79
C GLU A 2821 25.05 -1.15 -49.46
N ASP A 2822 24.43 -2.07 -48.72
CA ASP A 2822 23.88 -1.72 -47.42
C ASP A 2822 24.97 -1.29 -46.45
N HIS A 2823 26.09 -2.01 -46.44
CA HIS A 2823 27.12 -1.75 -45.44
C HIS A 2823 28.17 -0.74 -45.92
N TRP A 2824 28.36 -0.59 -47.23
CA TRP A 2824 29.15 0.52 -47.71
C TRP A 2824 28.51 1.84 -47.31
N ILE A 2825 27.18 1.90 -47.36
CA ILE A 2825 26.47 3.07 -46.86
C ILE A 2825 26.70 3.23 -45.37
N ARG A 2826 26.56 2.14 -44.61
CA ARG A 2826 26.73 2.21 -43.16
C ARG A 2826 28.10 2.75 -42.81
N CYS A 2827 29.15 2.16 -43.36
CA CYS A 2827 30.50 2.66 -43.11
C CYS A 2827 30.64 4.10 -43.56
N SER A 2828 29.92 4.49 -44.62
CA SER A 2828 29.96 5.89 -45.06
C SER A 2828 29.40 6.80 -43.99
N LYS A 2829 28.31 6.39 -43.32
CA LYS A 2829 27.76 7.19 -42.24
C LYS A 2829 28.75 7.33 -41.09
N GLU A 2830 29.34 6.21 -40.67
CA GLU A 2830 30.30 6.27 -39.58
C GLU A 2830 31.50 7.13 -39.93
N LEU A 2831 31.79 7.29 -41.22
CA LEU A 2831 32.89 8.13 -41.67
C LEU A 2831 32.49 9.58 -41.84
N ASN A 2832 31.26 9.94 -41.48
CA ASN A 2832 30.79 11.32 -41.58
C ASN A 2832 30.70 11.79 -43.03
N GLN A 2833 30.73 10.86 -43.99
CA GLN A 2833 30.61 11.20 -45.40
C GLN A 2833 29.14 11.45 -45.76
N TRP A 2834 28.58 12.47 -45.12
CA TRP A 2834 27.16 12.76 -45.29
C TRP A 2834 26.89 13.44 -46.64
N GLU A 2835 27.79 14.31 -47.08
CA GLU A 2835 27.58 15.00 -48.35
C GLU A 2835 27.57 14.00 -49.51
N ALA A 2836 28.52 13.05 -49.50
CA ALA A 2836 28.58 12.08 -50.58
C ALA A 2836 27.35 11.20 -50.60
N LEU A 2837 26.87 10.77 -49.43
CA LEU A 2837 25.71 9.90 -49.38
C LEU A 2837 24.48 10.58 -49.96
N THR A 2838 24.24 11.84 -49.58
CA THR A 2838 23.09 12.56 -50.11
C THR A 2838 23.19 12.69 -51.62
N GLU A 2839 24.38 13.03 -52.13
CA GLU A 2839 24.57 13.08 -53.58
C GLU A 2839 24.38 11.70 -54.19
N TYR A 2840 24.91 10.67 -53.56
CA TYR A 2840 24.73 9.31 -54.07
C TYR A 2840 23.26 8.89 -54.03
N GLY A 2841 22.57 9.21 -52.92
CA GLY A 2841 21.22 8.73 -52.75
C GLY A 2841 20.26 9.23 -53.81
N GLN A 2842 20.49 10.44 -54.31
CA GLN A 2842 19.62 11.06 -55.31
C GLN A 2842 20.19 10.95 -56.71
N SER A 2843 20.84 9.83 -57.03
CA SER A 2843 21.43 9.66 -58.34
C SER A 2843 20.37 9.82 -59.43
N LYS A 2844 20.85 9.90 -60.68
CA LYS A 2844 19.94 10.15 -61.80
C LYS A 2844 18.79 9.16 -61.80
N GLY A 2845 19.09 7.87 -61.64
CA GLY A 2845 18.07 6.86 -61.56
C GLY A 2845 18.19 6.06 -60.29
N HIS A 2846 17.38 5.01 -60.14
CA HIS A 2846 17.39 4.14 -58.97
C HIS A 2846 17.60 4.95 -57.69
N ILE A 2847 16.76 5.96 -57.52
CA ILE A 2847 16.87 6.82 -56.34
C ILE A 2847 16.66 6.00 -55.09
N ASN A 2848 17.19 6.50 -53.97
CA ASN A 2848 17.09 5.86 -52.67
C ASN A 2848 16.52 6.88 -51.69
N PRO A 2849 15.20 7.12 -51.76
CA PRO A 2849 14.62 8.18 -50.90
C PRO A 2849 14.87 7.96 -49.43
N TYR A 2850 14.84 6.71 -48.96
CA TYR A 2850 15.12 6.45 -47.55
C TYR A 2850 16.52 6.90 -47.18
N LEU A 2851 17.51 6.58 -48.03
CA LEU A 2851 18.87 7.03 -47.77
C LEU A 2851 18.96 8.55 -47.81
N VAL A 2852 18.32 9.17 -48.79
CA VAL A 2852 18.34 10.63 -48.88
C VAL A 2852 17.71 11.24 -47.64
N LEU A 2853 16.65 10.61 -47.12
CA LEU A 2853 15.97 11.12 -45.95
C LEU A 2853 16.94 11.27 -44.78
N GLU A 2854 17.67 10.21 -44.46
CA GLU A 2854 18.52 10.23 -43.27
C GLU A 2854 19.67 11.21 -43.41
N CYS A 2855 20.28 11.28 -44.59
CA CYS A 2855 21.51 12.05 -44.76
C CYS A 2855 21.27 13.48 -45.22
N ALA A 2856 20.17 13.74 -45.93
CA ALA A 2856 19.98 15.06 -46.52
C ALA A 2856 19.94 16.14 -45.44
N TRP A 2857 19.21 15.90 -44.35
CA TRP A 2857 19.05 16.95 -43.35
C TRP A 2857 20.35 17.19 -42.58
N ARG A 2858 21.20 16.16 -42.47
CA ARG A 2858 22.46 16.34 -41.74
C ARG A 2858 23.30 17.42 -42.38
N VAL A 2859 23.39 17.42 -43.71
CA VAL A 2859 23.81 18.62 -44.42
C VAL A 2859 22.62 19.57 -44.53
N SER A 2860 22.91 20.81 -44.88
CA SER A 2860 21.84 21.81 -44.92
C SER A 2860 20.92 21.65 -46.14
N ASN A 2861 21.03 20.59 -46.93
CA ASN A 2861 20.24 20.44 -48.16
C ASN A 2861 18.80 20.07 -47.79
N TRP A 2862 18.09 21.07 -47.26
CA TRP A 2862 16.69 20.86 -46.88
C TRP A 2862 15.81 20.59 -48.10
N THR A 2863 16.02 21.33 -49.18
CA THR A 2863 15.19 21.16 -50.37
C THR A 2863 15.20 19.71 -50.83
N ALA A 2864 16.35 19.06 -50.77
CA ALA A 2864 16.39 17.62 -51.02
C ALA A 2864 15.63 16.86 -49.94
N MET A 2865 15.73 17.31 -48.70
CA MET A 2865 14.99 16.68 -47.61
C MET A 2865 13.50 16.66 -47.89
N LYS A 2866 12.93 17.82 -48.22
CA LYS A 2866 11.49 17.90 -48.43
C LYS A 2866 11.06 16.98 -49.56
N GLU A 2867 11.81 16.98 -50.68
CA GLU A 2867 11.47 16.10 -51.78
C GLU A 2867 11.51 14.64 -51.36
N ALA A 2868 12.56 14.25 -50.64
CA ALA A 2868 12.67 12.87 -50.20
C ALA A 2868 11.52 12.49 -49.27
N LEU A 2869 11.15 13.38 -48.36
CA LEU A 2869 10.13 13.05 -47.37
C LEU A 2869 8.78 12.76 -48.03
N VAL A 2870 8.40 13.57 -49.02
CA VAL A 2870 7.07 13.40 -49.60
C VAL A 2870 6.96 12.06 -50.31
N GLN A 2871 8.02 11.67 -51.03
CA GLN A 2871 7.98 10.43 -51.80
C GLN A 2871 8.24 9.20 -50.96
N VAL A 2872 8.64 9.35 -49.69
CA VAL A 2872 8.74 8.21 -48.78
C VAL A 2872 7.52 8.11 -47.87
N GLU A 2873 6.81 9.22 -47.63
CA GLU A 2873 5.59 9.15 -46.84
C GLU A 2873 4.57 8.23 -47.50
N VAL A 2874 4.49 8.26 -48.82
CA VAL A 2874 3.58 7.37 -49.53
C VAL A 2874 3.88 5.92 -49.20
N SER A 2875 5.17 5.58 -49.10
CA SER A 2875 5.60 4.22 -48.80
C SER A 2875 6.36 4.12 -47.49
N CYS A 2876 6.10 5.03 -46.54
CA CYS A 2876 6.67 4.87 -45.21
C CYS A 2876 6.22 3.50 -44.70
N PRO A 2877 7.09 2.49 -44.70
CA PRO A 2877 6.58 1.12 -44.70
C PRO A 2877 6.57 0.39 -43.37
N LYS A 2878 7.23 0.93 -42.35
CA LYS A 2878 7.62 0.10 -41.22
C LYS A 2878 7.67 0.96 -39.96
N GLU A 2879 8.35 0.46 -38.93
CA GLU A 2879 8.64 1.20 -37.72
C GLU A 2879 9.08 2.63 -38.05
N MET A 2880 9.74 2.80 -39.19
CA MET A 2880 10.23 4.12 -39.62
C MET A 2880 9.21 5.22 -39.36
N ALA A 2881 7.92 4.86 -39.38
CA ALA A 2881 6.85 5.81 -39.11
C ALA A 2881 7.20 6.72 -37.94
N TRP A 2882 7.76 6.15 -36.87
CA TRP A 2882 8.26 6.99 -35.79
C TRP A 2882 9.42 7.86 -36.26
N LYS A 2883 10.28 7.30 -37.11
CA LYS A 2883 11.39 8.08 -37.65
C LYS A 2883 10.89 9.13 -38.65
N VAL A 2884 9.93 8.75 -39.50
CA VAL A 2884 9.39 9.71 -40.46
C VAL A 2884 8.72 10.87 -39.74
N ASN A 2885 7.93 10.57 -38.70
CA ASN A 2885 7.22 11.62 -37.99
C ASN A 2885 8.18 12.67 -37.45
N MET A 2886 9.33 12.24 -36.93
CA MET A 2886 10.31 13.18 -36.42
C MET A 2886 10.80 14.10 -37.53
N TYR A 2887 11.14 13.52 -38.70
CA TYR A 2887 11.69 14.33 -39.78
C TYR A 2887 10.71 15.37 -40.27
N ARG A 2888 9.41 15.16 -40.07
CA ARG A 2888 8.46 16.25 -40.31
C ARG A 2888 8.76 17.42 -39.39
N GLY A 2889 9.05 17.12 -38.12
CA GLY A 2889 9.43 18.19 -37.20
C GLY A 2889 10.69 18.90 -37.64
N TYR A 2890 11.70 18.14 -38.08
CA TYR A 2890 12.93 18.76 -38.56
C TYR A 2890 12.62 19.72 -39.70
N LEU A 2891 11.84 19.28 -40.68
CA LEU A 2891 11.40 20.18 -41.73
C LEU A 2891 10.52 21.29 -41.16
N ALA A 2892 9.65 20.94 -40.21
CA ALA A 2892 8.79 21.96 -39.60
C ALA A 2892 9.63 23.03 -38.93
N ILE A 2893 10.67 22.63 -38.19
CA ILE A 2893 11.50 23.61 -37.49
C ILE A 2893 12.41 24.33 -38.48
N CYS A 2894 13.30 23.59 -39.13
CA CYS A 2894 14.21 24.17 -40.12
C CYS A 2894 13.53 24.18 -41.48
N HIS A 2895 12.50 25.00 -41.57
CA HIS A 2895 11.72 25.09 -42.79
C HIS A 2895 12.60 25.58 -43.94
N PRO A 2896 12.39 25.11 -45.16
CA PRO A 2896 13.16 25.66 -46.28
C PRO A 2896 13.04 27.17 -46.41
N GLU A 2897 11.84 27.73 -46.19
CA GLU A 2897 11.63 29.16 -46.26
C GLU A 2897 11.18 29.75 -44.93
N GLU A 2898 10.08 29.25 -44.35
CA GLU A 2898 9.55 29.82 -43.11
C GLU A 2898 8.83 28.74 -42.33
N GLN A 2899 9.18 28.58 -41.07
CA GLN A 2899 8.64 27.54 -40.22
C GLN A 2899 7.32 27.96 -39.57
N GLN A 2900 6.64 26.99 -38.98
CA GLN A 2900 5.43 27.23 -38.19
C GLN A 2900 5.60 26.78 -36.74
N LEU A 2901 6.18 25.60 -36.53
CA LEU A 2901 6.54 25.11 -35.20
C LEU A 2901 5.39 25.25 -34.19
N SER A 2902 4.16 25.27 -34.66
CA SER A 2902 2.98 25.35 -33.79
C SER A 2902 2.32 23.99 -33.61
N PHE A 2903 2.30 23.17 -34.66
CA PHE A 2903 1.71 21.83 -34.61
C PHE A 2903 2.74 20.75 -34.35
N ILE A 2904 3.95 21.12 -33.95
CA ILE A 2904 5.00 20.13 -33.71
C ILE A 2904 4.66 19.26 -32.51
N GLU A 2905 4.00 19.83 -31.50
CA GLU A 2905 3.70 19.06 -30.29
C GLU A 2905 3.03 17.74 -30.63
N ARG A 2906 2.05 17.78 -31.53
CA ARG A 2906 1.41 16.54 -31.98
C ARG A 2906 2.42 15.65 -32.69
N LEU A 2907 3.33 16.24 -33.47
CA LEU A 2907 4.32 15.46 -34.20
C LEU A 2907 5.22 14.70 -33.23
N VAL A 2908 5.82 15.40 -32.27
CA VAL A 2908 6.70 14.73 -31.32
C VAL A 2908 5.93 13.72 -30.50
N GLU A 2909 4.74 14.09 -30.04
CA GLU A 2909 3.91 13.14 -29.30
C GLU A 2909 3.53 11.94 -30.16
N MET A 2910 3.19 12.20 -31.43
CA MET A 2910 2.84 11.11 -32.34
C MET A 2910 4.03 10.19 -32.55
N ALA A 2911 5.21 10.76 -32.78
CA ALA A 2911 6.41 9.94 -32.95
C ALA A 2911 6.73 9.18 -31.67
N SER A 2912 6.64 9.85 -30.52
CA SER A 2912 6.95 9.19 -29.26
C SER A 2912 6.02 8.02 -29.01
N SER A 2913 4.72 8.20 -29.25
CA SER A 2913 3.78 7.11 -29.08
C SER A 2913 4.07 5.99 -30.06
N LEU A 2914 4.37 6.34 -31.32
CA LEU A 2914 4.66 5.31 -32.32
C LEU A 2914 5.94 4.56 -31.98
N ALA A 2915 6.96 5.27 -31.49
CA ALA A 2915 8.20 4.61 -31.11
C ALA A 2915 7.95 3.60 -29.98
N ILE A 2916 7.14 3.99 -28.99
CA ILE A 2916 6.79 3.06 -27.93
C ILE A 2916 6.04 1.86 -28.51
N ARG A 2917 5.21 2.10 -29.52
CA ARG A 2917 4.44 1.03 -30.13
C ARG A 2917 5.37 -0.10 -30.58
N GLU A 2918 6.44 0.24 -31.27
CA GLU A 2918 7.41 -0.78 -31.69
C GLU A 2918 8.11 -1.40 -30.49
N TRP A 2919 8.45 -0.58 -29.49
CA TRP A 2919 9.10 -1.12 -28.29
C TRP A 2919 8.30 -2.26 -27.70
N ARG A 2920 6.98 -2.16 -27.70
CA ARG A 2920 6.14 -3.24 -27.23
C ARG A 2920 6.33 -4.50 -28.08
N ARG A 2921 6.78 -4.35 -29.32
CA ARG A 2921 6.93 -5.46 -30.25
C ARG A 2921 8.30 -6.12 -30.17
N LEU A 2922 9.17 -5.68 -29.28
CA LEU A 2922 10.52 -6.20 -29.15
C LEU A 2922 10.59 -7.20 -28.01
N PRO A 2923 11.69 -7.97 -27.93
CA PRO A 2923 11.75 -9.07 -26.96
C PRO A 2923 11.58 -8.60 -25.53
N HIS A 2924 11.45 -9.58 -24.64
CA HIS A 2924 11.22 -9.30 -23.22
C HIS A 2924 12.44 -8.66 -22.58
N VAL A 2925 13.62 -9.24 -22.80
CA VAL A 2925 14.85 -8.75 -22.19
C VAL A 2925 15.46 -7.70 -23.11
N VAL A 2926 15.86 -6.57 -22.53
CA VAL A 2926 16.41 -5.48 -23.32
C VAL A 2926 17.81 -5.86 -23.78
N SER A 2927 18.07 -5.67 -25.07
CA SER A 2927 19.34 -6.06 -25.68
C SER A 2927 19.65 -5.08 -26.80
N HIS A 2928 20.57 -5.46 -27.68
CA HIS A 2928 21.01 -4.55 -28.74
C HIS A 2928 19.86 -4.17 -29.66
N VAL A 2929 18.92 -5.07 -29.89
CA VAL A 2929 17.77 -4.74 -30.73
C VAL A 2929 17.02 -3.55 -30.16
N HIS A 2930 17.06 -3.38 -28.84
CA HIS A 2930 16.37 -2.27 -28.19
C HIS A 2930 17.15 -0.96 -28.28
N THR A 2931 18.42 -1.00 -28.69
CA THR A 2931 19.24 0.21 -28.68
C THR A 2931 18.63 1.33 -29.52
N PRO A 2932 18.19 1.10 -30.76
CA PRO A 2932 17.70 2.24 -31.57
C PRO A 2932 16.59 3.02 -30.91
N LEU A 2933 15.65 2.35 -30.24
CA LEU A 2933 14.58 3.06 -29.56
C LEU A 2933 15.11 3.85 -28.38
N LEU A 2934 15.88 3.22 -27.51
CA LEU A 2934 16.53 3.96 -26.43
C LEU A 2934 17.49 4.99 -27.00
N GLN A 2935 18.21 4.62 -28.05
CA GLN A 2935 19.08 5.57 -28.74
C GLN A 2935 18.28 6.73 -29.32
N ALA A 2936 17.10 6.43 -29.86
CA ALA A 2936 16.27 7.48 -30.45
C ALA A 2936 15.61 8.36 -29.40
N ALA A 2937 15.13 7.74 -28.31
CA ALA A 2937 14.44 8.51 -27.28
C ALA A 2937 15.21 9.75 -26.89
N GLN A 2938 16.55 9.69 -26.96
CA GLN A 2938 17.35 10.86 -26.64
C GLN A 2938 17.14 11.97 -27.67
N GLN A 2939 16.97 11.59 -28.94
CA GLN A 2939 16.85 12.59 -29.99
C GLN A 2939 15.41 13.03 -30.24
N ILE A 2940 14.43 12.18 -29.94
CA ILE A 2940 13.04 12.58 -30.11
C ILE A 2940 12.67 13.68 -29.14
N ILE A 2941 13.13 13.58 -27.89
CA ILE A 2941 12.89 14.64 -26.92
C ILE A 2941 13.59 15.92 -27.36
N GLU A 2942 14.83 15.80 -27.87
CA GLU A 2942 15.55 16.98 -28.31
C GLU A 2942 14.77 17.76 -29.35
N LEU A 2943 14.00 17.07 -30.20
CA LEU A 2943 13.15 17.77 -31.16
C LEU A 2943 12.12 18.63 -30.45
N GLN A 2944 11.50 18.11 -29.39
CA GLN A 2944 10.48 18.86 -28.68
C GLN A 2944 11.06 20.12 -28.07
N GLU A 2945 12.14 20.00 -27.30
CA GLU A 2945 12.77 21.18 -26.73
C GLU A 2945 13.55 21.96 -27.77
N ALA A 2946 13.84 21.36 -28.91
CA ALA A 2946 14.35 22.14 -30.05
C ALA A 2946 13.30 23.13 -30.53
N ALA A 2947 12.04 22.69 -30.60
CA ALA A 2947 10.97 23.61 -30.97
C ALA A 2947 10.88 24.76 -29.98
N GLN A 2948 11.16 24.51 -28.70
CA GLN A 2948 11.18 25.58 -27.73
C GLN A 2948 12.27 26.60 -28.06
N ILE A 2949 13.39 26.13 -28.63
CA ILE A 2949 14.46 27.06 -29.01
C ILE A 2949 13.96 28.01 -30.09
N ASN A 2950 13.38 27.46 -31.16
CA ASN A 2950 12.90 28.30 -32.25
C ASN A 2950 11.75 29.19 -31.80
N ALA A 2951 10.84 28.65 -30.99
CA ALA A 2951 9.73 29.46 -30.50
C ALA A 2951 10.23 30.74 -29.85
N GLY A 2952 11.30 30.63 -29.05
CA GLY A 2952 11.87 31.82 -28.44
C GLY A 2952 12.49 32.76 -29.46
N LEU A 2953 13.11 32.20 -30.50
CA LEU A 2953 13.73 33.04 -31.53
C LEU A 2953 12.70 33.85 -32.29
N GLN A 2954 11.43 33.46 -32.25
CA GLN A 2954 10.41 34.21 -32.97
C GLN A 2954 10.32 35.63 -32.40
N PRO A 2955 10.18 36.65 -33.25
CA PRO A 2955 10.15 38.02 -32.72
C PRO A 2955 9.00 38.28 -31.76
N THR A 2956 7.94 37.47 -31.81
CA THR A 2956 6.81 37.66 -30.90
C THR A 2956 7.26 37.53 -29.45
N ASN A 2957 8.10 36.54 -29.15
CA ASN A 2957 8.60 36.32 -27.80
C ASN A 2957 10.12 36.39 -27.74
N LEU A 2958 10.78 36.85 -28.79
CA LEU A 2958 12.23 36.98 -28.79
C LEU A 2958 12.68 38.09 -27.85
N GLY A 2959 13.89 37.94 -27.31
CA GLY A 2959 14.48 38.94 -26.44
C GLY A 2959 13.95 38.95 -25.02
N ARG A 2960 12.78 38.36 -24.78
CA ARG A 2960 12.23 38.36 -23.43
C ARG A 2960 13.14 37.59 -22.48
N ASN A 2961 13.20 38.06 -21.24
CA ASN A 2961 14.06 37.42 -20.25
C ASN A 2961 13.66 35.96 -20.03
N ASN A 2962 12.36 35.69 -19.92
CA ASN A 2962 11.90 34.32 -19.72
C ASN A 2962 12.31 33.43 -20.89
N SER A 2963 12.13 33.92 -22.12
CA SER A 2963 12.54 33.14 -23.29
C SER A 2963 14.06 33.03 -23.36
N LEU A 2964 14.77 34.11 -23.01
CA LEU A 2964 16.23 34.07 -23.03
C LEU A 2964 16.74 33.01 -22.05
N HIS A 2965 16.15 32.93 -20.86
CA HIS A 2965 16.51 31.89 -19.91
C HIS A 2965 15.91 30.54 -20.28
N ASP A 2966 14.93 30.51 -21.18
CA ASP A 2966 14.54 29.25 -21.78
C ASP A 2966 15.57 28.79 -22.81
N MET A 2967 16.24 29.74 -23.46
CA MET A 2967 17.32 29.39 -24.38
C MET A 2967 18.55 28.93 -23.61
N LYS A 2968 18.91 29.64 -22.54
CA LYS A 2968 20.13 29.32 -21.81
C LYS A 2968 20.05 27.93 -21.19
N THR A 2969 18.98 27.67 -20.44
CA THR A 2969 18.91 26.41 -19.69
C THR A 2969 18.88 25.21 -20.62
N VAL A 2970 18.12 25.28 -21.71
CA VAL A 2970 18.03 24.14 -22.61
C VAL A 2970 19.37 23.89 -23.30
N VAL A 2971 20.08 24.97 -23.66
CA VAL A 2971 21.42 24.80 -24.23
C VAL A 2971 22.35 24.17 -23.20
N LYS A 2972 22.26 24.61 -21.94
CA LYS A 2972 23.06 24.00 -20.89
C LYS A 2972 22.69 22.54 -20.70
N THR A 2973 21.39 22.23 -20.77
CA THR A 2973 20.95 20.84 -20.63
C THR A 2973 21.56 19.97 -21.71
N TRP A 2974 21.58 20.46 -22.95
CA TRP A 2974 22.16 19.69 -24.05
C TRP A 2974 23.64 19.45 -23.82
N ARG A 2975 24.36 20.44 -23.31
CA ARG A 2975 25.80 20.33 -23.15
C ARG A 2975 26.20 19.19 -22.21
N ASN A 2976 25.29 18.77 -21.33
CA ASN A 2976 25.59 17.72 -20.36
C ASN A 2976 24.90 16.41 -20.66
N ARG A 2977 23.96 16.37 -21.60
CA ARG A 2977 23.23 15.16 -21.97
C ARG A 2977 23.79 14.67 -23.30
N LEU A 2978 24.61 13.63 -23.25
CA LEU A 2978 25.26 13.06 -24.41
C LEU A 2978 25.04 11.56 -24.45
N PRO A 2979 25.11 10.93 -25.63
CA PRO A 2979 25.12 9.47 -25.68
C PRO A 2979 26.39 8.90 -25.08
N ILE A 2980 26.52 7.58 -25.08
CA ILE A 2980 27.70 6.93 -24.54
C ILE A 2980 28.66 6.62 -25.68
N VAL A 2981 29.91 6.31 -25.32
CA VAL A 2981 30.93 6.06 -26.33
C VAL A 2981 30.55 4.89 -27.21
N SER A 2982 29.84 3.90 -26.66
CA SER A 2982 29.50 2.70 -27.42
C SER A 2982 28.62 3.03 -28.63
N ASP A 2983 27.87 4.12 -28.56
CA ASP A 2983 26.99 4.48 -29.68
C ASP A 2983 27.80 4.70 -30.94
N ASP A 2984 27.27 4.23 -32.07
CA ASP A 2984 27.93 4.43 -33.34
C ASP A 2984 28.07 5.92 -33.63
N LEU A 2985 29.18 6.28 -34.26
CA LEU A 2985 29.43 7.70 -34.53
C LEU A 2985 28.33 8.31 -35.39
N SER A 2986 27.62 7.50 -36.17
CA SER A 2986 26.52 8.03 -36.97
C SER A 2986 25.46 8.66 -36.08
N HIS A 2987 25.01 7.94 -35.05
CA HIS A 2987 24.03 8.51 -34.13
C HIS A 2987 24.59 9.72 -33.41
N TRP A 2988 25.86 9.66 -32.99
CA TRP A 2988 26.49 10.82 -32.39
C TRP A 2988 26.35 12.04 -33.28
N SER A 2989 26.46 11.84 -34.59
CA SER A 2989 26.20 12.93 -35.53
C SER A 2989 24.74 13.38 -35.44
N SER A 2990 23.81 12.44 -35.32
CA SER A 2990 22.40 12.79 -35.29
C SER A 2990 22.11 13.77 -34.16
N ILE A 2991 22.60 13.48 -32.95
CA ILE A 2991 22.35 14.37 -31.82
C ILE A 2991 22.98 15.73 -32.05
N PHE A 2992 24.22 15.75 -32.55
CA PHE A 2992 24.96 17.01 -32.66
C PHE A 2992 24.64 17.76 -33.94
N MET A 2993 24.46 17.06 -35.07
CA MET A 2993 24.08 17.75 -36.29
C MET A 2993 22.73 18.43 -36.12
N TRP A 2994 21.78 17.76 -35.47
CA TRP A 2994 20.50 18.39 -35.16
C TRP A 2994 20.71 19.57 -34.22
N ARG A 2995 21.51 19.39 -33.16
CA ARG A 2995 21.81 20.49 -32.27
C ARG A 2995 22.54 21.62 -33.00
N GLN A 2996 23.28 21.29 -34.06
CA GLN A 2996 24.05 22.31 -34.76
C GLN A 2996 23.13 23.32 -35.42
N HIS A 2997 21.99 22.88 -35.96
CA HIS A 2997 21.10 23.80 -36.65
C HIS A 2997 20.65 24.92 -35.74
N HIS A 2998 20.28 24.59 -34.50
CA HIS A 2998 19.87 25.62 -33.56
C HIS A 2998 21.04 26.45 -33.07
N TYR A 2999 22.21 25.84 -32.93
CA TYR A 2999 23.41 26.61 -32.61
C TYR A 2999 23.78 27.55 -33.75
N GLN A 3000 23.20 27.37 -34.94
CA GLN A 3000 23.31 28.33 -36.02
C GLN A 3000 22.11 29.27 -36.10
N GLY A 3001 20.91 28.77 -35.77
CA GLY A 3001 19.78 29.66 -35.63
C GLY A 3001 19.93 30.63 -34.47
N LYS A 3002 20.58 30.19 -33.40
CA LYS A 3002 20.79 31.07 -32.25
C LYS A 3002 21.61 32.31 -32.60
N PRO A 3003 22.76 32.20 -33.27
CA PRO A 3003 23.49 33.41 -33.64
C PRO A 3003 22.67 34.38 -34.48
N THR A 3004 21.78 33.88 -35.34
CA THR A 3004 21.04 34.77 -36.24
C THR A 3004 20.22 35.78 -35.45
N TRP A 3005 19.49 35.32 -34.42
CA TRP A 3005 18.65 36.24 -33.67
C TRP A 3005 19.50 37.27 -32.94
N SER A 3006 20.64 36.85 -32.39
CA SER A 3006 21.53 37.76 -31.70
C SER A 3006 22.30 38.67 -32.66
N GLY A 3007 22.26 38.38 -33.96
CA GLY A 3007 22.94 39.20 -34.94
C GLY A 3007 22.23 40.47 -35.32
N MET A 3008 21.03 40.71 -34.79
CA MET A 3008 20.28 41.92 -35.08
C MET A 3008 20.97 43.13 -34.48
N PRO A 3025 23.10 45.90 -30.26
CA PRO A 3025 21.91 45.65 -29.43
C PRO A 3025 22.25 45.00 -28.10
N SER A 3026 23.53 45.00 -27.73
CA SER A 3026 23.99 44.34 -26.51
C SER A 3026 23.63 42.86 -26.51
N SER A 3027 23.62 42.24 -27.69
CA SER A 3027 23.24 40.85 -27.84
C SER A 3027 24.49 39.99 -27.81
N ASN A 3028 24.83 39.48 -26.62
CA ASN A 3028 25.92 38.54 -26.44
C ASN A 3028 25.49 37.11 -26.69
N ASN A 3029 24.20 36.86 -26.92
CA ASN A 3029 23.73 35.50 -27.15
C ASN A 3029 24.35 34.89 -28.40
N ALA A 3030 24.84 35.71 -29.32
CA ALA A 3030 25.60 35.17 -30.44
C ALA A 3030 26.85 34.46 -29.94
N MET A 3031 27.52 35.04 -28.93
CA MET A 3031 28.68 34.38 -28.35
C MET A 3031 28.29 33.05 -27.71
N LEU A 3032 27.15 33.01 -27.03
CA LEU A 3032 26.66 31.76 -26.46
C LEU A 3032 26.36 30.75 -27.57
N GLY A 3033 25.67 31.19 -28.63
CA GLY A 3033 25.32 30.27 -29.69
C GLY A 3033 26.53 29.69 -30.39
N VAL A 3034 27.48 30.56 -30.77
CA VAL A 3034 28.70 30.08 -31.40
C VAL A 3034 29.50 29.22 -30.44
N HIS A 3035 29.54 29.61 -29.16
CA HIS A 3035 30.18 28.78 -28.15
C HIS A 3035 29.60 27.38 -28.15
N ALA A 3036 28.27 27.28 -28.25
CA ALA A 3036 27.62 25.97 -28.27
C ALA A 3036 28.08 25.16 -29.48
N SER A 3037 27.98 25.76 -30.67
CA SER A 3037 28.38 25.04 -31.88
C SER A 3037 29.87 24.68 -31.82
N ALA A 3038 30.71 25.62 -31.38
CA ALA A 3038 32.14 25.34 -31.29
C ALA A 3038 32.40 24.18 -30.33
N SER A 3039 31.84 24.25 -29.12
CA SER A 3039 31.98 23.14 -28.19
C SER A 3039 31.30 21.89 -28.72
N ALA A 3040 30.10 22.02 -29.29
CA ALA A 3040 29.38 20.86 -29.78
C ALA A 3040 30.16 20.17 -30.89
N ILE A 3041 30.70 20.93 -31.84
CA ILE A 3041 31.48 20.34 -32.92
C ILE A 3041 32.75 19.72 -32.37
N ILE A 3042 33.38 20.37 -31.39
CA ILE A 3042 34.57 19.81 -30.77
C ILE A 3042 34.24 18.51 -30.07
N GLN A 3043 33.15 18.50 -29.30
CA GLN A 3043 32.72 17.29 -28.61
C GLN A 3043 32.39 16.20 -29.63
N TYR A 3044 31.67 16.56 -30.70
CA TYR A 3044 31.33 15.58 -31.72
C TYR A 3044 32.58 14.99 -32.34
N GLY A 3045 33.58 15.83 -32.63
CA GLY A 3045 34.86 15.33 -33.11
C GLY A 3045 35.70 14.68 -32.04
N LYS A 3046 35.44 14.99 -30.76
CA LYS A 3046 36.21 14.38 -29.68
C LYS A 3046 36.01 12.87 -29.66
N ILE A 3047 34.77 12.41 -29.82
CA ILE A 3047 34.52 10.98 -29.79
C ILE A 3047 35.12 10.31 -31.02
N ALA A 3048 35.05 10.97 -32.18
CA ALA A 3048 35.57 10.35 -33.41
C ALA A 3048 37.00 9.91 -33.21
N ARG A 3049 37.79 10.66 -32.44
CA ARG A 3049 39.10 10.19 -32.03
C ARG A 3049 38.98 9.00 -31.08
N LYS A 3050 38.14 9.14 -30.05
CA LYS A 3050 37.99 8.07 -29.08
C LYS A 3050 37.52 6.78 -29.74
N GLN A 3051 36.80 6.89 -30.87
CA GLN A 3051 36.37 5.71 -31.62
C GLN A 3051 37.48 5.13 -32.48
N GLY A 3052 38.61 5.82 -32.62
CA GLY A 3052 39.69 5.37 -33.46
C GLY A 3052 39.66 5.90 -34.87
N LEU A 3053 38.57 6.54 -35.29
CA LEU A 3053 38.49 7.16 -36.60
C LEU A 3053 39.14 8.55 -36.54
N VAL A 3054 40.47 8.53 -36.45
CA VAL A 3054 41.21 9.78 -36.27
C VAL A 3054 41.05 10.68 -37.48
N ASN A 3055 41.17 10.12 -38.68
CA ASN A 3055 41.17 10.94 -39.89
C ASN A 3055 39.90 11.78 -39.97
N VAL A 3056 38.73 11.18 -39.72
CA VAL A 3056 37.50 11.95 -39.69
C VAL A 3056 37.53 12.93 -38.52
N ALA A 3057 38.14 12.55 -37.40
CA ALA A 3057 38.22 13.45 -36.26
C ALA A 3057 38.97 14.72 -36.64
N LEU A 3058 40.05 14.60 -37.41
CA LEU A 3058 40.74 15.79 -37.89
C LEU A 3058 39.82 16.65 -38.74
N ASP A 3059 39.03 16.02 -39.62
CA ASP A 3059 38.13 16.79 -40.47
C ASP A 3059 37.10 17.55 -39.64
N ILE A 3060 36.51 16.89 -38.65
CA ILE A 3060 35.53 17.56 -37.80
C ILE A 3060 36.17 18.75 -37.09
N LEU A 3061 37.37 18.54 -36.54
CA LEU A 3061 38.10 19.65 -35.92
C LEU A 3061 38.58 20.66 -36.97
N SER A 3062 38.55 20.30 -38.25
CA SER A 3062 38.84 21.25 -39.30
C SER A 3062 37.66 22.17 -39.59
N ARG A 3063 36.44 21.76 -39.21
CA ARG A 3063 35.26 22.58 -39.48
C ARG A 3063 35.29 23.87 -38.67
N ILE A 3064 35.75 23.80 -37.42
CA ILE A 3064 35.63 24.96 -36.53
C ILE A 3064 36.39 26.15 -37.08
N HIS A 3065 37.42 25.91 -37.90
CA HIS A 3065 38.15 27.03 -38.50
C HIS A 3065 37.22 27.92 -39.31
N THR A 3066 36.19 27.34 -39.93
CA THR A 3066 35.29 28.12 -40.78
C THR A 3066 34.52 29.15 -39.96
N ILE A 3067 34.12 28.80 -38.74
CA ILE A 3067 33.27 29.71 -37.97
C ILE A 3067 34.02 31.02 -37.74
N PRO A 3068 33.38 32.18 -37.91
CA PRO A 3068 34.15 33.44 -37.85
C PRO A 3068 34.90 33.66 -36.55
N THR A 3069 34.31 33.28 -35.42
CA THR A 3069 34.95 33.54 -34.13
C THR A 3069 34.57 32.43 -33.16
N VAL A 3070 35.50 32.11 -32.27
CA VAL A 3070 35.27 31.10 -31.23
C VAL A 3070 35.75 31.66 -29.91
N PRO A 3071 35.10 31.33 -28.79
CA PRO A 3071 35.70 31.65 -27.49
C PRO A 3071 37.07 30.99 -27.37
N ILE A 3072 38.04 31.75 -26.84
CA ILE A 3072 39.41 31.27 -26.82
C ILE A 3072 39.51 29.96 -26.05
N VAL A 3073 38.64 29.76 -25.06
CA VAL A 3073 38.64 28.50 -24.32
C VAL A 3073 38.29 27.35 -25.25
N ASP A 3074 37.29 27.54 -26.12
CA ASP A 3074 36.91 26.49 -27.05
C ASP A 3074 38.05 26.16 -28.02
N CYS A 3075 38.72 27.20 -28.53
CA CYS A 3075 39.85 26.95 -29.42
C CYS A 3075 40.94 26.15 -28.73
N PHE A 3076 41.08 26.31 -27.41
CA PHE A 3076 42.05 25.50 -26.67
C PHE A 3076 41.67 24.02 -26.73
N GLN A 3077 40.36 23.72 -26.66
CA GLN A 3077 39.94 22.35 -26.86
C GLN A 3077 40.23 21.88 -28.27
N LYS A 3078 40.06 22.76 -29.26
CA LYS A 3078 40.35 22.40 -30.65
C LYS A 3078 41.80 21.94 -30.80
N ILE A 3079 42.74 22.75 -30.33
CA ILE A 3079 44.15 22.37 -30.44
C ILE A 3079 44.45 21.16 -29.58
N ARG A 3080 43.89 21.11 -28.36
CA ARG A 3080 44.10 19.95 -27.51
C ARG A 3080 43.53 18.69 -28.14
N GLN A 3081 42.35 18.80 -28.75
CA GLN A 3081 41.79 17.65 -29.46
C GLN A 3081 42.56 17.37 -30.74
N GLN A 3082 43.08 18.42 -31.40
CA GLN A 3082 43.86 18.21 -32.61
C GLN A 3082 45.21 17.59 -32.28
N VAL A 3083 45.90 18.10 -31.25
CA VAL A 3083 47.19 17.53 -30.87
C VAL A 3083 47.01 16.11 -30.37
N LYS A 3084 45.94 15.85 -29.60
CA LYS A 3084 45.65 14.49 -29.19
C LYS A 3084 45.46 13.59 -30.40
N CYS A 3085 44.81 14.10 -31.45
CA CYS A 3085 44.60 13.29 -32.65
C CYS A 3085 45.92 12.85 -33.25
N TYR A 3086 46.86 13.79 -33.41
CA TYR A 3086 48.17 13.44 -33.94
C TYR A 3086 48.94 12.54 -32.99
N LEU A 3087 48.77 12.74 -31.68
CA LEU A 3087 49.47 11.91 -30.72
C LEU A 3087 49.08 10.45 -30.87
N GLN A 3088 47.78 10.18 -31.10
CA GLN A 3088 47.32 8.81 -31.25
C GLN A 3088 47.90 8.13 -32.48
N LEU A 3089 48.45 8.89 -33.43
CA LEU A 3089 49.06 8.33 -34.62
C LEU A 3089 50.46 8.87 -34.82
N ASN A 3096 56.05 10.16 -40.16
CA ASN A 3096 56.21 11.59 -40.39
C ASN A 3096 55.08 12.38 -39.73
N GLU A 3097 54.19 11.67 -39.02
CA GLU A 3097 53.10 12.34 -38.33
C GLU A 3097 53.59 13.32 -37.27
N CYS A 3098 54.84 13.14 -36.79
CA CYS A 3098 55.38 14.04 -35.78
C CYS A 3098 55.46 15.47 -36.30
N MET A 3099 55.89 15.65 -37.55
CA MET A 3099 56.07 16.99 -38.08
C MET A 3099 54.77 17.78 -38.05
N GLN A 3100 53.68 17.18 -38.53
CA GLN A 3100 52.39 17.86 -38.51
C GLN A 3100 51.96 18.16 -37.08
N GLY A 3101 52.11 17.18 -36.17
CA GLY A 3101 51.77 17.43 -34.78
C GLY A 3101 52.63 18.51 -34.17
N LEU A 3102 53.94 18.46 -34.43
CA LEU A 3102 54.82 19.52 -33.95
C LEU A 3102 54.54 20.85 -34.64
N GLU A 3103 53.94 20.84 -35.82
CA GLU A 3103 53.60 22.08 -36.50
C GLU A 3103 52.47 22.80 -35.78
N VAL A 3104 51.39 22.07 -35.45
CA VAL A 3104 50.25 22.70 -34.79
C VAL A 3104 50.63 23.17 -33.39
N ILE A 3105 51.38 22.35 -32.64
CA ILE A 3105 51.73 22.72 -31.28
C ILE A 3105 52.59 23.97 -31.26
N GLU A 3106 53.58 24.04 -32.15
CA GLU A 3106 54.44 25.22 -32.18
C GLU A 3106 53.71 26.43 -32.76
N SER A 3107 52.97 26.23 -33.85
CA SER A 3107 52.30 27.36 -34.49
C SER A 3107 51.28 28.00 -33.58
N THR A 3108 50.49 27.19 -32.88
CA THR A 3108 49.44 27.72 -32.01
C THR A 3108 50.05 28.39 -30.78
N ASN A 3109 49.28 29.28 -30.18
CA ASN A 3109 49.72 30.06 -29.02
C ASN A 3109 50.99 30.84 -29.34
N LEU A 3110 50.88 31.74 -30.30
CA LEU A 3110 52.02 32.57 -30.66
C LEU A 3110 52.47 33.43 -29.49
N LYS A 3111 51.55 34.18 -28.89
CA LYS A 3111 51.89 35.06 -27.79
C LYS A 3111 50.84 35.16 -26.69
N TYR A 3112 49.73 34.43 -26.76
CA TYR A 3112 48.63 34.67 -25.83
C TYR A 3112 48.01 33.36 -25.36
N PHE A 3113 47.94 33.21 -24.03
CA PHE A 3113 47.11 32.24 -23.33
C PHE A 3113 47.33 32.45 -21.84
N THR A 3114 46.39 31.96 -21.05
CA THR A 3114 46.47 32.09 -19.59
C THR A 3114 47.32 30.96 -19.00
N LYS A 3115 47.69 31.13 -17.73
CA LYS A 3115 48.66 30.24 -17.11
C LYS A 3115 48.19 28.79 -17.14
N GLU A 3116 46.97 28.52 -16.67
CA GLU A 3116 46.52 27.14 -16.55
C GLU A 3116 46.48 26.45 -17.90
N MET A 3117 45.98 27.13 -18.93
CA MET A 3117 45.87 26.52 -20.24
C MET A 3117 47.21 26.43 -20.95
N THR A 3118 48.15 27.31 -20.61
CA THR A 3118 49.50 27.18 -21.17
C THR A 3118 50.17 25.90 -20.66
N ALA A 3119 50.01 25.60 -19.37
CA ALA A 3119 50.68 24.44 -18.79
C ALA A 3119 50.24 23.16 -19.49
N GLU A 3120 48.93 22.95 -19.59
CA GLU A 3120 48.43 21.78 -20.31
C GLU A 3120 48.99 21.75 -21.73
N PHE A 3121 49.02 22.91 -22.39
CA PHE A 3121 49.57 22.96 -23.74
C PHE A 3121 51.03 22.57 -23.74
N TYR A 3122 51.83 23.18 -22.87
CA TYR A 3122 53.24 22.83 -22.78
C TYR A 3122 53.43 21.41 -22.30
N ALA A 3123 52.48 20.90 -21.50
CA ALA A 3123 52.56 19.50 -21.09
C ALA A 3123 52.49 18.58 -22.30
N LEU A 3124 51.57 18.86 -23.23
CA LEU A 3124 51.47 18.04 -24.44
C LEU A 3124 52.79 18.02 -25.20
N LYS A 3125 53.55 19.11 -25.15
CA LYS A 3125 54.81 19.16 -25.89
C LYS A 3125 55.76 18.07 -25.41
N GLY A 3126 55.91 17.91 -24.10
CA GLY A 3126 56.84 16.92 -23.59
C GLY A 3126 56.46 15.52 -23.97
N MET A 3127 55.19 15.16 -23.79
CA MET A 3127 54.75 13.80 -24.12
C MET A 3127 54.90 13.56 -25.61
N PHE A 3128 54.53 14.53 -26.44
CA PHE A 3128 54.77 14.41 -27.88
C PHE A 3128 56.25 14.33 -28.17
N LEU A 3129 57.06 15.17 -27.53
CA LEU A 3129 58.50 15.11 -27.72
C LEU A 3129 59.06 13.78 -27.25
N ALA A 3130 58.55 13.27 -26.12
CA ALA A 3130 59.05 12.01 -25.59
C ALA A 3130 58.87 10.87 -26.58
N GLN A 3131 57.75 10.86 -27.29
CA GLN A 3131 57.52 9.81 -28.29
C GLN A 3131 58.65 9.76 -29.29
N ILE A 3132 58.99 10.91 -29.88
CA ILE A 3132 60.11 10.99 -30.82
C ILE A 3132 61.40 10.92 -30.02
N ASN A 3133 62.53 10.74 -30.72
CA ASN A 3133 63.80 10.55 -30.03
C ASN A 3133 64.15 11.75 -29.15
N LYS A 3134 63.89 12.96 -29.63
CA LYS A 3134 64.23 14.15 -28.88
C LYS A 3134 63.48 14.16 -27.56
N SER A 3135 64.21 13.98 -26.46
CA SER A 3135 63.61 13.84 -25.13
C SER A 3135 64.11 14.86 -24.12
N GLU A 3136 65.40 15.17 -24.14
CA GLU A 3136 65.93 16.13 -23.16
C GLU A 3136 65.18 17.45 -23.22
N GLU A 3137 64.71 17.85 -24.41
CA GLU A 3137 63.87 19.03 -24.51
C GLU A 3137 62.47 18.79 -23.95
N ALA A 3138 62.02 17.54 -23.91
CA ALA A 3138 60.75 17.23 -23.28
C ALA A 3138 60.80 17.51 -21.79
N ASN A 3139 61.92 17.20 -21.15
CA ASN A 3139 62.01 17.38 -19.70
C ASN A 3139 61.74 18.83 -19.31
N LYS A 3140 62.44 19.77 -19.95
CA LYS A 3140 62.17 21.17 -19.68
C LYS A 3140 60.76 21.56 -20.07
N ALA A 3141 60.21 20.92 -21.11
CA ALA A 3141 58.82 21.18 -21.47
C ALA A 3141 57.89 20.80 -20.33
N PHE A 3142 58.13 19.65 -19.70
CA PHE A 3142 57.36 19.28 -18.52
C PHE A 3142 57.66 20.22 -17.36
N SER A 3143 58.94 20.51 -17.12
CA SER A 3143 59.31 21.35 -15.99
C SER A 3143 58.62 22.70 -16.07
N ALA A 3144 58.65 23.32 -17.25
CA ALA A 3144 57.93 24.59 -17.43
C ALA A 3144 56.43 24.37 -17.27
N ALA A 3145 55.90 23.30 -17.83
CA ALA A 3145 54.46 23.07 -17.77
C ALA A 3145 54.00 22.79 -16.35
N VAL A 3146 54.66 21.85 -15.67
CA VAL A 3146 54.23 21.45 -14.34
C VAL A 3146 54.32 22.62 -13.36
N GLN A 3147 55.45 23.34 -13.39
CA GLN A 3147 55.67 24.41 -12.42
C GLN A 3147 54.86 25.65 -12.74
N MET A 3148 54.47 25.84 -14.00
CA MET A 3148 53.64 26.99 -14.34
C MET A 3148 52.28 26.92 -13.66
N HIS A 3149 51.65 25.74 -13.67
CA HIS A 3149 50.37 25.53 -13.02
C HIS A 3149 50.52 24.85 -11.67
N ASP A 3150 51.32 23.79 -11.60
CA ASP A 3150 51.70 23.18 -10.33
C ASP A 3150 50.58 22.36 -9.73
N VAL A 3151 49.41 22.35 -10.36
CA VAL A 3151 48.28 21.58 -9.86
C VAL A 3151 47.64 20.78 -10.99
N LEU A 3152 48.35 20.65 -12.11
CA LEU A 3152 47.85 19.90 -13.26
C LEU A 3152 48.29 18.45 -13.14
N VAL A 3153 47.33 17.54 -13.03
CA VAL A 3153 47.65 16.12 -12.88
C VAL A 3153 48.35 15.60 -14.12
N LYS A 3154 47.89 16.04 -15.31
CA LYS A 3154 48.48 15.53 -16.54
C LYS A 3154 49.96 15.86 -16.63
N ALA A 3155 50.34 17.08 -16.25
CA ALA A 3155 51.75 17.45 -16.26
C ALA A 3155 52.54 16.58 -15.30
N TRP A 3156 52.07 16.44 -14.06
CA TRP A 3156 52.77 15.61 -13.08
C TRP A 3156 52.86 14.17 -13.56
N ALA A 3157 51.72 13.58 -13.94
CA ALA A 3157 51.72 12.18 -14.33
C ALA A 3157 52.57 11.94 -15.56
N MET A 3158 52.34 12.72 -16.62
CA MET A 3158 53.09 12.50 -17.86
C MET A 3158 54.57 12.74 -17.64
N TRP A 3159 54.92 13.74 -16.83
CA TRP A 3159 56.33 13.98 -16.52
C TRP A 3159 56.94 12.76 -15.84
N GLY A 3160 56.22 12.16 -14.90
CA GLY A 3160 56.74 10.98 -14.23
C GLY A 3160 57.01 9.84 -15.20
N ASP A 3161 56.10 9.61 -16.14
CA ASP A 3161 56.30 8.56 -17.13
C ASP A 3161 57.64 8.73 -17.83
N TYR A 3162 57.99 9.96 -18.20
CA TYR A 3162 59.28 10.21 -18.83
C TYR A 3162 60.42 9.85 -17.89
N LEU A 3163 60.36 10.30 -16.64
CA LEU A 3163 61.41 9.98 -15.69
C LEU A 3163 61.52 8.48 -15.46
N GLU A 3164 60.38 7.82 -15.27
CA GLU A 3164 60.40 6.37 -15.10
C GLU A 3164 60.92 5.68 -16.35
N ASN A 3165 60.49 6.15 -17.53
CA ASN A 3165 60.92 5.52 -18.77
C ASN A 3165 62.44 5.57 -18.91
N ILE A 3166 63.06 6.69 -18.53
CA ILE A 3166 64.50 6.77 -18.51
C ILE A 3166 65.07 5.93 -17.37
N PHE A 3167 64.45 6.02 -16.19
CA PHE A 3167 65.05 5.41 -15.00
C PHE A 3167 65.04 3.89 -15.06
N VAL A 3168 64.08 3.30 -15.78
CA VAL A 3168 64.05 1.83 -15.87
C VAL A 3168 65.38 1.33 -16.42
N LYS A 3169 65.96 2.04 -17.37
CA LYS A 3169 67.33 1.82 -17.77
C LYS A 3169 68.25 2.69 -16.93
N GLU A 3170 69.50 2.24 -16.78
CA GLU A 3170 70.59 2.93 -16.10
C GLU A 3170 70.34 3.08 -14.60
N ARG A 3171 69.19 2.64 -14.08
CA ARG A 3171 68.94 2.56 -12.64
C ARG A 3171 69.46 3.78 -11.87
N GLN A 3172 69.31 4.97 -12.44
CA GLN A 3172 69.77 6.18 -11.76
C GLN A 3172 68.86 6.48 -10.58
N LEU A 3173 69.42 6.43 -9.37
CA LEU A 3173 68.61 6.57 -8.17
C LEU A 3173 67.91 7.93 -8.12
N HIS A 3174 68.66 9.01 -8.34
CA HIS A 3174 68.07 10.33 -8.23
C HIS A 3174 66.92 10.52 -9.20
N LEU A 3175 66.95 9.84 -10.34
CA LEU A 3175 65.82 9.90 -11.26
C LEU A 3175 64.61 9.18 -10.69
N GLY A 3176 64.82 8.06 -10.00
CA GLY A 3176 63.70 7.32 -9.44
C GLY A 3176 62.88 8.18 -8.49
N VAL A 3177 63.54 8.86 -7.57
CA VAL A 3177 62.83 9.75 -6.66
C VAL A 3177 62.13 10.85 -7.44
N SER A 3178 62.70 11.25 -8.58
CA SER A 3178 62.00 12.18 -9.47
C SER A 3178 60.72 11.54 -10.01
N ALA A 3179 60.78 10.26 -10.37
CA ALA A 3179 59.59 9.57 -10.85
C ALA A 3179 58.57 9.37 -9.74
N ILE A 3180 59.02 8.94 -8.56
CA ILE A 3180 58.11 8.74 -7.46
C ILE A 3180 57.43 10.05 -7.08
N THR A 3181 58.20 11.13 -6.99
CA THR A 3181 57.62 12.41 -6.61
C THR A 3181 56.56 12.87 -7.60
N CYS A 3182 56.83 12.72 -8.90
CA CYS A 3182 55.87 13.13 -9.91
C CYS A 3182 54.58 12.32 -9.80
N TYR A 3183 54.70 10.99 -9.72
CA TYR A 3183 53.52 10.14 -9.69
C TYR A 3183 52.63 10.47 -8.51
N LEU A 3184 53.21 10.50 -7.31
CA LEU A 3184 52.41 10.74 -6.11
C LEU A 3184 51.72 12.10 -6.17
N HIS A 3185 52.44 13.13 -6.65
CA HIS A 3185 51.83 14.43 -6.77
C HIS A 3185 50.67 14.42 -7.76
N ALA A 3186 50.83 13.68 -8.86
CA ALA A 3186 49.74 13.58 -9.83
C ALA A 3186 48.49 12.98 -9.21
N CYS A 3187 48.67 11.92 -8.42
CA CYS A 3187 47.53 11.27 -7.78
C CYS A 3187 46.95 12.12 -6.65
N ARG A 3188 47.67 13.14 -6.20
CA ARG A 3188 47.19 13.95 -5.09
C ARG A 3188 45.89 14.67 -5.45
N HIS A 3189 45.96 15.57 -6.44
CA HIS A 3189 44.76 16.28 -6.86
C HIS A 3189 43.70 15.31 -7.38
N GLN A 3190 44.10 14.41 -8.27
CA GLN A 3190 43.17 13.40 -8.77
C GLN A 3190 42.63 12.58 -7.61
N ASN A 3191 41.33 12.28 -7.67
CA ASN A 3191 40.65 11.56 -6.61
C ASN A 3191 40.07 10.27 -7.17
N GLU A 3192 40.27 9.18 -6.43
CA GLU A 3192 39.67 7.90 -6.77
C GLU A 3192 40.28 7.32 -8.04
N SER A 3193 39.45 6.99 -9.03
CA SER A 3193 39.91 6.30 -10.22
C SER A 3193 40.82 7.22 -11.05
N LYS A 3194 41.28 6.68 -12.18
CA LYS A 3194 42.26 7.35 -13.03
C LYS A 3194 43.52 7.70 -12.24
N SER A 3195 43.80 6.92 -11.20
CA SER A 3195 45.04 7.03 -10.45
C SER A 3195 45.66 5.67 -10.15
N ARG A 3196 44.93 4.58 -10.33
CA ARG A 3196 45.51 3.25 -10.11
C ARG A 3196 46.69 3.03 -11.05
N LYS A 3197 46.58 3.51 -12.28
CA LYS A 3197 47.69 3.37 -13.22
C LYS A 3197 48.94 4.07 -12.69
N TYR A 3198 48.76 5.26 -12.11
CA TYR A 3198 49.91 5.99 -11.59
C TYR A 3198 50.41 5.38 -10.28
N LEU A 3199 49.51 4.96 -9.41
CA LEU A 3199 49.94 4.33 -8.16
C LEU A 3199 50.70 3.05 -8.43
N ALA A 3200 50.20 2.25 -9.38
CA ALA A 3200 50.86 0.99 -9.68
C ALA A 3200 52.34 1.20 -9.96
N LYS A 3201 52.67 2.27 -10.67
CA LYS A 3201 54.08 2.56 -10.92
C LYS A 3201 54.82 2.84 -9.61
N VAL A 3202 54.22 3.65 -8.74
CA VAL A 3202 54.90 4.03 -7.50
C VAL A 3202 55.29 2.79 -6.72
N LEU A 3203 54.36 1.84 -6.60
CA LEU A 3203 54.69 0.58 -5.94
C LEU A 3203 55.68 -0.22 -6.76
N TRP A 3204 55.56 -0.17 -8.10
CA TRP A 3204 56.50 -0.88 -8.94
C TRP A 3204 57.90 -0.31 -8.81
N LEU A 3205 58.05 1.01 -8.97
CA LEU A 3205 59.37 1.62 -8.82
C LEU A 3205 59.92 1.44 -7.41
N LEU A 3206 59.06 1.20 -6.42
CA LEU A 3206 59.53 1.00 -5.06
C LEU A 3206 60.29 -0.30 -4.88
N SER A 3207 60.21 -1.23 -5.84
CA SER A 3207 60.95 -2.48 -5.74
C SER A 3207 62.43 -2.31 -6.03
N PHE A 3208 62.79 -1.32 -6.86
CA PHE A 3208 64.19 -1.06 -7.17
C PHE A 3208 64.94 -0.44 -6.00
N ASP A 3209 64.25 -0.05 -4.93
CA ASP A 3209 64.88 0.69 -3.84
C ASP A 3209 66.04 -0.11 -3.27
N ASP A 3210 67.13 0.60 -2.98
CA ASP A 3210 68.33 0.01 -2.41
C ASP A 3210 68.15 -0.23 -0.92
N ASP A 3211 69.21 -0.72 -0.26
CA ASP A 3211 69.14 -0.96 1.17
C ASP A 3211 68.82 0.33 1.92
N LYS A 3212 69.47 1.43 1.57
CA LYS A 3212 69.10 2.75 2.05
C LYS A 3212 67.87 3.18 1.26
N ASN A 3213 66.70 3.06 1.86
CA ASN A 3213 65.44 3.15 1.13
C ASN A 3213 65.20 4.60 0.73
N THR A 3214 65.89 5.02 -0.32
CA THR A 3214 65.72 6.38 -0.82
C THR A 3214 64.33 6.57 -1.42
N LEU A 3215 63.92 5.67 -2.30
CA LEU A 3215 62.60 5.80 -2.94
C LEU A 3215 61.49 5.71 -1.90
N ALA A 3216 61.59 4.75 -0.98
CA ALA A 3216 60.61 4.65 0.09
C ALA A 3216 60.57 5.95 0.89
N ASP A 3217 61.75 6.49 1.23
CA ASP A 3217 61.80 7.79 1.86
C ASP A 3217 61.13 8.84 0.98
N ALA A 3218 61.35 8.77 -0.32
CA ALA A 3218 60.65 9.67 -1.24
C ALA A 3218 59.15 9.43 -1.18
N VAL A 3219 58.73 8.17 -1.12
CA VAL A 3219 57.31 7.86 -0.98
C VAL A 3219 56.78 8.44 0.32
N ASP A 3220 57.47 8.16 1.43
CA ASP A 3220 57.01 8.62 2.73
C ASP A 3220 56.89 10.14 2.76
N LYS A 3221 57.88 10.84 2.21
CA LYS A 3221 57.87 12.29 2.25
C LYS A 3221 56.69 12.86 1.47
N TYR A 3222 56.39 12.28 0.30
CA TYR A 3222 55.42 12.85 -0.62
C TYR A 3222 54.13 12.04 -0.72
N CYS A 3223 53.94 11.04 0.14
CA CYS A 3223 52.66 10.33 0.19
C CYS A 3223 51.63 11.07 1.02
N ILE A 3224 51.94 12.29 1.47
CA ILE A 3224 50.94 13.12 2.14
C ILE A 3224 50.03 13.74 1.10
N GLY A 3225 48.85 14.16 1.54
CA GLY A 3225 47.89 14.76 0.63
C GLY A 3225 47.09 13.78 -0.20
N VAL A 3226 47.76 12.79 -0.78
CA VAL A 3226 47.07 11.75 -1.55
C VAL A 3226 46.04 11.12 -0.63
N PRO A 3227 44.74 11.32 -0.86
CA PRO A 3227 43.73 10.81 0.07
C PRO A 3227 43.82 9.30 0.18
N PRO A 3228 43.58 8.74 1.37
CA PRO A 3228 43.74 7.29 1.54
C PRO A 3228 42.82 6.47 0.67
N ILE A 3229 41.76 7.06 0.13
CA ILE A 3229 40.84 6.31 -0.72
C ILE A 3229 41.59 5.71 -1.91
N GLN A 3230 42.52 6.49 -2.49
CA GLN A 3230 43.23 6.01 -3.68
C GLN A 3230 44.04 4.76 -3.37
N TRP A 3231 44.48 4.60 -2.12
CA TRP A 3231 45.29 3.44 -1.76
C TRP A 3231 44.48 2.16 -1.63
N LEU A 3232 43.16 2.26 -1.40
CA LEU A 3232 42.37 1.08 -1.08
C LEU A 3232 42.50 0.01 -2.16
N ALA A 3233 42.70 0.40 -3.41
CA ALA A 3233 42.88 -0.57 -4.47
C ALA A 3233 44.17 -1.37 -4.31
N TRP A 3234 45.16 -0.84 -3.58
CA TRP A 3234 46.48 -1.44 -3.48
C TRP A 3234 46.78 -1.94 -2.07
N ILE A 3235 45.74 -2.35 -1.34
CA ILE A 3235 45.96 -2.87 0.02
C ILE A 3235 46.80 -4.15 0.00
N PRO A 3236 46.45 -5.17 -0.79
CA PRO A 3236 47.31 -6.37 -0.81
C PRO A 3236 48.74 -6.06 -1.23
N GLN A 3237 48.92 -5.16 -2.20
CA GLN A 3237 50.27 -4.79 -2.62
C GLN A 3237 51.02 -4.07 -1.51
N LEU A 3238 50.32 -3.18 -0.81
CA LEU A 3238 50.95 -2.49 0.31
C LEU A 3238 51.37 -3.46 1.40
N LEU A 3239 50.49 -4.41 1.73
CA LEU A 3239 50.81 -5.38 2.77
C LEU A 3239 52.01 -6.22 2.40
N THR A 3240 52.09 -6.66 1.13
CA THR A 3240 53.28 -7.37 0.68
C THR A 3240 54.53 -6.51 0.84
N CYS A 3241 54.38 -5.19 0.71
CA CYS A 3241 55.50 -4.29 0.99
C CYS A 3241 55.73 -4.16 2.49
N LEU A 3242 54.65 -4.04 3.27
CA LEU A 3242 54.78 -3.86 4.71
C LEU A 3242 55.47 -5.06 5.36
N VAL A 3243 55.09 -6.28 4.97
CA VAL A 3243 55.69 -7.47 5.55
C VAL A 3243 57.16 -7.55 5.19
N GLY A 3244 57.52 -7.13 3.99
CA GLY A 3244 58.89 -7.23 3.54
C GLY A 3244 59.76 -6.17 4.20
N SER A 3245 60.98 -6.07 3.68
CA SER A 3245 61.94 -5.11 4.20
C SER A 3245 61.37 -3.69 4.10
N GLU A 3246 62.03 -2.77 4.80
CA GLU A 3246 61.70 -1.34 4.78
C GLU A 3246 60.21 -1.08 5.04
N GLY A 3247 59.53 -2.04 5.66
CA GLY A 3247 58.12 -1.83 5.98
C GLY A 3247 57.91 -0.71 6.98
N LYS A 3248 58.87 -0.51 7.90
CA LYS A 3248 58.73 0.54 8.90
C LYS A 3248 58.55 1.90 8.26
N LEU A 3249 59.08 2.10 7.05
CA LEU A 3249 58.83 3.35 6.34
C LEU A 3249 57.38 3.44 5.89
N LEU A 3250 56.85 2.35 5.33
CA LEU A 3250 55.47 2.36 4.85
C LEU A 3250 54.45 2.29 5.99
N LEU A 3251 54.85 1.80 7.16
CA LEU A 3251 53.91 1.69 8.27
C LEU A 3251 53.28 3.03 8.58
N ASN A 3252 54.02 4.13 8.40
CA ASN A 3252 53.44 5.46 8.58
C ASN A 3252 52.33 5.72 7.59
N LEU A 3253 52.31 5.02 6.45
CA LEU A 3253 51.28 5.21 5.44
C LEU A 3253 50.06 4.33 5.70
N ILE A 3254 50.30 3.04 5.96
CA ILE A 3254 49.17 2.13 6.18
C ILE A 3254 48.33 2.60 7.35
N SER A 3255 48.98 3.03 8.44
CA SER A 3255 48.24 3.53 9.59
C SER A 3255 47.31 4.67 9.18
N GLN A 3256 47.69 5.44 8.16
CA GLN A 3256 46.80 6.49 7.66
C GLN A 3256 45.66 5.92 6.83
N VAL A 3257 45.90 4.84 6.09
CA VAL A 3257 44.84 4.21 5.32
C VAL A 3257 43.86 3.51 6.25
N GLY A 3258 44.37 2.78 7.24
CA GLY A 3258 43.50 2.14 8.20
C GLY A 3258 42.74 3.12 9.06
N ARG A 3259 43.35 4.25 9.38
CA ARG A 3259 42.69 5.24 10.24
C ARG A 3259 41.37 5.69 9.66
N VAL A 3260 41.21 5.64 8.34
CA VAL A 3260 40.01 6.14 7.69
C VAL A 3260 39.12 5.01 7.16
N TYR A 3261 39.67 3.85 6.85
CA TYR A 3261 38.91 2.70 6.36
C TYR A 3261 39.31 1.48 7.17
N PRO A 3262 38.97 1.45 8.46
CA PRO A 3262 39.44 0.34 9.31
C PRO A 3262 39.01 -1.02 8.81
N GLN A 3263 37.79 -1.16 8.30
CA GLN A 3263 37.33 -2.45 7.81
C GLN A 3263 38.08 -2.89 6.57
N ALA A 3264 38.66 -1.97 5.82
CA ALA A 3264 39.35 -2.33 4.59
C ALA A 3264 40.71 -2.95 4.85
N VAL A 3265 41.41 -2.53 5.90
CA VAL A 3265 42.76 -3.01 6.15
C VAL A 3265 42.76 -4.07 7.24
N TYR A 3266 41.82 -3.96 8.18
CA TYR A 3266 41.81 -4.89 9.30
C TYR A 3266 41.72 -6.33 8.81
N PHE A 3267 40.76 -6.61 7.92
CA PHE A 3267 40.61 -7.97 7.41
C PHE A 3267 41.85 -8.43 6.68
N PRO A 3268 42.43 -7.67 5.75
CA PRO A 3268 43.74 -8.08 5.20
C PRO A 3268 44.84 -8.16 6.25
N ILE A 3269 44.99 -7.13 7.09
CA ILE A 3269 46.09 -7.11 8.06
C ILE A 3269 45.92 -8.27 9.04
N ARG A 3270 44.69 -8.53 9.48
CA ARG A 3270 44.47 -9.66 10.37
C ARG A 3270 44.90 -10.96 9.72
N THR A 3271 44.58 -11.13 8.44
CA THR A 3271 45.02 -12.34 7.73
C THR A 3271 46.54 -12.42 7.68
N LEU A 3272 47.20 -11.29 7.42
CA LEU A 3272 48.66 -11.31 7.31
C LEU A 3272 49.32 -11.63 8.64
N TYR A 3273 48.93 -10.91 9.70
CA TYR A 3273 49.54 -11.14 11.00
C TYR A 3273 49.34 -12.58 11.46
N LEU A 3274 48.08 -13.06 11.41
CA LEU A 3274 47.83 -14.45 11.73
C LEU A 3274 48.54 -15.38 10.76
N THR A 3275 48.78 -14.93 9.53
CA THR A 3275 49.52 -15.73 8.56
C THR A 3275 50.99 -15.81 8.94
N LEU A 3276 51.59 -14.70 9.35
CA LEU A 3276 52.98 -14.73 9.76
C LEU A 3276 53.16 -15.57 11.03
N LYS A 3277 52.23 -15.43 11.98
CA LYS A 3277 52.33 -16.17 13.23
C LYS A 3277 52.38 -17.67 12.97
N ILE A 3278 51.45 -18.18 12.16
CA ILE A 3278 51.47 -19.61 11.85
C ILE A 3278 52.73 -19.97 11.08
N GLU A 3279 53.19 -19.06 10.21
CA GLU A 3279 54.44 -19.31 9.50
C GLU A 3279 55.61 -19.42 10.48
N GLN A 3280 55.67 -18.51 11.44
CA GLN A 3280 56.73 -18.57 12.44
C GLN A 3280 56.56 -19.77 13.36
N ARG A 3281 55.32 -19.99 13.84
CA ARG A 3281 55.08 -21.10 14.75
C ARG A 3281 55.44 -22.45 14.14
N GLU A 3282 55.45 -22.54 12.81
CA GLU A 3282 55.88 -23.77 12.15
C GLU A 3282 57.30 -24.14 12.56
N ARG A 3283 58.14 -23.15 12.82
CA ARG A 3283 59.52 -23.40 13.24
C ARG A 3283 59.85 -22.60 14.49
N ALA A 3293 58.12 -10.73 19.11
CA ALA A 3293 57.54 -11.01 17.80
C ALA A 3293 58.41 -10.43 16.69
N THR A 3294 58.50 -11.14 15.57
CA THR A 3294 59.30 -10.67 14.45
C THR A 3294 58.85 -9.28 14.01
N ALA A 3295 59.74 -8.58 13.32
CA ALA A 3295 59.44 -7.21 12.93
C ALA A 3295 58.19 -7.12 12.07
N PRO A 3296 58.03 -7.91 10.99
CA PRO A 3296 56.79 -7.80 10.21
C PRO A 3296 55.55 -8.09 11.03
N MET A 3297 55.60 -9.07 11.94
CA MET A 3297 54.48 -9.32 12.83
C MET A 3297 54.23 -8.13 13.74
N TRP A 3298 55.31 -7.55 14.28
CA TRP A 3298 55.15 -6.35 15.11
C TRP A 3298 54.53 -5.22 14.33
N ARG A 3299 54.95 -5.04 13.07
CA ARG A 3299 54.38 -3.98 12.24
C ARG A 3299 52.88 -4.16 12.09
N CYS A 3300 52.44 -5.40 11.81
CA CYS A 3300 51.01 -5.65 11.68
C CYS A 3300 50.28 -5.40 13.00
N SER A 3301 50.86 -5.85 14.11
CA SER A 3301 50.22 -5.65 15.40
C SER A 3301 50.07 -4.18 15.73
N ARG A 3302 51.10 -3.38 15.42
CA ARG A 3302 51.03 -1.95 15.73
C ARG A 3302 49.86 -1.29 15.00
N ILE A 3303 49.63 -1.66 13.74
CA ILE A 3303 48.50 -1.11 13.01
C ILE A 3303 47.20 -1.43 13.73
N MET A 3304 47.00 -2.69 14.09
CA MET A 3304 45.79 -3.07 14.81
C MET A 3304 45.71 -2.37 16.16
N HIS A 3305 46.83 -2.30 16.88
CA HIS A 3305 46.84 -1.64 18.18
C HIS A 3305 46.22 -0.26 18.09
N MET A 3306 46.82 0.63 17.30
CA MET A 3306 46.25 1.96 17.12
C MET A 3306 44.88 1.87 16.45
N GLN A 3307 44.75 1.01 15.45
CA GLN A 3307 43.47 0.88 14.75
C GLN A 3307 42.37 0.37 15.68
N ARG A 3308 42.73 -0.30 16.77
CA ARG A 3308 41.74 -0.63 17.79
C ARG A 3308 41.41 0.58 18.66
N GLU A 3309 42.38 1.46 18.90
CA GLU A 3309 42.10 2.67 19.68
C GLU A 3309 41.03 3.51 19.00
N LEU A 3310 41.13 3.67 17.69
CA LEU A 3310 40.07 4.30 16.91
C LEU A 3310 39.07 3.25 16.47
N HIS A 3311 37.81 3.65 16.41
CA HIS A 3311 36.73 2.73 16.05
C HIS A 3311 36.82 1.45 16.87
N PRO A 3312 37.05 1.53 18.18
CA PRO A 3312 37.14 0.29 18.97
C PRO A 3312 35.88 -0.55 18.89
N THR A 3313 34.72 0.09 18.79
CA THR A 3313 33.47 -0.67 18.64
C THR A 3313 33.46 -1.47 17.35
N LEU A 3314 33.87 -0.83 16.25
CA LEU A 3314 33.84 -1.50 14.95
C LEU A 3314 34.77 -2.69 14.93
N LEU A 3315 36.00 -2.53 15.42
CA LEU A 3315 36.95 -3.63 15.40
C LEU A 3315 36.44 -4.80 16.24
N SER A 3316 35.87 -4.53 17.40
CA SER A 3316 35.33 -5.60 18.22
C SER A 3316 34.24 -6.35 17.46
N SER A 3317 33.37 -5.63 16.77
CA SER A 3317 32.34 -6.29 15.97
C SER A 3317 32.97 -7.17 14.89
N LEU A 3318 34.01 -6.66 14.22
CA LEU A 3318 34.67 -7.46 13.19
C LEU A 3318 35.25 -8.74 13.78
N GLU A 3319 36.04 -8.61 14.85
CA GLU A 3319 36.62 -9.78 15.48
C GLU A 3319 35.53 -10.71 16.03
N GLY A 3320 34.48 -10.13 16.61
CA GLY A 3320 33.37 -10.95 17.05
C GLY A 3320 32.77 -11.76 15.92
N ILE A 3321 32.60 -11.12 14.75
CA ILE A 3321 32.07 -11.84 13.59
C ILE A 3321 33.00 -12.98 13.21
N VAL A 3322 34.30 -12.70 13.15
CA VAL A 3322 35.26 -13.74 12.74
C VAL A 3322 35.32 -14.83 13.79
N ASP A 3323 35.24 -14.47 15.07
CA ASP A 3323 35.27 -15.48 16.12
C ASP A 3323 34.12 -16.47 15.97
N GLN A 3324 32.93 -15.96 15.70
CA GLN A 3324 31.78 -16.83 15.47
C GLN A 3324 31.93 -17.65 14.21
N MET A 3325 32.84 -17.27 13.31
CA MET A 3325 32.97 -17.95 12.03
C MET A 3325 33.41 -19.39 12.20
N VAL A 3326 34.16 -19.69 13.27
CA VAL A 3326 34.72 -21.04 13.43
C VAL A 3326 33.61 -22.08 13.46
N TRP A 3327 32.41 -21.70 13.87
CA TRP A 3327 31.31 -22.66 13.93
C TRP A 3327 30.80 -23.06 12.56
N PHE A 3328 31.24 -22.39 11.50
CA PHE A 3328 30.79 -22.73 10.15
C PHE A 3328 31.66 -23.79 9.48
N ARG A 3329 32.77 -24.18 10.09
CA ARG A 3329 33.63 -25.18 9.48
C ARG A 3329 32.90 -26.52 9.40
N GLU A 3330 33.08 -27.21 8.27
CA GLU A 3330 32.35 -28.45 8.04
C GLU A 3330 32.73 -29.52 9.05
N ASN A 3331 31.81 -30.43 9.31
CA ASN A 3331 32.03 -31.48 10.28
C ASN A 3331 33.06 -32.48 9.75
N TRP A 3332 33.34 -33.52 10.55
CA TRP A 3332 34.40 -34.45 10.20
C TRP A 3332 34.05 -35.22 8.92
N HIS A 3333 32.79 -35.61 8.76
CA HIS A 3333 32.41 -36.37 7.57
C HIS A 3333 32.75 -35.59 6.30
N GLU A 3334 32.33 -34.34 6.23
CA GLU A 3334 32.67 -33.52 5.08
C GLU A 3334 34.17 -33.22 5.04
N GLU A 3335 34.78 -32.97 6.19
CA GLU A 3335 36.19 -32.63 6.23
C GLU A 3335 37.03 -33.74 5.59
N VAL A 3336 36.80 -34.98 6.01
CA VAL A 3336 37.56 -36.10 5.44
C VAL A 3336 37.24 -36.24 3.96
N LEU A 3337 35.95 -36.21 3.62
CA LEU A 3337 35.57 -36.32 2.21
C LEU A 3337 36.23 -35.25 1.37
N ARG A 3338 36.44 -34.05 1.93
CA ARG A 3338 37.19 -33.02 1.21
C ARG A 3338 38.62 -33.48 0.95
N GLN A 3339 39.25 -34.12 1.94
CA GLN A 3339 40.59 -34.65 1.73
C GLN A 3339 40.61 -35.66 0.60
N LEU A 3340 39.61 -36.56 0.57
CA LEU A 3340 39.55 -37.56 -0.49
C LEU A 3340 39.45 -36.89 -1.85
N GLN A 3341 38.55 -35.91 -1.98
CA GLN A 3341 38.40 -35.20 -3.25
C GLN A 3341 39.70 -34.51 -3.64
N GLN A 3342 40.34 -33.83 -2.69
CA GLN A 3342 41.62 -33.19 -2.97
C GLN A 3342 42.67 -34.23 -3.34
N GLY A 3343 42.73 -35.35 -2.60
CA GLY A 3343 43.71 -36.36 -2.89
C GLY A 3343 43.50 -37.00 -4.26
N LEU A 3344 42.25 -37.27 -4.61
CA LEU A 3344 41.97 -37.91 -5.90
C LEU A 3344 42.40 -37.00 -7.05
N ALA A 3345 42.09 -35.71 -6.96
CA ALA A 3345 42.44 -34.79 -8.03
C ALA A 3345 43.95 -34.74 -8.24
N LYS A 3346 44.72 -34.67 -7.14
CA LYS A 3346 46.17 -34.67 -7.27
C LYS A 3346 46.67 -35.97 -7.88
N CYS A 3347 46.09 -37.10 -7.48
CA CYS A 3347 46.51 -38.39 -8.04
C CYS A 3347 46.28 -38.42 -9.55
N TYR A 3348 45.13 -37.92 -10.01
CA TYR A 3348 44.86 -37.88 -11.44
C TYR A 3348 45.89 -37.01 -12.15
N SER A 3349 46.16 -35.82 -11.61
CA SER A 3349 47.16 -34.95 -12.22
C SER A 3349 48.53 -35.60 -12.22
N VAL A 3350 48.92 -36.21 -11.11
CA VAL A 3350 50.18 -36.95 -11.08
C VAL A 3350 50.09 -38.15 -12.01
N ALA A 3351 48.93 -38.81 -12.06
CA ALA A 3351 48.77 -39.97 -12.91
C ALA A 3351 48.98 -39.62 -14.38
N PHE A 3352 48.40 -38.50 -14.83
CA PHE A 3352 48.59 -38.10 -16.22
C PHE A 3352 50.06 -37.84 -16.52
N GLU A 3353 50.76 -37.18 -15.60
CA GLU A 3353 52.19 -36.94 -15.79
C GLU A 3353 52.95 -38.24 -15.94
N LYS A 3354 52.49 -39.30 -15.31
CA LYS A 3354 53.12 -40.61 -15.42
C LYS A 3354 52.56 -41.44 -16.58
N SER A 3355 51.57 -40.93 -17.29
CA SER A 3355 51.06 -41.63 -18.46
C SER A 3355 52.16 -41.78 -19.51
N GLY A 3356 51.87 -42.57 -20.53
CA GLY A 3356 52.89 -42.90 -21.52
C GLY A 3356 53.88 -43.90 -20.98
N ALA A 3357 54.45 -43.63 -19.80
CA ALA A 3357 55.19 -44.63 -19.07
C ALA A 3357 54.22 -45.69 -18.55
N VAL A 3358 54.76 -46.66 -17.82
CA VAL A 3358 53.96 -47.79 -17.35
C VAL A 3358 52.68 -47.25 -16.71
N SER A 3359 51.53 -47.67 -17.24
CA SER A 3359 50.27 -47.13 -16.77
C SER A 3359 50.03 -47.50 -15.31
N ASP A 3360 50.63 -48.59 -14.84
CA ASP A 3360 50.54 -48.92 -13.42
C ASP A 3360 51.18 -47.83 -12.57
N ALA A 3361 52.33 -47.31 -13.00
CA ALA A 3361 52.99 -46.20 -12.31
C ALA A 3361 53.28 -46.54 -10.86
N LYS A 3362 53.71 -45.55 -10.09
CA LYS A 3362 53.97 -45.73 -8.67
C LYS A 3362 53.46 -44.51 -7.91
N ILE A 3363 53.15 -44.72 -6.64
CA ILE A 3363 52.60 -43.64 -5.82
C ILE A 3363 53.73 -42.67 -5.45
N THR A 3364 53.50 -41.39 -5.71
CA THR A 3364 54.51 -40.37 -5.47
C THR A 3364 54.63 -40.07 -3.99
N PRO A 3365 55.78 -39.54 -3.57
CA PRO A 3365 55.96 -39.24 -2.13
C PRO A 3365 54.93 -38.24 -1.60
N HIS A 3366 54.56 -37.24 -2.40
CA HIS A 3366 53.55 -36.28 -1.95
C HIS A 3366 52.20 -36.96 -1.72
N THR A 3367 51.83 -37.88 -2.60
CA THR A 3367 50.57 -38.59 -2.41
C THR A 3367 50.57 -39.38 -1.12
N LEU A 3368 51.72 -39.94 -0.74
CA LEU A 3368 51.79 -40.72 0.49
C LEU A 3368 51.47 -39.86 1.71
N ASN A 3369 52.00 -38.63 1.74
CA ASN A 3369 51.78 -37.76 2.90
C ASN A 3369 50.30 -37.44 3.07
N PHE A 3370 49.60 -37.14 1.97
CA PHE A 3370 48.18 -36.84 2.06
C PHE A 3370 47.41 -38.04 2.60
N VAL A 3371 47.64 -39.22 2.02
CA VAL A 3371 46.99 -40.42 2.52
C VAL A 3371 47.45 -40.71 3.95
N LYS A 3372 48.75 -40.61 4.19
CA LYS A 3372 49.26 -40.75 5.56
C LYS A 3372 48.65 -39.73 6.48
N LYS A 3373 48.42 -38.51 5.97
CA LYS A 3373 47.72 -37.49 6.74
C LYS A 3373 46.23 -37.79 6.83
N LEU A 3374 45.67 -38.46 5.82
CA LEU A 3374 44.25 -38.78 5.85
C LEU A 3374 43.93 -39.78 6.96
N VAL A 3375 44.70 -40.87 7.05
CA VAL A 3375 44.44 -41.85 8.09
C VAL A 3375 44.67 -41.24 9.47
N SER A 3376 45.55 -40.25 9.56
CA SER A 3376 45.80 -39.60 10.84
C SER A 3376 44.55 -38.91 11.36
N THR A 3377 43.85 -38.18 10.48
CA THR A 3377 42.61 -37.53 10.89
C THR A 3377 41.48 -38.53 11.01
N PHE A 3378 41.45 -39.55 10.14
CA PHE A 3378 40.43 -40.59 10.24
C PHE A 3378 40.65 -41.46 11.48
N GLY A 3379 41.88 -41.90 11.69
CA GLY A 3379 42.20 -42.76 12.81
C GLY A 3379 42.39 -41.99 14.10
N LYS A 3415 32.52 -43.05 14.51
CA LYS A 3415 33.13 -43.39 13.23
C LYS A 3415 33.84 -44.73 13.31
N LEU A 3416 33.47 -45.53 14.31
CA LEU A 3416 34.11 -46.84 14.50
C LEU A 3416 33.85 -47.75 13.30
N LYS A 3417 32.61 -47.74 12.78
CA LYS A 3417 32.27 -48.62 11.66
C LYS A 3417 33.14 -48.28 10.45
N GLY A 3418 33.28 -46.99 10.13
CA GLY A 3418 34.15 -46.59 9.04
C GLY A 3418 35.62 -46.80 9.39
N GLN A 3419 36.00 -46.54 10.64
CA GLN A 3419 37.41 -46.51 11.00
C GLN A 3419 38.07 -47.86 10.74
N PHE A 3420 37.47 -48.95 11.22
CA PHE A 3420 38.08 -50.26 11.06
C PHE A 3420 38.19 -50.66 9.60
N THR A 3421 37.41 -50.03 8.72
CA THR A 3421 37.45 -50.36 7.30
C THR A 3421 38.52 -49.53 6.58
N THR A 3422 38.56 -48.23 6.86
CA THR A 3422 39.50 -47.36 6.16
C THR A 3422 40.95 -47.74 6.45
N ASP A 3423 41.28 -47.94 7.73
CA ASP A 3423 42.65 -48.33 8.07
C ASP A 3423 43.00 -49.67 7.45
N PHE A 3424 42.07 -50.63 7.51
CA PHE A 3424 42.28 -51.91 6.85
C PHE A 3424 42.45 -51.73 5.35
N ASP A 3425 41.51 -51.02 4.72
CA ASP A 3425 41.61 -50.81 3.28
C ASP A 3425 42.88 -50.06 2.92
N PHE A 3426 43.21 -49.03 3.68
CA PHE A 3426 44.49 -48.34 3.53
C PHE A 3426 45.53 -48.98 4.46
N SER A 3427 45.74 -50.29 4.25
CA SER A 3427 46.69 -51.02 5.07
C SER A 3427 48.05 -50.36 5.08
N VAL A 3428 48.45 -49.77 3.95
CA VAL A 3428 49.66 -48.96 3.86
C VAL A 3428 49.28 -47.70 3.10
N PRO A 3429 49.91 -46.55 3.36
CA PRO A 3429 49.53 -45.32 2.64
C PRO A 3429 49.88 -45.39 1.16
N GLY A 3430 49.23 -46.30 0.44
CA GLY A 3430 49.55 -46.54 -0.94
C GLY A 3430 50.62 -47.60 -1.06
N SER A 3431 50.30 -48.75 -1.64
CA SER A 3431 51.26 -49.86 -1.60
C SER A 3431 52.30 -49.74 -2.71
N MET A 3432 51.89 -49.93 -3.97
CA MET A 3432 52.81 -49.78 -5.08
C MET A 3432 52.20 -48.97 -6.22
N LYS A 3433 50.91 -49.15 -6.48
CA LYS A 3433 50.29 -48.72 -7.72
C LYS A 3433 49.51 -47.43 -7.49
N LEU A 3434 49.84 -46.39 -8.25
CA LEU A 3434 49.08 -45.15 -8.20
C LEU A 3434 47.67 -45.35 -8.74
N HIS A 3435 47.55 -45.95 -9.93
CA HIS A 3435 46.25 -46.10 -10.56
C HIS A 3435 45.37 -47.12 -9.84
N ASN A 3436 45.96 -47.97 -9.00
CA ASN A 3436 45.15 -48.77 -8.10
C ASN A 3436 44.66 -47.95 -6.92
N LEU A 3437 45.45 -46.97 -6.47
CA LEU A 3437 45.05 -46.15 -5.34
C LEU A 3437 43.80 -45.34 -5.66
N ILE A 3438 43.72 -44.78 -6.87
CA ILE A 3438 42.57 -43.96 -7.22
C ILE A 3438 41.29 -44.76 -7.12
N SER A 3439 41.35 -46.06 -7.43
CA SER A 3439 40.18 -46.90 -7.26
C SER A 3439 39.76 -46.97 -5.80
N LYS A 3440 40.72 -47.07 -4.89
CA LYS A 3440 40.40 -47.05 -3.46
C LYS A 3440 39.75 -45.73 -3.07
N LEU A 3441 40.30 -44.61 -3.53
CA LEU A 3441 39.73 -43.32 -3.19
C LEU A 3441 38.31 -43.17 -3.75
N LYS A 3442 38.11 -43.60 -5.00
CA LYS A 3442 36.78 -43.48 -5.59
C LYS A 3442 35.75 -44.27 -4.81
N LYS A 3443 36.10 -45.48 -4.38
CA LYS A 3443 35.19 -46.26 -3.55
C LYS A 3443 34.88 -45.52 -2.25
N TRP A 3444 35.90 -44.95 -1.61
CA TRP A 3444 35.68 -44.19 -0.39
C TRP A 3444 35.06 -42.82 -0.65
N ILE A 3445 35.17 -42.31 -1.88
CA ILE A 3445 34.41 -41.12 -2.24
C ILE A 3445 32.91 -41.43 -2.21
N LYS A 3446 32.51 -42.58 -2.76
CA LYS A 3446 31.11 -42.95 -2.78
C LYS A 3446 30.61 -43.28 -1.37
N ILE A 3447 31.44 -43.89 -0.54
CA ILE A 3447 31.03 -44.24 0.82
C ILE A 3447 30.71 -42.98 1.61
N LEU A 3448 31.61 -42.01 1.60
CA LEU A 3448 31.40 -40.78 2.36
C LEU A 3448 30.39 -39.87 1.67
N GLU A 3449 30.39 -39.82 0.34
CA GLU A 3449 29.45 -38.98 -0.37
C GLU A 3449 28.02 -39.31 0.03
N ALA A 3450 27.69 -40.59 0.05
CA ALA A 3450 26.38 -41.00 0.56
C ALA A 3450 26.25 -40.71 2.04
N LYS A 3451 27.35 -40.89 2.79
CA LYS A 3451 27.31 -40.63 4.23
C LYS A 3451 26.97 -39.17 4.52
N THR A 3452 27.57 -38.25 3.76
CA THR A 3452 27.31 -36.83 3.94
C THR A 3452 25.98 -36.38 3.31
N LYS A 3453 25.34 -37.25 2.54
CA LYS A 3453 24.07 -36.88 1.91
C LYS A 3453 22.97 -36.70 2.95
N GLN A 3454 23.04 -37.43 4.06
CA GLN A 3454 22.03 -37.34 5.11
C GLN A 3454 22.33 -36.24 6.12
N LEU A 3455 23.42 -35.52 5.96
CA LEU A 3455 23.77 -34.47 6.90
C LEU A 3455 22.79 -33.30 6.78
N PRO A 3456 22.66 -32.49 7.83
CA PRO A 3456 21.68 -31.40 7.79
C PRO A 3456 21.97 -30.40 6.70
N LYS A 3457 20.91 -29.89 6.08
CA LYS A 3457 21.01 -28.78 5.14
C LYS A 3457 20.80 -27.43 5.81
N PHE A 3458 20.32 -27.42 7.05
CA PHE A 3458 20.01 -26.20 7.78
C PHE A 3458 20.70 -26.23 9.13
N PHE A 3459 21.01 -25.04 9.65
CA PHE A 3459 21.30 -24.88 11.07
C PHE A 3459 21.25 -23.40 11.38
N LEU A 3460 20.42 -23.02 12.34
CA LEU A 3460 20.16 -21.61 12.59
C LEU A 3460 21.37 -20.93 13.21
N ILE A 3461 21.52 -19.65 12.91
CA ILE A 3461 22.63 -18.87 13.47
C ILE A 3461 22.53 -18.83 14.98
N GLU A 3462 21.32 -18.57 15.50
CA GLU A 3462 21.16 -18.47 16.96
C GLU A 3462 21.66 -19.73 17.65
N GLU A 3463 21.57 -20.87 16.99
CA GLU A 3463 22.13 -22.10 17.53
C GLU A 3463 23.63 -22.12 17.29
N LYS A 3464 24.39 -22.44 18.34
CA LYS A 3464 25.84 -22.64 18.31
C LYS A 3464 26.61 -21.34 18.15
N CYS A 3465 25.95 -20.19 17.98
CA CYS A 3465 26.64 -18.91 17.91
C CYS A 3465 25.62 -17.80 18.11
N ARG A 3466 25.82 -16.98 19.14
CA ARG A 3466 24.83 -15.98 19.54
C ARG A 3466 25.11 -14.59 18.98
N PHE A 3467 26.38 -14.21 18.84
CA PHE A 3467 26.69 -12.84 18.49
C PHE A 3467 26.09 -12.44 17.14
N LEU A 3468 26.18 -13.33 16.15
CA LEU A 3468 25.67 -13.01 14.83
C LEU A 3468 24.17 -12.76 14.86
N SER A 3469 23.42 -13.65 15.52
CA SER A 3469 21.98 -13.46 15.63
C SER A 3469 21.64 -12.20 16.40
N ASN A 3470 22.34 -11.95 17.51
CA ASN A 3470 22.11 -10.74 18.30
C ASN A 3470 22.63 -9.49 17.60
N PHE A 3471 23.39 -9.63 16.52
CA PHE A 3471 23.90 -8.47 15.81
C PHE A 3471 22.76 -7.68 15.18
N SER A 3472 22.95 -6.36 15.10
CA SER A 3472 21.94 -5.47 14.53
C SER A 3472 22.65 -4.21 14.06
N ALA A 3473 21.89 -3.35 13.39
CA ALA A 3473 22.49 -2.13 12.83
C ALA A 3473 23.05 -1.24 13.92
N GLN A 3474 22.33 -1.09 15.04
CA GLN A 3474 22.79 -0.20 16.10
C GLN A 3474 24.00 -0.74 16.85
N THR A 3475 24.28 -2.04 16.73
CA THR A 3475 25.43 -2.60 17.43
C THR A 3475 26.72 -1.95 16.95
N ALA A 3476 26.91 -1.83 15.64
CA ALA A 3476 28.09 -1.20 15.07
C ALA A 3476 27.91 -1.06 13.58
N GLU A 3477 28.40 0.05 13.03
CA GLU A 3477 28.35 0.27 11.60
C GLU A 3477 29.50 -0.50 10.96
N VAL A 3478 29.15 -1.60 10.29
CA VAL A 3478 30.13 -2.44 9.61
C VAL A 3478 29.64 -2.68 8.18
N GLU A 3479 30.49 -2.43 7.21
CA GLU A 3479 30.10 -2.55 5.82
C GLU A 3479 29.97 -4.02 5.42
N ILE A 3480 29.28 -4.25 4.31
CA ILE A 3480 29.12 -5.62 3.81
C ILE A 3480 30.50 -6.21 3.55
N PRO A 3481 30.75 -7.47 3.91
CA PRO A 3481 32.10 -8.01 3.70
C PRO A 3481 32.53 -7.89 2.25
N GLY A 3482 33.79 -7.48 2.06
CA GLY A 3482 34.32 -7.27 0.73
C GLY A 3482 33.86 -6.00 0.06
N GLU A 3483 33.31 -5.05 0.81
CA GLU A 3483 32.81 -3.82 0.20
C GLU A 3483 33.95 -2.94 -0.29
N PHE A 3484 35.10 -2.96 0.40
CA PHE A 3484 36.20 -2.06 0.09
C PHE A 3484 37.22 -2.68 -0.86
N LEU A 3485 36.92 -3.84 -1.45
CA LEU A 3485 37.89 -4.49 -2.33
C LEU A 3485 38.32 -3.57 -3.46
N MET A 3486 37.44 -2.68 -3.92
CA MET A 3486 37.76 -1.71 -4.96
C MET A 3486 37.31 -0.34 -4.47
N PRO A 3487 38.19 0.66 -4.48
CA PRO A 3487 37.81 1.96 -3.92
C PRO A 3487 36.79 2.68 -4.77
N LYS A 3488 35.54 2.25 -4.67
CA LYS A 3488 34.46 2.86 -5.43
C LYS A 3488 34.37 4.35 -5.09
N PRO A 3489 34.41 5.25 -6.08
CA PRO A 3489 34.47 6.68 -5.75
C PRO A 3489 33.28 7.17 -4.94
N THR A 3490 32.09 6.67 -5.23
CA THR A 3490 30.88 7.19 -4.61
C THR A 3490 30.62 6.49 -3.29
N HIS A 3491 29.66 7.02 -2.54
CA HIS A 3491 29.38 6.52 -1.19
C HIS A 3491 29.00 5.03 -1.25
N TYR A 3492 27.80 4.74 -1.76
CA TYR A 3492 27.41 3.41 -2.22
C TYR A 3492 28.04 2.34 -1.32
N TYR A 3493 27.81 2.45 -0.01
CA TYR A 3493 28.31 1.49 0.95
C TYR A 3493 27.14 0.94 1.76
N ILE A 3494 26.99 -0.38 1.77
CA ILE A 3494 25.83 -1.02 2.38
C ILE A 3494 26.27 -1.62 3.71
N LYS A 3495 25.69 -1.10 4.79
CA LYS A 3495 26.03 -1.59 6.12
C LYS A 3495 25.41 -2.97 6.37
N ILE A 3496 25.88 -3.62 7.42
CA ILE A 3496 25.23 -4.83 7.90
C ILE A 3496 24.07 -4.45 8.79
N ALA A 3497 22.95 -5.14 8.62
CA ALA A 3497 21.77 -4.91 9.44
C ALA A 3497 21.29 -6.16 10.16
N ARG A 3498 21.45 -7.34 9.57
CA ARG A 3498 21.03 -8.58 10.21
C ARG A 3498 21.60 -9.78 9.49
N PHE A 3499 22.26 -10.68 10.23
CA PHE A 3499 22.66 -11.96 9.68
C PHE A 3499 21.44 -12.86 9.68
N MET A 3500 20.96 -13.22 8.50
CA MET A 3500 19.73 -13.99 8.42
C MET A 3500 19.87 -15.26 9.24
N PRO A 3501 18.86 -15.62 10.05
CA PRO A 3501 19.03 -16.70 11.02
C PRO A 3501 19.24 -18.06 10.41
N ARG A 3502 19.12 -18.22 9.09
CA ARG A 3502 19.20 -19.50 8.43
C ARG A 3502 20.39 -19.50 7.49
N VAL A 3503 21.24 -20.52 7.61
CA VAL A 3503 22.39 -20.72 6.73
C VAL A 3503 22.28 -22.11 6.11
N GLU A 3504 22.45 -22.19 4.80
CA GLU A 3504 22.27 -23.44 4.06
C GLU A 3504 23.64 -24.03 3.74
N ILE A 3505 23.80 -25.32 4.00
CA ILE A 3505 25.02 -26.04 3.70
C ILE A 3505 24.96 -26.48 2.24
N VAL A 3506 25.95 -26.08 1.45
CA VAL A 3506 25.97 -26.35 0.01
C VAL A 3506 27.30 -26.98 -0.36
N GLN A 3507 27.31 -27.62 -1.52
CA GLN A 3507 28.50 -28.27 -2.06
C GLN A 3507 29.15 -27.34 -3.10
N LYS A 3508 30.46 -27.11 -2.94
CA LYS A 3508 31.22 -26.30 -3.87
C LYS A 3508 32.30 -27.18 -4.51
N HIS A 3509 32.23 -27.30 -5.83
CA HIS A 3509 33.08 -28.19 -6.63
C HIS A 3509 33.50 -29.45 -5.86
N ASN A 3510 34.34 -29.30 -4.82
CA ASN A 3510 34.92 -30.44 -4.14
C ASN A 3510 34.92 -30.23 -2.62
N THR A 3511 33.97 -29.43 -2.12
CA THR A 3511 33.93 -29.13 -0.69
C THR A 3511 32.52 -28.69 -0.32
N ALA A 3512 32.26 -28.70 0.98
CA ALA A 3512 31.00 -28.22 1.55
C ALA A 3512 31.27 -26.90 2.25
N ALA A 3513 30.46 -25.89 1.93
CA ALA A 3513 30.62 -24.56 2.48
C ALA A 3513 29.30 -24.06 3.04
N ARG A 3514 29.39 -23.27 4.10
CA ARG A 3514 28.21 -22.72 4.75
C ARG A 3514 27.86 -21.39 4.11
N ARG A 3515 26.62 -21.25 3.64
CA ARG A 3515 26.15 -20.05 2.98
C ARG A 3515 25.24 -19.29 3.94
N LEU A 3516 25.73 -18.17 4.45
CA LEU A 3516 24.98 -17.33 5.37
C LEU A 3516 24.51 -16.08 4.63
N TYR A 3517 23.22 -15.79 4.73
CA TYR A 3517 22.64 -14.67 4.01
C TYR A 3517 22.67 -13.42 4.88
N ILE A 3518 23.23 -12.35 4.32
CA ILE A 3518 23.31 -11.06 4.98
C ILE A 3518 22.15 -10.20 4.52
N ARG A 3519 21.73 -9.27 5.37
CA ARG A 3519 20.70 -8.28 5.02
C ARG A 3519 21.32 -6.90 5.19
N GLY A 3520 21.57 -6.23 4.08
CA GLY A 3520 22.11 -4.88 4.15
C GLY A 3520 21.08 -3.88 4.63
N HIS A 3521 21.56 -2.70 5.01
CA HIS A 3521 20.66 -1.66 5.49
C HIS A 3521 19.68 -1.26 4.42
N ASN A 3522 20.03 -1.43 3.15
CA ASN A 3522 19.11 -1.11 2.06
C ASN A 3522 17.97 -2.10 1.95
N GLY A 3523 18.01 -3.21 2.67
CA GLY A 3523 16.98 -4.22 2.62
C GLY A 3523 17.28 -5.39 1.72
N LYS A 3524 18.27 -5.27 0.84
CA LYS A 3524 18.64 -6.37 -0.04
C LYS A 3524 19.29 -7.48 0.76
N ILE A 3525 19.23 -8.70 0.21
CA ILE A 3525 19.80 -9.89 0.83
C ILE A 3525 21.03 -10.28 0.03
N TYR A 3526 22.19 -10.25 0.67
CA TYR A 3526 23.45 -10.59 0.02
C TYR A 3526 23.91 -11.96 0.51
N PRO A 3527 23.83 -13.00 -0.33
CA PRO A 3527 24.24 -14.34 0.12
C PRO A 3527 25.76 -14.48 0.10
N TYR A 3528 26.35 -14.61 1.28
CA TYR A 3528 27.79 -14.83 1.41
C TYR A 3528 28.05 -16.28 1.76
N LEU A 3529 29.16 -16.80 1.27
CA LEU A 3529 29.52 -18.21 1.40
C LEU A 3529 30.83 -18.31 2.17
N VAL A 3530 30.75 -18.82 3.40
CA VAL A 3530 31.91 -18.91 4.28
C VAL A 3530 32.81 -20.04 3.82
N MET A 3531 33.87 -19.70 3.09
CA MET A 3531 34.83 -20.69 2.60
C MET A 3531 35.89 -20.93 3.66
N ASN A 3532 36.06 -22.18 4.06
CA ASN A 3532 37.12 -22.60 4.97
C ASN A 3532 38.05 -23.54 4.22
N ASP A 3533 39.35 -23.21 4.21
CA ASP A 3533 40.32 -24.01 3.48
C ASP A 3533 41.69 -23.79 4.08
N ALA A 3534 42.50 -24.85 4.05
CA ALA A 3534 43.90 -24.78 4.47
C ALA A 3534 44.75 -24.41 3.26
N CYS A 3535 46.06 -24.53 3.38
CA CYS A 3535 46.99 -24.16 2.30
C CYS A 3535 46.86 -22.67 2.00
N LEU A 3536 47.12 -21.86 3.03
CA LEU A 3536 46.92 -20.42 2.92
C LEU A 3536 47.73 -19.82 1.77
N THR A 3537 48.91 -20.37 1.48
CA THR A 3537 49.75 -19.79 0.43
C THR A 3537 49.02 -19.80 -0.91
N GLU A 3538 48.38 -20.93 -1.25
CA GLU A 3538 47.65 -21.01 -2.50
C GLU A 3538 46.45 -20.06 -2.52
N SER A 3539 45.73 -19.99 -1.40
CA SER A 3539 44.53 -19.16 -1.36
C SER A 3539 44.86 -17.70 -1.63
N ARG A 3540 45.94 -17.20 -1.04
CA ARG A 3540 46.33 -15.81 -1.26
C ARG A 3540 46.60 -15.55 -2.74
N ARG A 3541 47.26 -16.49 -3.41
CA ARG A 3541 47.52 -16.33 -4.84
C ARG A 3541 46.22 -16.24 -5.62
N GLU A 3542 45.23 -17.05 -5.26
CA GLU A 3542 43.97 -17.05 -6.00
C GLU A 3542 43.30 -15.68 -5.95
N GLU A 3543 43.33 -15.03 -4.79
CA GLU A 3543 42.78 -13.68 -4.70
C GLU A 3543 43.56 -12.71 -5.58
N ARG A 3544 44.85 -12.95 -5.77
CA ARG A 3544 45.69 -12.02 -6.50
C ARG A 3544 45.16 -11.80 -7.91
N VAL A 3545 44.92 -12.89 -8.65
CA VAL A 3545 44.45 -12.75 -10.02
C VAL A 3545 43.09 -12.05 -10.04
N LEU A 3546 42.24 -12.32 -9.04
CA LEU A 3546 40.96 -11.62 -8.95
C LEU A 3546 41.18 -10.13 -8.82
N GLN A 3547 42.17 -9.71 -8.03
CA GLN A 3547 42.49 -8.30 -7.95
C GLN A 3547 42.85 -7.74 -9.32
N LEU A 3548 43.62 -8.51 -10.09
CA LEU A 3548 43.96 -8.07 -11.44
C LEU A 3548 42.70 -7.93 -12.29
N LEU A 3549 41.87 -8.97 -12.33
CA LEU A 3549 40.65 -8.89 -13.12
C LEU A 3549 39.76 -7.75 -12.65
N ARG A 3550 39.76 -7.44 -11.35
CA ARG A 3550 39.02 -6.28 -10.87
C ARG A 3550 39.70 -4.98 -11.28
N LEU A 3551 41.03 -4.99 -11.41
CA LEU A 3551 41.75 -3.81 -11.85
C LEU A 3551 41.61 -3.58 -13.35
N LEU A 3552 41.40 -4.65 -14.12
CA LEU A 3552 41.26 -4.51 -15.57
C LEU A 3552 39.84 -4.15 -15.99
N ASN A 3553 38.83 -4.47 -15.18
CA ASN A 3553 37.45 -4.19 -15.56
C ASN A 3553 37.22 -2.74 -15.96
N PRO A 3554 37.70 -1.74 -15.22
CA PRO A 3554 37.51 -0.35 -15.68
C PRO A 3554 38.14 -0.10 -17.04
N CYS A 3555 39.16 -0.87 -17.40
CA CYS A 3555 39.78 -0.70 -18.71
C CYS A 3555 38.77 -0.95 -19.83
N LEU A 3556 37.94 -2.00 -19.68
CA LEU A 3556 37.01 -2.36 -20.74
C LEU A 3556 35.97 -1.27 -20.96
N GLU A 3557 35.51 -0.62 -19.89
CA GLU A 3557 34.42 0.34 -20.02
C GLU A 3557 34.79 1.50 -20.93
N LYS A 3558 36.02 2.01 -20.79
CA LYS A 3558 36.37 3.28 -21.43
C LYS A 3558 36.23 3.20 -22.95
N ARG A 3559 36.71 2.11 -23.55
CA ARG A 3559 36.75 2.04 -25.00
C ARG A 3559 35.39 1.59 -25.55
N LYS A 3560 35.26 1.66 -26.88
CA LYS A 3560 33.98 1.41 -27.53
C LYS A 3560 33.83 -0.06 -27.93
N GLU A 3561 34.73 -0.57 -28.77
CA GLU A 3561 34.58 -1.93 -29.30
C GLU A 3561 34.38 -2.96 -28.20
N THR A 3562 34.74 -2.63 -26.96
CA THR A 3562 34.47 -3.51 -25.82
C THR A 3562 33.16 -3.15 -25.14
N THR A 3563 32.96 -1.88 -24.81
CA THR A 3563 31.70 -1.45 -24.21
C THR A 3563 30.52 -1.78 -25.11
N LYS A 3564 30.74 -1.79 -26.43
CA LYS A 3564 29.68 -2.11 -27.38
C LYS A 3564 29.20 -3.55 -27.25
N ARG A 3565 29.93 -4.41 -26.55
CA ARG A 3565 29.57 -5.81 -26.41
C ARG A 3565 29.26 -6.20 -24.97
N HIS A 3566 29.28 -5.25 -24.03
CA HIS A 3566 29.04 -5.55 -22.62
C HIS A 3566 30.06 -6.57 -22.10
N LEU A 3567 31.32 -6.17 -22.12
CA LEU A 3567 32.42 -7.03 -21.71
C LEU A 3567 32.89 -6.63 -20.31
N PHE A 3568 32.84 -7.57 -19.38
CA PHE A 3568 33.42 -7.38 -18.06
C PHE A 3568 33.66 -8.75 -17.43
N PHE A 3569 34.53 -8.77 -16.42
CA PHE A 3569 35.10 -10.01 -15.92
C PHE A 3569 34.26 -10.69 -14.84
N THR A 3570 33.20 -10.04 -14.36
CA THR A 3570 32.34 -10.57 -13.31
C THR A 3570 33.14 -11.29 -12.23
N VAL A 3571 34.11 -10.59 -11.69
CA VAL A 3571 34.95 -11.16 -10.63
C VAL A 3571 34.15 -11.17 -9.32
N PRO A 3572 34.05 -12.30 -8.63
CA PRO A 3572 33.31 -12.33 -7.37
C PRO A 3572 34.05 -11.58 -6.28
N ARG A 3573 33.28 -11.16 -5.28
CA ARG A 3573 33.79 -10.38 -4.16
C ARG A 3573 34.26 -11.35 -3.08
N VAL A 3574 35.58 -11.43 -2.88
CA VAL A 3574 36.19 -12.36 -1.94
C VAL A 3574 37.05 -11.57 -0.97
N VAL A 3575 36.71 -11.66 0.32
CA VAL A 3575 37.50 -11.07 1.39
C VAL A 3575 37.78 -12.17 2.41
N ALA A 3576 39.04 -12.30 2.81
CA ALA A 3576 39.47 -13.41 3.65
C ALA A 3576 39.80 -12.90 5.05
N VAL A 3577 39.21 -13.53 6.06
CA VAL A 3577 39.59 -13.23 7.44
C VAL A 3577 40.03 -14.51 8.14
N SER A 3578 41.26 -14.92 7.86
CA SER A 3578 41.95 -15.99 8.57
C SER A 3578 43.24 -16.27 7.80
N PRO A 3579 44.16 -17.06 8.35
CA PRO A 3579 45.09 -17.77 7.46
C PRO A 3579 44.38 -18.81 6.60
N GLN A 3580 43.23 -19.32 7.03
CA GLN A 3580 42.58 -20.45 6.37
C GLN A 3580 41.25 -20.09 5.72
N MET A 3581 40.30 -19.56 6.49
CA MET A 3581 38.95 -19.34 6.00
C MET A 3581 38.81 -17.97 5.35
N ARG A 3582 37.76 -17.82 4.55
CA ARG A 3582 37.49 -16.57 3.85
C ARG A 3582 36.03 -16.52 3.47
N LEU A 3583 35.56 -15.32 3.14
CA LEU A 3583 34.20 -15.08 2.70
C LEU A 3583 34.20 -14.74 1.22
N VAL A 3584 33.41 -15.47 0.45
CA VAL A 3584 33.28 -15.26 -0.99
C VAL A 3584 31.83 -14.97 -1.31
N GLU A 3585 31.59 -13.91 -2.07
CA GLU A 3585 30.23 -13.54 -2.43
C GLU A 3585 29.67 -14.52 -3.45
N ASP A 3586 28.97 -15.55 -2.97
CA ASP A 3586 28.40 -16.57 -3.83
C ASP A 3586 26.93 -16.27 -4.05
N ASN A 3587 26.56 -16.08 -5.30
CA ASN A 3587 25.16 -15.95 -5.64
C ASN A 3587 24.57 -17.34 -5.88
N PRO A 3588 23.47 -17.70 -5.23
CA PRO A 3588 22.87 -19.02 -5.49
C PRO A 3588 22.49 -19.16 -6.95
N SER A 3589 22.17 -20.38 -7.34
CA SER A 3589 21.83 -20.78 -8.69
C SER A 3589 23.08 -20.89 -9.57
N SER A 3590 24.26 -20.57 -9.06
CA SER A 3590 25.49 -20.68 -9.84
C SER A 3590 26.07 -22.07 -9.59
N LEU A 3591 26.12 -22.88 -10.64
CA LEU A 3591 26.62 -24.24 -10.56
C LEU A 3591 27.74 -24.43 -11.57
N SER A 3592 28.78 -25.14 -11.14
CA SER A 3592 29.97 -25.28 -11.96
C SER A 3592 29.70 -26.16 -13.18
N LEU A 3593 30.54 -26.00 -14.19
CA LEU A 3593 30.34 -26.73 -15.44
C LEU A 3593 30.37 -28.23 -15.20
N VAL A 3594 31.29 -28.71 -14.35
CA VAL A 3594 31.36 -30.14 -14.08
C VAL A 3594 30.06 -30.63 -13.45
N GLU A 3595 29.45 -29.79 -12.60
CA GLU A 3595 28.18 -30.17 -11.99
C GLU A 3595 27.11 -30.38 -13.06
N ILE A 3596 27.14 -29.61 -14.13
CA ILE A 3596 26.24 -29.85 -15.25
C ILE A 3596 26.47 -31.25 -15.81
N TYR A 3597 27.73 -31.64 -15.98
CA TYR A 3597 28.03 -32.97 -16.47
C TYR A 3597 27.50 -34.03 -15.53
N LYS A 3598 27.70 -33.84 -14.23
CA LYS A 3598 27.18 -34.82 -13.26
C LYS A 3598 25.67 -34.89 -13.29
N GLN A 3599 25.01 -33.73 -13.38
CA GLN A 3599 23.55 -33.71 -13.34
C GLN A 3599 22.95 -34.60 -14.42
N ARG A 3600 23.37 -34.40 -15.67
CA ARG A 3600 22.88 -35.25 -16.75
C ARG A 3600 23.53 -36.62 -16.73
N CYS A 3601 24.76 -36.73 -16.23
CA CYS A 3601 25.37 -38.03 -16.06
C CYS A 3601 24.59 -38.86 -15.05
N ALA A 3602 24.16 -38.25 -13.94
CA ALA A 3602 23.36 -38.96 -12.96
C ALA A 3602 22.04 -39.42 -13.57
N LYS A 3603 21.40 -38.56 -14.38
CA LYS A 3603 20.21 -38.98 -15.10
C LYS A 3603 20.53 -40.16 -16.02
N LYS A 3604 21.68 -40.09 -16.70
CA LYS A 3604 22.14 -41.22 -17.48
C LYS A 3604 22.48 -42.39 -16.56
N GLY A 3605 22.83 -43.52 -17.17
CA GLY A 3605 23.17 -44.71 -16.42
C GLY A 3605 24.67 -44.91 -16.27
N ILE A 3606 25.41 -43.81 -16.15
CA ILE A 3606 26.86 -43.85 -16.04
C ILE A 3606 27.29 -42.97 -14.87
N GLU A 3607 28.59 -43.02 -14.57
CA GLU A 3607 29.19 -42.21 -13.54
C GLU A 3607 30.15 -41.20 -14.18
N HIS A 3608 30.21 -40.00 -13.57
CA HIS A 3608 30.95 -38.90 -14.19
C HIS A 3608 32.43 -39.20 -14.35
N ASP A 3609 32.96 -40.17 -13.60
CA ASP A 3609 34.38 -40.51 -13.66
C ASP A 3609 34.68 -41.63 -14.66
N ASN A 3610 33.66 -42.15 -15.34
CA ASN A 3610 33.90 -43.18 -16.35
C ASN A 3610 34.87 -42.71 -17.42
N PRO A 3611 34.73 -41.51 -18.00
CA PRO A 3611 35.66 -41.09 -19.06
C PRO A 3611 37.13 -41.20 -18.69
N ILE A 3612 37.51 -40.70 -17.51
CA ILE A 3612 38.91 -40.75 -17.12
C ILE A 3612 39.37 -42.19 -16.96
N SER A 3613 38.56 -43.02 -16.31
CA SER A 3613 38.91 -44.42 -16.13
C SER A 3613 39.06 -45.13 -17.48
N ARG A 3614 38.12 -44.90 -18.39
CA ARG A 3614 38.20 -45.53 -19.71
C ARG A 3614 39.41 -45.02 -20.48
N TYR A 3615 39.73 -43.74 -20.35
CA TYR A 3615 40.88 -43.19 -21.04
C TYR A 3615 42.17 -43.89 -20.60
N TYR A 3616 42.33 -44.08 -19.29
CA TYR A 3616 43.57 -44.66 -18.78
C TYR A 3616 43.64 -46.16 -19.05
N ASP A 3617 42.56 -46.89 -18.78
CA ASP A 3617 42.57 -48.33 -19.02
C ASP A 3617 42.75 -48.64 -20.50
N ARG A 3618 42.08 -47.89 -21.37
CA ARG A 3618 42.29 -48.06 -22.80
C ARG A 3618 43.72 -47.72 -23.19
N LEU A 3619 44.28 -46.67 -22.58
CA LEU A 3619 45.68 -46.35 -22.81
C LEU A 3619 46.58 -47.49 -22.32
N ALA A 3620 46.24 -48.07 -21.16
CA ALA A 3620 47.05 -49.14 -20.62
C ALA A 3620 47.05 -50.36 -21.54
N THR A 3621 45.88 -50.71 -22.09
CA THR A 3621 45.81 -51.87 -22.96
C THR A 3621 46.77 -51.75 -24.14
N VAL A 3622 46.74 -50.60 -24.82
CA VAL A 3622 47.68 -50.37 -25.91
C VAL A 3622 49.10 -50.32 -25.36
N GLN A 3623 49.27 -49.64 -24.22
CA GLN A 3623 50.60 -49.55 -23.61
C GLN A 3623 51.11 -50.91 -23.17
N ALA A 3624 50.22 -51.78 -22.69
CA ALA A 3624 50.65 -53.10 -22.24
C ALA A 3624 51.25 -53.91 -23.38
N ARG A 3625 50.69 -53.79 -24.58
CA ARG A 3625 51.19 -54.55 -25.71
C ARG A 3625 52.66 -54.24 -25.98
N GLY A 3626 53.04 -52.97 -25.92
CA GLY A 3626 54.42 -52.59 -26.12
C GLY A 3626 54.57 -51.30 -26.91
N THR A 3627 53.51 -50.87 -27.57
CA THR A 3627 53.52 -49.65 -28.37
C THR A 3627 53.23 -48.46 -27.46
N GLN A 3628 54.07 -47.43 -27.55
CA GLN A 3628 53.85 -46.22 -26.78
C GLN A 3628 52.60 -45.50 -27.29
N ALA A 3629 52.06 -44.62 -26.43
CA ALA A 3629 50.83 -43.91 -26.75
C ALA A 3629 51.08 -42.97 -27.92
N SER A 3630 50.59 -43.34 -29.11
CA SER A 3630 50.73 -42.51 -30.29
C SER A 3630 49.65 -41.42 -30.31
N HIS A 3631 49.82 -40.46 -31.21
CA HIS A 3631 48.85 -39.38 -31.31
C HIS A 3631 47.49 -39.91 -31.76
N GLN A 3632 47.49 -40.86 -32.71
CA GLN A 3632 46.23 -41.36 -33.23
C GLN A 3632 45.40 -42.03 -32.13
N VAL A 3633 46.04 -42.86 -31.29
CA VAL A 3633 45.29 -43.53 -30.25
C VAL A 3633 44.71 -42.53 -29.27
N LEU A 3634 45.42 -41.42 -29.03
CA LEU A 3634 44.85 -40.36 -28.21
C LEU A 3634 43.58 -39.80 -28.85
N ARG A 3635 43.58 -39.67 -30.18
CA ARG A 3635 42.36 -39.24 -30.87
C ARG A 3635 41.27 -40.31 -30.77
N ASP A 3636 41.65 -41.58 -30.88
CA ASP A 3636 40.66 -42.64 -30.85
C ASP A 3636 39.90 -42.66 -29.54
N ILE A 3637 40.63 -42.64 -28.42
CA ILE A 3637 39.98 -42.69 -27.11
C ILE A 3637 39.10 -41.46 -26.91
N LEU A 3638 39.58 -40.29 -27.32
CA LEU A 3638 38.77 -39.09 -27.20
C LEU A 3638 37.53 -39.19 -28.08
N LYS A 3639 37.69 -39.65 -29.33
CA LYS A 3639 36.55 -39.74 -30.24
C LYS A 3639 35.52 -40.74 -29.73
N GLU A 3640 35.98 -41.91 -29.29
CA GLU A 3640 35.05 -42.93 -28.81
C GLU A 3640 34.33 -42.48 -27.54
N VAL A 3641 35.05 -41.83 -26.63
CA VAL A 3641 34.41 -41.31 -25.43
C VAL A 3641 33.37 -40.27 -25.79
N GLN A 3642 33.70 -39.39 -26.74
CA GLN A 3642 32.77 -38.34 -27.16
C GLN A 3642 31.54 -38.89 -27.88
N SER A 3643 31.55 -40.17 -28.27
CA SER A 3643 30.44 -40.77 -28.99
C SER A 3643 29.74 -41.87 -28.21
N ASN A 3644 30.19 -42.16 -26.99
CA ASN A 3644 29.61 -43.25 -26.21
C ASN A 3644 29.16 -42.83 -24.82
N MET A 3645 29.88 -41.92 -24.16
CA MET A 3645 29.64 -41.66 -22.75
C MET A 3645 29.48 -40.17 -22.47
N VAL A 3646 30.04 -39.31 -23.32
CA VAL A 3646 29.89 -37.87 -23.18
C VAL A 3646 29.44 -37.29 -24.51
N PRO A 3647 28.15 -37.32 -24.83
CA PRO A 3647 27.72 -36.88 -26.17
C PRO A 3647 28.08 -35.43 -26.43
N ARG A 3648 28.29 -35.12 -27.71
CA ARG A 3648 28.71 -33.78 -28.10
C ARG A 3648 27.71 -32.72 -27.64
N SER A 3649 26.42 -33.05 -27.61
CA SER A 3649 25.36 -32.09 -27.31
C SER A 3649 24.92 -32.14 -25.85
N MET A 3650 25.86 -32.39 -24.94
CA MET A 3650 25.50 -32.51 -23.53
C MET A 3650 25.10 -31.16 -22.94
N LEU A 3651 25.91 -30.12 -23.17
CA LEU A 3651 25.62 -28.82 -22.60
C LEU A 3651 24.40 -28.19 -23.24
N LYS A 3652 24.24 -28.35 -24.56
CA LYS A 3652 23.07 -27.81 -25.23
C LYS A 3652 21.79 -28.41 -24.66
N GLU A 3653 21.79 -29.71 -24.41
CA GLU A 3653 20.60 -30.37 -23.88
C GLU A 3653 20.19 -29.76 -22.55
N TRP A 3654 21.16 -29.55 -21.65
CA TRP A 3654 20.84 -28.97 -20.35
C TRP A 3654 20.31 -27.55 -20.50
N ALA A 3655 20.97 -26.73 -21.33
CA ALA A 3655 20.52 -25.36 -21.52
C ALA A 3655 19.13 -25.32 -22.14
N LEU A 3656 18.86 -26.18 -23.11
CA LEU A 3656 17.55 -26.18 -23.76
C LEU A 3656 16.45 -26.47 -22.76
N HIS A 3657 16.65 -27.45 -21.88
CA HIS A 3657 15.63 -27.80 -20.91
C HIS A 3657 15.57 -26.82 -19.75
N THR A 3658 16.69 -26.16 -19.43
CA THR A 3658 16.74 -25.23 -18.33
C THR A 3658 16.29 -23.82 -18.70
N PHE A 3659 16.23 -23.51 -20.00
CA PHE A 3659 15.78 -22.21 -20.50
C PHE A 3659 14.74 -22.44 -21.59
N PRO A 3660 13.57 -22.97 -21.23
CA PRO A 3660 12.57 -23.25 -22.27
C PRO A 3660 12.15 -22.02 -23.05
N ASN A 3661 12.06 -20.87 -22.39
CA ASN A 3661 11.66 -19.65 -23.08
C ASN A 3661 12.74 -19.22 -24.06
N ALA A 3662 12.35 -18.93 -25.30
CA ALA A 3662 13.32 -18.64 -26.35
C ALA A 3662 14.17 -17.42 -26.00
N THR A 3663 13.52 -16.34 -25.57
CA THR A 3663 14.26 -15.11 -25.28
C THR A 3663 15.27 -15.32 -24.15
N ASP A 3664 14.96 -16.23 -23.22
CA ASP A 3664 15.88 -16.49 -22.12
C ASP A 3664 17.06 -17.34 -22.57
N TYR A 3665 16.83 -18.29 -23.48
CA TYR A 3665 17.92 -19.15 -23.94
C TYR A 3665 18.97 -18.33 -24.69
N TRP A 3666 18.53 -17.53 -25.66
CA TRP A 3666 19.47 -16.79 -26.49
C TRP A 3666 20.32 -15.85 -25.64
N THR A 3667 19.67 -15.02 -24.82
CA THR A 3667 20.41 -14.06 -24.02
C THR A 3667 21.38 -14.75 -23.07
N PHE A 3668 20.94 -15.85 -22.46
CA PHE A 3668 21.85 -16.63 -21.62
C PHE A 3668 23.01 -17.17 -22.45
N ARG A 3669 22.73 -17.68 -23.64
CA ARG A 3669 23.79 -18.15 -24.51
C ARG A 3669 24.71 -17.00 -24.93
N LYS A 3670 24.13 -15.85 -25.30
CA LYS A 3670 24.96 -14.72 -25.70
C LYS A 3670 25.86 -14.26 -24.56
N MET A 3671 25.28 -14.10 -23.37
CA MET A 3671 26.09 -13.72 -22.22
C MET A 3671 27.07 -14.82 -21.86
N PHE A 3672 26.67 -16.07 -22.00
CA PHE A 3672 27.59 -17.18 -21.77
C PHE A 3672 28.77 -17.10 -22.72
N THR A 3673 28.50 -16.85 -24.01
CA THR A 3673 29.57 -16.76 -25.00
C THR A 3673 30.49 -15.57 -24.71
N ILE A 3674 29.91 -14.42 -24.39
CA ILE A 3674 30.72 -13.22 -24.15
C ILE A 3674 31.62 -13.44 -22.94
N GLN A 3675 31.07 -13.97 -21.85
CA GLN A 3675 31.86 -14.17 -20.64
C GLN A 3675 32.98 -15.17 -20.88
N LEU A 3676 32.69 -16.26 -21.59
CA LEU A 3676 33.72 -17.24 -21.87
C LEU A 3676 34.85 -16.64 -22.70
N ALA A 3677 34.55 -15.61 -23.49
CA ALA A 3677 35.59 -14.95 -24.26
C ALA A 3677 36.59 -14.28 -23.34
N LEU A 3678 36.10 -13.53 -22.35
CA LEU A 3678 37.00 -12.90 -21.38
C LEU A 3678 37.76 -13.96 -20.58
N ILE A 3679 37.07 -15.02 -20.16
CA ILE A 3679 37.75 -16.11 -19.46
C ILE A 3679 38.79 -16.75 -20.36
N GLY A 3680 38.41 -17.03 -21.61
CA GLY A 3680 39.36 -17.63 -22.53
C GLY A 3680 40.56 -16.74 -22.77
N PHE A 3681 40.32 -15.44 -22.99
CA PHE A 3681 41.43 -14.51 -23.20
C PHE A 3681 42.31 -14.44 -21.94
N ALA A 3682 41.68 -14.29 -20.77
CA ALA A 3682 42.44 -14.13 -19.55
C ALA A 3682 43.29 -15.36 -19.25
N GLU A 3683 42.73 -16.56 -19.45
CA GLU A 3683 43.47 -17.78 -19.18
C GLU A 3683 44.70 -17.90 -20.06
N PHE A 3684 44.73 -17.22 -21.20
CA PHE A 3684 45.84 -17.32 -22.15
C PHE A 3684 46.81 -16.14 -22.00
N VAL A 3685 46.30 -14.91 -22.13
CA VAL A 3685 47.18 -13.75 -22.13
C VAL A 3685 47.88 -13.60 -20.79
N LEU A 3686 47.17 -13.85 -19.69
CA LEU A 3686 47.75 -13.71 -18.36
C LEU A 3686 48.54 -14.94 -17.93
N HIS A 3687 48.61 -15.98 -18.75
CA HIS A 3687 49.35 -17.20 -18.42
C HIS A 3687 48.85 -17.78 -17.10
N LEU A 3688 47.58 -18.14 -17.08
CA LEU A 3688 46.92 -18.61 -15.87
C LEU A 3688 46.84 -20.14 -15.87
N ASN A 3689 46.43 -20.66 -14.72
CA ASN A 3689 46.22 -22.10 -14.58
C ASN A 3689 45.10 -22.55 -15.51
N ARG A 3690 45.22 -23.78 -16.01
CA ARG A 3690 44.23 -24.33 -16.91
C ARG A 3690 42.84 -24.24 -16.29
N LEU A 3691 41.81 -24.23 -17.13
CA LEU A 3691 40.43 -24.04 -16.68
C LEU A 3691 39.76 -25.40 -16.59
N ASN A 3692 39.86 -26.04 -15.43
CA ASN A 3692 39.25 -27.33 -15.23
C ASN A 3692 37.72 -27.21 -15.24
N PRO A 3693 37.01 -28.28 -15.56
CA PRO A 3693 35.54 -28.19 -15.61
C PRO A 3693 34.94 -27.71 -14.31
N GLU A 3694 35.46 -28.15 -13.16
CA GLU A 3694 34.92 -27.72 -11.88
C GLU A 3694 35.21 -26.26 -11.58
N MET A 3695 36.17 -25.66 -12.29
CA MET A 3695 36.53 -24.27 -12.03
C MET A 3695 35.52 -23.30 -12.60
N LEU A 3696 34.94 -23.59 -13.76
CA LEU A 3696 34.04 -22.67 -14.42
C LEU A 3696 32.68 -22.68 -13.73
N GLN A 3697 32.29 -21.54 -13.18
CA GLN A 3697 31.02 -21.41 -12.46
C GLN A 3697 30.02 -20.68 -13.35
N ILE A 3698 28.98 -21.40 -13.77
CA ILE A 3698 27.94 -20.83 -14.61
C ILE A 3698 26.81 -20.34 -13.72
N ALA A 3699 26.38 -19.09 -13.93
CA ALA A 3699 25.28 -18.49 -13.18
C ALA A 3699 24.02 -18.62 -14.02
N GLN A 3700 23.11 -19.50 -13.59
CA GLN A 3700 21.90 -19.74 -14.35
C GLN A 3700 21.04 -18.48 -14.46
N ASP A 3701 20.95 -17.72 -13.37
CA ASP A 3701 20.03 -16.59 -13.35
C ASP A 3701 20.39 -15.54 -14.38
N THR A 3702 21.69 -15.25 -14.54
CA THR A 3702 22.14 -14.20 -15.43
C THR A 3702 23.00 -14.69 -16.58
N GLY A 3703 23.57 -15.89 -16.50
CA GLY A 3703 24.50 -16.36 -17.50
C GLY A 3703 25.94 -15.95 -17.27
N LYS A 3704 26.21 -15.15 -16.25
CA LYS A 3704 27.58 -14.74 -15.96
C LYS A 3704 28.44 -15.95 -15.63
N LEU A 3705 29.67 -15.95 -16.14
CA LEU A 3705 30.65 -16.97 -15.82
C LEU A 3705 31.78 -16.35 -15.04
N ASN A 3706 32.05 -16.88 -13.86
CA ASN A 3706 33.21 -16.50 -13.05
C ASN A 3706 34.01 -17.76 -12.76
N VAL A 3707 35.31 -17.71 -13.02
CA VAL A 3707 36.15 -18.87 -12.83
C VAL A 3707 36.46 -19.03 -11.35
N ALA A 3708 36.41 -20.28 -10.88
CA ALA A 3708 36.61 -20.56 -9.47
C ALA A 3708 38.10 -20.44 -9.13
N TYR A 3709 38.53 -19.23 -8.81
CA TYR A 3709 39.86 -18.99 -8.25
C TYR A 3709 40.97 -19.41 -9.23
N PHE A 3710 41.03 -18.66 -10.34
CA PHE A 3710 42.18 -18.70 -11.23
C PHE A 3710 43.45 -18.41 -10.44
N ARG A 3711 44.61 -18.71 -11.02
CA ARG A 3711 45.88 -18.33 -10.41
C ARG A 3711 46.98 -18.44 -11.45
N PHE A 3712 48.01 -17.62 -11.29
CA PHE A 3712 49.11 -17.61 -12.24
C PHE A 3712 49.80 -18.97 -12.28
N ASP A 3713 50.15 -19.40 -13.49
CA ASP A 3713 50.82 -20.69 -13.69
C ASP A 3713 52.32 -20.43 -13.78
N ILE A 3714 52.95 -20.34 -12.61
CA ILE A 3714 54.38 -20.05 -12.50
C ILE A 3714 55.10 -21.35 -12.19
N ASN A 3715 56.15 -21.64 -12.95
CA ASN A 3715 56.95 -22.83 -12.68
C ASN A 3715 57.55 -22.74 -11.28
N ASP A 3716 57.50 -23.86 -10.56
CA ASP A 3716 58.02 -23.87 -9.19
C ASP A 3716 59.51 -23.58 -9.18
N ALA A 3717 60.27 -24.18 -10.11
CA ALA A 3717 61.72 -24.01 -10.11
C ALA A 3717 62.11 -22.56 -10.36
N THR A 3718 61.46 -21.92 -11.33
CA THR A 3718 61.78 -20.54 -11.70
C THR A 3718 60.51 -19.84 -12.11
N GLY A 3719 60.55 -18.50 -12.07
CA GLY A 3719 59.41 -17.70 -12.48
C GLY A 3719 59.25 -17.67 -13.99
N ASP A 3720 59.23 -18.85 -14.60
CA ASP A 3720 59.14 -18.91 -16.06
C ASP A 3720 57.75 -18.51 -16.56
N LEU A 3721 56.72 -18.73 -15.75
CA LEU A 3721 55.35 -18.41 -16.13
C LEU A 3721 54.94 -19.19 -17.38
N ASP A 3722 55.00 -20.52 -17.25
CA ASP A 3722 54.71 -21.42 -18.36
C ASP A 3722 53.22 -21.74 -18.37
N ALA A 3723 52.52 -21.27 -19.40
CA ALA A 3723 51.11 -21.52 -19.61
C ALA A 3723 50.84 -21.87 -21.06
N ASN A 3724 51.63 -22.80 -21.60
CA ASN A 3724 51.57 -23.18 -23.00
C ASN A 3724 51.09 -24.62 -23.17
N ARG A 3725 50.05 -24.99 -22.43
CA ARG A 3725 49.40 -26.28 -22.61
C ARG A 3725 48.92 -26.40 -24.06
N PRO A 3726 48.57 -27.60 -24.53
CA PRO A 3726 48.19 -27.76 -25.94
C PRO A 3726 47.18 -26.73 -26.42
N VAL A 3727 46.03 -26.64 -25.75
CA VAL A 3727 44.99 -25.69 -26.15
C VAL A 3727 45.21 -24.38 -25.39
N PRO A 3728 45.29 -23.23 -26.06
CA PRO A 3728 45.52 -21.98 -25.33
C PRO A 3728 44.47 -21.69 -24.28
N PHE A 3729 43.21 -22.02 -24.55
CA PHE A 3729 42.15 -21.79 -23.59
C PHE A 3729 41.07 -22.84 -23.79
N ARG A 3730 40.26 -23.03 -22.76
CA ARG A 3730 39.21 -24.05 -22.80
C ARG A 3730 38.12 -23.64 -23.79
N LEU A 3731 37.98 -24.41 -24.86
CA LEU A 3731 36.85 -24.27 -25.77
C LEU A 3731 36.03 -25.55 -25.85
N THR A 3732 36.68 -26.70 -26.00
CA THR A 3732 36.08 -28.03 -25.81
C THR A 3732 34.87 -28.26 -26.72
N PRO A 3733 34.47 -29.52 -26.95
CA PRO A 3733 33.34 -29.77 -27.85
C PRO A 3733 32.00 -29.27 -27.33
N ASN A 3734 31.63 -29.65 -26.11
CA ASN A 3734 30.28 -29.35 -25.62
C ASN A 3734 30.05 -27.85 -25.57
N ILE A 3735 31.01 -27.09 -25.04
CA ILE A 3735 30.88 -25.64 -25.02
C ILE A 3735 30.78 -25.11 -26.45
N SER A 3736 31.65 -25.60 -27.33
CA SER A 3736 31.55 -25.22 -28.74
C SER A 3736 30.24 -25.71 -29.35
N GLU A 3737 29.84 -26.94 -29.01
CA GLU A 3737 28.58 -27.47 -29.54
C GLU A 3737 27.43 -26.53 -29.22
N PHE A 3738 27.53 -25.81 -28.11
CA PHE A 3738 26.54 -24.81 -27.75
C PHE A 3738 26.46 -23.69 -28.78
N LEU A 3739 27.55 -23.44 -29.53
CA LEU A 3739 27.68 -22.24 -30.32
C LEU A 3739 28.32 -22.42 -31.69
N THR A 3740 28.61 -23.65 -32.13
CA THR A 3740 29.64 -23.89 -33.14
C THR A 3740 29.58 -22.93 -34.34
N THR A 3741 28.50 -23.02 -35.12
CA THR A 3741 28.55 -22.50 -36.48
C THR A 3741 28.78 -21.00 -36.50
N ILE A 3742 28.12 -20.24 -35.63
CA ILE A 3742 28.25 -18.79 -35.58
C ILE A 3742 28.86 -18.33 -34.27
N GLY A 3743 28.36 -18.83 -33.14
CA GLY A 3743 28.74 -18.28 -31.86
C GLY A 3743 30.25 -18.30 -31.63
N VAL A 3744 30.89 -19.42 -31.99
CA VAL A 3744 32.34 -19.49 -31.85
C VAL A 3744 33.02 -18.49 -32.77
N SER A 3745 32.49 -18.35 -33.99
CA SER A 3745 33.15 -17.53 -34.99
C SER A 3745 32.93 -16.04 -34.76
N GLY A 3746 31.68 -15.61 -34.67
CA GLY A 3746 31.37 -14.20 -34.61
C GLY A 3746 31.59 -13.58 -33.24
N PRO A 3747 30.79 -13.99 -32.26
CA PRO A 3747 30.91 -13.39 -30.92
C PRO A 3747 32.22 -13.69 -30.23
N LEU A 3748 32.59 -14.97 -30.15
CA LEU A 3748 33.78 -15.35 -29.38
C LEU A 3748 35.04 -14.72 -29.98
N THR A 3749 35.26 -14.90 -31.28
CA THR A 3749 36.45 -14.34 -31.90
C THR A 3749 36.44 -12.82 -31.82
N ALA A 3750 35.28 -12.20 -32.10
CA ALA A 3750 35.19 -10.76 -31.99
C ALA A 3750 35.38 -10.30 -30.56
N SER A 3751 34.76 -11.01 -29.60
CA SER A 3751 34.89 -10.61 -28.21
C SER A 3751 36.33 -10.69 -27.74
N MET A 3752 37.03 -11.76 -28.09
CA MET A 3752 38.43 -11.89 -27.69
C MET A 3752 39.28 -10.80 -28.32
N ILE A 3753 39.05 -10.51 -29.61
CA ILE A 3753 39.82 -9.46 -30.28
C ILE A 3753 39.54 -8.10 -29.63
N ALA A 3754 38.28 -7.82 -29.34
CA ALA A 3754 37.92 -6.52 -28.78
C ALA A 3754 38.63 -6.28 -27.46
N VAL A 3755 38.62 -7.29 -26.58
CA VAL A 3755 39.31 -7.16 -25.30
C VAL A 3755 40.80 -7.00 -25.52
N ALA A 3756 41.37 -7.84 -26.39
CA ALA A 3756 42.82 -7.79 -26.61
C ALA A 3756 43.24 -6.42 -27.14
N ARG A 3757 42.49 -5.88 -28.10
CA ARG A 3757 42.80 -4.55 -28.60
C ARG A 3757 42.64 -3.49 -27.52
N CYS A 3758 41.67 -3.65 -26.63
CA CYS A 3758 41.43 -2.65 -25.59
C CYS A 3758 42.64 -2.52 -24.67
N PHE A 3759 43.20 -3.66 -24.24
CA PHE A 3759 44.35 -3.62 -23.36
C PHE A 3759 45.61 -3.18 -24.09
N ALA A 3760 45.67 -3.38 -25.40
CA ALA A 3760 46.84 -2.99 -26.17
C ALA A 3760 47.03 -1.48 -26.20
N GLN A 3761 46.02 -0.71 -25.81
CA GLN A 3761 46.12 0.74 -25.85
C GLN A 3761 47.26 1.21 -24.94
N PRO A 3762 48.20 2.01 -25.44
CA PRO A 3762 49.24 2.54 -24.55
C PRO A 3762 48.69 3.42 -23.44
N ASN A 3763 47.53 4.05 -23.66
CA ASN A 3763 46.98 4.93 -22.65
C ASN A 3763 46.67 4.18 -21.36
N PHE A 3764 46.09 3.00 -21.47
CA PHE A 3764 45.85 2.14 -20.31
C PHE A 3764 47.17 1.47 -19.95
N LYS A 3765 47.77 1.89 -18.83
CA LYS A 3765 49.10 1.43 -18.44
C LYS A 3765 49.03 0.03 -17.84
N VAL A 3766 48.62 -0.93 -18.69
CA VAL A 3766 48.53 -2.31 -18.24
C VAL A 3766 49.91 -2.81 -17.82
N ASP A 3767 50.98 -2.28 -18.44
CA ASP A 3767 52.32 -2.60 -17.98
C ASP A 3767 52.47 -2.30 -16.49
N GLY A 3768 52.01 -1.13 -16.06
CA GLY A 3768 52.09 -0.78 -14.66
C GLY A 3768 51.23 -1.68 -13.79
N ILE A 3769 50.00 -1.97 -14.25
CA ILE A 3769 49.10 -2.80 -13.46
C ILE A 3769 49.68 -4.21 -13.29
N LEU A 3770 50.10 -4.82 -14.40
CA LEU A 3770 50.63 -6.19 -14.32
C LEU A 3770 51.92 -6.24 -13.52
N LYS A 3771 52.82 -5.28 -13.74
CA LYS A 3771 54.12 -5.32 -13.07
C LYS A 3771 53.95 -5.27 -11.56
N THR A 3772 53.06 -4.42 -11.07
CA THR A 3772 52.87 -4.31 -9.63
C THR A 3772 52.28 -5.58 -9.05
N VAL A 3773 51.20 -6.08 -9.64
CA VAL A 3773 50.56 -7.29 -9.11
C VAL A 3773 51.49 -8.49 -9.22
N LEU A 3774 52.15 -8.65 -10.37
CA LEU A 3774 53.05 -9.79 -10.55
C LEU A 3774 54.21 -9.71 -9.58
N ARG A 3775 54.74 -8.51 -9.34
CA ARG A 3775 55.83 -8.37 -8.39
C ARG A 3775 55.47 -9.02 -7.06
N ASP A 3776 54.26 -8.76 -6.58
CA ASP A 3776 53.79 -9.42 -5.36
C ASP A 3776 53.69 -10.92 -5.57
N GLU A 3777 53.23 -11.36 -6.75
CA GLU A 3777 53.17 -12.78 -7.04
C GLU A 3777 54.55 -13.41 -7.04
N ILE A 3778 55.53 -12.74 -7.64
CA ILE A 3778 56.89 -13.29 -7.67
C ILE A 3778 57.45 -13.40 -6.26
N ILE A 3779 57.23 -12.38 -5.43
CA ILE A 3779 57.70 -12.45 -4.05
C ILE A 3779 57.13 -13.67 -3.36
N ALA A 3780 55.84 -13.94 -3.56
CA ALA A 3780 55.23 -15.12 -2.97
C ALA A 3780 55.88 -16.39 -3.50
N TRP A 3781 56.18 -16.43 -4.79
CA TRP A 3781 56.86 -17.60 -5.35
C TRP A 3781 58.22 -17.79 -4.70
N HIS A 3782 58.98 -16.72 -4.54
CA HIS A 3782 60.32 -16.84 -3.96
C HIS A 3782 60.26 -17.41 -2.56
N LYS A 3783 59.31 -16.94 -1.74
CA LYS A 3783 59.20 -17.45 -0.38
C LYS A 3783 58.88 -18.93 -0.39
N LYS A 3784 57.98 -19.36 -1.27
CA LYS A 3784 57.64 -20.77 -1.35
C LYS A 3784 58.83 -21.62 -1.75
N THR A 3785 59.63 -21.13 -2.71
CA THR A 3785 60.77 -21.89 -3.21
C THR A 3785 62.07 -21.51 -2.51
N GLN A 3786 62.15 -20.34 -1.90
CA GLN A 3786 63.37 -19.86 -1.28
C GLN A 3786 64.51 -19.85 -2.31
N ASP A 3803 64.49 -11.59 -3.17
CA ASP A 3803 64.93 -10.24 -2.83
C ASP A 3803 66.00 -9.76 -3.81
N SER A 3804 66.27 -8.45 -3.78
CA SER A 3804 67.30 -7.84 -4.61
C SER A 3804 66.80 -7.62 -6.03
N GLN A 3805 67.67 -7.11 -6.90
CA GLN A 3805 67.28 -6.85 -8.29
C GLN A 3805 66.87 -8.12 -9.02
N GLN A 3806 67.29 -9.30 -8.53
CA GLN A 3806 66.89 -10.54 -9.18
C GLN A 3806 65.38 -10.67 -9.24
N LEU A 3807 64.66 -10.03 -8.32
CA LEU A 3807 63.21 -9.96 -8.43
C LEU A 3807 62.79 -9.23 -9.70
N VAL A 3808 63.46 -8.12 -10.01
CA VAL A 3808 63.08 -7.34 -11.18
C VAL A 3808 63.16 -8.18 -12.45
N SER A 3809 64.22 -8.98 -12.56
CA SER A 3809 64.39 -9.80 -13.76
C SER A 3809 63.22 -10.76 -13.93
N LEU A 3810 62.77 -11.38 -12.85
CA LEU A 3810 61.66 -12.33 -12.95
C LEU A 3810 60.37 -11.64 -13.34
N VAL A 3811 60.03 -10.55 -12.65
CA VAL A 3811 58.77 -9.86 -12.92
C VAL A 3811 58.82 -9.19 -14.29
N GLN A 3812 59.92 -8.49 -14.59
CA GLN A 3812 60.00 -7.77 -15.86
C GLN A 3812 59.95 -8.74 -17.03
N LYS A 3813 60.68 -9.85 -16.94
CA LYS A 3813 60.61 -10.85 -18.00
C LYS A 3813 59.24 -11.51 -18.06
N ALA A 3814 58.57 -11.64 -16.91
CA ALA A 3814 57.23 -12.21 -16.90
C ALA A 3814 56.24 -11.28 -17.60
N VAL A 3815 56.24 -10.00 -17.23
CA VAL A 3815 55.30 -9.05 -17.83
C VAL A 3815 55.55 -8.93 -19.32
N THR A 3816 56.83 -8.80 -19.72
CA THR A 3816 57.15 -8.73 -21.14
C THR A 3816 56.72 -9.99 -21.87
N ALA A 3817 56.58 -11.11 -21.16
CA ALA A 3817 56.02 -12.31 -21.78
C ALA A 3817 54.52 -12.17 -21.95
N ILE A 3818 53.84 -11.58 -20.97
CA ILE A 3818 52.40 -11.39 -21.08
C ILE A 3818 52.07 -10.44 -22.23
N MET A 3819 52.74 -9.28 -22.27
CA MET A 3819 52.48 -8.32 -23.33
C MET A 3819 52.82 -8.89 -24.71
N THR A 3820 53.72 -9.87 -24.77
CA THR A 3820 53.98 -10.53 -26.04
C THR A 3820 52.72 -11.22 -26.57
N ARG A 3821 52.01 -11.94 -25.69
CA ARG A 3821 50.77 -12.57 -26.10
C ARG A 3821 49.69 -11.54 -26.40
N LEU A 3822 49.58 -10.52 -25.55
CA LEU A 3822 48.54 -9.51 -25.73
C LEU A 3822 48.66 -8.83 -27.08
N HIS A 3823 49.85 -8.32 -27.40
CA HIS A 3823 50.05 -7.66 -28.67
C HIS A 3823 49.97 -8.65 -29.83
N ASN A 3824 50.50 -9.86 -29.63
CA ASN A 3824 50.52 -10.83 -30.73
C ASN A 3824 49.13 -11.20 -31.20
N LEU A 3825 48.20 -11.42 -30.27
CA LEU A 3825 46.83 -11.76 -30.62
C LEU A 3825 45.92 -10.54 -30.72
N ALA A 3826 46.45 -9.34 -30.48
CA ALA A 3826 45.68 -8.12 -30.63
C ALA A 3826 45.93 -7.41 -31.96
N GLN A 3827 47.12 -7.57 -32.54
CA GLN A 3827 47.45 -6.84 -33.75
C GLN A 3827 46.51 -7.23 -34.88
N PHE A 3828 46.12 -6.24 -35.68
CA PHE A 3828 45.17 -6.42 -36.77
C PHE A 3828 45.92 -6.31 -38.09
N GLU A 3829 45.79 -7.33 -38.93
CA GLU A 3829 46.45 -7.38 -40.22
C GLU A 3829 45.46 -7.02 -41.32
N GLY A 3830 45.90 -7.16 -42.57
CA GLY A 3830 45.04 -6.91 -43.71
C GLY A 3830 44.00 -8.00 -43.87
N GLY A 3831 43.17 -8.19 -42.86
CA GLY A 3831 42.20 -9.27 -42.85
C GLY A 3831 41.78 -9.63 -41.44
N GLU A 3832 41.85 -10.91 -41.10
CA GLU A 3832 41.49 -11.38 -39.77
C GLU A 3832 42.70 -11.36 -38.83
N SER A 3833 42.41 -11.27 -37.54
CA SER A 3833 43.44 -11.19 -36.53
C SER A 3833 43.98 -12.58 -36.20
N LYS A 3834 45.03 -12.62 -35.37
CA LYS A 3834 45.64 -13.87 -34.97
C LYS A 3834 44.75 -14.69 -34.04
N VAL A 3835 43.68 -14.10 -33.50
CA VAL A 3835 42.79 -14.83 -32.62
C VAL A 3835 42.14 -15.99 -33.34
N ASN A 3836 41.73 -15.77 -34.59
CA ASN A 3836 41.03 -16.81 -35.34
C ASN A 3836 41.84 -18.10 -35.38
N THR A 3837 43.17 -18.00 -35.44
CA THR A 3837 43.99 -19.20 -35.49
C THR A 3837 43.92 -19.98 -34.17
N LEU A 3838 44.06 -19.28 -33.04
CA LEU A 3838 44.16 -19.98 -31.77
C LEU A 3838 42.83 -20.58 -31.36
N VAL A 3839 41.72 -19.85 -31.56
CA VAL A 3839 40.41 -20.43 -31.26
C VAL A 3839 40.17 -21.68 -32.09
N ALA A 3840 40.58 -21.64 -33.36
CA ALA A 3840 40.56 -22.85 -34.17
C ALA A 3840 41.49 -23.90 -33.58
N ALA A 3841 42.66 -23.48 -33.10
CA ALA A 3841 43.55 -24.40 -32.41
C ALA A 3841 42.99 -24.79 -31.05
N ALA A 3842 42.21 -23.92 -30.42
CA ALA A 3842 41.66 -24.23 -29.10
C ALA A 3842 40.72 -25.42 -29.15
N ASN A 3843 39.84 -25.45 -30.15
CA ASN A 3843 38.88 -26.54 -30.30
C ASN A 3843 39.34 -27.66 -31.22
N SER A 3844 40.48 -27.49 -31.89
CA SER A 3844 40.97 -28.53 -32.79
C SER A 3844 41.21 -29.82 -32.02
N LEU A 3845 40.71 -30.92 -32.57
CA LEU A 3845 40.83 -32.20 -31.87
C LEU A 3845 42.27 -32.59 -31.64
N ASP A 3846 43.19 -32.07 -32.47
CA ASP A 3846 44.60 -32.40 -32.29
C ASP A 3846 45.11 -31.94 -30.94
N ASN A 3847 44.75 -30.74 -30.52
CA ASN A 3847 45.20 -30.23 -29.23
C ASN A 3847 44.40 -30.83 -28.08
N LEU A 3848 43.10 -31.05 -28.28
CA LEU A 3848 42.26 -31.54 -27.18
C LEU A 3848 42.70 -32.92 -26.73
N CYS A 3849 42.88 -33.86 -27.67
CA CYS A 3849 43.20 -35.22 -27.30
C CYS A 3849 44.50 -35.32 -26.51
N ARG A 3850 45.38 -34.32 -26.62
CA ARG A 3850 46.65 -34.32 -25.93
C ARG A 3850 46.57 -33.77 -24.51
N MET A 3851 45.38 -33.34 -24.08
CA MET A 3851 45.25 -32.69 -22.78
C MET A 3851 44.96 -33.71 -21.69
N ASP A 3852 45.04 -33.24 -20.44
CA ASP A 3852 44.87 -34.11 -19.29
C ASP A 3852 43.45 -34.71 -19.28
N PRO A 3853 43.31 -36.02 -19.11
CA PRO A 3853 41.94 -36.57 -19.05
C PRO A 3853 41.10 -35.97 -17.92
N ALA A 3854 41.72 -35.64 -16.79
CA ALA A 3854 40.99 -34.99 -15.72
C ALA A 3854 40.44 -33.63 -16.15
N TRP A 3855 41.05 -33.03 -17.17
CA TRP A 3855 40.54 -31.78 -17.74
C TRP A 3855 39.23 -31.98 -18.48
N HIS A 3856 38.82 -33.22 -18.73
CA HIS A 3856 37.60 -33.53 -19.46
C HIS A 3856 37.58 -32.81 -20.81
N PRO A 3857 38.57 -33.06 -21.66
CA PRO A 3857 38.54 -32.43 -22.99
C PRO A 3857 37.29 -32.79 -23.78
N TRP A 3858 36.78 -34.00 -23.60
CA TRP A 3858 35.52 -34.37 -24.24
C TRP A 3858 34.38 -33.47 -23.78
N LEU A 3859 34.34 -33.15 -22.49
CA LEU A 3859 33.29 -32.30 -21.94
C LEU A 3859 33.33 -30.92 -22.59
N PRO B 2366 10.30 4.92 -57.38
CA PRO B 2366 9.46 3.84 -57.89
C PRO B 2366 9.87 3.36 -59.27
N GLU B 2367 10.66 2.28 -59.32
CA GLU B 2367 11.08 1.67 -60.57
C GLU B 2367 10.67 0.20 -60.55
N TRP B 2368 9.99 -0.24 -61.61
CA TRP B 2368 9.48 -1.59 -61.67
C TRP B 2368 10.56 -2.56 -62.14
N LEU B 2369 10.46 -3.80 -61.66
CA LEU B 2369 11.46 -4.83 -61.92
C LEU B 2369 10.79 -6.06 -62.50
N ILE B 2370 11.59 -7.09 -62.76
CA ILE B 2370 11.12 -8.36 -63.29
C ILE B 2370 11.20 -9.46 -62.24
N SER B 2371 12.35 -9.59 -61.59
CA SER B 2371 12.49 -10.60 -60.54
C SER B 2371 11.53 -10.35 -59.38
N GLU B 2372 11.19 -9.07 -59.14
CA GLU B 2372 10.21 -8.78 -58.11
C GLU B 2372 8.85 -9.36 -58.46
N ASP B 2373 8.52 -9.43 -59.75
CA ASP B 2373 7.29 -10.10 -60.15
C ASP B 2373 7.34 -11.58 -59.81
N TRP B 2374 8.48 -12.22 -60.02
CA TRP B 2374 8.62 -13.62 -59.63
C TRP B 2374 8.51 -13.77 -58.11
N ALA B 2375 9.07 -12.83 -57.35
CA ALA B 2375 8.92 -12.86 -55.91
C ALA B 2375 7.45 -12.75 -55.53
N LEU B 2376 6.71 -11.86 -56.19
CA LEU B 2376 5.28 -11.76 -55.95
C LEU B 2376 4.58 -13.09 -56.21
N LEU B 2377 4.89 -13.70 -57.35
CA LEU B 2377 4.28 -14.99 -57.68
C LEU B 2377 4.55 -16.02 -56.58
N GLN B 2378 5.82 -16.19 -56.23
CA GLN B 2378 6.18 -17.21 -55.25
C GLN B 2378 5.55 -16.91 -53.90
N ALA B 2379 5.53 -15.64 -53.49
CA ALA B 2379 4.92 -15.27 -52.23
C ALA B 2379 3.44 -15.63 -52.21
N VAL B 2380 2.74 -15.33 -53.30
CA VAL B 2380 1.32 -15.69 -53.37
C VAL B 2380 1.17 -17.21 -53.35
N LYS B 2381 2.10 -17.94 -53.96
CA LYS B 2381 2.04 -19.40 -53.93
C LYS B 2381 2.19 -19.96 -52.53
N GLN B 2382 2.67 -19.17 -51.57
CA GLN B 2382 2.72 -19.60 -50.19
C GLN B 2382 1.37 -19.53 -49.48
N LEU B 2383 0.39 -18.85 -50.08
CA LEU B 2383 -0.96 -18.77 -49.49
C LEU B 2383 -2.04 -19.24 -50.48
N LEU B 2384 -2.70 -18.32 -51.18
CA LEU B 2384 -3.91 -18.57 -52.01
C LEU B 2384 -3.58 -19.04 -53.43
N GLU B 2385 -4.46 -18.76 -54.39
CA GLU B 2385 -4.33 -19.24 -55.79
C GLU B 2385 -4.43 -18.07 -56.77
N LEU B 2386 -4.59 -18.34 -58.07
CA LEU B 2386 -4.51 -17.29 -59.13
C LEU B 2386 -5.45 -16.12 -58.81
N PRO B 2387 -6.92 -16.06 -59.10
CA PRO B 2387 -7.92 -15.09 -58.55
C PRO B 2387 -7.78 -14.87 -57.04
N LEU B 2388 -6.59 -14.50 -56.57
CA LEU B 2388 -6.33 -14.43 -55.11
C LEU B 2388 -7.36 -15.31 -54.44
N ASN B 2389 -8.39 -14.72 -53.82
CA ASN B 2389 -9.38 -15.51 -53.07
C ASN B 2389 -10.36 -16.12 -54.08
N LEU B 2390 -9.90 -17.02 -54.95
CA LEU B 2390 -10.85 -17.71 -55.83
C LEU B 2390 -12.00 -18.02 -54.88
N THR B 2391 -11.68 -18.55 -53.72
CA THR B 2391 -12.66 -18.80 -52.64
C THR B 2391 -11.89 -18.59 -51.34
N ILE B 2392 -10.76 -17.90 -51.42
CA ILE B 2392 -9.84 -17.77 -50.27
C ILE B 2392 -9.53 -19.24 -49.99
N VAL B 2393 -9.59 -20.07 -51.04
CA VAL B 2393 -9.39 -21.54 -50.92
C VAL B 2393 -10.57 -22.04 -50.12
N SER B 2394 -10.83 -23.34 -50.16
CA SER B 2394 -11.89 -23.93 -49.32
C SER B 2394 -11.94 -23.13 -48.00
N PRO B 2395 -10.95 -23.20 -47.06
CA PRO B 2395 -11.11 -22.50 -45.77
C PRO B 2395 -10.84 -21.02 -45.87
N ALA B 2396 -10.90 -20.32 -44.74
CA ALA B 2396 -10.61 -18.90 -44.66
C ALA B 2396 -9.15 -18.72 -44.29
N HIS B 2397 -8.32 -18.32 -45.26
CA HIS B 2397 -6.91 -18.05 -45.02
C HIS B 2397 -6.53 -16.59 -45.21
N THR B 2398 -7.41 -15.76 -45.78
CA THR B 2398 -7.27 -14.32 -45.67
C THR B 2398 -5.90 -13.83 -46.10
N PRO B 2399 -5.63 -13.72 -47.42
CA PRO B 2399 -4.30 -13.35 -47.89
C PRO B 2399 -3.62 -12.27 -47.05
N ASN B 2400 -2.33 -12.43 -46.80
CA ASN B 2400 -1.56 -11.52 -45.97
C ASN B 2400 -0.60 -10.76 -46.88
N TRP B 2401 -0.97 -9.54 -47.24
CA TRP B 2401 -0.13 -8.75 -48.14
C TRP B 2401 1.10 -8.20 -47.45
N ASP B 2402 1.08 -8.09 -46.12
CA ASP B 2402 2.27 -7.66 -45.41
C ASP B 2402 3.41 -8.67 -45.59
N LEU B 2403 3.10 -9.95 -45.47
CA LEU B 2403 4.12 -10.98 -45.67
C LEU B 2403 4.64 -10.96 -47.10
N VAL B 2404 3.75 -10.83 -48.07
CA VAL B 2404 4.17 -10.79 -49.47
C VAL B 2404 5.10 -9.60 -49.69
N SER B 2405 4.74 -8.45 -49.13
CA SER B 2405 5.62 -7.29 -49.22
C SER B 2405 6.94 -7.54 -48.49
N ASP B 2406 6.92 -8.34 -47.43
CA ASP B 2406 8.14 -8.61 -46.69
C ASP B 2406 9.12 -9.43 -47.52
N VAL B 2407 8.65 -10.51 -48.13
CA VAL B 2407 9.54 -11.39 -48.89
C VAL B 2407 10.10 -10.67 -50.09
N VAL B 2408 9.26 -9.94 -50.83
CA VAL B 2408 9.72 -9.29 -52.05
C VAL B 2408 10.83 -8.29 -51.75
N ASN B 2409 10.84 -7.72 -50.55
CA ASN B 2409 11.85 -6.75 -50.19
C ASN B 2409 13.23 -7.36 -50.04
N SER B 2410 13.32 -8.68 -49.83
CA SER B 2410 14.62 -9.32 -49.74
C SER B 2410 15.41 -9.13 -51.03
N CYS B 2411 14.73 -8.94 -52.15
CA CYS B 2411 15.36 -8.73 -53.45
C CYS B 2411 15.15 -7.32 -53.96
N SER B 2412 15.20 -6.34 -53.06
CA SER B 2412 15.01 -4.94 -53.44
C SER B 2412 15.78 -4.05 -52.49
N ARG B 2413 16.06 -2.83 -52.96
CA ARG B 2413 16.71 -1.80 -52.16
C ARG B 2413 15.75 -0.69 -51.74
N ILE B 2414 14.54 -0.66 -52.30
CA ILE B 2414 13.52 0.31 -51.94
C ILE B 2414 12.25 -0.46 -51.54
N TYR B 2415 11.70 -0.12 -50.38
CA TYR B 2415 10.58 -0.88 -49.85
C TYR B 2415 9.39 -0.84 -50.79
N ARG B 2416 8.76 -2.00 -50.96
CA ARG B 2416 7.50 -2.12 -51.70
C ARG B 2416 6.37 -2.24 -50.68
N SER B 2417 5.79 -1.08 -50.33
CA SER B 2417 4.75 -1.05 -49.30
C SER B 2417 3.71 -2.12 -49.56
N SER B 2418 3.13 -2.63 -48.47
CA SER B 2418 2.16 -3.72 -48.59
C SER B 2418 0.98 -3.32 -49.47
N LYS B 2419 0.47 -2.10 -49.28
CA LYS B 2419 -0.67 -1.66 -50.08
C LYS B 2419 -0.32 -1.64 -51.56
N GLN B 2420 0.84 -1.07 -51.90
CA GLN B 2420 1.23 -0.99 -53.30
C GLN B 2420 1.62 -2.36 -53.84
N CYS B 2421 2.16 -3.24 -52.99
CA CYS B 2421 2.53 -4.57 -53.45
C CYS B 2421 1.31 -5.33 -53.95
N ARG B 2422 0.20 -5.23 -53.23
CA ARG B 2422 -1.03 -5.89 -53.68
C ARG B 2422 -1.50 -5.34 -55.02
N ASN B 2423 -1.44 -4.02 -55.19
CA ASN B 2423 -1.92 -3.43 -56.43
C ASN B 2423 -1.15 -3.95 -57.63
N ARG B 2424 0.17 -4.06 -57.52
CA ARG B 2424 0.96 -4.58 -58.64
C ARG B 2424 0.54 -6.00 -58.98
N TYR B 2425 0.31 -6.83 -57.97
CA TYR B 2425 -0.14 -8.19 -58.24
C TYR B 2425 -1.50 -8.19 -58.91
N GLU B 2426 -2.44 -7.38 -58.42
CA GLU B 2426 -3.79 -7.36 -58.96
C GLU B 2426 -3.92 -6.53 -60.23
N ASN B 2427 -2.93 -5.70 -60.55
CA ASN B 2427 -3.01 -4.83 -61.73
C ASN B 2427 -2.34 -5.47 -62.94
N VAL B 2428 -1.06 -5.82 -62.83
CA VAL B 2428 -0.28 -6.31 -63.96
C VAL B 2428 -0.06 -7.82 -63.89
N ILE B 2429 0.25 -8.34 -62.71
CA ILE B 2429 0.59 -9.76 -62.60
C ILE B 2429 -0.60 -10.63 -62.99
N ILE B 2430 -1.78 -10.31 -62.47
CA ILE B 2430 -2.97 -11.13 -62.76
C ILE B 2430 -3.24 -11.19 -64.25
N PRO B 2431 -3.32 -10.08 -64.98
CA PRO B 2431 -3.45 -10.19 -66.44
C PRO B 2431 -2.24 -10.86 -67.09
N ARG B 2432 -1.03 -10.46 -66.72
CA ARG B 2432 0.16 -11.04 -67.34
C ARG B 2432 0.22 -12.54 -67.09
N GLU B 2433 -0.05 -12.97 -65.86
CA GLU B 2433 -0.05 -14.40 -65.56
C GLU B 2433 -1.13 -15.11 -66.37
N GLU B 2434 -2.31 -14.50 -66.47
CA GLU B 2434 -3.38 -15.11 -67.27
C GLU B 2434 -2.94 -15.23 -68.73
N GLY B 2435 -2.41 -14.16 -69.30
CA GLY B 2435 -1.87 -14.21 -70.64
C GLY B 2435 -2.93 -14.35 -71.72
N LYS B 2436 -3.57 -15.50 -71.77
CA LYS B 2436 -4.57 -15.79 -72.79
C LYS B 2436 -5.75 -14.83 -72.69
N PRO B 2442 2.11 -11.80 -74.62
CA PRO B 2442 3.39 -11.61 -73.93
C PRO B 2442 3.83 -12.87 -73.15
N LEU B 2443 5.14 -13.03 -72.94
CA LEU B 2443 5.68 -14.22 -72.26
C LEU B 2443 5.11 -14.29 -70.85
N ARG B 2444 5.04 -15.47 -70.25
CA ARG B 2444 4.60 -15.60 -68.84
C ARG B 2444 5.71 -15.07 -67.95
N THR B 2445 5.39 -14.57 -66.77
CA THR B 2445 6.30 -14.05 -65.75
C THR B 2445 7.35 -15.07 -65.36
N SER B 2446 6.97 -16.35 -65.28
CA SER B 2446 7.96 -17.39 -65.02
C SER B 2446 8.95 -17.50 -66.16
N GLN B 2447 8.46 -17.39 -67.39
CA GLN B 2447 9.29 -17.58 -68.57
C GLN B 2447 10.15 -16.38 -68.92
N ILE B 2448 9.69 -15.16 -68.64
CA ILE B 2448 10.56 -14.00 -68.84
C ILE B 2448 11.74 -14.06 -67.88
N TYR B 2449 11.50 -14.46 -66.64
CA TYR B 2449 12.56 -14.49 -65.64
C TYR B 2449 13.69 -15.41 -66.08
N ALA B 2450 13.34 -16.62 -66.54
CA ALA B 2450 14.36 -17.52 -67.07
C ALA B 2450 15.01 -16.94 -68.32
N GLN B 2451 14.19 -16.35 -69.21
CA GLN B 2451 14.74 -15.77 -70.43
C GLN B 2451 15.69 -14.62 -70.12
N ASP B 2452 15.32 -13.77 -69.14
CA ASP B 2452 16.14 -12.61 -68.84
C ASP B 2452 17.54 -12.99 -68.39
N GLU B 2453 17.71 -14.18 -67.83
CA GLU B 2453 18.98 -14.62 -67.29
C GLU B 2453 19.45 -13.74 -66.14
N ASN B 2454 18.53 -13.03 -65.50
CA ASN B 2454 18.85 -12.10 -64.42
C ASN B 2454 19.75 -10.97 -64.88
N ALA B 2455 19.78 -10.70 -66.20
CA ALA B 2455 20.64 -9.66 -66.72
C ALA B 2455 20.26 -8.30 -66.15
N THR B 2456 18.96 -8.02 -66.05
CA THR B 2456 18.52 -6.73 -65.53
C THR B 2456 19.05 -6.49 -64.12
N HIS B 2457 18.90 -7.48 -63.24
CA HIS B 2457 19.36 -7.32 -61.87
C HIS B 2457 20.87 -7.10 -61.82
N THR B 2458 21.63 -7.87 -62.58
CA THR B 2458 23.07 -7.65 -62.65
C THR B 2458 23.37 -6.27 -63.21
N GLN B 2459 22.64 -5.86 -64.25
CA GLN B 2459 22.80 -4.51 -64.78
C GLN B 2459 22.54 -3.48 -63.69
N LEU B 2460 21.58 -3.75 -62.81
CA LEU B 2460 21.25 -2.82 -61.74
C LEU B 2460 22.43 -2.64 -60.80
N TYR B 2461 22.98 -3.74 -60.28
CA TYR B 2461 24.05 -3.65 -59.31
C TYR B 2461 25.33 -3.12 -59.95
N THR B 2462 25.60 -3.49 -61.20
CA THR B 2462 26.76 -2.95 -61.89
C THR B 2462 26.66 -1.44 -61.98
N SER B 2463 25.47 -0.91 -62.31
CA SER B 2463 25.29 0.54 -62.32
C SER B 2463 25.48 1.13 -60.93
N HIS B 2464 24.94 0.48 -59.91
CA HIS B 2464 25.09 0.98 -58.54
C HIS B 2464 26.55 1.01 -58.13
N PHE B 2465 27.31 -0.03 -58.47
CA PHE B 2465 28.72 -0.07 -58.10
C PHE B 2465 29.46 1.12 -58.68
N ASP B 2466 29.18 1.47 -59.93
CA ASP B 2466 29.84 2.63 -60.53
C ASP B 2466 29.50 3.91 -59.77
N LEU B 2467 28.23 4.07 -59.38
CA LEU B 2467 27.84 5.24 -58.62
C LEU B 2467 28.64 5.35 -57.33
N MET B 2468 28.76 4.25 -56.60
CA MET B 2468 29.53 4.26 -55.36
C MET B 2468 31.01 4.52 -55.64
N LYS B 2469 31.57 3.87 -56.66
CA LYS B 2469 32.94 4.15 -57.03
C LYS B 2469 33.13 5.59 -57.48
N MET B 2470 32.21 6.10 -58.30
CA MET B 2470 32.29 7.49 -58.72
C MET B 2470 32.22 8.42 -57.52
N THR B 2471 31.31 8.14 -56.59
CA THR B 2471 31.28 8.91 -55.34
C THR B 2471 32.56 8.72 -54.55
N ALA B 2472 33.08 7.49 -54.50
CA ALA B 2472 34.34 7.24 -53.82
C ALA B 2472 35.50 7.96 -54.47
N GLY B 2473 35.38 8.33 -55.74
CA GLY B 2473 36.45 9.03 -56.41
C GLY B 2473 36.74 10.37 -55.76
N LYS B 2474 35.70 11.04 -55.25
CA LYS B 2474 35.86 12.34 -54.63
C LYS B 2474 36.80 12.26 -53.43
N ALA B 2495 58.33 30.78 -27.81
CA ALA B 2495 58.14 30.21 -26.48
C ALA B 2495 58.56 31.20 -25.40
N SER B 2496 58.62 32.48 -25.75
CA SER B 2496 59.01 33.51 -24.80
C SER B 2496 57.98 33.72 -23.69
N VAL B 2497 56.78 33.15 -23.84
CA VAL B 2497 55.76 33.30 -22.80
C VAL B 2497 56.26 32.75 -21.47
N LEU B 2498 57.05 31.68 -21.52
CA LEU B 2498 57.54 31.08 -20.27
C LEU B 2498 58.39 32.07 -19.49
N ALA B 2499 59.29 32.79 -20.18
CA ALA B 2499 60.17 33.72 -19.49
C ALA B 2499 59.37 34.80 -18.76
N GLU B 2500 58.31 35.30 -19.40
CA GLU B 2500 57.46 36.29 -18.74
C GLU B 2500 56.74 35.71 -17.53
N SER B 2501 56.64 34.39 -17.43
CA SER B 2501 55.98 33.72 -16.32
C SER B 2501 56.95 33.29 -15.24
N GLY B 2502 58.20 33.77 -15.29
CA GLY B 2502 59.20 33.38 -14.30
C GLY B 2502 59.85 32.04 -14.56
N ILE B 2503 59.60 31.43 -15.71
CA ILE B 2503 60.16 30.12 -16.04
C ILE B 2503 61.51 30.32 -16.70
N ASN B 2504 62.55 29.71 -16.13
CA ASN B 2504 63.86 29.62 -16.79
C ASN B 2504 63.84 28.38 -17.66
N TYR B 2505 63.15 28.50 -18.80
CA TYR B 2505 62.93 27.35 -19.66
C TYR B 2505 64.23 26.71 -20.14
N ASP B 2506 65.33 27.44 -20.11
CA ASP B 2506 66.60 26.88 -20.55
C ASP B 2506 67.01 25.70 -19.67
N LYS B 2507 66.83 25.83 -18.35
CA LYS B 2507 67.25 24.80 -17.41
C LYS B 2507 66.02 24.09 -16.85
N PRO B 2508 65.87 22.78 -17.06
CA PRO B 2508 64.79 22.06 -16.37
C PRO B 2508 64.99 22.05 -14.87
N LEU B 2509 63.88 22.01 -14.14
CA LEU B 2509 63.90 21.93 -12.70
C LEU B 2509 63.53 20.52 -12.26
N PRO B 2510 64.39 19.78 -11.57
CA PRO B 2510 64.01 18.44 -11.14
C PRO B 2510 62.76 18.49 -10.27
N PRO B 2511 61.92 17.45 -10.32
CA PRO B 2511 60.65 17.52 -9.58
C PRO B 2511 60.84 17.76 -8.09
N ILE B 2512 61.98 17.37 -7.52
CA ILE B 2512 62.21 17.58 -6.10
C ILE B 2512 62.16 19.08 -5.79
N GLN B 2513 62.86 19.88 -6.59
CA GLN B 2513 62.81 21.33 -6.42
C GLN B 2513 61.41 21.87 -6.71
N VAL B 2514 60.77 21.37 -7.77
CA VAL B 2514 59.43 21.83 -8.10
C VAL B 2514 58.46 21.48 -6.97
N ALA B 2515 58.57 20.27 -6.43
CA ALA B 2515 57.72 19.89 -5.30
C ALA B 2515 57.97 20.79 -4.10
N SER B 2516 59.25 21.05 -3.79
CA SER B 2516 59.58 21.96 -2.70
C SER B 2516 59.08 23.37 -3.02
N LEU B 2517 59.30 23.82 -4.26
CA LEU B 2517 58.80 25.13 -4.65
C LEU B 2517 57.29 25.24 -4.50
N ARG B 2518 56.58 24.13 -4.78
CA ARG B 2518 55.13 24.14 -4.64
C ARG B 2518 54.72 24.42 -3.20
N ALA B 2519 55.37 23.77 -2.24
CA ALA B 2519 55.00 23.95 -0.84
C ALA B 2519 55.22 25.39 -0.39
N GLU B 2520 56.28 26.03 -0.89
CA GLU B 2520 56.57 27.39 -0.45
C GLU B 2520 55.44 28.34 -0.80
N ARG B 2521 54.86 28.21 -2.00
CA ARG B 2521 53.74 29.06 -2.37
C ARG B 2521 52.57 28.84 -1.42
N ILE B 2522 52.35 27.59 -0.99
CA ILE B 2522 51.33 27.32 0.02
C ILE B 2522 51.63 28.11 1.29
N ALA B 2523 52.90 28.19 1.66
CA ALA B 2523 53.30 28.96 2.84
C ALA B 2523 53.13 30.45 2.58
#